data_6TBH
#
_entry.id   6TBH
#
_cell.length_a   99.103
_cell.length_b   115.386
_cell.length_c   115.723
_cell.angle_alpha   90.210
_cell.angle_beta   89.990
_cell.angle_gamma   89.850
#
_symmetry.space_group_name_H-M   'P 1'
#
loop_
_entity.id
_entity.type
_entity.pdbx_description
1 polymer 'Beta-galactosidase, putative, bgl35A'
2 non-polymer 5-[ethyl(methyl)amino]-~{N}-[6-[[(1~{S},2~{R},3~{S},4~{R})-2-(hydroxymethyl)-3,4-bis(oxidanyl)cyclopentyl]amino]hexyl]naphthalene-1-sulfonamide
3 non-polymer 'ACETATE ION'
4 non-polymer 'SODIUM ION'
5 water water
#
_entity_poly.entity_id   1
_entity_poly.type   'polypeptide(L)'
_entity_poly.pdbx_seq_one_letter_code
;MGSSHHHHHHAAPLPELLSNNGKHALMVDGAPYIILGSQTNNSSNYPDALKDVWPSMEKMGANTLSIPVAWEQIEPVEGQ
FDFSFVDVLLKEARQRKVRLVLLWFATWKNNAPHYAPAWVKLDNARFPRVVKEDGDTLNSLSPLGQNTLAADKKAFVELM
KYLAKRDKDHTVIMVQVQNEVGTYGAVRDYSPMAQAVFNAAVPDDLIQKLQLKPGTWSQVFGRDADEFFHAYQIARYCDE
VTVAGKAIKNLPMYVNVALRNPFNPGLPGQYSSGGGTDNVLHIWKAAAPNIDLIAPDIYFRDYKTVSKVLELYTRPDNAL
FVAEIGNDQPFARYLFPTLGKGGIGFSPFGMDDTDYTNYPLGAKVYNDETIEQFAQVYRLVNPMMREWARLSYQGQVWGV
AEPLDSTTETQKIWNAEATPEEKEQHKKDRASALTQQLDLGLWDAEVTYGRPMFWVTPPEGNTPAAGGALIAQLDDNEYL
VTAYKARVEFKPSQELAGKKFMIERVEEGRFEKGKWVMERVWNGDQTDWGLNFTDRPHLLRVKMASYSVQ
;
_entity_poly.pdbx_strand_id   A,B,C,D,E,F,G,H
#
loop_
_chem_comp.id
_chem_comp.type
_chem_comp.name
_chem_comp.formula
ACT non-polymer 'ACETATE ION' 'C2 H3 O2 -1'
N0K non-polymer 5-[ethyl(methyl)amino]-~{N}-[6-[[(1~{S},2~{R},3~{S},4~{R})-2-(hydroxymethyl)-3,4-bis(oxidanyl)cyclopentyl]amino]hexyl]naphthalene-1-sulfonamide 'C24 H37 N3 O5 S'
NA non-polymer 'SODIUM ION' 'Na 1'
#
# COMPACT_ATOMS: atom_id res chain seq x y z
N ALA A 11 21.78 38.80 57.00
CA ALA A 11 21.51 37.33 57.03
C ALA A 11 20.28 37.02 57.91
N ALA A 12 19.30 36.34 57.34
CA ALA A 12 18.03 35.94 58.00
C ALA A 12 18.33 35.15 59.28
N PRO A 13 17.67 35.40 60.45
CA PRO A 13 17.89 34.64 61.68
C PRO A 13 17.42 33.19 61.51
N LEU A 14 18.13 32.24 62.13
CA LEU A 14 17.70 30.82 62.06
C LEU A 14 16.29 30.68 62.64
N PRO A 15 15.45 29.82 62.04
CA PRO A 15 14.27 29.33 62.75
C PRO A 15 14.66 28.69 64.08
N GLU A 16 13.79 28.84 65.10
CA GLU A 16 14.05 28.40 66.46
C GLU A 16 12.71 28.09 67.11
N LEU A 17 12.66 27.03 67.88
CA LEU A 17 11.56 26.74 68.81
C LEU A 17 11.88 27.36 70.16
N LEU A 18 11.08 28.37 70.55
CA LEU A 18 11.16 29.04 71.88
C LEU A 18 10.08 28.44 72.81
N SER A 19 10.50 28.19 74.04
CA SER A 19 9.63 27.68 75.13
C SER A 19 9.84 28.59 76.35
N ASN A 20 8.80 29.27 76.85
CA ASN A 20 8.87 30.24 77.98
C ASN A 20 7.55 30.21 78.77
N ASN A 21 7.57 30.27 80.10
CA ASN A 21 6.33 30.32 80.96
C ASN A 21 5.29 29.30 80.41
N GLY A 22 5.72 28.04 80.16
CA GLY A 22 4.95 26.92 79.56
C GLY A 22 4.33 27.19 78.17
N LYS A 23 4.70 28.26 77.48
CA LYS A 23 4.19 28.58 76.15
C LYS A 23 5.31 28.30 75.14
N HIS A 24 4.94 28.20 73.88
CA HIS A 24 5.92 27.85 72.83
C HIS A 24 5.67 28.65 71.58
N ALA A 25 6.72 28.96 70.82
CA ALA A 25 6.58 29.55 69.50
C ALA A 25 7.59 28.91 68.55
N LEU A 26 7.15 28.66 67.32
CA LEU A 26 8.13 28.47 66.23
C LEU A 26 8.48 29.81 65.61
N MET A 27 9.70 30.24 65.88
CA MET A 27 10.20 31.51 65.32
C MET A 27 10.68 31.24 63.89
N VAL A 28 10.20 31.99 62.92
CA VAL A 28 10.64 31.95 61.51
C VAL A 28 10.83 33.40 61.09
N ASP A 29 11.99 33.75 60.58
CA ASP A 29 12.36 35.14 60.23
C ASP A 29 12.14 36.09 61.40
N GLY A 30 12.38 35.57 62.61
CA GLY A 30 12.47 36.41 63.80
C GLY A 30 11.11 36.69 64.44
N ALA A 31 10.04 35.98 64.07
CA ALA A 31 8.74 36.14 64.73
C ALA A 31 8.03 34.83 64.78
N PRO A 32 7.10 34.66 65.74
CA PRO A 32 6.32 33.42 65.73
C PRO A 32 5.62 33.14 64.38
N TYR A 33 5.47 31.87 64.07
CA TYR A 33 4.95 31.40 62.77
C TYR A 33 4.03 30.21 63.03
N ILE A 34 2.99 30.09 62.23
CA ILE A 34 2.11 28.89 62.28
C ILE A 34 2.28 28.10 60.99
N ILE A 35 2.62 26.85 61.14
CA ILE A 35 2.61 25.95 59.93
C ILE A 35 1.16 25.62 59.61
N LEU A 36 0.66 26.21 58.54
CA LEU A 36 -0.58 25.79 57.90
C LEU A 36 -0.19 24.84 56.76
N GLY A 37 -0.11 23.58 57.11
CA GLY A 37 0.76 22.71 56.29
C GLY A 37 0.01 21.95 55.24
N SER A 38 0.77 21.39 54.29
N SER A 38 0.80 21.39 54.33
CA SER A 38 0.34 20.29 53.42
CA SER A 38 0.42 20.34 53.38
C SER A 38 1.49 19.28 53.44
C SER A 38 1.51 19.27 53.46
N GLN A 39 1.16 17.99 53.39
CA GLN A 39 2.20 16.93 53.44
C GLN A 39 1.89 15.99 52.28
N THR A 40 2.98 15.66 51.57
CA THR A 40 2.82 14.76 50.41
C THR A 40 2.56 13.33 50.86
N ASN A 41 2.10 12.51 49.94
CA ASN A 41 2.22 11.05 50.03
C ASN A 41 3.70 10.66 50.06
N ASN A 42 3.92 9.41 50.37
CA ASN A 42 5.25 8.86 50.69
C ASN A 42 6.15 8.66 49.45
N SER A 43 5.62 8.75 48.26
CA SER A 43 6.39 8.48 47.04
C SER A 43 6.39 9.71 46.14
N SER A 44 6.34 10.91 46.72
CA SER A 44 6.31 12.15 45.93
C SER A 44 7.61 12.92 46.02
N ASN A 45 8.63 12.27 46.61
CA ASN A 45 9.92 12.90 46.88
C ASN A 45 10.84 12.81 45.67
N TYR A 46 10.32 13.12 44.49
CA TYR A 46 11.11 13.10 43.24
C TYR A 46 10.75 14.32 42.41
N PRO A 47 11.68 14.85 41.59
CA PRO A 47 11.41 16.01 40.77
C PRO A 47 10.15 15.84 39.96
N ASP A 48 10.00 14.72 39.30
CA ASP A 48 8.86 14.56 38.39
C ASP A 48 7.50 14.56 39.13
N ALA A 49 7.47 14.22 40.41
CA ALA A 49 6.21 14.15 41.20
C ALA A 49 5.79 15.56 41.64
N LEU A 50 6.70 16.53 41.68
CA LEU A 50 6.39 17.85 42.29
C LEU A 50 5.24 18.53 41.54
N LYS A 51 5.06 18.29 40.24
CA LYS A 51 3.96 18.93 39.50
C LYS A 51 2.58 18.44 40.03
N ASP A 52 2.54 17.30 40.71
CA ASP A 52 1.33 16.73 41.31
C ASP A 52 1.18 17.17 42.78
N VAL A 53 2.11 17.97 43.29
CA VAL A 53 2.12 18.41 44.71
C VAL A 53 1.72 19.89 44.76
N TRP A 54 2.33 20.74 43.95
CA TRP A 54 2.15 22.21 44.08
C TRP A 54 0.70 22.62 43.89
N PRO A 55 -0.07 22.11 42.87
CA PRO A 55 -1.42 22.65 42.66
C PRO A 55 -2.24 22.43 43.94
N SER A 56 -2.12 21.27 44.58
CA SER A 56 -2.89 20.96 45.80
C SER A 56 -2.53 22.02 46.87
N MET A 57 -1.25 22.31 47.00
CA MET A 57 -0.74 23.20 48.06
C MET A 57 -1.34 24.59 47.80
N GLU A 58 -1.40 25.03 46.55
CA GLU A 58 -1.97 26.31 46.19
C GLU A 58 -3.48 26.29 46.54
N LYS A 59 -4.21 25.30 46.08
CA LYS A 59 -5.67 25.23 46.33
C LYS A 59 -5.93 25.22 47.84
N MET A 60 -5.06 24.57 48.61
CA MET A 60 -5.24 24.47 50.08
C MET A 60 -4.96 25.82 50.77
N GLY A 61 -4.14 26.67 50.22
CA GLY A 61 -3.60 27.87 50.85
C GLY A 61 -2.58 27.57 51.94
N ALA A 62 -1.89 26.45 51.87
CA ALA A 62 -0.85 26.06 52.81
C ALA A 62 0.38 26.95 52.66
N ASN A 63 1.07 27.20 53.77
CA ASN A 63 2.28 28.06 53.75
C ASN A 63 3.55 27.21 53.87
N THR A 64 3.40 25.90 54.10
CA THR A 64 4.56 25.03 54.43
C THR A 64 4.28 23.63 53.89
N LEU A 65 5.25 23.09 53.13
CA LEU A 65 5.15 21.72 52.61
C LEU A 65 6.04 20.77 53.43
N SER A 66 5.44 19.70 53.91
CA SER A 66 6.17 18.57 54.52
C SER A 66 6.40 17.52 53.46
N ILE A 67 7.65 17.15 53.21
CA ILE A 67 7.92 16.22 52.06
C ILE A 67 9.15 15.42 52.45
N PRO A 68 9.24 14.12 52.09
CA PRO A 68 10.40 13.31 52.48
C PRO A 68 11.66 13.69 51.71
N VAL A 69 12.76 13.50 52.38
CA VAL A 69 14.11 13.33 51.77
C VAL A 69 14.62 12.01 52.27
N ALA A 70 14.80 11.06 51.36
CA ALA A 70 15.11 9.67 51.71
C ALA A 70 16.61 9.40 51.66
N TRP A 71 17.09 8.68 52.64
CA TRP A 71 18.52 8.26 52.65
C TRP A 71 18.82 7.50 51.37
N GLU A 72 17.93 6.65 50.92
CA GLU A 72 18.17 5.87 49.67
C GLU A 72 18.44 6.80 48.47
N GLN A 73 17.82 7.98 48.42
CA GLN A 73 17.95 8.87 47.28
C GLN A 73 19.20 9.70 47.41
N ILE A 74 19.56 10.16 48.63
CA ILE A 74 20.76 11.03 48.75
C ILE A 74 22.08 10.25 48.81
N GLU A 75 22.07 8.98 49.21
CA GLU A 75 23.34 8.22 49.29
C GLU A 75 23.10 6.82 48.71
N PRO A 76 22.75 6.67 47.41
CA PRO A 76 22.31 5.39 46.87
C PRO A 76 23.43 4.35 46.79
N VAL A 77 24.67 4.86 46.69
CA VAL A 77 25.92 4.08 46.84
C VAL A 77 26.72 4.74 47.96
N GLU A 78 27.29 3.95 48.84
CA GLU A 78 27.98 4.49 50.04
C GLU A 78 29.04 5.51 49.64
N GLY A 79 28.93 6.72 50.17
CA GLY A 79 29.89 7.82 49.98
C GLY A 79 29.60 8.64 48.74
N GLN A 80 28.53 8.30 48.02
CA GLN A 80 28.25 8.95 46.71
C GLN A 80 26.94 9.72 46.81
N PHE A 81 27.04 10.96 47.21
CA PHE A 81 25.82 11.72 47.59
C PHE A 81 25.19 12.38 46.36
N ASP A 82 23.86 12.50 46.42
CA ASP A 82 23.02 13.01 45.31
C ASP A 82 21.97 13.89 45.95
N PHE A 83 22.12 15.20 45.81
CA PHE A 83 21.11 16.15 46.32
C PHE A 83 20.30 16.76 45.19
N SER A 84 20.24 16.13 44.02
CA SER A 84 19.49 16.68 42.86
C SER A 84 18.04 16.95 43.23
N PHE A 85 17.41 16.10 44.00
CA PHE A 85 16.01 16.33 44.36
C PHE A 85 15.92 17.57 45.24
N VAL A 86 16.79 17.68 46.25
CA VAL A 86 16.75 18.82 47.19
C VAL A 86 16.93 20.12 46.40
N ASP A 87 17.78 20.11 45.37
CA ASP A 87 18.04 21.34 44.59
C ASP A 87 16.73 21.81 43.91
N VAL A 88 16.04 20.87 43.27
CA VAL A 88 14.79 21.18 42.52
C VAL A 88 13.71 21.62 43.52
N LEU A 89 13.59 20.89 44.61
CA LEU A 89 12.55 21.19 45.64
C LEU A 89 12.78 22.58 46.21
N LEU A 90 14.01 22.91 46.58
CA LEU A 90 14.28 24.28 47.10
C LEU A 90 13.83 25.32 46.07
N LYS A 91 14.30 25.20 44.80
CA LYS A 91 14.03 26.22 43.78
C LYS A 91 12.51 26.34 43.61
N GLU A 92 11.74 25.27 43.54
CA GLU A 92 10.31 25.36 43.19
C GLU A 92 9.56 25.87 44.43
N ALA A 93 10.04 25.56 45.63
CA ALA A 93 9.38 26.10 46.86
C ALA A 93 9.55 27.62 46.86
N ARG A 94 10.76 28.09 46.59
CA ARG A 94 11.11 29.53 46.58
C ARG A 94 10.29 30.27 45.54
N GLN A 95 10.08 29.66 44.39
CA GLN A 95 9.29 30.29 43.29
C GLN A 95 7.85 30.52 43.80
N ARG A 96 7.37 29.65 44.68
CA ARG A 96 5.97 29.73 45.20
C ARG A 96 5.92 30.46 46.55
N LYS A 97 7.05 30.91 47.06
CA LYS A 97 7.15 31.66 48.36
C LYS A 97 6.53 30.83 49.47
N VAL A 98 6.81 29.52 49.47
CA VAL A 98 6.40 28.64 50.60
C VAL A 98 7.64 28.10 51.32
N ARG A 99 7.45 27.59 52.51
CA ARG A 99 8.53 27.02 53.35
C ARG A 99 8.39 25.50 53.35
N LEU A 100 9.44 24.84 53.83
CA LEU A 100 9.56 23.37 53.78
C LEU A 100 9.86 22.80 55.16
N VAL A 101 9.25 21.67 55.39
CA VAL A 101 9.70 20.75 56.45
C VAL A 101 10.17 19.47 55.77
N LEU A 102 11.49 19.22 55.87
CA LEU A 102 12.02 17.94 55.28
C LEU A 102 11.82 16.82 56.25
N LEU A 103 11.44 15.67 55.74
CA LEU A 103 11.17 14.45 56.51
C LEU A 103 12.32 13.48 56.20
N TRP A 104 13.25 13.31 57.13
CA TRP A 104 14.41 12.41 56.98
C TRP A 104 13.97 10.96 57.13
N PHE A 105 13.76 10.27 56.01
CA PHE A 105 13.37 8.87 56.00
C PHE A 105 14.64 8.04 55.93
N ALA A 106 14.99 7.36 56.99
CA ALA A 106 16.32 6.78 57.15
C ALA A 106 16.24 5.47 57.90
N THR A 107 16.84 5.41 59.07
CA THR A 107 16.87 4.13 59.84
C THR A 107 15.46 3.63 60.08
N TRP A 108 14.50 4.51 60.48
CA TRP A 108 13.10 4.12 60.61
C TRP A 108 12.20 4.97 59.72
N LYS A 109 11.35 4.31 58.97
CA LYS A 109 10.16 4.85 58.31
C LYS A 109 9.08 3.87 58.67
N ASN A 110 8.14 4.26 59.54
CA ASN A 110 7.08 3.34 59.99
C ASN A 110 7.73 2.05 60.47
N ASN A 111 8.72 2.16 61.32
CA ASN A 111 9.35 1.04 62.06
C ASN A 111 10.37 0.29 61.19
N ALA A 112 10.45 0.59 59.89
CA ALA A 112 11.22 -0.27 58.95
C ALA A 112 12.28 0.52 58.20
N PRO A 113 13.25 -0.19 57.59
CA PRO A 113 14.33 0.44 56.86
C PRO A 113 14.17 0.49 55.34
N HIS A 114 12.93 0.59 54.89
CA HIS A 114 12.67 0.56 53.45
C HIS A 114 13.27 1.73 52.71
N TYR A 115 13.50 2.86 53.38
CA TYR A 115 14.03 4.05 52.71
C TYR A 115 15.53 4.21 52.97
N ALA A 116 16.10 3.22 53.65
CA ALA A 116 17.57 3.19 53.77
C ALA A 116 18.08 2.65 52.43
N PRO A 117 19.29 3.04 52.03
CA PRO A 117 19.84 2.52 50.76
C PRO A 117 19.90 1.00 50.76
N ALA A 118 19.98 0.43 49.55
CA ALA A 118 20.10 -1.05 49.44
C ALA A 118 21.31 -1.55 50.23
N TRP A 119 22.45 -0.81 50.20
CA TRP A 119 23.73 -1.28 50.84
C TRP A 119 23.55 -1.26 52.36
N VAL A 120 22.50 -0.57 52.83
CA VAL A 120 22.13 -0.67 54.28
C VAL A 120 21.11 -1.77 54.50
N LYS A 121 19.91 -1.69 53.88
CA LYS A 121 18.79 -2.54 54.31
C LYS A 121 19.01 -4.01 53.91
N LEU A 122 19.96 -4.26 53.03
CA LEU A 122 20.22 -5.66 52.59
C LEU A 122 21.45 -6.23 53.30
N ASP A 123 22.08 -5.48 54.18
CA ASP A 123 23.29 -5.94 54.93
C ASP A 123 23.00 -6.08 56.41
N ASN A 124 22.34 -7.13 56.81
CA ASN A 124 21.85 -7.27 58.20
C ASN A 124 23.05 -7.44 59.15
N ALA A 125 24.16 -8.00 58.70
CA ALA A 125 25.26 -8.24 59.67
C ALA A 125 25.90 -6.91 60.04
N ARG A 126 26.06 -6.00 59.08
CA ARG A 126 26.59 -4.64 59.38
C ARG A 126 25.51 -3.77 60.06
N PHE A 127 24.26 -3.91 59.64
CA PHE A 127 23.15 -3.07 60.12
C PHE A 127 22.02 -3.95 60.64
N PRO A 128 22.10 -4.38 61.91
CA PRO A 128 21.27 -5.46 62.39
C PRO A 128 19.84 -5.10 62.75
N ARG A 129 19.00 -6.08 62.53
CA ARG A 129 17.56 -6.03 62.84
C ARG A 129 17.25 -6.49 64.27
N VAL A 130 16.16 -5.96 64.78
CA VAL A 130 15.45 -6.44 65.99
C VAL A 130 15.26 -7.94 65.89
N VAL A 131 15.70 -8.65 66.93
CA VAL A 131 15.45 -10.10 67.06
C VAL A 131 14.39 -10.30 68.15
N LYS A 132 13.35 -11.06 67.85
CA LYS A 132 12.31 -11.36 68.83
C LYS A 132 12.84 -12.29 69.89
N GLU A 133 12.03 -12.49 70.92
CA GLU A 133 12.41 -13.37 72.05
C GLU A 133 12.51 -14.78 71.55
N ASP A 134 11.70 -15.14 70.54
CA ASP A 134 11.71 -16.53 70.02
C ASP A 134 12.89 -16.73 69.07
N GLY A 135 13.70 -15.69 68.77
CA GLY A 135 14.86 -15.79 67.85
C GLY A 135 14.54 -15.40 66.39
N ASP A 136 13.25 -15.21 66.05
CA ASP A 136 12.81 -14.74 64.70
C ASP A 136 13.23 -13.27 64.55
N THR A 137 13.44 -12.81 63.34
CA THR A 137 13.95 -11.46 63.07
C THR A 137 12.76 -10.66 62.51
N LEU A 138 12.70 -9.41 62.87
CA LEU A 138 11.73 -8.44 62.34
C LEU A 138 12.43 -7.43 61.43
N ASN A 139 11.69 -6.90 60.46
CA ASN A 139 12.29 -5.91 59.53
C ASN A 139 12.19 -4.52 60.16
N SER A 140 13.01 -4.32 61.17
CA SER A 140 13.07 -3.09 62.00
C SER A 140 14.49 -3.01 62.52
N LEU A 141 15.23 -1.97 62.17
CA LEU A 141 16.65 -1.92 62.58
C LEU A 141 16.79 -1.70 64.09
N SER A 142 17.71 -2.38 64.68
CA SER A 142 17.97 -2.24 66.13
C SER A 142 18.62 -0.89 66.42
N PRO A 143 18.14 -0.15 67.45
CA PRO A 143 18.79 1.10 67.84
C PRO A 143 20.14 0.88 68.55
N LEU A 144 20.49 -0.39 68.80
CA LEU A 144 21.81 -0.67 69.36
C LEU A 144 22.81 -1.01 68.26
N GLY A 145 22.39 -0.98 66.99
CA GLY A 145 23.35 -1.10 65.87
C GLY A 145 24.26 0.12 65.72
N GLN A 146 25.52 0.03 66.20
CA GLN A 146 26.46 1.17 66.16
C GLN A 146 26.83 1.55 64.72
N ASN A 147 26.93 0.58 63.82
CA ASN A 147 27.27 0.95 62.43
C ASN A 147 26.11 1.70 61.79
N THR A 148 24.88 1.33 62.14
CA THR A 148 23.67 1.94 61.51
C THR A 148 23.58 3.39 62.01
N LEU A 149 23.86 3.61 63.28
CA LEU A 149 23.83 4.98 63.86
C LEU A 149 24.90 5.83 63.15
N ALA A 150 26.09 5.25 62.99
CA ALA A 150 27.18 6.07 62.37
C ALA A 150 26.77 6.43 60.93
N ALA A 151 26.23 5.46 60.20
CA ALA A 151 25.86 5.64 58.76
C ALA A 151 24.70 6.64 58.61
N ASP A 152 23.69 6.54 59.48
CA ASP A 152 22.53 7.46 59.39
C ASP A 152 23.06 8.85 59.68
N LYS A 153 23.78 9.02 60.81
CA LYS A 153 24.32 10.31 61.27
C LYS A 153 25.13 10.89 60.10
N LYS A 154 26.02 10.11 59.48
CA LYS A 154 26.94 10.65 58.42
C LYS A 154 26.11 11.23 57.25
N ALA A 155 25.09 10.53 56.82
CA ALA A 155 24.25 11.00 55.68
C ALA A 155 23.43 12.19 56.07
N PHE A 156 22.90 12.16 57.30
CA PHE A 156 22.10 13.31 57.81
C PHE A 156 22.98 14.55 57.82
N VAL A 157 24.24 14.40 58.26
CA VAL A 157 25.20 15.54 58.29
C VAL A 157 25.37 16.06 56.86
N GLU A 158 25.54 15.18 55.88
CA GLU A 158 25.72 15.65 54.49
C GLU A 158 24.48 16.44 54.06
N LEU A 159 23.27 16.01 54.43
CA LEU A 159 22.04 16.79 54.08
C LEU A 159 22.08 18.14 54.75
N MET A 160 22.51 18.19 56.02
CA MET A 160 22.51 19.50 56.72
C MET A 160 23.58 20.40 56.16
N LYS A 161 24.70 19.83 55.70
CA LYS A 161 25.77 20.59 55.03
C LYS A 161 25.20 21.17 53.75
N TYR A 162 24.38 20.39 53.05
CA TYR A 162 23.71 20.87 51.81
C TYR A 162 22.86 22.10 52.18
N LEU A 163 22.06 22.04 53.26
CA LEU A 163 21.22 23.20 53.62
C LEU A 163 22.11 24.32 54.15
N ALA A 164 23.18 24.01 54.87
CA ALA A 164 24.03 25.14 55.38
C ALA A 164 24.53 25.95 54.18
N LYS A 165 24.92 25.25 53.12
CA LYS A 165 25.59 25.92 51.98
C LYS A 165 24.57 26.47 50.99
N ARG A 166 23.42 25.80 50.84
N ARG A 166 23.42 25.81 50.85
CA ARG A 166 22.50 26.13 49.70
CA ARG A 166 22.49 26.12 49.71
C ARG A 166 21.16 26.70 50.20
C ARG A 166 21.15 26.69 50.21
N ASP A 167 20.96 26.93 51.51
CA ASP A 167 19.66 27.42 51.96
C ASP A 167 19.85 28.47 53.07
N LYS A 168 20.57 29.51 52.74
CA LYS A 168 20.98 30.64 53.60
C LYS A 168 19.76 31.41 54.12
N ASP A 169 18.65 31.47 53.39
CA ASP A 169 17.40 32.21 53.80
C ASP A 169 16.44 31.22 54.47
N HIS A 170 16.84 29.97 54.69
CA HIS A 170 16.06 29.01 55.51
C HIS A 170 14.68 28.79 54.88
N THR A 171 14.66 28.40 53.61
CA THR A 171 13.41 27.92 52.96
C THR A 171 12.94 26.74 53.82
N VAL A 172 13.89 25.86 54.16
CA VAL A 172 13.63 24.77 55.12
C VAL A 172 13.68 25.32 56.54
N ILE A 173 12.53 25.23 57.25
CA ILE A 173 12.39 25.81 58.61
C ILE A 173 12.55 24.75 59.71
N MET A 174 12.44 23.47 59.37
CA MET A 174 12.44 22.41 60.40
C MET A 174 12.72 21.08 59.68
N VAL A 175 13.30 20.13 60.39
CA VAL A 175 13.51 18.78 59.86
C VAL A 175 12.93 17.78 60.82
N GLN A 176 12.22 16.83 60.29
CA GLN A 176 11.72 15.65 61.03
C GLN A 176 12.83 14.59 60.93
N VAL A 177 13.29 14.09 62.06
CA VAL A 177 14.32 13.05 62.15
C VAL A 177 13.68 11.71 62.25
N GLN A 178 13.89 10.88 61.19
CA GLN A 178 13.19 9.60 61.02
C GLN A 178 11.70 9.84 60.80
N ASN A 179 10.94 8.78 60.66
CA ASN A 179 9.46 8.89 60.45
C ASN A 179 8.82 7.75 61.20
N GLU A 180 8.04 8.05 62.25
CA GLU A 180 7.35 7.01 63.04
C GLU A 180 8.32 5.85 63.39
N VAL A 181 9.24 6.13 64.25
CA VAL A 181 10.19 5.13 64.75
C VAL A 181 9.46 4.11 65.63
N GLY A 182 10.16 3.03 65.86
CA GLY A 182 9.71 1.94 66.74
C GLY A 182 9.72 0.59 66.06
N THR A 183 9.04 -0.35 66.69
CA THR A 183 8.95 -1.73 66.20
C THR A 183 7.55 -2.27 66.36
N TYR A 184 6.99 -2.83 65.27
CA TYR A 184 5.77 -3.65 65.30
C TYR A 184 6.18 -5.11 65.48
N GLY A 185 5.46 -5.87 66.30
CA GLY A 185 5.71 -7.33 66.30
C GLY A 185 6.56 -7.76 67.47
N ALA A 186 7.15 -6.82 68.23
CA ALA A 186 8.00 -7.13 69.40
C ALA A 186 8.14 -5.85 70.23
N VAL A 187 8.50 -5.99 71.51
CA VAL A 187 8.57 -4.79 72.37
C VAL A 187 9.93 -4.13 72.21
N ARG A 188 10.97 -4.92 71.96
CA ARG A 188 12.35 -4.40 71.89
C ARG A 188 13.19 -5.40 71.11
N ASP A 189 14.49 -5.08 70.94
CA ASP A 189 15.51 -6.03 70.47
C ASP A 189 15.83 -6.99 71.60
N TYR A 190 15.83 -8.29 71.31
CA TYR A 190 16.25 -9.36 72.22
C TYR A 190 17.44 -10.11 71.65
N SER A 191 18.13 -9.47 70.70
CA SER A 191 19.43 -9.94 70.16
C SER A 191 20.40 -10.12 71.33
N PRO A 192 21.41 -11.02 71.19
CA PRO A 192 22.48 -11.08 72.19
C PRO A 192 23.05 -9.69 72.53
N MET A 193 23.33 -8.87 71.52
CA MET A 193 23.91 -7.53 71.69
C MET A 193 22.98 -6.70 72.57
N ALA A 194 21.66 -6.84 72.37
CA ALA A 194 20.66 -6.03 73.09
C ALA A 194 20.53 -6.59 74.51
N GLN A 195 20.53 -7.92 74.68
CA GLN A 195 20.43 -8.57 76.03
C GLN A 195 21.63 -8.15 76.85
N ALA A 196 22.83 -7.93 76.27
CA ALA A 196 24.00 -7.58 77.13
C ALA A 196 23.82 -6.17 77.71
N VAL A 197 23.06 -5.30 77.04
CA VAL A 197 22.79 -3.90 77.48
C VAL A 197 21.59 -3.88 78.40
N PHE A 198 20.57 -4.70 78.14
CA PHE A 198 19.34 -4.80 78.96
C PHE A 198 19.64 -5.41 80.32
N ASN A 199 20.46 -6.45 80.34
CA ASN A 199 20.76 -7.21 81.55
C ASN A 199 21.96 -6.51 82.17
N ALA A 200 21.83 -5.21 82.45
CA ALA A 200 22.94 -4.35 82.93
C ALA A 200 22.35 -3.04 83.50
N ALA A 201 23.21 -2.23 84.12
CA ALA A 201 22.85 -0.96 84.78
C ALA A 201 22.15 -0.04 83.78
N VAL A 202 21.01 0.49 84.20
CA VAL A 202 20.41 1.70 83.58
C VAL A 202 21.44 2.82 83.68
N PRO A 203 21.67 3.58 82.57
CA PRO A 203 22.58 4.77 82.48
C PRO A 203 22.26 5.74 83.63
N ASP A 204 23.29 6.29 84.30
CA ASP A 204 23.10 7.15 85.49
C ASP A 204 22.24 8.34 85.07
N ASP A 205 22.50 8.90 83.89
CA ASP A 205 21.79 10.12 83.42
C ASP A 205 20.28 9.92 83.43
N LEU A 206 19.77 8.75 83.03
CA LEU A 206 18.29 8.51 83.00
C LEU A 206 17.79 8.36 84.44
N ILE A 207 18.49 7.54 85.26
CA ILE A 207 18.23 7.28 86.72
C ILE A 207 18.12 8.63 87.43
N GLN A 208 19.02 9.57 87.11
CA GLN A 208 19.00 10.93 87.74
C GLN A 208 17.84 11.78 87.26
N LYS A 209 17.52 11.76 85.95
CA LYS A 209 16.43 12.59 85.37
C LYS A 209 15.05 12.11 85.85
N LEU A 210 14.85 10.82 86.07
CA LEU A 210 13.53 10.30 86.47
C LEU A 210 13.50 10.18 88.00
N GLN A 211 14.59 10.57 88.65
CA GLN A 211 14.76 10.53 90.12
C GLN A 211 14.41 9.13 90.63
N LEU A 212 15.13 8.09 90.14
CA LEU A 212 14.88 6.68 90.49
C LEU A 212 16.09 6.12 91.22
N LYS A 213 16.01 4.89 91.72
CA LYS A 213 17.12 4.26 92.50
C LYS A 213 17.95 3.48 91.49
N PRO A 214 19.33 3.47 91.54
CA PRO A 214 20.15 2.75 90.56
C PRO A 214 19.81 1.25 90.43
N GLY A 215 20.01 0.64 89.25
CA GLY A 215 19.81 -0.80 89.08
C GLY A 215 19.82 -1.20 87.62
N THR A 216 19.51 -2.47 87.30
CA THR A 216 19.32 -3.02 85.93
C THR A 216 17.97 -2.57 85.38
N TRP A 217 17.79 -2.67 84.06
CA TRP A 217 16.50 -2.26 83.46
C TRP A 217 15.32 -2.93 84.17
N SER A 218 15.36 -4.26 84.37
N SER A 218 15.44 -4.24 84.43
CA SER A 218 14.21 -5.01 84.95
CA SER A 218 14.37 -5.12 84.92
C SER A 218 14.00 -4.54 86.39
C SER A 218 14.07 -4.78 86.39
N GLN A 219 15.07 -4.34 87.11
CA GLN A 219 14.99 -3.96 88.55
C GLN A 219 14.31 -2.61 88.69
N VAL A 220 14.84 -1.61 87.98
CA VAL A 220 14.38 -0.18 87.99
C VAL A 220 12.98 -0.06 87.41
N PHE A 221 12.67 -0.69 86.26
CA PHE A 221 11.39 -0.41 85.53
C PHE A 221 10.40 -1.56 85.63
N GLY A 222 10.80 -2.72 86.16
CA GLY A 222 9.87 -3.85 86.28
C GLY A 222 9.20 -4.18 84.95
N ARG A 223 7.85 -4.24 84.97
CA ARG A 223 6.99 -4.73 83.86
C ARG A 223 7.14 -3.83 82.61
N ASP A 224 7.71 -2.64 82.78
CA ASP A 224 7.86 -1.66 81.68
C ASP A 224 9.29 -1.67 81.15
N ALA A 225 10.16 -2.54 81.70
CA ALA A 225 11.58 -2.49 81.36
C ALA A 225 11.75 -2.63 79.83
N ASP A 226 11.06 -3.58 79.20
CA ASP A 226 11.30 -3.92 77.76
C ASP A 226 10.93 -2.71 76.89
N GLU A 227 9.74 -2.14 77.10
CA GLU A 227 9.30 -1.00 76.28
C GLU A 227 10.17 0.24 76.58
N PHE A 228 10.38 0.55 77.86
CA PHE A 228 11.16 1.78 78.23
C PHE A 228 12.58 1.62 77.67
N PHE A 229 13.10 0.40 77.72
CA PHE A 229 14.44 0.13 77.12
C PHE A 229 14.41 0.51 75.64
N HIS A 230 13.42 0.03 74.88
CA HIS A 230 13.40 0.34 73.42
C HIS A 230 13.23 1.84 73.15
N ALA A 231 12.35 2.47 73.90
CA ALA A 231 12.15 3.93 73.76
C ALA A 231 13.43 4.62 74.11
N TYR A 232 14.09 4.23 75.23
CA TYR A 232 15.35 4.93 75.59
C TYR A 232 16.37 4.74 74.44
N GLN A 233 16.51 3.52 73.92
CA GLN A 233 17.62 3.30 72.96
C GLN A 233 17.30 4.00 71.64
N ILE A 234 16.05 4.04 71.22
CA ILE A 234 15.68 4.78 69.99
C ILE A 234 15.78 6.29 70.22
N ALA A 235 15.33 6.77 71.38
CA ALA A 235 15.51 8.18 71.70
C ALA A 235 16.97 8.58 71.65
N ARG A 236 17.88 7.77 72.23
CA ARG A 236 19.32 8.14 72.23
C ARG A 236 19.81 8.20 70.78
N TYR A 237 19.42 7.19 69.99
CA TYR A 237 19.86 7.13 68.57
C TYR A 237 19.39 8.39 67.82
N CYS A 238 18.11 8.75 67.99
CA CYS A 238 17.56 9.95 67.30
C CYS A 238 18.20 11.22 67.84
N ASP A 239 18.58 11.23 69.12
CA ASP A 239 19.20 12.43 69.71
C ASP A 239 20.58 12.62 69.10
N GLU A 240 21.31 11.50 68.92
CA GLU A 240 22.67 11.58 68.34
C GLU A 240 22.61 12.04 66.90
N VAL A 241 21.64 11.56 66.12
CA VAL A 241 21.52 12.02 64.71
C VAL A 241 21.22 13.51 64.73
N THR A 242 20.27 13.88 65.59
CA THR A 242 19.84 15.30 65.78
C THR A 242 21.04 16.18 66.13
N VAL A 243 21.83 15.81 67.14
CA VAL A 243 22.99 16.64 67.57
C VAL A 243 23.97 16.81 66.41
N ALA A 244 24.22 15.72 65.67
CA ALA A 244 25.21 15.74 64.58
C ALA A 244 24.72 16.73 63.52
N GLY A 245 23.44 16.69 63.22
CA GLY A 245 22.86 17.58 62.18
C GLY A 245 22.83 19.02 62.65
N LYS A 246 22.46 19.25 63.89
CA LYS A 246 22.34 20.64 64.38
C LYS A 246 23.74 21.26 64.46
N ALA A 247 24.79 20.45 64.63
CA ALA A 247 26.18 21.00 64.72
C ALA A 247 26.58 21.65 63.37
N ILE A 248 25.92 21.21 62.30
CA ILE A 248 26.12 21.76 60.94
C ILE A 248 25.22 22.97 60.76
N LYS A 249 23.90 22.82 61.01
CA LYS A 249 22.96 23.93 60.93
C LYS A 249 21.85 23.68 61.97
N ASN A 250 21.68 24.63 62.88
CA ASN A 250 20.89 24.40 64.10
C ASN A 250 19.44 24.76 63.82
N LEU A 251 18.82 24.05 62.89
CA LEU A 251 17.36 24.08 62.63
C LEU A 251 16.64 23.31 63.71
N PRO A 252 15.39 23.73 64.03
CA PRO A 252 14.49 22.90 64.79
C PRO A 252 14.37 21.50 64.22
N MET A 253 14.29 20.52 65.11
CA MET A 253 14.14 19.12 64.67
C MET A 253 13.23 18.37 65.60
N TYR A 254 12.43 17.51 65.04
CA TYR A 254 11.35 16.84 65.81
C TYR A 254 11.20 15.41 65.31
N VAL A 255 10.50 14.63 66.14
CA VAL A 255 10.10 13.24 65.82
C VAL A 255 8.58 13.15 65.84
N ASN A 256 8.04 12.33 64.94
CA ASN A 256 6.59 12.15 64.71
C ASN A 256 6.19 10.77 65.17
N VAL A 257 5.13 10.67 65.90
CA VAL A 257 4.74 9.44 66.61
C VAL A 257 3.56 8.72 65.95
N ALA A 258 3.79 7.46 65.66
CA ALA A 258 2.68 6.51 65.41
C ALA A 258 1.99 6.24 66.76
N LEU A 259 0.86 6.93 66.95
CA LEU A 259 0.19 6.99 68.25
C LEU A 259 -0.31 5.62 68.65
N ARG A 260 -0.27 5.38 69.97
CA ARG A 260 -1.17 4.37 70.54
C ARG A 260 -2.46 5.06 70.95
N ASN A 261 -3.52 4.30 71.00
CA ASN A 261 -4.85 4.79 71.45
C ASN A 261 -4.66 5.18 72.92
N PRO A 262 -4.97 6.43 73.30
CA PRO A 262 -4.64 6.87 74.66
C PRO A 262 -5.59 6.28 75.72
N PHE A 263 -6.75 5.82 75.30
CA PHE A 263 -7.74 5.21 76.21
C PHE A 263 -7.52 3.71 76.35
N ASN A 264 -7.24 3.06 75.23
CA ASN A 264 -7.15 1.59 75.19
C ASN A 264 -6.03 1.22 74.24
N PRO A 265 -4.79 1.40 74.72
CA PRO A 265 -3.62 1.30 73.84
C PRO A 265 -3.30 -0.11 73.31
N GLY A 266 -3.73 -1.17 73.99
CA GLY A 266 -3.15 -2.50 73.68
C GLY A 266 -1.70 -2.56 74.13
N LEU A 267 -0.96 -3.54 73.62
CA LEU A 267 0.42 -3.83 74.07
C LEU A 267 1.43 -3.23 73.11
N PRO A 268 2.58 -2.77 73.65
CA PRO A 268 3.71 -2.41 72.80
C PRO A 268 4.04 -3.57 71.85
N GLY A 269 4.21 -3.21 70.57
CA GLY A 269 4.38 -4.20 69.50
C GLY A 269 3.12 -4.34 68.67
N GLN A 270 1.95 -4.16 69.31
CA GLN A 270 0.67 -3.99 68.56
C GLN A 270 0.67 -2.58 68.01
N TYR A 271 0.97 -1.61 68.91
CA TYR A 271 1.32 -0.26 68.47
C TYR A 271 2.83 -0.27 68.26
N SER A 272 3.35 0.79 67.70
CA SER A 272 4.80 0.87 67.39
C SER A 272 5.57 1.09 68.70
N SER A 273 6.18 0.03 69.21
CA SER A 273 6.89 0.09 70.50
C SER A 273 8.14 0.94 70.39
N GLY A 274 8.38 1.84 71.35
CA GLY A 274 9.61 2.63 71.44
C GLY A 274 9.46 4.03 70.83
N GLY A 275 8.43 4.30 70.01
CA GLY A 275 8.15 5.66 69.58
C GLY A 275 7.75 6.48 70.78
N GLY A 276 7.49 7.76 70.51
CA GLY A 276 7.13 8.70 71.59
C GLY A 276 5.68 8.60 72.02
N THR A 277 5.22 7.39 72.34
CA THR A 277 3.85 7.19 72.79
C THR A 277 3.71 7.86 74.17
N ASP A 278 2.46 8.07 74.56
CA ASP A 278 2.17 8.94 75.73
C ASP A 278 2.74 8.39 77.04
N ASN A 279 2.93 7.06 77.12
CA ASN A 279 3.49 6.39 78.30
C ASN A 279 5.03 6.53 78.37
N VAL A 280 5.70 6.95 77.32
CA VAL A 280 7.18 7.01 77.32
C VAL A 280 7.67 8.41 77.00
N LEU A 281 6.79 9.42 77.02
CA LEU A 281 7.22 10.81 76.80
C LEU A 281 8.29 11.19 77.85
N HIS A 282 8.20 10.68 79.09
CA HIS A 282 9.21 10.99 80.13
C HIS A 282 10.56 10.41 79.76
N ILE A 283 10.54 9.21 79.17
CA ILE A 283 11.79 8.56 78.71
C ILE A 283 12.36 9.34 77.56
N TRP A 284 11.54 9.71 76.59
CA TRP A 284 11.99 10.48 75.41
C TRP A 284 12.56 11.83 75.80
N LYS A 285 11.90 12.51 76.73
CA LYS A 285 12.38 13.86 77.15
C LYS A 285 13.68 13.76 77.92
N ALA A 286 13.87 12.71 78.74
CA ALA A 286 15.12 12.53 79.54
C ALA A 286 16.22 12.08 78.60
N ALA A 287 15.90 11.29 77.55
CA ALA A 287 16.95 10.62 76.75
C ALA A 287 17.38 11.54 75.61
N ALA A 288 16.46 12.38 75.15
CA ALA A 288 16.69 13.13 73.91
C ALA A 288 16.49 14.63 74.10
N PRO A 289 17.33 15.26 74.91
CA PRO A 289 17.29 16.72 75.20
C PRO A 289 17.45 17.63 73.97
N ASN A 290 17.93 17.09 72.84
CA ASN A 290 18.29 17.94 71.67
C ASN A 290 17.15 17.96 70.66
N ILE A 291 16.18 17.06 70.83
CA ILE A 291 15.02 16.97 69.92
C ILE A 291 14.01 18.01 70.44
N ASP A 292 13.63 18.94 69.57
CA ASP A 292 12.83 20.11 69.98
C ASP A 292 11.46 19.70 70.48
N LEU A 293 10.76 18.81 69.82
CA LEU A 293 9.40 18.44 70.22
C LEU A 293 9.08 17.03 69.72
N ILE A 294 8.09 16.40 70.31
CA ILE A 294 7.54 15.09 69.95
C ILE A 294 6.14 15.36 69.43
N ALA A 295 5.91 15.06 68.14
CA ALA A 295 4.67 15.45 67.44
C ALA A 295 3.80 14.27 67.20
N PRO A 296 2.49 14.37 67.45
CA PRO A 296 1.55 13.30 67.21
C PRO A 296 1.14 13.22 65.74
N ASP A 297 0.95 11.99 65.24
CA ASP A 297 0.39 11.73 63.89
C ASP A 297 -1.03 11.22 64.12
N ILE A 298 -2.03 12.05 63.79
CA ILE A 298 -3.39 11.81 64.28
C ILE A 298 -4.27 11.24 63.16
N TYR A 299 -4.74 10.02 63.35
CA TYR A 299 -5.67 9.37 62.38
C TYR A 299 -6.92 8.86 63.10
N PHE A 300 -7.03 9.14 64.40
CA PHE A 300 -8.29 8.82 65.12
C PHE A 300 -9.37 9.83 64.64
N ARG A 301 -10.57 9.45 64.28
CA ARG A 301 -11.50 10.48 63.69
C ARG A 301 -12.38 11.10 64.76
N ASP A 302 -12.55 10.37 65.87
CA ASP A 302 -13.52 10.78 66.90
C ASP A 302 -12.94 11.85 67.82
N TYR A 303 -13.78 12.81 68.12
CA TYR A 303 -13.46 14.03 68.86
C TYR A 303 -12.83 13.71 70.18
N LYS A 304 -13.44 12.84 70.94
CA LYS A 304 -12.91 12.53 72.30
C LYS A 304 -11.45 12.07 72.25
N THR A 305 -11.15 11.15 71.33
CA THR A 305 -9.78 10.57 71.27
C THR A 305 -8.82 11.66 70.76
N VAL A 306 -9.20 12.36 69.72
CA VAL A 306 -8.30 13.41 69.18
C VAL A 306 -8.08 14.43 70.30
N SER A 307 -9.17 14.88 70.93
CA SER A 307 -9.01 15.87 72.01
C SER A 307 -8.01 15.34 73.08
N LYS A 308 -8.02 14.05 73.40
CA LYS A 308 -7.11 13.46 74.43
C LYS A 308 -5.68 13.53 73.92
N VAL A 309 -5.47 13.21 72.65
CA VAL A 309 -4.10 13.31 72.08
C VAL A 309 -3.56 14.73 72.16
N LEU A 310 -4.40 15.71 71.84
CA LEU A 310 -3.93 17.09 71.84
C LEU A 310 -3.59 17.45 73.29
N GLU A 311 -4.34 16.96 74.27
CA GLU A 311 -4.05 17.26 75.72
C GLU A 311 -2.72 16.62 76.13
N LEU A 312 -2.52 15.37 75.71
CA LEU A 312 -1.32 14.61 76.17
C LEU A 312 -0.04 15.16 75.55
N TYR A 313 -0.10 15.71 74.34
CA TYR A 313 1.09 16.16 73.58
C TYR A 313 1.37 17.63 73.79
N THR A 314 0.47 18.38 74.44
CA THR A 314 0.68 19.80 74.74
C THR A 314 1.11 19.89 76.21
N ARG A 315 2.38 20.14 76.45
CA ARG A 315 3.02 20.10 77.76
C ARG A 315 3.92 21.31 77.88
N PRO A 316 4.23 21.72 79.14
CA PRO A 316 5.21 22.77 79.32
C PRO A 316 6.56 22.42 78.66
N ASP A 317 6.90 21.13 78.55
CA ASP A 317 8.18 20.76 77.87
C ASP A 317 7.93 20.28 76.44
N ASN A 318 6.75 20.46 75.83
CA ASN A 318 6.45 19.90 74.48
C ASN A 318 5.49 20.82 73.72
N ALA A 319 6.02 21.60 72.80
CA ALA A 319 5.21 22.35 71.82
C ALA A 319 4.36 21.34 71.08
N LEU A 320 3.15 21.78 70.75
CA LEU A 320 2.18 20.96 69.99
C LEU A 320 2.37 21.24 68.53
N PHE A 321 2.71 20.18 67.78
CA PHE A 321 2.76 20.23 66.30
C PHE A 321 2.02 18.99 65.82
N VAL A 322 0.92 19.19 65.12
CA VAL A 322 0.14 18.08 64.57
C VAL A 322 0.85 17.76 63.25
N ALA A 323 1.86 16.91 63.36
CA ALA A 323 2.87 16.71 62.27
C ALA A 323 2.24 15.97 61.09
N GLU A 324 1.25 15.17 61.35
CA GLU A 324 0.37 14.52 60.37
C GLU A 324 -1.05 14.53 60.94
N ILE A 325 -2.01 14.67 60.05
CA ILE A 325 -3.40 14.35 60.40
C ILE A 325 -4.11 13.78 59.16
N GLY A 326 -5.11 12.96 59.34
CA GLY A 326 -5.91 12.45 58.20
C GLY A 326 -6.38 13.55 57.34
N ASN A 327 -6.58 13.24 56.04
CA ASN A 327 -7.05 14.24 55.08
C ASN A 327 -8.53 14.06 54.74
N ASP A 328 -9.25 13.24 55.46
CA ASP A 328 -10.72 13.19 55.31
C ASP A 328 -11.38 14.41 55.97
N GLN A 329 -12.59 14.68 55.56
CA GLN A 329 -13.30 15.90 56.02
C GLN A 329 -13.34 16.06 57.53
N PRO A 330 -13.61 15.05 58.33
CA PRO A 330 -13.76 15.29 59.77
C PRO A 330 -12.55 15.89 60.46
N PHE A 331 -11.39 15.77 59.85
CA PHE A 331 -10.14 16.17 60.51
C PHE A 331 -9.92 17.68 60.42
N ALA A 332 -10.52 18.37 59.46
CA ALA A 332 -10.18 19.80 59.20
C ALA A 332 -10.47 20.64 60.47
N ARG A 333 -11.55 20.31 61.18
CA ARG A 333 -11.97 21.18 62.30
C ARG A 333 -11.02 21.05 63.48
N TYR A 334 -10.13 20.05 63.52
CA TYR A 334 -9.12 19.93 64.61
C TYR A 334 -8.08 21.04 64.49
N LEU A 335 -8.03 21.80 63.38
CA LEU A 335 -7.15 22.94 63.33
C LEU A 335 -7.47 23.85 64.54
N PHE A 336 -8.77 23.98 64.82
CA PHE A 336 -9.18 24.98 65.84
C PHE A 336 -8.64 24.65 67.23
N PRO A 337 -8.87 23.46 67.80
CA PRO A 337 -8.30 23.13 69.11
C PRO A 337 -6.77 23.08 69.06
N THR A 338 -6.21 22.67 67.93
CA THR A 338 -4.74 22.62 67.83
C THR A 338 -4.18 24.03 68.08
N LEU A 339 -4.74 25.03 67.43
CA LEU A 339 -4.20 26.39 67.59
C LEU A 339 -4.61 26.92 68.95
N GLY A 340 -5.82 26.58 69.41
CA GLY A 340 -6.24 27.04 70.74
C GLY A 340 -5.34 26.56 71.86
N LYS A 341 -4.70 25.41 71.68
CA LYS A 341 -3.72 24.85 72.65
C LYS A 341 -2.36 25.53 72.53
N GLY A 342 -2.17 26.48 71.62
CA GLY A 342 -0.88 27.12 71.36
C GLY A 342 -0.08 26.34 70.36
N GLY A 343 -0.75 25.45 69.61
CA GLY A 343 -0.07 24.68 68.56
C GLY A 343 0.69 25.53 67.60
N ILE A 344 1.82 25.01 67.14
CA ILE A 344 2.68 25.75 66.18
C ILE A 344 2.36 25.32 64.74
N GLY A 345 1.52 24.33 64.55
CA GLY A 345 1.28 23.87 63.17
C GLY A 345 0.40 22.66 63.09
N PHE A 346 0.06 22.35 61.86
CA PHE A 346 -0.97 21.35 61.53
C PHE A 346 -0.67 20.96 60.07
N SER A 347 -0.58 19.68 59.82
CA SER A 347 -0.09 19.20 58.50
C SER A 347 -0.88 17.99 58.02
N PRO A 348 -2.01 18.20 57.32
CA PRO A 348 -2.77 17.08 56.78
C PRO A 348 -1.97 16.24 55.77
N PHE A 349 -2.11 14.95 55.89
CA PHE A 349 -1.27 13.98 55.16
C PHE A 349 -1.95 13.58 53.86
N GLY A 350 -1.14 13.51 52.78
CA GLY A 350 -1.64 12.98 51.50
C GLY A 350 -2.19 14.04 50.59
N MET A 351 -1.72 15.29 50.74
CA MET A 351 -2.29 16.40 49.94
C MET A 351 -1.56 16.50 48.62
N ASP A 352 -1.67 15.46 47.79
CA ASP A 352 -1.14 15.56 46.39
C ASP A 352 -1.97 14.64 45.50
N ASP A 353 -1.77 14.83 44.19
CA ASP A 353 -2.54 14.15 43.15
C ASP A 353 -1.67 13.05 42.50
N THR A 354 -0.97 12.29 43.29
CA THR A 354 -0.09 11.20 42.78
C THR A 354 -0.86 9.86 42.77
N ASP A 355 -2.19 9.89 42.75
CA ASP A 355 -3.05 8.71 42.54
C ASP A 355 -2.85 7.78 43.71
N TYR A 356 -3.04 8.29 44.93
CA TYR A 356 -3.02 7.41 46.11
C TYR A 356 -3.92 8.03 47.16
N THR A 357 -4.63 7.21 47.87
CA THR A 357 -5.34 7.65 49.08
C THR A 357 -5.06 6.62 50.19
N ASN A 358 -4.86 7.08 51.42
CA ASN A 358 -4.59 6.19 52.56
C ASN A 358 -5.89 5.85 53.31
N TYR A 359 -7.06 6.08 52.72
CA TYR A 359 -8.31 5.52 53.23
C TYR A 359 -8.10 4.06 53.52
N PRO A 360 -8.49 3.50 54.67
CA PRO A 360 -9.41 4.11 55.63
C PRO A 360 -8.88 5.19 56.59
N LEU A 361 -7.59 5.50 56.61
CA LEU A 361 -7.04 6.56 57.50
C LEU A 361 -7.51 7.93 57.01
N GLY A 362 -7.49 8.17 55.70
CA GLY A 362 -7.81 9.44 55.09
C GLY A 362 -9.02 9.36 54.18
N ALA A 363 -9.16 10.37 53.33
CA ALA A 363 -10.28 10.52 52.39
C ALA A 363 -10.36 9.33 51.44
N LYS A 364 -11.54 8.88 51.15
CA LYS A 364 -11.75 7.75 50.24
C LYS A 364 -11.37 8.22 48.82
N VAL A 365 -11.66 9.48 48.54
N VAL A 365 -11.67 9.46 48.47
CA VAL A 365 -11.43 10.13 47.24
CA VAL A 365 -11.39 10.04 47.14
C VAL A 365 -10.49 11.31 47.47
C VAL A 365 -10.64 11.35 47.34
N TYR A 366 -9.59 11.56 46.53
CA TYR A 366 -8.79 12.78 46.57
C TYR A 366 -9.20 13.64 45.37
N ASN A 367 -9.86 14.74 45.68
CA ASN A 367 -10.35 15.69 44.66
C ASN A 367 -10.39 17.10 45.23
N ASP A 368 -10.85 18.04 44.42
CA ASP A 368 -10.81 19.45 44.83
C ASP A 368 -11.66 19.63 46.09
N GLU A 369 -12.73 18.85 46.23
CA GLU A 369 -13.60 18.93 47.43
C GLU A 369 -12.81 18.47 48.67
N THR A 370 -11.96 17.47 48.53
CA THR A 370 -11.13 17.01 49.66
C THR A 370 -10.26 18.19 50.17
N ILE A 371 -9.65 18.91 49.23
CA ILE A 371 -8.71 20.00 49.51
C ILE A 371 -9.54 21.15 50.09
N GLU A 372 -10.70 21.40 49.55
CA GLU A 372 -11.51 22.60 49.96
C GLU A 372 -11.85 22.51 51.45
N GLN A 373 -11.96 21.32 52.03
CA GLN A 373 -12.40 21.24 53.46
C GLN A 373 -11.30 21.90 54.31
N PHE A 374 -10.04 21.69 53.93
CA PHE A 374 -8.91 22.31 54.64
C PHE A 374 -8.74 23.77 54.20
N ALA A 375 -8.86 24.10 52.91
CA ALA A 375 -8.71 25.49 52.45
C ALA A 375 -9.68 26.38 53.24
N GLN A 376 -10.89 25.93 53.46
CA GLN A 376 -11.90 26.79 54.14
C GLN A 376 -11.40 27.14 55.57
N VAL A 377 -10.78 26.23 56.30
CA VAL A 377 -10.38 26.61 57.67
C VAL A 377 -9.07 27.35 57.58
N TYR A 378 -8.18 27.03 56.63
CA TYR A 378 -6.95 27.82 56.50
C TYR A 378 -7.22 29.29 56.18
N ARG A 379 -8.30 29.55 55.45
CA ARG A 379 -8.69 30.92 55.05
C ARG A 379 -9.05 31.77 56.28
N LEU A 380 -9.37 31.13 57.38
CA LEU A 380 -9.64 31.89 58.64
C LEU A 380 -8.34 32.37 59.29
N VAL A 381 -7.25 31.63 59.11
CA VAL A 381 -6.01 31.88 59.86
C VAL A 381 -5.00 32.65 59.01
N ASN A 382 -4.88 32.25 57.73
CA ASN A 382 -3.89 32.89 56.87
C ASN A 382 -3.91 34.40 57.03
N PRO A 383 -5.06 35.11 56.98
CA PRO A 383 -5.04 36.58 57.00
C PRO A 383 -4.49 37.20 58.29
N MET A 384 -4.38 36.41 59.35
CA MET A 384 -3.84 36.87 60.63
C MET A 384 -2.68 36.04 61.12
N MET A 385 -2.00 35.33 60.21
CA MET A 385 -1.19 34.22 60.75
C MET A 385 -0.12 34.72 61.73
N ARG A 386 0.55 35.79 61.39
CA ARG A 386 1.64 36.34 62.27
C ARG A 386 1.04 36.92 63.57
N GLU A 387 -0.10 37.61 63.43
CA GLU A 387 -0.74 38.18 64.64
C GLU A 387 -1.18 37.04 65.56
N TRP A 388 -1.82 36.03 65.02
CA TRP A 388 -2.26 34.88 65.83
C TRP A 388 -1.05 34.25 66.52
N ALA A 389 0.03 34.01 65.76
CA ALA A 389 1.19 33.31 66.27
C ALA A 389 1.75 34.07 67.49
N ARG A 390 1.84 35.36 67.40
CA ARG A 390 2.40 36.24 68.47
C ARG A 390 1.43 36.17 69.68
N LEU A 391 0.12 36.25 69.47
CA LEU A 391 -0.88 36.23 70.57
C LEU A 391 -0.82 34.88 71.27
N SER A 392 -0.63 33.81 70.47
CA SER A 392 -0.61 32.43 70.99
C SER A 392 0.58 32.24 71.95
N TYR A 393 1.71 32.80 71.59
CA TYR A 393 2.95 32.71 72.39
C TYR A 393 2.90 33.68 73.60
N GLN A 394 2.54 34.92 73.35
CA GLN A 394 2.72 36.00 74.35
C GLN A 394 1.47 36.16 75.21
N GLY A 395 0.36 35.62 74.75
CA GLY A 395 -0.91 35.88 75.42
C GLY A 395 -1.79 34.68 75.56
N GLN A 396 -3.10 34.98 75.55
CA GLN A 396 -4.17 34.02 75.83
C GLN A 396 -4.97 33.78 74.54
N VAL A 397 -5.02 32.50 74.18
CA VAL A 397 -5.86 32.10 73.03
C VAL A 397 -6.71 30.90 73.46
N TRP A 398 -7.72 30.65 72.66
CA TRP A 398 -8.63 29.52 72.88
C TRP A 398 -9.03 29.04 71.49
N GLY A 399 -9.41 27.78 71.43
CA GLY A 399 -9.99 27.24 70.21
C GLY A 399 -10.68 25.94 70.47
N VAL A 400 -11.79 25.74 69.78
CA VAL A 400 -12.72 24.62 69.97
C VAL A 400 -13.12 24.12 68.57
N ALA A 401 -13.46 22.87 68.54
CA ALA A 401 -14.12 22.22 67.41
C ALA A 401 -15.47 21.66 67.85
N GLU A 402 -16.34 21.46 66.86
CA GLU A 402 -17.62 20.82 67.06
C GLU A 402 -17.42 19.45 67.72
N PRO A 403 -18.00 19.25 68.93
CA PRO A 403 -17.62 18.12 69.77
C PRO A 403 -18.41 16.84 69.61
N LEU A 404 -19.37 16.83 68.70
CA LEU A 404 -20.02 15.54 68.32
C LEU A 404 -19.55 15.24 66.91
N ASP A 405 -19.20 13.99 66.73
CA ASP A 405 -18.89 13.48 65.39
C ASP A 405 -20.20 13.34 64.60
N SER A 406 -20.10 13.25 63.29
CA SER A 406 -21.25 13.00 62.39
C SER A 406 -22.01 11.77 62.85
N THR A 407 -23.32 11.86 62.79
CA THR A 407 -24.18 10.71 63.15
C THR A 407 -23.88 9.51 62.23
N THR A 408 -23.64 8.30 62.81
CA THR A 408 -23.31 7.04 62.06
C THR A 408 -24.61 6.42 61.52
N GLU A 409 -24.49 5.50 60.57
CA GLU A 409 -25.65 4.71 60.07
C GLU A 409 -26.19 3.86 61.24
N THR A 410 -25.27 3.32 62.05
CA THR A 410 -25.62 2.48 63.23
C THR A 410 -26.32 3.35 64.28
N GLN A 411 -26.04 4.66 64.38
CA GLN A 411 -26.67 5.58 65.37
C GLN A 411 -27.97 6.11 64.77
N LYS A 412 -28.09 6.23 63.45
CA LYS A 412 -29.40 6.59 62.85
C LYS A 412 -30.35 5.39 62.98
N TRP A 414 -31.10 3.24 65.13
CA TRP A 414 -30.97 3.36 66.63
C TRP A 414 -31.76 4.58 67.10
N ASN A 415 -31.47 5.75 66.56
CA ASN A 415 -32.27 7.01 66.77
C ASN A 415 -33.69 6.74 66.28
N ALA A 416 -33.83 6.11 65.11
CA ALA A 416 -35.15 5.86 64.49
C ALA A 416 -35.99 4.93 65.38
N GLU A 417 -35.38 3.91 66.00
CA GLU A 417 -36.10 2.86 66.80
C GLU A 417 -36.48 3.42 68.16
N ALA A 418 -36.05 4.63 68.48
CA ALA A 418 -36.32 5.30 69.77
C ALA A 418 -37.79 5.77 69.82
N THR A 419 -38.41 5.74 71.00
CA THR A 419 -39.81 6.20 71.28
C THR A 419 -39.82 7.71 71.11
N PRO A 420 -40.97 8.42 70.98
CA PRO A 420 -40.91 9.87 70.71
C PRO A 420 -40.48 10.72 71.91
N GLU A 421 -40.47 10.16 73.13
CA GLU A 421 -39.93 10.89 74.31
C GLU A 421 -38.43 10.64 74.37
N GLU A 422 -37.96 9.46 73.97
CA GLU A 422 -36.51 9.21 73.92
C GLU A 422 -35.94 10.22 72.92
N LYS A 423 -36.67 10.57 71.82
CA LYS A 423 -36.24 11.53 70.75
C LYS A 423 -36.12 12.97 71.26
N GLU A 424 -37.13 13.52 71.94
CA GLU A 424 -37.08 14.94 72.42
C GLU A 424 -35.89 15.01 73.37
N GLN A 425 -35.69 13.96 74.20
CA GLN A 425 -34.58 13.90 75.18
C GLN A 425 -33.24 13.85 74.42
N HIS A 426 -33.14 13.04 73.35
CA HIS A 426 -31.94 12.97 72.49
C HIS A 426 -31.62 14.38 71.98
N LYS A 427 -32.64 15.12 71.53
CA LYS A 427 -32.47 16.47 70.88
C LYS A 427 -31.91 17.43 71.93
N LYS A 428 -32.45 17.34 73.15
CA LYS A 428 -32.03 18.18 74.32
C LYS A 428 -30.56 17.82 74.63
N ASP A 429 -30.26 16.52 74.63
CA ASP A 429 -28.91 16.02 75.01
C ASP A 429 -27.90 16.48 73.94
N ARG A 430 -28.25 16.38 72.66
CA ARG A 430 -27.34 16.82 71.56
C ARG A 430 -27.12 18.35 71.67
N ALA A 431 -28.16 19.16 71.91
CA ALA A 431 -28.04 20.61 71.98
C ALA A 431 -27.05 20.94 73.12
N SER A 432 -27.21 20.26 74.24
CA SER A 432 -26.30 20.47 75.41
C SER A 432 -24.86 20.10 75.01
N ALA A 433 -24.70 18.97 74.32
CA ALA A 433 -23.34 18.52 73.97
C ALA A 433 -22.70 19.44 72.92
N LEU A 434 -23.53 20.11 72.14
CA LEU A 434 -23.10 21.06 71.06
C LEU A 434 -23.00 22.49 71.58
N THR A 435 -22.86 22.63 72.89
CA THR A 435 -22.75 23.97 73.53
C THR A 435 -21.45 23.98 74.35
N GLN A 436 -20.48 24.79 74.01
CA GLN A 436 -19.22 24.82 74.73
C GLN A 436 -19.04 26.16 75.45
N GLN A 437 -18.51 26.09 76.65
CA GLN A 437 -18.17 27.32 77.40
C GLN A 437 -16.66 27.57 77.38
N LEU A 438 -16.27 28.82 77.21
CA LEU A 438 -14.87 29.27 77.38
C LEU A 438 -14.81 30.43 78.38
N ASP A 439 -13.91 30.29 79.33
CA ASP A 439 -13.65 31.29 80.37
C ASP A 439 -12.56 32.21 79.82
N LEU A 440 -12.92 33.43 79.44
CA LEU A 440 -11.99 34.42 78.85
C LEU A 440 -11.61 35.53 79.86
N GLY A 441 -11.73 35.28 81.16
CA GLY A 441 -11.35 36.27 82.22
C GLY A 441 -12.59 37.00 82.73
N LEU A 442 -12.78 38.25 82.30
CA LEU A 442 -14.00 39.02 82.71
C LEU A 442 -15.21 38.60 81.87
N TRP A 443 -14.99 37.87 80.76
CA TRP A 443 -16.06 37.54 79.82
C TRP A 443 -15.96 36.04 79.53
N ASP A 444 -17.08 35.41 79.25
CA ASP A 444 -17.11 34.01 78.79
C ASP A 444 -17.63 34.04 77.35
N ALA A 445 -17.28 33.01 76.58
CA ALA A 445 -17.94 32.77 75.29
C ALA A 445 -18.66 31.44 75.37
N GLU A 446 -19.80 31.39 74.70
CA GLU A 446 -20.54 30.16 74.49
C GLU A 446 -20.53 29.89 72.99
N VAL A 447 -20.06 28.71 72.61
CA VAL A 447 -19.96 28.36 71.16
C VAL A 447 -20.95 27.23 70.92
N THR A 448 -21.77 27.41 69.91
CA THR A 448 -22.79 26.41 69.58
C THR A 448 -22.72 26.13 68.09
N TYR A 449 -23.28 24.99 67.68
CA TYR A 449 -23.04 24.54 66.28
C TYR A 449 -24.32 24.08 65.63
N GLY A 450 -24.59 24.64 64.45
CA GLY A 450 -25.70 24.10 63.62
C GLY A 450 -27.03 24.70 64.04
N ARG A 451 -27.12 26.00 63.81
CA ARG A 451 -28.38 26.72 64.04
C ARG A 451 -28.46 27.91 63.12
N PRO A 452 -29.68 28.46 62.96
CA PRO A 452 -29.84 29.69 62.18
C PRO A 452 -28.98 30.84 62.68
N MET A 453 -28.92 31.88 61.89
CA MET A 453 -28.18 33.14 62.22
C MET A 453 -29.11 34.14 62.89
N PHE A 454 -30.33 33.75 63.17
CA PHE A 454 -31.37 34.61 63.80
C PHE A 454 -32.15 33.73 64.79
N TRP A 455 -32.55 34.30 65.94
CA TRP A 455 -33.42 33.66 66.97
C TRP A 455 -32.57 32.62 67.71
N VAL A 456 -33.19 31.79 68.52
CA VAL A 456 -32.45 31.00 69.54
C VAL A 456 -32.89 29.53 69.47
N THR A 457 -33.35 29.04 68.31
CA THR A 457 -33.60 27.58 68.14
C THR A 457 -32.35 26.84 68.62
N PRO A 458 -32.46 25.81 69.47
CA PRO A 458 -31.26 25.15 69.96
C PRO A 458 -30.42 24.55 68.82
N PRO A 459 -29.09 24.42 69.04
CA PRO A 459 -28.17 23.84 68.05
C PRO A 459 -28.47 22.35 67.78
N GLU A 460 -28.34 21.97 66.50
CA GLU A 460 -28.60 20.60 66.02
C GLU A 460 -27.34 20.02 65.36
N GLY A 461 -26.30 20.82 65.27
CA GLY A 461 -25.02 20.36 64.71
C GLY A 461 -25.01 20.59 63.20
N ASN A 462 -23.80 20.56 62.66
CA ASN A 462 -23.60 20.64 61.20
C ASN A 462 -23.52 19.19 60.69
N THR A 463 -23.96 18.95 59.45
N THR A 463 -23.89 19.01 59.43
CA THR A 463 -23.91 17.64 58.76
CA THR A 463 -23.95 17.70 58.72
C THR A 463 -23.09 17.86 57.50
C THR A 463 -23.08 17.87 57.48
N PRO A 464 -21.83 17.35 57.44
CA PRO A 464 -21.22 16.61 58.55
C PRO A 464 -20.67 17.53 59.65
N ALA A 465 -20.23 16.97 60.77
CA ALA A 465 -19.59 17.75 61.87
C ALA A 465 -18.41 18.55 61.29
N ALA A 466 -18.32 19.85 61.55
CA ALA A 466 -17.29 20.68 60.87
C ALA A 466 -16.93 21.98 61.53
N GLY A 467 -17.73 22.43 62.52
CA GLY A 467 -17.53 23.79 62.99
C GLY A 467 -16.42 23.93 63.99
N GLY A 468 -16.03 25.18 64.18
CA GLY A 468 -15.07 25.53 65.25
C GLY A 468 -14.95 27.01 65.44
N ALA A 469 -14.09 27.42 66.39
CA ALA A 469 -13.96 28.86 66.73
C ALA A 469 -12.55 29.09 67.29
N LEU A 470 -12.01 30.25 66.98
CA LEU A 470 -10.76 30.74 67.57
C LEU A 470 -11.02 32.07 68.25
N ILE A 471 -10.44 32.23 69.43
CA ILE A 471 -10.50 33.52 70.17
C ILE A 471 -9.12 33.83 70.68
N ALA A 472 -8.69 35.09 70.57
CA ALA A 472 -7.44 35.57 71.20
C ALA A 472 -7.82 36.78 72.04
N GLN A 473 -7.26 36.88 73.24
CA GLN A 473 -7.53 38.10 74.06
C GLN A 473 -6.61 39.22 73.61
N LEU A 474 -7.18 40.39 73.36
CA LEU A 474 -6.39 41.58 73.01
C LEU A 474 -6.21 42.45 74.23
N ASP A 475 -7.22 42.47 75.10
CA ASP A 475 -7.19 43.32 76.31
C ASP A 475 -8.27 42.77 77.24
N ASP A 476 -8.40 43.34 78.44
CA ASP A 476 -9.36 42.81 79.44
C ASP A 476 -10.74 42.64 78.81
N ASN A 477 -11.13 43.55 77.93
CA ASN A 477 -12.53 43.54 77.41
C ASN A 477 -12.56 43.39 75.88
N GLU A 478 -11.46 42.95 75.25
CA GLU A 478 -11.44 42.95 73.80
C GLU A 478 -10.83 41.65 73.28
N TYR A 479 -11.49 41.04 72.31
CA TYR A 479 -11.09 39.73 71.77
C TYR A 479 -11.07 39.78 70.23
N LEU A 480 -10.12 39.03 69.68
CA LEU A 480 -10.08 38.71 68.26
C LEU A 480 -10.86 37.39 68.16
N VAL A 481 -11.78 37.30 67.22
CA VAL A 481 -12.67 36.13 67.04
C VAL A 481 -12.84 35.83 65.56
N THR A 482 -12.65 34.53 65.25
CA THR A 482 -13.08 34.04 63.92
C THR A 482 -13.63 32.65 64.12
N ALA A 483 -14.67 32.27 63.41
CA ALA A 483 -15.27 30.95 63.63
C ALA A 483 -15.83 30.43 62.33
N TYR A 484 -16.35 29.23 62.39
CA TYR A 484 -16.73 28.50 61.17
C TYR A 484 -17.96 27.64 61.53
N LYS A 485 -19.05 27.85 60.82
CA LYS A 485 -20.26 27.02 60.95
C LYS A 485 -20.58 26.93 62.43
N ALA A 486 -20.66 28.09 63.05
CA ALA A 486 -20.85 28.16 64.51
C ALA A 486 -21.40 29.51 64.90
N ARG A 487 -22.00 29.53 66.09
CA ARG A 487 -22.38 30.80 66.74
C ARG A 487 -21.51 31.00 68.00
N VAL A 488 -21.01 32.20 68.16
CA VAL A 488 -20.21 32.60 69.34
C VAL A 488 -20.97 33.70 70.09
N GLU A 489 -21.25 33.47 71.37
CA GLU A 489 -21.94 34.51 72.17
C GLU A 489 -21.09 34.87 73.40
N PHE A 490 -20.95 36.16 73.69
CA PHE A 490 -20.20 36.66 74.84
C PHE A 490 -21.19 36.99 75.96
N LYS A 491 -20.68 36.86 77.16
CA LYS A 491 -21.45 37.15 78.38
C LYS A 491 -20.47 37.45 79.48
N PRO A 492 -20.90 38.07 80.59
CA PRO A 492 -19.99 38.28 81.72
C PRO A 492 -19.57 36.97 82.38
N SER A 493 -18.31 36.89 82.82
CA SER A 493 -17.79 35.67 83.45
C SER A 493 -18.28 35.58 84.90
N GLN A 494 -18.46 36.71 85.59
CA GLN A 494 -18.75 36.81 87.06
C GLN A 494 -20.05 37.64 87.19
N GLU A 495 -20.87 37.46 88.25
CA GLU A 495 -22.10 38.28 88.53
C GLU A 495 -21.67 39.76 88.66
N LEU A 496 -22.44 40.72 88.15
CA LEU A 496 -21.92 42.11 87.91
C LEU A 496 -22.37 43.14 88.96
N ALA A 497 -23.09 42.72 89.99
CA ALA A 497 -23.40 43.54 91.18
C ALA A 497 -24.08 44.84 90.75
N GLY A 498 -25.25 44.71 90.14
CA GLY A 498 -26.02 45.89 89.81
C GLY A 498 -25.78 46.39 88.39
N LYS A 499 -24.61 46.14 87.77
CA LYS A 499 -24.30 46.67 86.40
C LYS A 499 -25.00 45.82 85.34
N LYS A 500 -25.11 46.37 84.14
CA LYS A 500 -25.60 45.62 82.99
C LYS A 500 -24.38 45.37 82.09
N PHE A 501 -24.58 44.63 81.00
CA PHE A 501 -23.46 44.43 80.06
C PHE A 501 -24.02 44.50 78.60
N MET A 502 -23.13 44.85 77.70
CA MET A 502 -23.42 44.77 76.28
C MET A 502 -22.15 44.54 75.50
N ILE A 503 -22.33 44.13 74.24
CA ILE A 503 -21.30 44.37 73.22
C ILE A 503 -21.12 45.89 73.08
N GLU A 504 -19.91 46.35 73.19
CA GLU A 504 -19.64 47.77 72.88
C GLU A 504 -19.49 47.95 71.38
N ARG A 505 -18.71 47.07 70.73
CA ARG A 505 -18.46 47.20 69.30
C ARG A 505 -17.89 45.92 68.78
N VAL A 506 -18.41 45.50 67.65
CA VAL A 506 -17.78 44.41 66.82
C VAL A 506 -17.37 44.99 65.48
N GLU A 507 -16.10 44.85 65.13
CA GLU A 507 -15.55 45.32 63.85
C GLU A 507 -15.08 44.06 63.10
N GLU A 508 -15.44 43.98 61.83
CA GLU A 508 -14.83 43.01 60.90
C GLU A 508 -13.68 43.74 60.21
N GLY A 509 -12.55 43.06 60.07
CA GLY A 509 -11.43 43.72 59.40
C GLY A 509 -10.29 42.78 59.12
N ARG A 510 -9.12 43.36 59.00
CA ARG A 510 -7.93 42.63 58.61
C ARG A 510 -6.72 43.37 59.13
N PHE A 511 -5.57 42.67 59.10
CA PHE A 511 -4.26 43.23 59.44
C PHE A 511 -3.53 43.55 58.13
N GLU A 512 -3.07 44.81 58.02
CA GLU A 512 -2.17 45.30 56.92
C GLU A 512 -0.96 45.88 57.62
N LYS A 513 0.21 45.34 57.27
CA LYS A 513 1.52 45.75 57.83
C LYS A 513 1.42 45.72 59.38
N GLY A 514 0.73 44.70 59.94
CA GLY A 514 0.48 44.55 61.39
C GLY A 514 -0.46 45.59 62.02
N LYS A 515 -1.10 46.49 61.26
CA LYS A 515 -2.14 47.44 61.78
C LYS A 515 -3.54 46.91 61.47
N TRP A 516 -4.46 47.07 62.40
CA TRP A 516 -5.86 46.69 62.18
C TRP A 516 -6.47 47.67 61.19
N VAL A 517 -7.19 47.14 60.18
CA VAL A 517 -7.99 47.95 59.23
C VAL A 517 -9.43 47.48 59.38
N MET A 518 -10.31 48.37 59.76
N MET A 518 -10.34 48.40 59.67
CA MET A 518 -11.75 48.03 59.86
CA MET A 518 -11.78 48.10 59.88
C MET A 518 -12.32 47.98 58.44
C MET A 518 -12.50 48.12 58.54
N GLU A 519 -13.26 47.08 58.22
CA GLU A 519 -14.01 47.06 56.94
C GLU A 519 -15.44 47.47 57.28
N ARG A 520 -15.98 46.92 58.38
CA ARG A 520 -17.35 47.25 58.76
C ARG A 520 -17.63 46.93 60.22
N VAL A 521 -18.69 47.52 60.73
CA VAL A 521 -19.16 47.20 62.10
C VAL A 521 -20.28 46.16 62.02
N TRP A 522 -20.16 45.05 62.75
CA TRP A 522 -21.33 44.14 62.93
C TRP A 522 -22.23 44.73 63.99
N ASN A 523 -23.51 44.85 63.71
CA ASN A 523 -24.47 45.38 64.70
C ASN A 523 -25.85 44.88 64.33
N GLY A 524 -26.87 45.26 65.10
CA GLY A 524 -28.24 44.87 64.78
C GLY A 524 -28.37 43.35 64.68
N ASP A 525 -29.02 42.85 63.65
CA ASP A 525 -29.23 41.39 63.51
C ASP A 525 -27.91 40.63 63.63
N GLN A 526 -26.82 41.21 63.17
CA GLN A 526 -25.51 40.49 63.15
C GLN A 526 -24.94 40.26 64.55
N THR A 527 -25.45 40.96 65.57
CA THR A 527 -24.98 40.78 66.97
C THR A 527 -26.09 40.43 67.95
N ASP A 528 -27.35 40.48 67.52
CA ASP A 528 -28.48 40.24 68.46
C ASP A 528 -28.49 38.80 68.93
N TRP A 529 -28.06 37.86 68.07
CA TRP A 529 -28.25 36.41 68.26
C TRP A 529 -26.85 35.79 68.30
N GLY A 530 -25.92 36.41 68.99
CA GLY A 530 -24.52 35.97 68.94
C GLY A 530 -23.91 36.35 67.60
N LEU A 531 -22.69 35.84 67.39
CA LEU A 531 -21.89 36.14 66.22
C LEU A 531 -21.89 34.86 65.38
N ASN A 532 -22.63 34.91 64.27
CA ASN A 532 -22.94 33.72 63.44
C ASN A 532 -22.01 33.65 62.24
N PHE A 533 -21.33 32.50 62.14
CA PHE A 533 -20.37 32.26 61.04
C PHE A 533 -20.86 31.08 60.21
N THR A 534 -20.58 31.19 58.90
CA THR A 534 -20.88 30.10 57.94
C THR A 534 -19.54 29.55 57.48
N ASP A 535 -19.40 29.26 56.19
CA ASP A 535 -18.13 28.77 55.67
C ASP A 535 -17.21 29.89 55.26
N ARG A 536 -17.65 31.13 55.25
CA ARG A 536 -16.82 32.26 54.76
C ARG A 536 -15.99 32.85 55.86
N PRO A 537 -14.83 33.39 55.55
CA PRO A 537 -13.94 33.95 56.56
C PRO A 537 -14.37 35.36 56.97
N HIS A 538 -14.45 35.54 58.29
CA HIS A 538 -14.65 36.87 58.88
C HIS A 538 -13.80 36.93 60.14
N LEU A 539 -12.96 37.93 60.20
CA LEU A 539 -12.11 38.20 61.39
C LEU A 539 -12.70 39.42 62.13
N LEU A 540 -13.04 39.19 63.41
CA LEU A 540 -13.74 40.24 64.20
C LEU A 540 -12.90 40.66 65.36
N ARG A 541 -13.07 41.93 65.73
CA ARG A 541 -12.55 42.47 67.00
C ARG A 541 -13.81 42.81 67.83
N VAL A 542 -13.97 42.14 68.96
CA VAL A 542 -15.20 42.21 69.80
C VAL A 542 -14.78 42.92 71.08
N LYS A 543 -15.43 44.05 71.37
CA LYS A 543 -15.17 44.85 72.59
C LYS A 543 -16.46 44.74 73.43
N MET A 544 -16.34 44.23 74.67
CA MET A 544 -17.46 44.05 75.59
C MET A 544 -17.41 45.16 76.65
N ALA A 545 -18.59 45.53 77.19
CA ALA A 545 -18.59 46.56 78.25
C ALA A 545 -19.61 46.24 79.32
N SER A 546 -19.24 46.39 80.59
CA SER A 546 -20.26 46.51 81.65
C SER A 546 -20.52 48.00 81.88
N TYR A 547 -21.72 48.34 82.28
CA TYR A 547 -22.10 49.76 82.45
C TYR A 547 -23.02 49.82 83.66
N SER A 548 -23.00 50.98 84.31
CA SER A 548 -23.84 51.24 85.49
C SER A 548 -25.24 51.64 85.00
N VAL A 549 -26.27 51.19 85.71
CA VAL A 549 -27.66 51.68 85.55
C VAL A 549 -28.15 52.31 86.88
N GLN A 550 -27.28 52.44 87.86
CA GLN A 550 -27.66 52.98 89.21
C GLN A 550 -26.41 53.35 89.99
N ALA B 11 -33.25 73.39 39.42
CA ALA B 11 -33.32 72.67 40.78
C ALA B 11 -34.51 71.74 40.80
N ALA B 12 -34.25 70.46 40.94
CA ALA B 12 -35.30 69.43 40.97
C ALA B 12 -36.16 69.72 42.18
N PRO B 13 -37.49 69.59 42.05
CA PRO B 13 -38.38 69.79 43.19
C PRO B 13 -38.10 68.70 44.23
N LEU B 14 -38.26 69.07 45.50
CA LEU B 14 -38.11 68.10 46.60
C LEU B 14 -39.12 66.97 46.45
N PRO B 15 -38.74 65.75 46.85
CA PRO B 15 -39.68 64.67 47.01
C PRO B 15 -40.71 65.11 48.06
N GLU B 16 -41.94 64.66 47.92
CA GLU B 16 -42.96 64.97 48.96
C GLU B 16 -44.03 63.91 48.94
N LEU B 17 -44.63 63.67 50.10
CA LEU B 17 -45.79 62.79 50.13
C LEU B 17 -47.03 63.64 50.00
N LEU B 18 -47.87 63.36 49.00
CA LEU B 18 -49.18 64.03 48.84
C LEU B 18 -50.25 63.09 49.32
N SER B 19 -51.30 63.67 49.90
CA SER B 19 -52.47 62.89 50.35
C SER B 19 -53.72 63.70 49.98
N ASN B 20 -54.63 63.15 49.19
CA ASN B 20 -55.91 63.82 48.88
C ASN B 20 -56.86 62.79 48.29
N ASN B 21 -58.15 63.06 48.39
CA ASN B 21 -59.20 62.14 47.86
C ASN B 21 -59.01 60.76 48.51
N GLY B 22 -58.51 60.69 49.76
CA GLY B 22 -58.26 59.41 50.47
C GLY B 22 -57.21 58.54 49.79
N LYS B 23 -56.40 59.16 48.95
CA LYS B 23 -55.31 58.49 48.19
C LYS B 23 -53.98 59.21 48.49
N HIS B 24 -52.88 58.61 48.01
CA HIS B 24 -51.54 59.11 48.35
C HIS B 24 -50.59 58.94 47.18
N ALA B 25 -49.58 59.78 47.14
CA ALA B 25 -48.49 59.62 46.16
C ALA B 25 -47.19 60.09 46.82
N LEU B 26 -46.14 59.32 46.59
CA LEU B 26 -44.77 59.80 46.85
C LEU B 26 -44.33 60.49 45.56
N MET B 27 -44.19 61.80 45.60
CA MET B 27 -43.74 62.61 44.49
C MET B 27 -42.20 62.61 44.49
N VAL B 28 -41.61 62.13 43.37
CA VAL B 28 -40.15 62.20 43.16
C VAL B 28 -39.94 62.87 41.80
N ASP B 29 -39.20 63.95 41.76
CA ASP B 29 -38.89 64.71 40.53
C ASP B 29 -40.20 65.20 39.93
N GLY B 30 -41.19 65.52 40.81
CA GLY B 30 -42.41 66.23 40.41
C GLY B 30 -43.47 65.30 39.87
N ALA B 31 -43.34 63.97 40.06
CA ALA B 31 -44.41 63.07 39.64
C ALA B 31 -44.50 61.89 40.56
N PRO B 32 -45.64 61.20 40.65
CA PRO B 32 -45.72 60.03 41.52
C PRO B 32 -44.67 58.94 41.18
N TYR B 33 -44.22 58.27 42.19
CA TYR B 33 -43.13 57.27 42.09
C TYR B 33 -43.45 56.08 42.96
N ILE B 34 -43.05 54.89 42.53
CA ILE B 34 -43.18 53.66 43.33
C ILE B 34 -41.78 53.20 43.72
N ILE B 35 -41.56 53.02 45.01
CA ILE B 35 -40.31 52.38 45.48
C ILE B 35 -40.40 50.88 45.23
N LEU B 36 -39.63 50.40 44.25
CA LEU B 36 -39.47 48.92 44.02
C LEU B 36 -38.12 48.63 44.65
N GLY B 37 -38.13 48.39 45.94
CA GLY B 37 -36.94 48.58 46.76
C GLY B 37 -36.15 47.32 46.98
N SER B 38 -34.91 47.53 47.44
CA SER B 38 -34.09 46.47 48.06
C SER B 38 -33.61 47.07 49.39
N GLN B 39 -33.43 46.25 50.40
CA GLN B 39 -32.93 46.82 51.68
C GLN B 39 -31.79 45.94 52.14
N THR B 40 -30.71 46.54 52.58
CA THR B 40 -29.54 45.83 53.04
C THR B 40 -29.78 45.13 54.38
N ASN B 41 -28.92 44.19 54.69
CA ASN B 41 -28.77 43.65 56.03
C ASN B 41 -28.29 44.81 56.95
N ASN B 42 -28.32 44.57 58.27
CA ASN B 42 -28.08 45.66 59.26
C ASN B 42 -26.61 46.02 59.42
N SER B 43 -25.67 45.34 58.77
CA SER B 43 -24.24 45.62 58.94
C SER B 43 -23.59 45.88 57.58
N SER B 44 -24.35 46.43 56.63
CA SER B 44 -23.89 46.76 55.28
C SER B 44 -23.64 48.23 55.06
N ASN B 45 -23.74 49.03 56.12
CA ASN B 45 -23.65 50.50 56.07
C ASN B 45 -22.20 51.00 56.11
N TYR B 46 -21.31 50.38 55.38
CA TYR B 46 -19.88 50.78 55.32
C TYR B 46 -19.40 50.70 53.87
N PRO B 47 -18.45 51.55 53.47
CA PRO B 47 -17.95 51.58 52.11
C PRO B 47 -17.57 50.19 51.56
N ASP B 48 -16.85 49.42 52.35
CA ASP B 48 -16.38 48.08 51.92
C ASP B 48 -17.53 47.11 51.67
N ALA B 49 -18.67 47.27 52.30
CA ALA B 49 -19.81 46.34 52.13
C ALA B 49 -20.60 46.63 50.86
N LEU B 50 -20.48 47.82 50.26
CA LEU B 50 -21.40 48.19 49.15
C LEU B 50 -21.17 47.28 47.93
N LYS B 51 -19.97 46.72 47.76
CA LYS B 51 -19.73 45.79 46.63
C LYS B 51 -20.57 44.52 46.79
N ASP B 52 -21.07 44.18 48.00
CA ASP B 52 -21.94 43.03 48.26
C ASP B 52 -23.41 43.46 48.23
N VAL B 53 -23.69 44.69 47.87
CA VAL B 53 -25.09 45.24 47.89
C VAL B 53 -25.53 45.51 46.44
N TRP B 54 -24.68 46.18 45.66
CA TRP B 54 -25.10 46.64 44.31
C TRP B 54 -25.46 45.47 43.42
N PRO B 55 -24.71 44.35 43.39
CA PRO B 55 -25.05 43.28 42.44
C PRO B 55 -26.46 42.72 42.63
N SER B 56 -26.85 42.55 43.88
CA SER B 56 -28.19 42.05 44.22
C SER B 56 -29.23 43.05 43.73
N MET B 57 -28.94 44.34 43.88
CA MET B 57 -29.92 45.38 43.52
C MET B 57 -30.13 45.34 42.00
N GLU B 58 -29.05 45.19 41.24
CA GLU B 58 -29.12 45.09 39.77
C GLU B 58 -29.88 43.83 39.36
N LYS B 59 -29.58 42.68 39.97
CA LYS B 59 -30.30 41.41 39.63
C LYS B 59 -31.78 41.58 39.95
N MET B 60 -32.09 42.30 41.03
CA MET B 60 -33.50 42.42 41.49
C MET B 60 -34.28 43.37 40.55
N GLY B 61 -33.60 44.33 39.93
CA GLY B 61 -34.27 45.41 39.19
C GLY B 61 -34.87 46.45 40.12
N ALA B 62 -34.30 46.56 41.34
CA ALA B 62 -34.75 47.60 42.26
C ALA B 62 -34.43 48.97 41.77
N ASN B 63 -35.31 49.93 42.11
CA ASN B 63 -35.08 51.35 41.78
C ASN B 63 -34.58 52.14 42.96
N THR B 64 -34.65 51.57 44.15
CA THR B 64 -34.43 52.35 45.42
C THR B 64 -33.80 51.41 46.43
N LEU B 65 -32.72 51.88 47.07
CA LEU B 65 -32.05 51.10 48.13
C LEU B 65 -32.35 51.74 49.51
N SER B 66 -32.79 50.91 50.41
CA SER B 66 -32.93 51.28 51.84
C SER B 66 -31.69 50.78 52.55
N ILE B 67 -30.98 51.67 53.23
CA ILE B 67 -29.71 51.34 53.82
C ILE B 67 -29.54 52.15 55.10
N PRO B 68 -28.96 51.57 56.16
CA PRO B 68 -28.76 52.40 57.36
C PRO B 68 -27.71 53.50 57.22
N VAL B 69 -27.88 54.57 58.01
CA VAL B 69 -26.84 55.52 58.40
C VAL B 69 -26.93 55.58 59.93
N ALA B 70 -25.91 55.13 60.60
CA ALA B 70 -25.89 54.93 62.04
C ALA B 70 -25.36 56.15 62.77
N TRP B 71 -25.99 56.49 63.90
CA TRP B 71 -25.46 57.58 64.72
C TRP B 71 -24.02 57.22 65.12
N GLU B 72 -23.74 55.98 65.48
CA GLU B 72 -22.38 55.61 65.94
C GLU B 72 -21.33 55.92 64.86
N GLN B 73 -21.69 55.81 63.60
CA GLN B 73 -20.72 56.05 62.51
C GLN B 73 -20.57 57.53 62.17
N ILE B 74 -21.65 58.37 62.26
CA ILE B 74 -21.48 59.79 61.86
C ILE B 74 -20.98 60.65 62.99
N GLU B 75 -21.14 60.18 64.21
CA GLU B 75 -20.72 61.04 65.39
C GLU B 75 -20.05 60.11 66.38
N PRO B 76 -18.92 59.45 66.02
CA PRO B 76 -18.34 58.42 66.89
C PRO B 76 -17.77 58.99 68.19
N VAL B 77 -17.37 60.25 68.10
CA VAL B 77 -16.95 61.05 69.28
C VAL B 77 -17.82 62.32 69.29
N GLU B 78 -18.24 62.79 70.50
CA GLU B 78 -19.32 63.80 70.53
C GLU B 78 -18.78 65.05 69.80
N GLY B 79 -19.54 65.58 68.83
CA GLY B 79 -19.17 66.78 68.08
C GLY B 79 -18.24 66.55 66.92
N GLN B 80 -17.74 65.33 66.73
CA GLN B 80 -16.80 65.05 65.60
C GLN B 80 -17.51 64.21 64.54
N PHE B 81 -18.00 64.88 63.51
CA PHE B 81 -18.89 64.25 62.52
C PHE B 81 -18.07 63.62 61.43
N ASP B 82 -18.58 62.52 60.92
CA ASP B 82 -17.92 61.72 59.84
C ASP B 82 -18.97 61.26 58.83
N PHE B 83 -19.02 61.87 57.66
CA PHE B 83 -20.02 61.53 56.61
C PHE B 83 -19.31 60.82 55.45
N SER B 84 -18.14 60.29 55.70
CA SER B 84 -17.39 59.52 54.68
C SER B 84 -18.26 58.40 54.09
N PHE B 85 -19.07 57.67 54.88
CA PHE B 85 -19.89 56.60 54.29
C PHE B 85 -20.92 57.22 53.36
N VAL B 86 -21.57 58.29 53.82
CA VAL B 86 -22.66 58.91 53.03
C VAL B 86 -22.13 59.45 51.71
N ASP B 87 -20.91 60.00 51.69
CA ASP B 87 -20.27 60.51 50.47
C ASP B 87 -20.10 59.34 49.46
N VAL B 88 -19.60 58.17 49.89
CA VAL B 88 -19.39 57.00 48.93
C VAL B 88 -20.76 56.50 48.49
N LEU B 89 -21.68 56.38 49.45
CA LEU B 89 -23.02 55.85 49.18
C LEU B 89 -23.73 56.71 48.09
N LEU B 90 -23.79 58.02 48.26
CA LEU B 90 -24.39 58.92 47.26
C LEU B 90 -23.72 58.77 45.90
N LYS B 91 -22.39 58.70 45.86
CA LYS B 91 -21.68 58.62 44.55
C LYS B 91 -22.02 57.28 43.86
N GLU B 92 -22.04 56.16 44.59
CA GLU B 92 -22.21 54.82 44.01
C GLU B 92 -23.68 54.68 43.61
N ALA B 93 -24.61 55.27 44.36
CA ALA B 93 -26.02 55.17 44.00
C ALA B 93 -26.28 55.93 42.71
N ARG B 94 -25.67 57.09 42.57
CA ARG B 94 -25.91 57.90 41.37
C ARG B 94 -25.22 57.18 40.18
N GLN B 95 -24.04 56.59 40.38
CA GLN B 95 -23.44 55.83 39.23
C GLN B 95 -24.45 54.82 38.67
N ARG B 96 -25.19 54.16 39.57
CA ARG B 96 -26.09 53.04 39.24
C ARG B 96 -27.51 53.54 38.93
N LYS B 97 -27.68 54.85 38.94
CA LYS B 97 -29.01 55.49 38.62
C LYS B 97 -30.09 54.89 39.53
N VAL B 98 -29.83 54.85 40.85
CA VAL B 98 -30.86 54.40 41.79
C VAL B 98 -31.03 55.47 42.85
N ARG B 99 -32.14 55.37 43.59
CA ARG B 99 -32.44 56.35 44.64
C ARG B 99 -32.19 55.68 45.99
N LEU B 100 -32.26 56.50 47.06
CA LEU B 100 -31.91 56.02 48.40
C LEU B 100 -33.02 56.35 49.39
N VAL B 101 -33.19 55.46 50.32
CA VAL B 101 -33.93 55.77 51.59
C VAL B 101 -32.93 55.49 52.68
N LEU B 102 -32.53 56.52 53.41
CA LEU B 102 -31.60 56.37 54.52
C LEU B 102 -32.36 55.95 55.72
N LEU B 103 -31.80 55.03 56.49
CA LEU B 103 -32.45 54.56 57.74
C LEU B 103 -31.61 55.08 58.90
N TRP B 104 -32.18 56.02 59.66
CA TRP B 104 -31.43 56.68 60.76
C TRP B 104 -31.50 55.76 61.97
N PHE B 105 -30.43 55.05 62.27
CA PHE B 105 -30.34 54.09 63.38
C PHE B 105 -29.66 54.86 64.53
N ALA B 106 -30.47 55.20 65.53
CA ALA B 106 -30.08 56.20 66.52
C ALA B 106 -30.61 55.79 67.91
N THR B 107 -31.50 56.57 68.50
CA THR B 107 -31.98 56.26 69.87
C THR B 107 -32.60 54.85 69.92
N TRP B 108 -33.38 54.46 68.92
CA TRP B 108 -33.94 53.09 68.87
C TRP B 108 -33.56 52.41 67.53
N LYS B 109 -33.04 51.21 67.67
CA LYS B 109 -32.93 50.24 66.58
C LYS B 109 -33.40 48.93 67.18
N ASN B 110 -34.61 48.53 66.83
CA ASN B 110 -35.23 47.31 67.38
C ASN B 110 -35.28 47.43 68.91
N ASN B 111 -35.75 48.59 69.36
CA ASN B 111 -36.04 48.87 70.79
C ASN B 111 -34.78 49.30 71.53
N ALA B 112 -33.58 49.21 70.96
CA ALA B 112 -32.33 49.26 71.71
C ALA B 112 -31.39 50.31 71.18
N PRO B 113 -30.43 50.77 72.00
CA PRO B 113 -29.50 51.80 71.53
C PRO B 113 -28.15 51.32 70.97
N HIS B 114 -28.14 50.10 70.41
CA HIS B 114 -26.86 49.51 69.95
C HIS B 114 -26.18 50.39 68.87
N TYR B 115 -26.91 51.16 68.07
CA TYR B 115 -26.30 51.97 67.02
C TYR B 115 -26.08 53.41 67.47
N ALA B 116 -26.45 53.75 68.71
CA ALA B 116 -26.02 55.02 69.27
C ALA B 116 -24.53 54.92 69.50
N PRO B 117 -23.74 56.03 69.50
CA PRO B 117 -22.30 56.02 69.82
C PRO B 117 -22.01 55.50 71.23
N ALA B 118 -20.83 55.04 71.46
CA ALA B 118 -20.45 54.51 72.78
C ALA B 118 -20.66 55.57 73.88
N TRP B 119 -20.37 56.84 73.60
CA TRP B 119 -20.50 57.91 74.62
C TRP B 119 -21.99 58.17 74.90
N VAL B 120 -22.92 57.64 74.10
CA VAL B 120 -24.35 57.62 74.44
C VAL B 120 -24.70 56.32 75.16
N LYS B 121 -24.47 55.19 74.53
CA LYS B 121 -25.12 53.94 74.98
C LYS B 121 -24.48 53.45 76.28
N LEU B 122 -23.28 53.89 76.61
CA LEU B 122 -22.58 53.46 77.85
C LEU B 122 -22.77 54.48 79.00
N ASP B 123 -23.55 55.53 78.78
CA ASP B 123 -23.73 56.60 79.83
C ASP B 123 -25.21 56.71 80.21
N ASN B 124 -25.67 55.79 81.03
CA ASN B 124 -27.08 55.75 81.42
C ASN B 124 -27.46 57.01 82.24
N ALA B 125 -26.53 57.62 82.99
CA ALA B 125 -26.87 58.76 83.87
C ALA B 125 -27.31 59.88 82.96
N ARG B 126 -26.60 60.07 81.86
CA ARG B 126 -26.88 61.15 80.89
C ARG B 126 -28.06 60.76 80.00
N PHE B 127 -28.12 59.48 79.60
CA PHE B 127 -29.03 58.97 78.56
C PHE B 127 -29.76 57.77 79.14
N PRO B 128 -30.80 58.01 79.93
CA PRO B 128 -31.40 56.95 80.73
C PRO B 128 -32.28 55.94 79.99
N ARG B 129 -32.17 54.72 80.48
CA ARG B 129 -32.95 53.59 80.09
C ARG B 129 -34.30 53.49 80.78
N VAL B 130 -35.23 52.82 80.11
CA VAL B 130 -36.51 52.35 80.66
C VAL B 130 -36.24 51.59 81.95
N VAL B 131 -37.00 51.91 82.98
CA VAL B 131 -37.00 51.11 84.24
C VAL B 131 -38.33 50.36 84.34
N LYS B 132 -38.27 49.08 84.66
CA LYS B 132 -39.47 48.23 84.83
C LYS B 132 -40.15 48.58 86.15
N GLU B 133 -41.38 48.07 86.31
CA GLU B 133 -42.20 48.32 87.51
C GLU B 133 -41.45 47.73 88.72
N ASP B 134 -40.65 46.68 88.54
CA ASP B 134 -39.93 45.98 89.62
C ASP B 134 -38.56 46.62 89.88
N GLY B 135 -38.24 47.67 89.17
CA GLY B 135 -37.01 48.47 89.39
C GLY B 135 -35.80 48.01 88.58
N ASP B 136 -35.89 46.86 87.90
CA ASP B 136 -34.81 46.43 86.98
C ASP B 136 -34.81 47.32 85.71
N THR B 137 -33.67 47.37 85.03
CA THR B 137 -33.44 48.31 83.91
C THR B 137 -33.42 47.46 82.63
N LEU B 138 -34.08 47.95 81.57
CA LEU B 138 -33.99 47.31 80.24
C LEU B 138 -33.06 48.13 79.36
N ASN B 139 -32.50 47.45 78.34
CA ASN B 139 -31.59 48.12 77.39
C ASN B 139 -32.41 48.76 76.28
N SER B 140 -33.20 49.76 76.64
CA SER B 140 -34.10 50.49 75.77
C SER B 140 -34.13 51.92 76.31
N LEU B 141 -33.73 52.91 75.54
CA LEU B 141 -33.61 54.30 76.06
C LEU B 141 -35.00 54.91 76.28
N SER B 142 -35.15 55.54 77.42
CA SER B 142 -36.45 56.20 77.69
C SER B 142 -36.70 57.40 76.78
N PRO B 143 -37.94 57.49 76.22
CA PRO B 143 -38.32 58.65 75.43
C PRO B 143 -38.48 59.93 76.27
N LEU B 144 -38.37 59.80 77.61
CA LEU B 144 -38.44 61.00 78.46
C LEU B 144 -37.04 61.51 78.79
N GLY B 145 -35.98 60.92 78.23
CA GLY B 145 -34.62 61.43 78.42
C GLY B 145 -34.37 62.65 77.58
N GLN B 146 -34.35 63.83 78.17
CA GLN B 146 -34.24 65.09 77.38
C GLN B 146 -32.85 65.19 76.76
N ASN B 147 -31.83 64.68 77.45
CA ASN B 147 -30.45 64.78 76.91
C ASN B 147 -30.40 63.90 75.66
N THR B 148 -31.06 62.75 75.70
CA THR B 148 -31.03 61.77 74.57
C THR B 148 -31.63 62.45 73.37
N LEU B 149 -32.80 63.04 73.58
CA LEU B 149 -33.55 63.73 72.50
C LEU B 149 -32.66 64.83 71.92
N ALA B 150 -32.07 65.67 72.76
CA ALA B 150 -31.24 66.76 72.20
C ALA B 150 -30.09 66.19 71.37
N ALA B 151 -29.40 65.19 71.87
CA ALA B 151 -28.21 64.63 71.16
C ALA B 151 -28.64 64.00 69.84
N ASP B 152 -29.71 63.22 69.83
CA ASP B 152 -30.18 62.52 68.59
C ASP B 152 -30.54 63.60 67.58
N LYS B 153 -31.37 64.56 68.01
CA LYS B 153 -31.75 65.71 67.16
C LYS B 153 -30.47 66.38 66.61
N LYS B 154 -29.41 66.60 67.42
CA LYS B 154 -28.27 67.40 66.94
C LYS B 154 -27.57 66.61 65.81
N ALA B 155 -27.46 65.31 65.99
CA ALA B 155 -26.77 64.44 64.99
C ALA B 155 -27.63 64.35 63.73
N PHE B 156 -28.92 64.18 63.89
CA PHE B 156 -29.84 64.03 62.76
C PHE B 156 -29.78 65.32 61.94
N VAL B 157 -29.82 66.48 62.61
CA VAL B 157 -29.62 67.78 61.93
C VAL B 157 -28.33 67.78 61.10
N GLU B 158 -27.21 67.28 61.63
CA GLU B 158 -25.93 67.31 60.86
C GLU B 158 -26.09 66.42 59.62
N LEU B 159 -26.75 65.29 59.72
CA LEU B 159 -26.94 64.40 58.56
C LEU B 159 -27.76 65.16 57.52
N MET B 160 -28.86 65.83 57.96
CA MET B 160 -29.72 66.54 56.99
C MET B 160 -28.93 67.71 56.41
N LYS B 161 -28.04 68.33 57.17
CA LYS B 161 -27.22 69.46 56.63
C LYS B 161 -26.30 68.89 55.53
N TYR B 162 -25.77 67.70 55.76
CA TYR B 162 -24.87 67.06 54.76
C TYR B 162 -25.68 66.84 53.46
N LEU B 163 -26.94 66.37 53.59
CA LEU B 163 -27.78 66.14 52.38
C LEU B 163 -28.15 67.48 51.73
N ALA B 164 -28.44 68.48 52.53
CA ALA B 164 -28.77 69.81 51.95
C ALA B 164 -27.59 70.30 51.08
N LYS B 165 -26.39 70.06 51.57
CA LYS B 165 -25.17 70.57 50.93
C LYS B 165 -24.73 69.70 49.74
N ARG B 166 -24.92 68.39 49.84
N ARG B 166 -24.88 68.39 49.85
CA ARG B 166 -24.21 67.40 48.96
CA ARG B 166 -24.17 67.44 48.91
C ARG B 166 -25.16 66.58 48.11
C ARG B 166 -25.15 66.55 48.16
N ASP B 167 -26.46 66.81 48.22
CA ASP B 167 -27.47 65.99 47.51
C ASP B 167 -28.58 66.87 46.92
N LYS B 168 -28.16 67.83 46.09
CA LYS B 168 -29.04 68.85 45.47
C LYS B 168 -30.08 68.21 44.53
N ASP B 169 -29.84 67.02 43.95
CA ASP B 169 -30.76 66.38 43.01
C ASP B 169 -31.60 65.30 43.75
N HIS B 170 -31.45 65.21 45.07
CA HIS B 170 -32.32 64.38 45.94
C HIS B 170 -32.16 62.90 45.52
N THR B 171 -30.92 62.43 45.46
CA THR B 171 -30.70 61.00 45.34
C THR B 171 -31.38 60.28 46.52
N VAL B 172 -31.28 60.86 47.73
CA VAL B 172 -32.07 60.44 48.91
C VAL B 172 -33.44 61.06 48.85
N ILE B 173 -34.46 60.20 48.72
CA ILE B 173 -35.84 60.67 48.46
C ILE B 173 -36.64 60.63 49.76
N MET B 174 -36.19 59.89 50.78
CA MET B 174 -36.95 59.75 52.03
C MET B 174 -36.01 59.28 53.13
N VAL B 175 -36.33 59.57 54.39
CA VAL B 175 -35.51 59.15 55.54
C VAL B 175 -36.42 58.46 56.55
N GLN B 176 -35.99 57.32 57.06
CA GLN B 176 -36.65 56.59 58.14
C GLN B 176 -36.03 57.08 59.44
N VAL B 177 -36.90 57.56 60.34
CA VAL B 177 -36.40 58.13 61.59
C VAL B 177 -36.50 57.02 62.64
N GLN B 178 -35.34 56.55 63.10
CA GLN B 178 -35.20 55.42 64.04
C GLN B 178 -35.51 54.14 63.26
N ASN B 179 -35.44 53.01 63.90
CA ASN B 179 -35.80 51.74 63.28
C ASN B 179 -36.49 50.88 64.32
N GLU B 180 -37.76 50.61 64.10
CA GLU B 180 -38.55 49.75 65.01
C GLU B 180 -38.34 50.25 66.44
N VAL B 181 -38.95 51.39 66.73
CA VAL B 181 -38.95 51.95 68.09
C VAL B 181 -39.78 51.09 69.04
N GLY B 182 -39.61 51.37 70.32
CA GLY B 182 -40.44 50.73 71.34
C GLY B 182 -39.62 50.03 72.41
N THR B 183 -40.30 49.24 73.23
CA THR B 183 -39.64 48.49 74.30
C THR B 183 -40.14 47.04 74.36
N TYR B 184 -39.19 46.09 74.38
CA TYR B 184 -39.51 44.71 74.72
C TYR B 184 -39.32 44.54 76.24
N GLY B 185 -40.19 43.78 76.88
CA GLY B 185 -40.02 43.37 78.29
C GLY B 185 -40.70 44.30 79.28
N ALA B 186 -41.28 45.42 78.83
CA ALA B 186 -42.10 46.30 79.69
C ALA B 186 -42.98 47.12 78.78
N VAL B 187 -44.05 47.68 79.35
CA VAL B 187 -45.02 48.45 78.56
C VAL B 187 -44.51 49.89 78.38
N ARG B 188 -43.88 50.45 79.40
CA ARG B 188 -43.41 51.83 79.39
C ARG B 188 -42.21 51.97 80.33
N ASP B 189 -41.63 53.18 80.40
CA ASP B 189 -40.72 53.57 81.51
C ASP B 189 -41.55 53.81 82.78
N TYR B 190 -41.13 53.21 83.84
CA TYR B 190 -41.68 53.38 85.19
C TYR B 190 -40.70 54.08 86.16
N SER B 191 -39.63 54.64 85.63
CA SER B 191 -38.64 55.43 86.36
C SER B 191 -39.40 56.52 87.11
N PRO B 192 -38.82 57.05 88.19
CA PRO B 192 -39.42 58.23 88.79
C PRO B 192 -39.73 59.37 87.81
N MET B 193 -38.76 59.64 86.91
CA MET B 193 -38.87 60.71 85.91
C MET B 193 -40.11 60.47 85.05
N ALA B 194 -40.32 59.24 84.61
CA ALA B 194 -41.50 58.92 83.80
C ALA B 194 -42.76 58.94 84.66
N GLN B 195 -42.69 58.41 85.87
CA GLN B 195 -43.92 58.33 86.74
C GLN B 195 -44.42 59.78 86.95
N ALA B 196 -43.52 60.77 87.09
CA ALA B 196 -43.90 62.16 87.37
C ALA B 196 -44.74 62.68 86.20
N VAL B 197 -44.40 62.26 84.99
CA VAL B 197 -45.16 62.72 83.80
C VAL B 197 -46.46 61.94 83.69
N PHE B 198 -46.39 60.65 83.95
CA PHE B 198 -47.55 59.73 83.89
C PHE B 198 -48.63 60.23 84.85
N ASN B 199 -48.19 60.69 86.03
CA ASN B 199 -49.11 61.09 87.14
C ASN B 199 -49.78 62.42 86.80
N ALA B 200 -49.20 63.17 85.88
CA ALA B 200 -49.63 64.54 85.53
C ALA B 200 -50.73 64.49 84.46
N ALA B 201 -51.32 65.63 84.19
CA ALA B 201 -52.37 65.79 83.17
C ALA B 201 -51.87 65.28 81.84
N VAL B 202 -52.72 64.57 81.12
CA VAL B 202 -52.58 64.33 79.66
C VAL B 202 -52.47 65.71 79.01
N PRO B 203 -51.44 65.94 78.16
CA PRO B 203 -51.35 67.22 77.47
C PRO B 203 -52.65 67.59 76.74
N ASP B 204 -52.95 68.90 76.76
CA ASP B 204 -54.22 69.43 76.19
C ASP B 204 -54.25 69.02 74.71
N ASP B 205 -53.12 69.07 74.03
CA ASP B 205 -53.17 68.89 72.54
C ASP B 205 -53.70 67.47 72.23
N LEU B 206 -53.30 66.48 73.02
CA LEU B 206 -53.71 65.07 72.78
C LEU B 206 -55.17 64.90 73.15
N ILE B 207 -55.60 65.51 74.26
CA ILE B 207 -57.04 65.42 74.66
C ILE B 207 -57.88 66.11 73.58
N GLN B 208 -57.47 67.27 73.08
CA GLN B 208 -58.21 67.97 71.98
C GLN B 208 -58.27 67.09 70.72
N LYS B 209 -57.15 66.51 70.31
CA LYS B 209 -57.15 65.69 69.10
C LYS B 209 -57.95 64.40 69.26
N LEU B 210 -57.88 63.73 70.38
CA LEU B 210 -58.61 62.44 70.58
C LEU B 210 -60.07 62.74 70.97
N GLN B 211 -60.40 63.99 71.28
CA GLN B 211 -61.79 64.37 71.68
C GLN B 211 -62.16 63.64 72.97
N LEU B 212 -61.30 63.80 73.98
CA LEU B 212 -61.50 63.13 75.28
C LEU B 212 -61.71 64.21 76.34
N LYS B 213 -61.99 63.77 77.54
CA LYS B 213 -62.21 64.64 78.73
C LYS B 213 -60.84 64.74 79.42
N PRO B 214 -60.44 65.92 79.96
CA PRO B 214 -59.15 66.08 80.61
C PRO B 214 -59.03 65.10 81.80
N GLY B 215 -57.79 64.69 82.08
CA GLY B 215 -57.42 63.89 83.26
C GLY B 215 -55.94 63.50 83.22
N THR B 216 -55.53 62.75 84.21
CA THR B 216 -54.18 62.15 84.22
C THR B 216 -54.23 60.98 83.21
N TRP B 217 -53.06 60.45 82.88
CA TRP B 217 -53.01 59.29 81.96
C TRP B 217 -53.89 58.15 82.46
N SER B 218 -53.85 57.81 83.76
CA SER B 218 -54.66 56.68 84.28
C SER B 218 -56.14 57.05 84.14
N GLN B 219 -56.55 58.25 84.53
CA GLN B 219 -57.96 58.67 84.43
C GLN B 219 -58.45 58.56 82.99
N VAL B 220 -57.68 59.08 82.03
CA VAL B 220 -58.21 59.20 80.64
C VAL B 220 -58.19 57.84 79.95
N PHE B 221 -57.12 57.08 80.15
CA PHE B 221 -56.89 55.87 79.33
C PHE B 221 -57.11 54.56 80.06
N GLY B 222 -57.27 54.57 81.37
CA GLY B 222 -57.48 53.30 82.12
C GLY B 222 -56.42 52.24 81.79
N ARG B 223 -56.88 51.05 81.41
CA ARG B 223 -56.03 49.86 81.21
C ARG B 223 -55.05 50.10 80.07
N ASP B 224 -55.33 51.07 79.21
CA ASP B 224 -54.44 51.37 78.05
C ASP B 224 -53.45 52.48 78.44
N ALA B 225 -53.49 53.02 79.66
CA ALA B 225 -52.65 54.17 79.95
C ALA B 225 -51.18 53.85 79.75
N ASP B 226 -50.67 52.73 80.30
CA ASP B 226 -49.20 52.53 80.22
C ASP B 226 -48.75 52.49 78.75
N GLU B 227 -49.42 51.68 77.97
CA GLU B 227 -49.02 51.52 76.54
C GLU B 227 -49.23 52.82 75.75
N PHE B 228 -50.37 53.47 75.94
CA PHE B 228 -50.63 54.73 75.19
C PHE B 228 -49.62 55.81 75.61
N PHE B 229 -49.25 55.86 76.90
CA PHE B 229 -48.22 56.80 77.40
C PHE B 229 -46.89 56.57 76.67
N HIS B 230 -46.47 55.33 76.58
CA HIS B 230 -45.17 55.04 75.92
C HIS B 230 -45.25 55.40 74.43
N ALA B 231 -46.33 55.03 73.77
CA ALA B 231 -46.53 55.39 72.36
C ALA B 231 -46.45 56.89 72.22
N TYR B 232 -47.20 57.63 73.05
CA TYR B 232 -47.21 59.10 72.96
C TYR B 232 -45.79 59.64 73.12
N GLN B 233 -45.08 59.20 74.17
CA GLN B 233 -43.79 59.82 74.45
C GLN B 233 -42.80 59.47 73.32
N ILE B 234 -42.87 58.25 72.79
CA ILE B 234 -41.94 57.88 71.69
C ILE B 234 -42.32 58.68 70.45
N ALA B 235 -43.62 58.83 70.21
CA ALA B 235 -44.07 59.56 69.02
C ALA B 235 -43.63 61.02 69.08
N ARG B 236 -43.82 61.70 70.22
CA ARG B 236 -43.33 63.08 70.37
C ARG B 236 -41.83 63.17 70.15
N TYR B 237 -41.05 62.20 70.69
CA TYR B 237 -39.58 62.22 70.52
C TYR B 237 -39.29 62.15 69.01
N CYS B 238 -39.89 61.19 68.34
CA CYS B 238 -39.62 61.01 66.88
C CYS B 238 -40.13 62.18 66.07
N ASP B 239 -41.20 62.86 66.50
CA ASP B 239 -41.72 64.03 65.80
C ASP B 239 -40.71 65.17 65.94
N GLU B 240 -40.14 65.35 67.14
CA GLU B 240 -39.20 66.48 67.36
C GLU B 240 -37.92 66.24 66.55
N VAL B 241 -37.45 64.99 66.45
CA VAL B 241 -36.25 64.71 65.62
C VAL B 241 -36.61 65.02 64.15
N THR B 242 -37.78 64.57 63.72
CA THR B 242 -38.24 64.76 62.32
C THR B 242 -38.30 66.24 61.99
N VAL B 243 -38.92 67.03 62.91
CA VAL B 243 -39.09 68.47 62.64
C VAL B 243 -37.74 69.13 62.48
N ALA B 244 -36.79 68.79 63.34
CA ALA B 244 -35.47 69.45 63.35
C ALA B 244 -34.80 69.13 62.02
N GLY B 245 -34.87 67.86 61.58
CA GLY B 245 -34.23 67.53 60.31
C GLY B 245 -34.91 68.19 59.12
N LYS B 246 -36.23 68.17 59.10
CA LYS B 246 -37.02 68.76 57.99
C LYS B 246 -36.75 70.26 57.87
N ALA B 247 -36.45 70.94 58.99
CA ALA B 247 -36.18 72.39 58.94
C ALA B 247 -34.90 72.65 58.15
N ILE B 248 -34.00 71.65 58.07
CA ILE B 248 -32.75 71.72 57.25
C ILE B 248 -33.08 71.33 55.79
N LYS B 249 -33.72 70.19 55.60
CA LYS B 249 -34.18 69.78 54.26
C LYS B 249 -35.46 68.98 54.38
N ASN B 250 -36.53 69.49 53.77
CA ASN B 250 -37.89 68.96 53.99
C ASN B 250 -38.14 67.72 53.16
N LEU B 251 -37.37 66.66 53.37
CA LEU B 251 -37.69 65.33 52.77
C LEU B 251 -38.84 64.68 53.51
N PRO B 252 -39.59 63.79 52.81
CA PRO B 252 -40.47 62.84 53.42
C PRO B 252 -39.73 62.04 54.48
N MET B 253 -40.41 61.77 55.62
CA MET B 253 -39.80 60.96 56.68
C MET B 253 -40.86 60.05 57.27
N TYR B 254 -40.46 58.90 57.79
CA TYR B 254 -41.46 57.91 58.22
C TYR B 254 -40.84 57.08 59.31
N VAL B 255 -41.70 56.35 60.02
CA VAL B 255 -41.23 55.34 61.00
C VAL B 255 -41.72 53.97 60.53
N ASN B 256 -40.94 52.95 60.91
CA ASN B 256 -41.20 51.55 60.61
C ASN B 256 -41.53 50.72 61.84
N VAL B 257 -42.57 49.96 61.74
CA VAL B 257 -43.15 49.30 62.94
C VAL B 257 -42.76 47.80 63.02
N ALA B 258 -42.25 47.42 64.16
CA ALA B 258 -42.16 46.03 64.61
C ALA B 258 -43.60 45.58 64.90
N LEU B 259 -44.27 44.94 63.97
CA LEU B 259 -45.72 44.72 64.07
C LEU B 259 -46.09 43.78 65.22
N ARG B 260 -47.23 44.01 65.81
CA ARG B 260 -47.86 42.99 66.61
C ARG B 260 -48.79 42.18 65.68
N ASN B 261 -49.04 40.93 66.00
CA ASN B 261 -49.96 40.12 65.18
C ASN B 261 -51.35 40.79 65.29
N PRO B 262 -52.01 41.14 64.18
CA PRO B 262 -53.25 41.92 64.25
C PRO B 262 -54.43 41.10 64.74
N PHE B 263 -54.35 39.77 64.66
CA PHE B 263 -55.45 38.90 65.11
C PHE B 263 -55.29 38.44 66.55
N ASN B 264 -54.06 38.33 67.01
CA ASN B 264 -53.74 37.74 68.32
C ASN B 264 -52.41 38.37 68.73
N PRO B 265 -52.40 39.66 69.09
CA PRO B 265 -51.16 40.37 69.34
C PRO B 265 -50.35 39.90 70.55
N GLY B 266 -50.97 39.35 71.57
CA GLY B 266 -50.21 39.24 72.80
C GLY B 266 -50.20 40.59 73.53
N LEU B 267 -49.36 40.69 74.52
CA LEU B 267 -49.33 41.89 75.40
C LEU B 267 -48.21 42.83 75.00
N PRO B 268 -48.38 44.18 75.17
CA PRO B 268 -47.30 45.12 74.95
C PRO B 268 -46.15 44.69 75.86
N GLY B 269 -44.95 44.73 75.30
CA GLY B 269 -43.73 44.22 75.96
C GLY B 269 -43.33 42.83 75.44
N GLN B 270 -44.33 41.99 75.09
CA GLN B 270 -44.08 40.79 74.26
C GLN B 270 -43.86 41.25 72.82
N TYR B 271 -44.79 42.02 72.28
CA TYR B 271 -44.47 42.86 71.12
C TYR B 271 -43.79 44.13 71.59
N SER B 272 -43.25 44.89 70.67
CA SER B 272 -42.48 46.11 70.97
C SER B 272 -43.46 47.21 71.35
N SER B 273 -43.55 47.49 72.65
CA SER B 273 -44.54 48.48 73.15
C SER B 273 -44.16 49.89 72.72
N GLY B 274 -45.16 50.69 72.28
CA GLY B 274 -44.92 52.09 72.00
C GLY B 274 -44.59 52.38 70.55
N GLY B 275 -44.20 51.35 69.78
CA GLY B 275 -44.16 51.52 68.34
C GLY B 275 -45.54 51.79 67.74
N GLY B 276 -45.61 52.05 66.45
CA GLY B 276 -46.87 52.31 65.72
C GLY B 276 -47.69 51.08 65.47
N THR B 277 -47.99 50.27 66.50
CA THR B 277 -48.88 49.10 66.36
C THR B 277 -50.32 49.58 66.09
N ASP B 278 -51.14 48.66 65.61
CA ASP B 278 -52.46 49.02 65.04
C ASP B 278 -53.31 49.63 66.13
N ASN B 279 -53.09 49.27 67.40
CA ASN B 279 -53.97 49.80 68.44
C ASN B 279 -53.52 51.22 68.86
N VAL B 280 -52.37 51.74 68.43
CA VAL B 280 -51.92 53.11 68.88
C VAL B 280 -51.67 54.00 67.66
N LEU B 281 -52.24 53.66 66.49
CA LEU B 281 -52.08 54.55 65.32
C LEU B 281 -52.69 55.93 65.62
N HIS B 282 -53.81 55.95 66.36
CA HIS B 282 -54.50 57.23 66.72
C HIS B 282 -53.59 58.07 67.59
N ILE B 283 -52.85 57.43 68.46
CA ILE B 283 -51.94 58.19 69.37
C ILE B 283 -50.78 58.72 68.54
N TRP B 284 -50.20 57.84 67.69
CA TRP B 284 -49.10 58.29 66.81
C TRP B 284 -49.56 59.45 65.88
N LYS B 285 -50.72 59.33 65.21
CA LYS B 285 -51.15 60.42 64.30
C LYS B 285 -51.33 61.72 65.07
N ALA B 286 -51.90 61.63 66.28
CA ALA B 286 -52.11 62.87 67.08
C ALA B 286 -50.78 63.45 67.55
N ALA B 287 -49.85 62.58 67.98
CA ALA B 287 -48.63 63.04 68.64
C ALA B 287 -47.55 63.46 67.65
N ALA B 288 -47.59 62.94 66.43
CA ALA B 288 -46.46 63.13 65.49
C ALA B 288 -46.95 63.59 64.12
N PRO B 289 -47.50 64.82 64.06
CA PRO B 289 -48.15 65.31 62.84
C PRO B 289 -47.12 65.60 61.76
N ASN B 290 -45.83 65.63 62.10
CA ASN B 290 -44.74 65.94 61.15
C ASN B 290 -44.16 64.68 60.51
N ILE B 291 -44.51 63.51 61.02
CA ILE B 291 -44.08 62.22 60.44
C ILE B 291 -45.04 61.85 59.32
N ASP B 292 -44.48 61.64 58.11
CA ASP B 292 -45.38 61.54 56.93
C ASP B 292 -46.18 60.24 56.92
N LEU B 293 -45.62 59.11 57.34
CA LEU B 293 -46.41 57.89 57.39
C LEU B 293 -45.85 56.91 58.41
N ILE B 294 -46.64 55.90 58.74
CA ILE B 294 -46.28 54.82 59.68
C ILE B 294 -46.29 53.53 58.82
N ALA B 295 -45.12 52.92 58.66
CA ALA B 295 -44.91 51.82 57.70
C ALA B 295 -44.77 50.47 58.40
N PRO B 296 -45.50 49.45 57.95
CA PRO B 296 -45.39 48.11 58.51
C PRO B 296 -44.12 47.37 58.05
N ASP B 297 -43.51 46.64 58.96
CA ASP B 297 -42.39 45.68 58.70
C ASP B 297 -43.02 44.30 58.75
N ILE B 298 -43.17 43.66 57.59
CA ILE B 298 -44.02 42.46 57.45
C ILE B 298 -43.14 41.21 57.39
N TYR B 299 -43.29 40.33 58.37
CA TYR B 299 -42.60 39.01 58.38
C TYR B 299 -43.60 37.88 58.56
N PHE B 300 -44.90 38.21 58.68
CA PHE B 300 -45.95 37.18 58.64
C PHE B 300 -45.92 36.59 57.23
N ARG B 301 -45.93 35.28 57.10
CA ARG B 301 -45.89 34.67 55.73
C ARG B 301 -47.28 34.48 55.14
N ASP B 302 -48.27 34.24 56.03
CA ASP B 302 -49.60 33.77 55.62
C ASP B 302 -50.46 34.92 55.09
N TYR B 303 -51.14 34.61 54.01
CA TYR B 303 -51.97 35.54 53.25
C TYR B 303 -52.97 36.25 54.15
N LYS B 304 -53.69 35.56 55.01
CA LYS B 304 -54.74 36.23 55.80
C LYS B 304 -54.12 37.32 56.69
N THR B 305 -52.99 37.03 57.32
CA THR B 305 -52.38 37.97 58.30
C THR B 305 -51.77 39.13 57.52
N VAL B 306 -51.08 38.82 56.42
CA VAL B 306 -50.47 39.91 55.62
C VAL B 306 -51.60 40.81 55.13
N SER B 307 -52.64 40.24 54.62
CA SER B 307 -53.80 41.00 54.08
C SER B 307 -54.32 41.95 55.15
N LYS B 308 -54.50 41.42 56.37
CA LYS B 308 -54.99 42.26 57.49
C LYS B 308 -54.05 43.42 57.75
N VAL B 309 -52.74 43.16 57.79
CA VAL B 309 -51.77 44.24 58.02
C VAL B 309 -51.90 45.29 56.91
N LEU B 310 -51.98 44.92 55.63
CA LEU B 310 -52.14 45.94 54.58
C LEU B 310 -53.44 46.74 54.80
N GLU B 311 -54.52 46.08 55.18
CA GLU B 311 -55.79 46.80 55.43
C GLU B 311 -55.61 47.80 56.59
N LEU B 312 -54.93 47.43 57.67
CA LEU B 312 -54.85 48.29 58.86
C LEU B 312 -53.94 49.49 58.62
N TYR B 313 -52.89 49.35 57.80
CA TYR B 313 -51.91 50.45 57.59
C TYR B 313 -52.25 51.34 56.39
N THR B 314 -53.22 50.95 55.57
CA THR B 314 -53.69 51.78 54.46
C THR B 314 -54.90 52.56 54.95
N ARG B 315 -54.74 53.86 55.09
CA ARG B 315 -55.79 54.69 55.70
C ARG B 315 -55.84 55.98 54.89
N PRO B 316 -56.97 56.74 54.98
CA PRO B 316 -56.95 58.06 54.39
C PRO B 316 -55.81 58.92 54.95
N ASP B 317 -55.46 58.71 56.23
CA ASP B 317 -54.38 59.50 56.86
C ASP B 317 -53.05 58.76 56.87
N ASN B 318 -52.90 57.68 56.10
CA ASN B 318 -51.63 56.92 56.20
C ASN B 318 -51.38 56.24 54.86
N ALA B 319 -50.44 56.76 54.08
CA ALA B 319 -49.95 56.10 52.85
C ALA B 319 -49.36 54.74 53.23
N LEU B 320 -49.58 53.72 52.40
CA LEU B 320 -49.02 52.40 52.65
C LEU B 320 -47.62 52.35 52.04
N PHE B 321 -46.67 52.04 52.86
CA PHE B 321 -45.27 51.78 52.45
C PHE B 321 -44.85 50.50 53.18
N VAL B 322 -44.58 49.44 52.43
CA VAL B 322 -44.09 48.17 53.06
C VAL B 322 -42.59 48.32 53.24
N ALA B 323 -42.21 49.00 54.32
CA ALA B 323 -40.83 49.50 54.56
C ALA B 323 -39.84 48.32 54.69
N GLU B 324 -40.32 47.19 55.15
CA GLU B 324 -39.56 45.93 55.20
C GLU B 324 -40.54 44.79 54.93
N ILE B 325 -40.08 43.77 54.19
CA ILE B 325 -40.83 42.51 54.12
C ILE B 325 -39.79 41.40 54.04
N GLY B 326 -40.18 40.23 54.45
CA GLY B 326 -39.25 39.09 54.36
C GLY B 326 -38.83 38.81 52.92
N ASN B 327 -37.67 38.18 52.80
CA ASN B 327 -37.07 37.98 51.47
C ASN B 327 -37.28 36.54 51.00
N ASP B 328 -38.02 35.72 51.71
CA ASP B 328 -38.33 34.36 51.29
C ASP B 328 -39.36 34.44 50.17
N GLN B 329 -39.43 33.38 49.38
CA GLN B 329 -40.29 33.32 48.17
C GLN B 329 -41.75 33.70 48.40
N PRO B 330 -42.42 33.30 49.51
CA PRO B 330 -43.85 33.54 49.63
C PRO B 330 -44.20 35.03 49.73
N PHE B 331 -43.22 35.87 50.01
CA PHE B 331 -43.44 37.31 50.24
C PHE B 331 -43.52 38.10 48.92
N ALA B 332 -42.96 37.57 47.82
CA ALA B 332 -42.83 38.38 46.62
C ALA B 332 -44.24 38.77 46.13
N ARG B 333 -45.19 37.86 46.18
CA ARG B 333 -46.54 38.12 45.60
C ARG B 333 -47.29 39.24 46.38
N TYR B 334 -46.83 39.61 47.55
CA TYR B 334 -47.54 40.68 48.29
C TYR B 334 -47.32 42.04 47.64
N LEU B 335 -46.38 42.15 46.68
CA LEU B 335 -46.26 43.38 45.93
C LEU B 335 -47.61 43.72 45.32
N PHE B 336 -48.35 42.73 44.85
CA PHE B 336 -49.55 42.99 44.04
C PHE B 336 -50.61 43.69 44.88
N PRO B 337 -51.00 43.14 46.03
CA PRO B 337 -52.00 43.84 46.87
C PRO B 337 -51.44 45.13 47.47
N THR B 338 -50.14 45.20 47.76
CA THR B 338 -49.51 46.44 48.20
C THR B 338 -49.82 47.52 47.17
N LEU B 339 -49.48 47.31 45.88
CA LEU B 339 -49.73 48.35 44.87
C LEU B 339 -51.23 48.50 44.70
N GLY B 340 -52.02 47.42 44.80
CA GLY B 340 -53.47 47.52 44.54
C GLY B 340 -54.14 48.43 45.59
N LYS B 341 -53.55 48.52 46.80
CA LYS B 341 -54.04 49.38 47.93
C LYS B 341 -53.63 50.85 47.68
N GLY B 342 -52.87 51.12 46.64
CA GLY B 342 -52.28 52.39 46.37
C GLY B 342 -50.97 52.62 47.09
N GLY B 343 -50.31 51.53 47.49
CA GLY B 343 -49.05 51.61 48.18
C GLY B 343 -48.03 52.37 47.37
N ILE B 344 -47.12 53.05 48.07
CA ILE B 344 -46.07 53.86 47.42
C ILE B 344 -44.78 53.05 47.30
N GLY B 345 -44.70 51.91 47.92
CA GLY B 345 -43.46 51.16 47.86
C GLY B 345 -43.46 49.90 48.63
N PHE B 346 -42.40 49.11 48.38
CA PHE B 346 -42.25 47.74 48.88
C PHE B 346 -40.76 47.44 48.95
N SER B 347 -40.24 47.02 50.09
CA SER B 347 -38.78 46.95 50.31
C SER B 347 -38.39 45.64 50.99
N PRO B 348 -38.14 44.54 50.22
CA PRO B 348 -37.66 43.31 50.81
C PRO B 348 -36.33 43.48 51.53
N PHE B 349 -36.28 42.87 52.73
CA PHE B 349 -35.18 43.03 53.68
C PHE B 349 -34.13 41.92 53.45
N GLY B 350 -32.86 42.30 53.50
CA GLY B 350 -31.71 41.41 53.46
C GLY B 350 -31.25 41.08 52.07
N MET B 351 -31.42 42.01 51.16
CA MET B 351 -31.08 41.79 49.74
C MET B 351 -29.61 42.20 49.53
N ASP B 352 -28.70 41.43 50.17
CA ASP B 352 -27.25 41.63 49.93
C ASP B 352 -26.53 40.32 50.23
N ASP B 353 -25.31 40.28 49.73
CA ASP B 353 -24.50 39.07 49.84
C ASP B 353 -23.42 39.23 50.90
N THR B 354 -23.78 39.75 52.05
CA THR B 354 -22.85 39.93 53.17
C THR B 354 -22.84 38.73 54.13
N ASP B 355 -23.28 37.56 53.68
CA ASP B 355 -23.14 36.31 54.43
C ASP B 355 -24.00 36.41 55.69
N TYR B 356 -25.26 36.71 55.49
CA TYR B 356 -26.26 36.67 56.56
C TYR B 356 -27.63 36.39 55.96
N THR B 357 -28.38 35.60 56.67
CA THR B 357 -29.82 35.34 56.44
CA THR B 357 -29.82 35.36 56.43
C THR B 357 -30.56 35.47 57.78
N ASN B 358 -31.69 36.18 57.75
CA ASN B 358 -32.56 36.31 58.94
C ASN B 358 -33.61 35.21 59.00
N TYR B 359 -33.48 34.13 58.23
CA TYR B 359 -34.30 32.93 58.44
C TYR B 359 -34.28 32.60 59.92
N PRO B 360 -35.40 32.28 60.58
CA PRO B 360 -36.68 31.94 59.98
C PRO B 360 -37.57 33.06 59.47
N LEU B 361 -37.17 34.32 59.64
CA LEU B 361 -38.01 35.43 59.10
C LEU B 361 -37.95 35.45 57.56
N GLY B 362 -36.75 35.38 57.02
CA GLY B 362 -36.55 35.44 55.57
C GLY B 362 -36.11 34.09 55.00
N ALA B 363 -35.40 34.17 53.86
CA ALA B 363 -34.99 32.97 53.09
C ALA B 363 -33.92 32.22 53.87
N LYS B 364 -33.98 30.90 53.85
CA LYS B 364 -32.97 30.04 54.52
C LYS B 364 -31.64 30.24 53.81
N VAL B 365 -31.69 30.37 52.48
CA VAL B 365 -30.48 30.51 51.60
C VAL B 365 -30.65 31.78 50.78
N TYR B 366 -29.62 32.59 50.73
CA TYR B 366 -29.52 33.80 49.90
C TYR B 366 -28.67 33.49 48.68
N ASN B 367 -29.33 33.43 47.55
CA ASN B 367 -28.65 33.17 46.26
C ASN B 367 -29.45 33.78 45.11
N ASP B 368 -28.99 33.55 43.88
CA ASP B 368 -29.62 34.25 42.74
C ASP B 368 -31.11 33.91 42.66
N GLU B 369 -31.44 32.67 42.96
CA GLU B 369 -32.87 32.20 42.98
C GLU B 369 -33.66 33.07 43.99
N THR B 370 -33.10 33.35 45.16
CA THR B 370 -33.81 34.19 46.16
C THR B 370 -34.22 35.53 45.50
N ILE B 371 -33.26 36.13 44.83
CA ILE B 371 -33.38 37.45 44.23
C ILE B 371 -34.40 37.37 43.09
N GLU B 372 -34.32 36.30 42.30
CA GLU B 372 -35.17 36.15 41.09
C GLU B 372 -36.63 36.16 41.49
N GLN B 373 -37.03 35.68 42.67
CA GLN B 373 -38.51 35.65 42.95
C GLN B 373 -39.03 37.08 42.99
N PHE B 374 -38.22 38.01 43.44
CA PHE B 374 -38.63 39.42 43.46
C PHE B 374 -38.37 40.06 42.10
N ALA B 375 -37.27 39.73 41.45
CA ALA B 375 -37.01 40.32 40.11
C ALA B 375 -38.18 40.08 39.17
N GLN B 376 -38.72 38.87 39.20
CA GLN B 376 -39.85 38.49 38.33
C GLN B 376 -41.07 39.40 38.49
N VAL B 377 -41.36 39.81 39.73
CA VAL B 377 -42.60 40.60 39.94
C VAL B 377 -42.21 42.05 39.70
N TYR B 378 -40.97 42.48 40.00
CA TYR B 378 -40.59 43.87 39.69
C TYR B 378 -40.60 44.15 38.19
N ARG B 379 -40.30 43.11 37.39
CA ARG B 379 -40.31 43.23 35.90
C ARG B 379 -41.71 43.58 35.39
N LEU B 380 -42.79 43.27 36.14
CA LEU B 380 -44.12 43.65 35.70
C LEU B 380 -44.39 45.13 35.92
N VAL B 381 -43.74 45.73 36.90
CA VAL B 381 -44.05 47.14 37.29
C VAL B 381 -43.07 48.15 36.72
N ASN B 382 -41.77 47.81 36.75
CA ASN B 382 -40.75 48.75 36.26
C ASN B 382 -41.15 49.34 34.91
N PRO B 383 -41.57 48.60 33.86
CA PRO B 383 -41.78 49.25 32.57
C PRO B 383 -42.93 50.25 32.53
N MET B 384 -43.74 50.29 33.62
CA MET B 384 -44.91 51.21 33.70
C MET B 384 -44.86 51.96 35.01
N MET B 385 -43.68 52.09 35.60
CA MET B 385 -43.66 52.55 37.01
C MET B 385 -44.32 53.93 37.10
N ARG B 386 -43.93 54.88 36.25
CA ARG B 386 -44.48 56.25 36.39
C ARG B 386 -45.98 56.21 36.07
N GLU B 387 -46.37 55.48 35.06
CA GLU B 387 -47.78 55.48 34.64
C GLU B 387 -48.63 54.84 35.73
N TRP B 388 -48.18 53.73 36.29
CA TRP B 388 -48.90 53.06 37.38
C TRP B 388 -49.01 54.08 38.57
N ALA B 389 -47.90 54.72 38.94
CA ALA B 389 -47.91 55.56 40.15
C ALA B 389 -48.96 56.65 39.95
N ARG B 390 -49.01 57.25 38.77
CA ARG B 390 -50.01 58.29 38.47
C ARG B 390 -51.41 57.68 38.60
N LEU B 391 -51.65 56.52 38.02
CA LEU B 391 -53.01 55.93 38.07
C LEU B 391 -53.41 55.58 39.50
N SER B 392 -52.44 55.14 40.29
N SER B 392 -52.47 55.10 40.33
CA SER B 392 -52.69 54.73 41.69
CA SER B 392 -52.79 54.73 41.73
C SER B 392 -53.05 55.91 42.57
C SER B 392 -53.22 55.97 42.51
N TYR B 393 -52.55 57.09 42.23
CA TYR B 393 -52.83 58.32 43.00
C TYR B 393 -54.10 58.98 42.50
N GLN B 394 -54.30 59.04 41.18
N GLN B 394 -54.30 59.12 41.18
CA GLN B 394 -55.35 59.94 40.63
CA GLN B 394 -55.40 59.97 40.66
C GLN B 394 -56.47 59.13 40.01
C GLN B 394 -56.44 59.12 39.93
N GLY B 395 -56.36 57.80 40.05
CA GLY B 395 -57.35 56.92 39.43
C GLY B 395 -57.71 55.72 40.28
N GLN B 396 -58.13 54.67 39.60
CA GLN B 396 -58.61 53.45 40.25
C GLN B 396 -57.62 52.37 39.86
N VAL B 397 -57.10 51.72 40.85
CA VAL B 397 -56.23 50.52 40.68
C VAL B 397 -56.74 49.41 41.57
N TRP B 398 -56.33 48.19 41.26
CA TRP B 398 -56.65 46.98 42.00
C TRP B 398 -55.43 46.07 41.94
N GLY B 399 -55.28 45.24 42.92
CA GLY B 399 -54.16 44.28 42.94
C GLY B 399 -54.48 43.16 43.89
N VAL B 400 -54.19 41.95 43.49
CA VAL B 400 -54.47 40.70 44.22
C VAL B 400 -53.26 39.79 44.15
N ALA B 401 -53.11 39.03 45.21
CA ALA B 401 -52.17 37.90 45.33
C ALA B 401 -52.93 36.60 45.55
N GLU B 402 -52.28 35.53 45.09
CA GLU B 402 -52.78 34.16 45.26
C GLU B 402 -53.10 33.94 46.73
N PRO B 403 -54.37 33.64 47.06
CA PRO B 403 -54.84 33.73 48.46
C PRO B 403 -54.76 32.47 49.29
N LEU B 404 -54.28 31.38 48.72
CA LEU B 404 -53.91 30.20 49.51
C LEU B 404 -52.41 30.19 49.60
N ASP B 405 -51.91 29.89 50.78
CA ASP B 405 -50.48 29.68 51.00
C ASP B 405 -50.12 28.29 50.41
N SER B 406 -48.85 28.02 50.26
CA SER B 406 -48.37 26.71 49.75
C SER B 406 -48.85 25.63 50.71
N THR B 407 -49.25 24.52 50.14
CA THR B 407 -49.71 23.32 50.84
C THR B 407 -48.54 22.81 51.69
N THR B 408 -48.83 22.58 52.96
CA THR B 408 -47.91 21.98 53.95
C THR B 408 -47.77 20.44 53.81
N GLU B 409 -46.65 19.89 54.28
CA GLU B 409 -46.46 18.42 54.39
C GLU B 409 -47.62 17.86 55.19
N THR B 410 -48.16 18.61 56.18
CA THR B 410 -49.33 18.18 57.03
C THR B 410 -50.60 18.07 56.17
N GLN B 411 -50.78 18.97 55.21
CA GLN B 411 -51.95 18.97 54.31
C GLN B 411 -51.68 17.86 53.27
N LYS B 412 -50.40 17.61 52.97
CA LYS B 412 -50.00 16.58 51.98
C LYS B 412 -49.74 15.27 52.75
N LYS B 423 -61.49 14.61 48.96
CA LYS B 423 -60.46 14.81 47.88
C LYS B 423 -61.14 15.58 46.74
N GLU B 424 -62.27 15.09 46.17
CA GLU B 424 -63.08 15.85 45.14
C GLU B 424 -63.62 17.13 45.76
N GLN B 425 -64.13 17.13 47.00
CA GLN B 425 -64.74 18.32 47.63
C GLN B 425 -63.64 19.33 47.94
N HIS B 426 -62.49 18.82 48.38
CA HIS B 426 -61.31 19.65 48.70
C HIS B 426 -60.85 20.38 47.44
N LYS B 427 -60.86 19.74 46.25
CA LYS B 427 -60.44 20.39 44.98
C LYS B 427 -61.45 21.48 44.68
N LYS B 428 -62.76 21.20 44.86
CA LYS B 428 -63.82 22.21 44.60
C LYS B 428 -63.56 23.39 45.55
N ASP B 429 -63.31 23.15 46.83
CA ASP B 429 -63.10 24.18 47.87
C ASP B 429 -61.85 25.01 47.55
N ARG B 430 -60.75 24.36 47.15
CA ARG B 430 -59.50 25.11 46.82
C ARG B 430 -59.79 25.94 45.56
N ALA B 431 -60.48 25.36 44.55
CA ALA B 431 -60.74 26.04 43.27
C ALA B 431 -61.50 27.33 43.58
N SER B 432 -62.47 27.23 44.48
CA SER B 432 -63.33 28.39 44.79
C SER B 432 -62.47 29.44 45.58
N ALA B 433 -61.59 29.02 46.48
CA ALA B 433 -60.73 29.96 47.25
C ALA B 433 -59.69 30.63 46.37
N LEU B 434 -59.34 29.94 45.29
CA LEU B 434 -58.33 30.43 44.32
C LEU B 434 -59.03 31.19 43.18
N THR B 435 -60.23 31.67 43.43
CA THR B 435 -61.00 32.48 42.49
C THR B 435 -61.35 33.81 43.18
N GLN B 436 -60.87 34.92 42.67
CA GLN B 436 -61.07 36.27 43.25
C GLN B 436 -61.90 37.12 42.27
N GLN B 437 -62.87 37.85 42.80
N GLN B 437 -62.85 37.89 42.77
CA GLN B 437 -63.66 38.83 42.03
CA GLN B 437 -63.69 38.76 41.93
C GLN B 437 -63.13 40.24 42.29
C GLN B 437 -63.36 40.23 42.27
N LEU B 438 -63.11 41.04 41.24
CA LEU B 438 -62.82 42.50 41.30
C LEU B 438 -63.91 43.26 40.57
N ASP B 439 -64.47 44.25 41.23
CA ASP B 439 -65.53 45.11 40.71
C ASP B 439 -64.90 46.32 40.04
N LEU B 440 -64.85 46.35 38.70
CA LEU B 440 -64.09 47.43 38.01
C LEU B 440 -65.01 48.47 37.38
N GLY B 441 -66.22 48.59 37.94
CA GLY B 441 -67.27 49.51 37.49
C GLY B 441 -68.25 48.81 36.57
N LEU B 442 -68.21 49.12 35.28
CA LEU B 442 -69.10 48.43 34.30
C LEU B 442 -68.68 46.97 34.07
N TRP B 443 -67.46 46.63 34.44
CA TRP B 443 -66.83 45.32 34.14
C TRP B 443 -66.28 44.77 35.45
N ASP B 444 -66.31 43.46 35.61
CA ASP B 444 -65.62 42.71 36.66
C ASP B 444 -64.45 41.93 36.07
N ALA B 445 -63.47 41.65 36.90
CA ALA B 445 -62.41 40.67 36.57
C ALA B 445 -62.54 39.49 37.50
N GLU B 446 -62.31 38.31 36.98
CA GLU B 446 -62.19 37.10 37.79
C GLU B 446 -60.71 36.69 37.67
N VAL B 447 -59.99 36.64 38.78
CA VAL B 447 -58.56 36.20 38.82
C VAL B 447 -58.51 34.76 39.40
N THR B 448 -57.87 33.84 38.65
CA THR B 448 -57.72 32.47 39.09
C THR B 448 -56.24 32.07 38.96
N TYR B 449 -55.85 31.07 39.73
CA TYR B 449 -54.42 30.72 39.91
C TYR B 449 -54.18 29.21 39.74
N GLY B 450 -53.23 28.89 38.84
CA GLY B 450 -52.73 27.52 38.70
C GLY B 450 -53.61 26.70 37.77
N ARG B 451 -53.60 27.07 36.49
CA ARG B 451 -54.41 26.35 35.52
C ARG B 451 -53.76 26.53 34.17
N PRO B 452 -54.09 25.65 33.22
CA PRO B 452 -53.57 25.81 31.88
C PRO B 452 -54.02 27.09 31.22
N MET B 453 -53.37 27.37 30.08
CA MET B 453 -53.61 28.59 29.28
C MET B 453 -54.74 28.41 28.26
N PHE B 454 -55.37 27.24 28.26
CA PHE B 454 -56.37 26.78 27.27
C PHE B 454 -57.42 26.01 28.09
N TRP B 455 -58.68 26.13 27.71
CA TRP B 455 -59.82 25.37 28.27
C TRP B 455 -60.05 25.87 29.71
N VAL B 456 -60.94 25.20 30.41
CA VAL B 456 -61.52 25.73 31.70
C VAL B 456 -61.37 24.77 32.87
N THR B 457 -60.41 23.86 32.86
CA THR B 457 -60.03 23.04 34.02
C THR B 457 -59.96 23.97 35.24
N PRO B 458 -60.57 23.61 36.37
CA PRO B 458 -60.60 24.53 37.50
C PRO B 458 -59.21 24.80 38.05
N PRO B 459 -58.99 25.96 38.68
CA PRO B 459 -57.68 26.26 39.26
C PRO B 459 -57.29 25.38 40.44
N GLU B 460 -55.98 25.08 40.51
CA GLU B 460 -55.39 24.18 41.51
C GLU B 460 -54.25 24.91 42.28
N GLY B 461 -53.92 26.13 41.88
CA GLY B 461 -52.92 26.92 42.61
C GLY B 461 -51.53 26.66 42.00
N ASN B 462 -50.65 27.61 42.21
CA ASN B 462 -49.23 27.42 41.90
C ASN B 462 -48.51 26.73 43.05
N THR B 463 -47.44 26.00 42.73
CA THR B 463 -46.59 25.33 43.72
C THR B 463 -45.21 25.90 43.53
N PRO B 464 -44.65 26.74 44.41
CA PRO B 464 -45.34 27.31 45.59
C PRO B 464 -46.29 28.44 45.21
N ALA B 465 -47.16 28.81 46.11
CA ALA B 465 -48.06 29.95 45.89
C ALA B 465 -47.25 31.17 45.48
N ALA B 466 -47.67 31.85 44.42
CA ALA B 466 -46.82 32.90 43.83
C ALA B 466 -47.58 33.92 42.97
N GLY B 467 -48.82 33.65 42.60
CA GLY B 467 -49.47 34.46 41.57
C GLY B 467 -49.98 35.79 42.04
N GLY B 468 -50.29 36.63 41.07
CA GLY B 468 -51.05 37.88 41.36
C GLY B 468 -51.40 38.66 40.14
N ALA B 469 -52.07 39.79 40.31
CA ALA B 469 -52.51 40.61 39.18
C ALA B 469 -52.54 42.03 39.62
N LEU B 470 -52.37 42.91 38.66
CA LEU B 470 -52.54 44.37 38.76
C LEU B 470 -53.49 44.84 37.67
N ILE B 471 -54.44 45.72 38.02
CA ILE B 471 -55.39 46.29 37.05
C ILE B 471 -55.51 47.79 37.36
N ALA B 472 -55.45 48.63 36.33
CA ALA B 472 -55.72 50.07 36.41
C ALA B 472 -56.80 50.44 35.41
N GLN B 473 -57.70 51.31 35.83
CA GLN B 473 -58.78 51.74 34.92
C GLN B 473 -58.25 52.90 34.11
N LEU B 474 -58.30 52.80 32.79
CA LEU B 474 -57.95 53.94 31.92
C LEU B 474 -59.22 54.72 31.51
N ASP B 475 -60.34 54.03 31.35
CA ASP B 475 -61.61 54.67 30.91
C ASP B 475 -62.75 53.72 31.39
N ASP B 476 -64.00 54.07 31.14
CA ASP B 476 -65.14 53.22 31.53
C ASP B 476 -64.97 51.77 31.03
N ASN B 477 -64.43 51.58 29.83
CA ASN B 477 -64.41 50.24 29.22
C ASN B 477 -62.97 49.80 28.91
N GLU B 478 -61.98 50.43 29.49
CA GLU B 478 -60.58 50.11 29.16
C GLU B 478 -59.77 50.02 30.46
N TYR B 479 -58.91 49.01 30.53
CA TYR B 479 -58.07 48.64 31.66
C TYR B 479 -56.67 48.36 31.17
N LEU B 480 -55.72 48.73 32.02
CA LEU B 480 -54.32 48.27 31.96
C LEU B 480 -54.23 47.06 32.88
N VAL B 481 -53.64 45.95 32.39
CA VAL B 481 -53.60 44.66 33.12
C VAL B 481 -52.22 44.05 32.98
N THR B 482 -51.65 43.61 34.08
CA THR B 482 -50.46 42.74 34.04
C THR B 482 -50.62 41.73 35.15
N ALA B 483 -50.27 40.49 34.91
CA ALA B 483 -50.50 39.46 35.94
C ALA B 483 -49.36 38.43 35.89
N TYR B 484 -49.38 37.50 36.80
CA TYR B 484 -48.19 36.64 37.06
C TYR B 484 -48.73 35.32 37.55
N LYS B 485 -48.46 34.24 36.81
CA LYS B 485 -48.89 32.89 37.17
C LYS B 485 -50.38 32.87 37.49
N ALA B 486 -51.19 33.43 36.59
CA ALA B 486 -52.61 33.63 36.85
C ALA B 486 -53.38 33.83 35.56
N ARG B 487 -54.66 33.61 35.63
CA ARG B 487 -55.64 33.93 34.57
C ARG B 487 -56.47 35.12 35.05
N VAL B 488 -56.70 36.07 34.16
CA VAL B 488 -57.60 37.23 34.36
C VAL B 488 -58.70 37.16 33.30
N GLU B 489 -59.93 37.06 33.72
CA GLU B 489 -61.09 37.05 32.83
C GLU B 489 -62.00 38.25 33.11
N PHE B 490 -62.48 38.89 32.07
CA PHE B 490 -63.37 40.08 32.21
C PHE B 490 -64.79 39.60 31.89
N LYS B 491 -65.79 40.25 32.52
CA LYS B 491 -67.23 40.00 32.33
C LYS B 491 -68.00 41.26 32.73
N PRO B 492 -69.26 41.44 32.31
CA PRO B 492 -70.08 42.63 32.67
C PRO B 492 -70.24 42.59 34.18
N SER B 493 -70.20 43.74 34.85
CA SER B 493 -70.46 43.90 36.33
C SER B 493 -71.97 43.80 36.59
N GLN B 494 -72.78 44.06 35.56
CA GLN B 494 -74.26 44.12 35.72
C GLN B 494 -74.93 43.44 34.50
N GLU B 495 -76.18 43.00 34.67
CA GLU B 495 -77.06 42.46 33.60
C GLU B 495 -77.09 43.49 32.47
N LEU B 496 -76.98 43.11 31.20
CA LEU B 496 -77.04 44.11 30.11
C LEU B 496 -78.49 44.11 29.65
N ALA B 497 -79.03 45.18 29.13
CA ALA B 497 -80.49 45.18 28.86
C ALA B 497 -80.72 44.46 27.54
N GLY B 498 -80.49 43.13 27.51
CA GLY B 498 -80.61 42.33 26.27
C GLY B 498 -79.43 42.45 25.32
N LYS B 499 -78.36 43.15 25.69
CA LYS B 499 -77.11 43.27 24.88
C LYS B 499 -76.17 42.08 25.12
N LYS B 500 -75.16 41.92 24.25
CA LYS B 500 -74.12 40.90 24.44
C LYS B 500 -72.82 41.65 24.79
N PHE B 501 -71.76 40.94 25.16
CA PHE B 501 -70.51 41.62 25.51
C PHE B 501 -69.38 40.81 24.87
N MET B 502 -68.32 41.50 24.53
CA MET B 502 -67.08 40.85 24.08
C MET B 502 -65.87 41.70 24.54
N ILE B 503 -64.68 41.08 24.54
CA ILE B 503 -63.44 41.83 24.34
C ILE B 503 -63.48 42.55 22.99
N GLU B 504 -63.30 43.85 23.01
CA GLU B 504 -63.18 44.62 21.76
C GLU B 504 -61.77 44.46 21.26
N ARG B 505 -60.79 44.67 22.15
N ARG B 505 -60.81 44.65 22.17
CA ARG B 505 -59.38 44.60 21.77
CA ARG B 505 -59.38 44.64 21.80
C ARG B 505 -58.48 44.46 22.98
C ARG B 505 -58.52 44.39 23.04
N VAL B 506 -57.50 43.57 22.87
CA VAL B 506 -56.39 43.47 23.86
C VAL B 506 -55.11 43.75 23.07
N GLU B 507 -54.36 44.71 23.51
CA GLU B 507 -53.03 45.09 22.99
C GLU B 507 -51.99 44.79 24.05
N GLU B 508 -50.92 44.12 23.67
CA GLU B 508 -49.70 44.10 24.47
C GLU B 508 -48.79 45.23 23.99
N GLY B 509 -48.18 45.88 24.94
CA GLY B 509 -47.31 47.00 24.60
C GLY B 509 -46.50 47.53 25.76
N ARG B 510 -46.10 48.80 25.60
CA ARG B 510 -45.28 49.46 26.58
C ARG B 510 -45.46 50.95 26.45
N PHE B 511 -45.09 51.64 27.50
CA PHE B 511 -45.08 53.10 27.45
C PHE B 511 -43.70 53.59 27.11
N GLU B 512 -43.61 54.50 26.16
CA GLU B 512 -42.35 55.21 25.84
C GLU B 512 -42.63 56.71 25.88
N LYS B 513 -41.90 57.47 26.71
CA LYS B 513 -42.11 58.94 26.86
C LYS B 513 -43.58 59.16 27.24
N GLY B 514 -44.15 58.28 28.09
CA GLY B 514 -45.56 58.30 28.54
C GLY B 514 -46.60 58.04 27.45
N LYS B 515 -46.19 57.61 26.24
CA LYS B 515 -47.09 57.27 25.09
C LYS B 515 -47.16 55.74 24.99
N TRP B 516 -48.36 55.21 24.84
CA TRP B 516 -48.54 53.77 24.58
C TRP B 516 -48.01 53.39 23.19
N VAL B 517 -47.25 52.31 23.13
CA VAL B 517 -46.69 51.70 21.88
C VAL B 517 -47.19 50.27 21.84
N MET B 518 -47.99 49.96 20.86
CA MET B 518 -48.57 48.60 20.69
C MET B 518 -47.47 47.69 20.15
N GLU B 519 -47.30 46.52 20.73
CA GLU B 519 -46.40 45.50 20.15
C GLU B 519 -47.20 44.48 19.33
N ARG B 520 -48.32 43.99 19.86
CA ARG B 520 -49.13 42.99 19.18
C ARG B 520 -50.51 42.99 19.80
N VAL B 521 -51.46 42.46 19.10
CA VAL B 521 -52.83 42.24 19.58
C VAL B 521 -52.96 40.80 20.07
N TRP B 522 -53.36 40.61 21.32
CA TRP B 522 -53.81 39.31 21.82
C TRP B 522 -55.21 39.03 21.31
N ASN B 523 -55.38 37.86 20.71
CA ASN B 523 -56.67 37.44 20.18
C ASN B 523 -56.71 35.92 20.03
N GLY B 524 -57.83 35.38 19.60
CA GLY B 524 -57.90 33.93 19.40
C GLY B 524 -57.63 33.17 20.67
N ASP B 525 -56.74 32.17 20.62
CA ASP B 525 -56.47 31.32 21.78
C ASP B 525 -56.02 32.21 22.97
N GLN B 526 -55.38 33.33 22.72
CA GLN B 526 -54.79 34.13 23.83
C GLN B 526 -55.90 34.91 24.55
N THR B 527 -57.11 35.02 23.99
CA THR B 527 -58.24 35.71 24.72
C THR B 527 -59.48 34.82 24.91
N ASP B 528 -59.52 33.63 24.35
CA ASP B 528 -60.68 32.74 24.44
C ASP B 528 -60.86 32.21 25.88
N TRP B 529 -59.78 32.05 26.65
CA TRP B 529 -59.74 31.33 27.95
C TRP B 529 -59.20 32.30 28.97
N GLY B 530 -59.74 33.54 28.95
CA GLY B 530 -59.19 34.62 29.77
C GLY B 530 -57.83 35.03 29.31
N LEU B 531 -57.16 35.85 30.10
CA LEU B 531 -55.81 36.36 29.81
C LEU B 531 -54.84 35.62 30.73
N ASN B 532 -54.01 34.75 30.12
CA ASN B 532 -53.19 33.81 30.88
C ASN B 532 -51.76 34.31 30.92
N PHE B 533 -51.22 34.37 32.11
CA PHE B 533 -49.88 34.92 32.39
C PHE B 533 -49.06 33.81 33.05
N THR B 534 -47.79 33.73 32.65
CA THR B 534 -46.85 32.82 33.31
C THR B 534 -45.90 33.65 34.17
N ASP B 535 -44.63 33.38 34.09
CA ASP B 535 -43.63 34.18 34.83
C ASP B 535 -43.08 35.37 34.01
N ARG B 536 -43.44 35.51 32.75
CA ARG B 536 -42.83 36.56 31.90
C ARG B 536 -43.72 37.77 31.91
N PRO B 537 -43.14 38.95 31.78
CA PRO B 537 -43.88 40.19 31.82
C PRO B 537 -44.64 40.48 30.53
N HIS B 538 -45.91 40.82 30.66
CA HIS B 538 -46.73 41.33 29.54
C HIS B 538 -47.66 42.43 30.09
N LEU B 539 -47.60 43.60 29.48
CA LEU B 539 -48.52 44.68 29.89
C LEU B 539 -49.58 44.84 28.85
N LEU B 540 -50.82 44.72 29.24
CA LEU B 540 -51.93 44.70 28.25
C LEU B 540 -52.84 45.91 28.47
N ARG B 541 -53.42 46.42 27.38
CA ARG B 541 -54.58 47.32 27.37
C ARG B 541 -55.79 46.56 26.86
N VAL B 542 -56.79 46.41 27.69
CA VAL B 542 -58.00 45.58 27.52
C VAL B 542 -59.19 46.53 27.38
N LYS B 543 -59.78 46.55 26.21
CA LYS B 543 -60.99 47.33 25.88
C LYS B 543 -62.15 46.31 25.78
N MET B 544 -63.18 46.49 26.59
CA MET B 544 -64.41 45.68 26.64
C MET B 544 -65.53 46.41 25.91
N ALA B 545 -66.51 45.69 25.35
CA ALA B 545 -67.66 46.35 24.68
C ALA B 545 -68.90 45.53 24.93
N SER B 546 -70.03 46.23 25.17
CA SER B 546 -71.38 45.66 25.12
C SER B 546 -71.89 46.01 23.75
N TYR B 547 -72.69 45.15 23.16
CA TYR B 547 -73.22 45.41 21.80
C TYR B 547 -74.63 44.83 21.70
N SER B 548 -75.41 45.53 20.88
CA SER B 548 -76.81 45.19 20.59
C SER B 548 -76.89 43.99 19.62
N VAL B 549 -77.81 43.07 19.86
CA VAL B 549 -78.18 42.00 18.88
C VAL B 549 -79.70 42.08 18.51
N GLN B 550 -80.35 43.22 18.77
CA GLN B 550 -81.72 43.52 18.26
C GLN B 550 -82.72 42.57 18.91
N ALA C 11 14.15 -1.00 1.81
CA ALA C 11 12.70 -1.08 2.01
C ALA C 11 12.44 -1.64 3.40
N ALA C 12 11.27 -1.39 3.92
CA ALA C 12 10.89 -1.88 5.24
C ALA C 12 10.73 -3.41 5.14
N PRO C 13 11.17 -4.17 6.16
CA PRO C 13 10.89 -5.59 6.13
C PRO C 13 9.39 -5.81 6.08
N LEU C 14 8.98 -6.85 5.41
CA LEU C 14 7.58 -7.32 5.45
C LEU C 14 7.21 -7.68 6.87
N PRO C 15 6.00 -7.34 7.30
CA PRO C 15 5.44 -8.02 8.46
C PRO C 15 5.48 -9.55 8.33
N GLU C 16 5.66 -10.23 9.46
CA GLU C 16 5.73 -11.71 9.49
C GLU C 16 5.26 -12.17 10.87
N LEU C 17 4.63 -13.31 10.89
CA LEU C 17 4.32 -14.01 12.14
C LEU C 17 5.42 -15.07 12.36
N LEU C 18 6.20 -14.85 13.41
CA LEU C 18 7.24 -15.78 13.88
C LEU C 18 6.63 -16.74 14.89
N SER C 19 7.08 -17.96 14.87
CA SER C 19 6.71 -18.99 15.88
C SER C 19 7.97 -19.78 16.22
N ASN C 20 8.37 -19.81 17.47
CA ASN C 20 9.60 -20.50 17.90
C ASN C 20 9.44 -20.85 19.38
N ASN C 21 9.76 -22.07 19.77
CA ASN C 21 9.79 -22.51 21.20
C ASN C 21 8.40 -22.34 21.80
N GLY C 22 7.35 -22.59 21.03
CA GLY C 22 5.96 -22.48 21.52
C GLY C 22 5.52 -21.04 21.76
N LYS C 23 6.33 -20.05 21.38
CA LYS C 23 5.99 -18.62 21.46
C LYS C 23 5.79 -18.06 20.06
N HIS C 24 5.17 -16.89 19.97
CA HIS C 24 4.82 -16.24 18.69
C HIS C 24 5.06 -14.73 18.79
N ALA C 25 5.35 -14.09 17.67
CA ALA C 25 5.47 -12.63 17.56
C ALA C 25 4.94 -12.24 16.21
N LEU C 26 4.19 -11.15 16.15
CA LEU C 26 3.87 -10.46 14.91
C LEU C 26 4.96 -9.41 14.74
N MET C 27 5.85 -9.62 13.76
CA MET C 27 6.94 -8.68 13.50
C MET C 27 6.36 -7.63 12.59
N VAL C 28 6.58 -6.38 12.97
CA VAL C 28 6.21 -5.19 12.18
C VAL C 28 7.39 -4.26 12.19
N ASP C 29 7.90 -3.88 10.99
CA ASP C 29 9.09 -3.02 10.82
C ASP C 29 10.25 -3.72 11.52
N GLY C 30 10.28 -5.06 11.51
CA GLY C 30 11.49 -5.75 12.01
C GLY C 30 11.55 -5.91 13.50
N ALA C 31 10.46 -5.70 14.22
CA ALA C 31 10.41 -6.08 15.64
C ALA C 31 8.99 -6.48 16.03
N PRO C 32 8.87 -7.20 17.18
CA PRO C 32 7.56 -7.58 17.68
C PRO C 32 6.64 -6.37 17.89
N TYR C 33 5.37 -6.61 17.60
CA TYR C 33 4.32 -5.57 17.61
C TYR C 33 3.06 -6.16 18.25
N ILE C 34 2.35 -5.30 19.02
CA ILE C 34 1.01 -5.65 19.56
C ILE C 34 -0.03 -4.83 18.85
N ILE C 35 -1.03 -5.51 18.27
CA ILE C 35 -2.23 -4.83 17.72
C ILE C 35 -3.09 -4.44 18.95
N LEU C 36 -3.14 -3.12 19.23
CA LEU C 36 -4.14 -2.54 20.13
C LEU C 36 -5.18 -1.96 19.20
N GLY C 37 -6.15 -2.80 18.87
CA GLY C 37 -6.94 -2.50 17.69
C GLY C 37 -8.24 -1.79 17.91
N SER C 38 -8.77 -1.24 16.84
N SER C 38 -8.75 -1.26 16.82
CA SER C 38 -10.18 -0.81 16.73
CA SER C 38 -10.14 -0.76 16.65
C SER C 38 -10.72 -1.45 15.45
C SER C 38 -10.69 -1.51 15.43
N GLN C 39 -11.94 -1.91 15.44
CA GLN C 39 -12.52 -2.55 14.27
C GLN C 39 -13.83 -1.86 13.93
N THR C 40 -14.02 -1.53 12.70
CA THR C 40 -15.25 -0.88 12.24
C THR C 40 -16.46 -1.81 12.28
N ASN C 41 -17.66 -1.19 12.31
CA ASN C 41 -18.92 -1.82 11.90
C ASN C 41 -18.78 -2.28 10.41
N ASN C 42 -19.67 -3.15 10.02
CA ASN C 42 -19.61 -3.90 8.73
C ASN C 42 -19.88 -2.98 7.54
N SER C 43 -20.46 -1.81 7.69
CA SER C 43 -20.84 -0.91 6.59
C SER C 43 -20.07 0.40 6.62
N SER C 44 -18.85 0.36 7.10
CA SER C 44 -17.98 1.54 7.23
C SER C 44 -16.84 1.53 6.19
N ASN C 45 -16.94 0.59 5.24
CA ASN C 45 -15.85 0.38 4.27
C ASN C 45 -15.99 1.29 3.06
N TYR C 46 -16.28 2.58 3.26
CA TYR C 46 -16.47 3.53 2.16
C TYR C 46 -15.85 4.86 2.52
N PRO C 47 -15.31 5.62 1.55
CA PRO C 47 -14.63 6.87 1.85
C PRO C 47 -15.45 7.78 2.78
N ASP C 48 -16.74 7.92 2.53
CA ASP C 48 -17.63 8.88 3.25
C ASP C 48 -17.78 8.42 4.71
N ALA C 49 -17.61 7.12 5.04
CA ALA C 49 -17.78 6.60 6.42
C ALA C 49 -16.52 6.86 7.26
N LEU C 50 -15.34 7.09 6.67
CA LEU C 50 -14.08 7.09 7.45
C LEU C 50 -14.09 8.25 8.49
N LYS C 51 -14.76 9.36 8.17
CA LYS C 51 -14.89 10.51 9.14
C LYS C 51 -15.58 10.04 10.43
N ASP C 52 -16.36 8.99 10.40
CA ASP C 52 -17.04 8.42 11.57
C ASP C 52 -16.23 7.31 12.22
N VAL C 53 -15.06 6.98 11.67
CA VAL C 53 -14.19 5.89 12.17
C VAL C 53 -12.98 6.51 12.85
N TRP C 54 -12.32 7.48 12.23
CA TRP C 54 -11.06 7.98 12.84
C TRP C 54 -11.20 8.57 14.24
N PRO C 55 -12.24 9.40 14.51
CA PRO C 55 -12.25 9.99 15.85
C PRO C 55 -12.29 8.94 16.95
N SER C 56 -13.09 7.90 16.77
CA SER C 56 -13.16 6.80 17.74
C SER C 56 -11.79 6.17 17.93
N MET C 57 -11.07 5.96 16.83
CA MET C 57 -9.76 5.29 16.94
C MET C 57 -8.80 6.17 17.75
N GLU C 58 -8.83 7.49 17.53
N GLU C 58 -8.83 7.49 17.53
CA GLU C 58 -7.99 8.44 18.28
CA GLU C 58 -8.02 8.47 18.27
C GLU C 58 -8.37 8.44 19.76
C GLU C 58 -8.37 8.43 19.76
N LYS C 59 -9.66 8.47 20.07
CA LYS C 59 -10.08 8.49 21.49
C LYS C 59 -9.67 7.20 22.16
N MET C 60 -9.69 6.09 21.41
CA MET C 60 -9.38 4.77 21.99
C MET C 60 -7.86 4.65 22.18
N GLY C 61 -7.05 5.39 21.43
CA GLY C 61 -5.59 5.15 21.48
C GLY C 61 -5.17 3.89 20.71
N ALA C 62 -5.97 3.44 19.75
CA ALA C 62 -5.63 2.21 18.98
C ALA C 62 -4.48 2.51 18.03
N ASN C 63 -3.68 1.47 17.79
CA ASN C 63 -2.53 1.58 16.82
C ASN C 63 -2.86 0.93 15.49
N THR C 64 -3.95 0.20 15.38
CA THR C 64 -4.27 -0.60 14.16
C THR C 64 -5.78 -0.63 13.93
N LEU C 65 -6.23 -0.33 12.73
CA LEU C 65 -7.65 -0.40 12.35
C LEU C 65 -7.93 -1.65 11.58
N SER C 66 -8.88 -2.44 11.96
CA SER C 66 -9.45 -3.56 11.20
C SER C 66 -10.67 -3.05 10.48
N ILE C 67 -10.69 -3.15 9.18
CA ILE C 67 -11.79 -2.58 8.36
C ILE C 67 -11.98 -3.45 7.11
N PRO C 68 -13.20 -3.69 6.65
CA PRO C 68 -13.42 -4.55 5.51
C PRO C 68 -12.96 -3.93 4.20
N VAL C 69 -12.57 -4.85 3.29
CA VAL C 69 -12.53 -4.54 1.85
C VAL C 69 -13.37 -5.65 1.21
N ALA C 70 -14.44 -5.27 0.53
CA ALA C 70 -15.45 -6.20 0.06
C ALA C 70 -15.19 -6.57 -1.40
N TRP C 71 -15.43 -7.84 -1.71
CA TRP C 71 -15.32 -8.24 -3.16
C TRP C 71 -16.30 -7.39 -3.98
N GLU C 72 -17.52 -7.11 -3.47
CA GLU C 72 -18.50 -6.37 -4.25
C GLU C 72 -18.01 -4.97 -4.58
N GLN C 73 -17.18 -4.36 -3.72
CA GLN C 73 -16.68 -3.00 -4.00
C GLN C 73 -15.48 -2.98 -4.90
N ILE C 74 -14.63 -4.01 -4.84
CA ILE C 74 -13.43 -3.94 -5.73
C ILE C 74 -13.69 -4.56 -7.10
N GLU C 75 -14.70 -5.38 -7.28
CA GLU C 75 -15.01 -6.00 -8.60
C GLU C 75 -16.50 -5.96 -8.86
N PRO C 76 -17.11 -4.74 -8.90
CA PRO C 76 -18.58 -4.64 -8.96
C PRO C 76 -19.18 -5.22 -10.24
N VAL C 77 -18.34 -5.23 -11.29
CA VAL C 77 -18.65 -5.88 -12.58
C VAL C 77 -17.45 -6.79 -12.88
N GLU C 78 -17.64 -7.97 -13.45
CA GLU C 78 -16.50 -8.95 -13.53
C GLU C 78 -15.40 -8.35 -14.43
N GLY C 79 -14.19 -8.33 -13.90
CA GLY C 79 -13.00 -7.82 -14.57
C GLY C 79 -12.81 -6.34 -14.43
N GLN C 80 -13.75 -5.62 -13.80
CA GLN C 80 -13.66 -4.13 -13.79
C GLN C 80 -13.30 -3.70 -12.35
N PHE C 81 -12.02 -3.60 -12.02
CA PHE C 81 -11.59 -3.46 -10.61
C PHE C 81 -11.59 -1.99 -10.19
N ASP C 82 -11.91 -1.77 -8.92
CA ASP C 82 -11.98 -0.40 -8.39
C ASP C 82 -11.38 -0.41 -6.98
N PHE C 83 -10.22 0.23 -6.84
CA PHE C 83 -9.47 0.30 -5.59
C PHE C 83 -9.59 1.71 -4.97
N SER C 84 -10.56 2.51 -5.43
CA SER C 84 -10.78 3.89 -4.93
C SER C 84 -10.90 3.92 -3.41
N PHE C 85 -11.51 2.93 -2.81
CA PHE C 85 -11.67 2.90 -1.35
C PHE C 85 -10.33 2.62 -0.69
N VAL C 86 -9.59 1.65 -1.22
CA VAL C 86 -8.31 1.27 -0.60
C VAL C 86 -7.34 2.45 -0.71
N ASP C 87 -7.38 3.23 -1.79
CA ASP C 87 -6.44 4.39 -1.96
C ASP C 87 -6.67 5.41 -0.82
N VAL C 88 -7.93 5.79 -0.63
CA VAL C 88 -8.33 6.79 0.41
C VAL C 88 -7.96 6.23 1.79
N LEU C 89 -8.33 4.99 2.03
CA LEU C 89 -8.00 4.34 3.34
C LEU C 89 -6.50 4.40 3.61
N LEU C 90 -5.65 3.97 2.66
CA LEU C 90 -4.19 3.98 2.88
C LEU C 90 -3.71 5.40 3.21
N LYS C 91 -4.17 6.39 2.46
CA LYS C 91 -3.71 7.79 2.63
C LYS C 91 -4.14 8.30 4.02
N GLU C 92 -5.36 8.00 4.42
CA GLU C 92 -5.91 8.57 5.68
C GLU C 92 -5.24 7.87 6.87
N ALA C 93 -4.96 6.58 6.74
CA ALA C 93 -4.24 5.79 7.77
C ALA C 93 -2.84 6.36 7.96
N ARG C 94 -2.16 6.62 6.85
CA ARG C 94 -0.79 7.11 6.95
C ARG C 94 -0.77 8.51 7.60
N GLN C 95 -1.71 9.41 7.23
CA GLN C 95 -1.80 10.79 7.81
C GLN C 95 -1.89 10.64 9.34
N ARG C 96 -2.50 9.58 9.81
CA ARG C 96 -2.75 9.39 11.25
C ARG C 96 -1.71 8.46 11.91
N LYS C 97 -0.77 7.97 11.15
CA LYS C 97 0.38 7.18 11.63
C LYS C 97 -0.23 5.98 12.34
N VAL C 98 -1.18 5.33 11.72
CA VAL C 98 -1.69 4.03 12.21
C VAL C 98 -1.53 2.94 11.14
N ARG C 99 -1.66 1.69 11.56
CA ARG C 99 -1.62 0.55 10.64
C ARG C 99 -3.02 -0.03 10.43
N LEU C 100 -3.10 -0.90 9.44
CA LEU C 100 -4.33 -1.48 8.92
C LEU C 100 -4.28 -3.00 8.94
N VAL C 101 -5.41 -3.58 9.29
CA VAL C 101 -5.71 -4.99 8.98
C VAL C 101 -6.91 -4.99 8.07
N LEU C 102 -6.76 -5.46 6.82
CA LEU C 102 -7.90 -5.48 5.88
C LEU C 102 -8.67 -6.78 6.01
N LEU C 103 -9.97 -6.71 6.00
CA LEU C 103 -10.84 -7.88 6.18
C LEU C 103 -11.48 -8.20 4.84
N TRP C 104 -10.97 -9.22 4.15
CA TRP C 104 -11.49 -9.61 2.83
C TRP C 104 -12.84 -10.28 2.97
N PHE C 105 -13.90 -9.56 2.64
CA PHE C 105 -15.25 -10.09 2.74
C PHE C 105 -15.61 -10.53 1.31
N ALA C 106 -15.76 -11.82 1.13
CA ALA C 106 -15.77 -12.40 -0.22
C ALA C 106 -16.72 -13.60 -0.27
N THR C 107 -16.19 -14.82 -0.49
CA THR C 107 -17.01 -16.03 -0.55
C THR C 107 -17.85 -16.19 0.72
N TRP C 108 -17.25 -16.00 1.89
CA TRP C 108 -18.04 -16.03 3.14
C TRP C 108 -17.86 -14.75 3.94
N LYS C 109 -19.01 -14.25 4.40
CA LYS C 109 -19.05 -13.24 5.44
C LYS C 109 -20.16 -13.71 6.36
N ASN C 110 -19.80 -14.21 7.54
CA ASN C 110 -20.79 -14.81 8.45
C ASN C 110 -21.63 -15.85 7.68
N ASN C 111 -20.92 -16.82 7.06
CA ASN C 111 -21.48 -18.02 6.39
C ASN C 111 -22.02 -17.70 4.99
N ALA C 112 -22.22 -16.43 4.64
CA ALA C 112 -23.05 -16.02 3.49
C ALA C 112 -22.27 -15.20 2.45
N PRO C 113 -22.78 -15.13 1.20
CA PRO C 113 -22.12 -14.40 0.12
C PRO C 113 -22.62 -12.99 -0.14
N HIS C 114 -23.11 -12.33 0.93
CA HIS C 114 -23.74 -11.00 0.77
C HIS C 114 -22.74 -9.98 0.24
N TYR C 115 -21.44 -10.13 0.55
CA TYR C 115 -20.40 -9.18 0.10
C TYR C 115 -19.74 -9.61 -1.20
N ALA C 116 -20.16 -10.72 -1.75
CA ALA C 116 -19.65 -11.08 -3.10
C ALA C 116 -20.43 -10.21 -4.07
N PRO C 117 -19.90 -9.82 -5.27
CA PRO C 117 -20.59 -9.02 -6.26
C PRO C 117 -21.92 -9.68 -6.69
N ALA C 118 -22.79 -8.87 -7.24
CA ALA C 118 -24.11 -9.32 -7.70
C ALA C 118 -23.98 -10.46 -8.73
N TRP C 119 -22.98 -10.33 -9.59
CA TRP C 119 -22.74 -11.31 -10.66
C TRP C 119 -22.20 -12.62 -10.10
N VAL C 120 -21.79 -12.65 -8.84
CA VAL C 120 -21.54 -13.93 -8.12
C VAL C 120 -22.80 -14.40 -7.36
N LYS C 121 -23.27 -13.60 -6.39
CA LYS C 121 -24.24 -14.14 -5.41
C LYS C 121 -25.58 -14.37 -6.07
N LEU C 122 -25.84 -13.81 -7.26
CA LEU C 122 -27.13 -14.08 -7.93
C LEU C 122 -27.02 -15.15 -9.01
N ASP C 123 -25.88 -15.85 -9.08
CA ASP C 123 -25.64 -16.86 -10.14
C ASP C 123 -25.29 -18.22 -9.50
N ASN C 124 -26.31 -18.92 -8.99
CA ASN C 124 -26.13 -20.15 -8.22
C ASN C 124 -25.58 -21.25 -9.13
N ALA C 125 -25.97 -21.28 -10.41
CA ALA C 125 -25.46 -22.35 -11.29
C ALA C 125 -23.93 -22.25 -11.37
N ARG C 126 -23.43 -21.04 -11.55
CA ARG C 126 -21.99 -20.84 -11.68
C ARG C 126 -21.30 -20.96 -10.33
N PHE C 127 -21.96 -20.45 -9.31
CA PHE C 127 -21.37 -20.32 -7.95
C PHE C 127 -22.30 -20.94 -6.93
N PRO C 128 -22.24 -22.28 -6.79
CA PRO C 128 -23.29 -23.00 -6.09
C PRO C 128 -23.24 -22.91 -4.57
N ARG C 129 -24.46 -22.92 -4.03
CA ARG C 129 -24.80 -22.98 -2.60
C ARG C 129 -24.80 -24.40 -2.02
N VAL C 130 -24.48 -24.48 -0.74
CA VAL C 130 -24.73 -25.65 0.11
C VAL C 130 -26.15 -26.12 -0.14
N VAL C 131 -26.30 -27.40 -0.39
CA VAL C 131 -27.61 -28.11 -0.41
C VAL C 131 -27.72 -28.97 0.85
N LYS C 132 -28.86 -28.86 1.54
CA LYS C 132 -29.19 -29.69 2.72
C LYS C 132 -29.43 -31.15 2.30
N GLU C 133 -29.34 -32.01 3.28
CA GLU C 133 -29.62 -33.46 3.12
C GLU C 133 -31.05 -33.60 2.53
N ASP C 134 -31.97 -32.65 2.84
CA ASP C 134 -33.37 -32.76 2.32
C ASP C 134 -33.53 -32.07 0.93
N GLY C 135 -32.47 -31.57 0.32
CA GLY C 135 -32.55 -31.02 -1.05
C GLY C 135 -32.82 -29.55 -1.03
N ASP C 136 -33.15 -28.94 0.12
CA ASP C 136 -33.31 -27.45 0.25
C ASP C 136 -31.91 -26.81 0.18
N THR C 137 -31.86 -25.54 -0.18
CA THR C 137 -30.62 -24.81 -0.50
C THR C 137 -30.44 -23.78 0.60
N LEU C 138 -29.24 -23.64 1.15
CA LEU C 138 -28.93 -22.53 2.07
C LEU C 138 -28.16 -21.42 1.37
N ASN C 139 -28.23 -20.22 1.94
CA ASN C 139 -27.50 -19.09 1.33
C ASN C 139 -26.09 -19.06 1.87
N SER C 140 -25.33 -20.07 1.56
CA SER C 140 -23.94 -20.28 1.99
C SER C 140 -23.25 -20.93 0.78
N LEU C 141 -22.19 -20.33 0.25
CA LEU C 141 -21.57 -20.92 -0.96
C LEU C 141 -20.80 -22.19 -0.58
N SER C 142 -20.92 -23.22 -1.42
CA SER C 142 -20.18 -24.47 -1.19
C SER C 142 -18.70 -24.24 -1.42
N PRO C 143 -17.83 -24.79 -0.54
CA PRO C 143 -16.39 -24.77 -0.75
C PRO C 143 -15.92 -25.73 -1.85
N LEU C 144 -16.83 -26.52 -2.42
CA LEU C 144 -16.49 -27.39 -3.57
C LEU C 144 -16.82 -26.69 -4.88
N GLY C 145 -17.34 -25.45 -4.89
CA GLY C 145 -17.55 -24.68 -6.12
C GLY C 145 -16.26 -24.17 -6.75
N GLN C 146 -15.76 -24.89 -7.75
CA GLN C 146 -14.43 -24.58 -8.32
C GLN C 146 -14.48 -23.17 -8.91
N ASN C 147 -15.62 -22.77 -9.50
CA ASN C 147 -15.65 -21.47 -10.22
C ASN C 147 -15.60 -20.37 -9.15
N THR C 148 -16.21 -20.64 -7.99
CA THR C 148 -16.25 -19.63 -6.90
C THR C 148 -14.82 -19.41 -6.40
N LEU C 149 -14.10 -20.50 -6.19
CA LEU C 149 -12.72 -20.43 -5.68
C LEU C 149 -11.87 -19.64 -6.71
N ALA C 150 -12.01 -19.94 -8.03
CA ALA C 150 -11.18 -19.25 -9.01
C ALA C 150 -11.44 -17.74 -9.02
N ALA C 151 -12.72 -17.37 -8.84
CA ALA C 151 -13.12 -15.97 -8.93
C ALA C 151 -12.69 -15.22 -7.65
N ASP C 152 -12.84 -15.82 -6.47
CA ASP C 152 -12.42 -15.20 -5.19
C ASP C 152 -10.92 -14.96 -5.31
N LYS C 153 -10.20 -16.04 -5.65
CA LYS C 153 -8.71 -15.96 -5.77
C LYS C 153 -8.35 -14.80 -6.72
N LYS C 154 -8.98 -14.76 -7.88
CA LYS C 154 -8.63 -13.73 -8.90
C LYS C 154 -8.76 -12.32 -8.29
N ALA C 155 -9.87 -12.07 -7.61
CA ALA C 155 -10.08 -10.71 -7.02
C ALA C 155 -9.10 -10.45 -5.87
N PHE C 156 -8.86 -11.47 -5.05
CA PHE C 156 -7.93 -11.38 -3.92
C PHE C 156 -6.55 -11.05 -4.42
N VAL C 157 -6.15 -11.70 -5.49
CA VAL C 157 -4.84 -11.44 -6.11
C VAL C 157 -4.77 -9.99 -6.58
N GLU C 158 -5.87 -9.45 -7.17
CA GLU C 158 -5.81 -8.04 -7.61
C GLU C 158 -5.73 -7.13 -6.37
N LEU C 159 -6.43 -7.45 -5.27
CA LEU C 159 -6.22 -6.63 -4.05
C LEU C 159 -4.75 -6.67 -3.63
N MET C 160 -4.15 -7.86 -3.63
CA MET C 160 -2.77 -8.02 -3.16
C MET C 160 -1.83 -7.35 -4.15
N LYS C 161 -2.19 -7.28 -5.42
CA LYS C 161 -1.33 -6.55 -6.38
C LYS C 161 -1.38 -5.06 -6.08
N TYR C 162 -2.54 -4.58 -5.66
CA TYR C 162 -2.69 -3.14 -5.37
C TYR C 162 -1.79 -2.82 -4.16
N LEU C 163 -1.78 -3.70 -3.14
CA LEU C 163 -0.88 -3.46 -1.98
C LEU C 163 0.59 -3.60 -2.38
N ALA C 164 0.91 -4.55 -3.26
CA ALA C 164 2.29 -4.70 -3.67
C ALA C 164 2.76 -3.41 -4.32
N LYS C 165 1.92 -2.83 -5.17
CA LYS C 165 2.33 -1.63 -5.96
C LYS C 165 2.16 -0.30 -5.19
N ARG C 166 1.21 -0.23 -4.24
CA ARG C 166 0.87 1.08 -3.65
C ARG C 166 1.11 1.12 -2.14
N ASP C 167 1.66 0.09 -1.52
CA ASP C 167 1.81 0.05 -0.04
C ASP C 167 3.19 -0.48 0.33
N LYS C 168 4.24 0.13 -0.22
CA LYS C 168 5.64 -0.37 -0.10
C LYS C 168 6.10 -0.36 1.35
N ASP C 169 5.52 0.49 2.21
CA ASP C 169 5.94 0.61 3.64
C ASP C 169 5.00 -0.20 4.54
N HIS C 170 4.10 -0.95 3.97
CA HIS C 170 3.27 -1.94 4.68
C HIS C 170 2.40 -1.20 5.74
N THR C 171 1.69 -0.19 5.30
CA THR C 171 0.59 0.41 6.14
C THR C 171 -0.31 -0.76 6.55
N VAL C 172 -0.67 -1.60 5.57
CA VAL C 172 -1.43 -2.84 5.83
C VAL C 172 -0.48 -3.92 6.30
N ILE C 173 -0.68 -4.42 7.52
CA ILE C 173 0.28 -5.36 8.18
C ILE C 173 -0.21 -6.78 8.07
N MET C 174 -1.51 -6.98 7.85
CA MET C 174 -2.06 -8.34 7.90
C MET C 174 -3.40 -8.26 7.16
N VAL C 175 -3.84 -9.40 6.61
CA VAL C 175 -5.13 -9.53 5.90
C VAL C 175 -5.89 -10.73 6.43
N GLN C 176 -7.13 -10.49 6.80
CA GLN C 176 -8.05 -11.55 7.17
C GLN C 176 -8.71 -12.07 5.89
N VAL C 177 -8.63 -13.36 5.69
CA VAL C 177 -9.16 -14.00 4.48
C VAL C 177 -10.54 -14.51 4.79
N GLN C 178 -11.56 -13.90 4.18
CA GLN C 178 -12.99 -14.19 4.46
C GLN C 178 -13.33 -13.65 5.85
N ASN C 179 -14.57 -13.86 6.24
CA ASN C 179 -14.97 -13.39 7.58
C ASN C 179 -15.98 -14.39 8.15
N GLU C 180 -15.62 -15.14 9.22
CA GLU C 180 -16.53 -16.11 9.86
C GLU C 180 -17.11 -17.04 8.79
N VAL C 181 -16.20 -17.84 8.24
CA VAL C 181 -16.61 -18.88 7.26
C VAL C 181 -17.47 -19.93 7.94
N GLY C 182 -18.16 -20.72 7.12
CA GLY C 182 -18.92 -21.88 7.56
C GLY C 182 -20.34 -21.82 7.08
N THR C 183 -21.16 -22.67 7.64
CA THR C 183 -22.58 -22.74 7.26
C THR C 183 -23.45 -22.88 8.54
N TYR C 184 -24.49 -22.04 8.59
CA TYR C 184 -25.66 -22.17 9.49
C TYR C 184 -26.69 -23.02 8.78
N GLY C 185 -27.32 -23.96 9.51
CA GLY C 185 -28.55 -24.64 9.05
C GLY C 185 -28.24 -26.00 8.44
N ALA C 186 -26.96 -26.40 8.34
CA ALA C 186 -26.54 -27.73 7.88
C ALA C 186 -25.08 -27.90 8.27
N VAL C 187 -24.63 -29.13 8.31
CA VAL C 187 -23.24 -29.47 8.76
C VAL C 187 -22.25 -29.35 7.59
N ARG C 188 -22.71 -29.66 6.38
CA ARG C 188 -21.84 -29.60 5.18
C ARG C 188 -22.72 -29.44 3.96
N ASP C 189 -22.11 -29.35 2.78
CA ASP C 189 -22.81 -29.46 1.49
C ASP C 189 -23.16 -30.92 1.27
N TYR C 190 -24.41 -31.19 0.94
CA TYR C 190 -24.92 -32.55 0.58
C TYR C 190 -25.31 -32.59 -0.90
N SER C 191 -24.85 -31.64 -1.69
CA SER C 191 -25.09 -31.61 -3.18
C SER C 191 -24.47 -32.86 -3.80
N PRO C 192 -24.99 -33.32 -4.94
CA PRO C 192 -24.30 -34.42 -5.62
C PRO C 192 -22.78 -34.25 -5.72
N MET C 193 -22.34 -33.03 -6.08
CA MET C 193 -20.92 -32.66 -6.25
C MET C 193 -20.18 -32.96 -4.93
N ALA C 194 -20.77 -32.54 -3.79
CA ALA C 194 -20.12 -32.73 -2.52
C ALA C 194 -20.16 -34.22 -2.11
N GLN C 195 -21.31 -34.86 -2.27
CA GLN C 195 -21.55 -36.27 -1.87
C GLN C 195 -20.47 -37.16 -2.55
N ALA C 196 -20.09 -36.88 -3.80
CA ALA C 196 -19.10 -37.70 -4.53
C ALA C 196 -17.71 -37.54 -3.88
N VAL C 197 -17.36 -36.38 -3.40
CA VAL C 197 -16.06 -36.15 -2.70
C VAL C 197 -16.16 -36.78 -1.31
N PHE C 198 -17.29 -36.61 -0.62
CA PHE C 198 -17.49 -37.23 0.72
C PHE C 198 -17.39 -38.76 0.68
N ASN C 199 -17.99 -39.40 -0.35
CA ASN C 199 -17.99 -40.89 -0.45
C ASN C 199 -16.58 -41.42 -0.84
N ALA C 200 -15.67 -40.56 -1.32
CA ALA C 200 -14.31 -40.96 -1.76
C ALA C 200 -13.30 -40.97 -0.61
N ALA C 201 -12.11 -41.42 -0.91
CA ALA C 201 -10.93 -41.36 -0.04
C ALA C 201 -10.74 -39.97 0.57
N VAL C 202 -10.43 -39.97 1.86
CA VAL C 202 -9.83 -38.75 2.49
C VAL C 202 -8.48 -38.52 1.81
N PRO C 203 -8.16 -37.28 1.31
CA PRO C 203 -6.90 -36.94 0.60
C PRO C 203 -5.76 -37.43 1.48
N ASP C 204 -4.72 -37.96 0.84
CA ASP C 204 -3.57 -38.61 1.51
C ASP C 204 -2.90 -37.62 2.44
N ASP C 205 -2.83 -36.35 2.04
CA ASP C 205 -2.10 -35.32 2.85
C ASP C 205 -2.77 -35.16 4.22
N LEU C 206 -4.10 -35.16 4.27
CA LEU C 206 -4.78 -35.01 5.57
C LEU C 206 -4.49 -36.26 6.40
N ILE C 207 -4.58 -37.41 5.76
CA ILE C 207 -4.38 -38.69 6.48
C ILE C 207 -2.97 -38.75 7.05
N GLN C 208 -2.00 -38.32 6.24
CA GLN C 208 -0.55 -38.42 6.58
C GLN C 208 -0.30 -37.45 7.74
N LYS C 209 -0.91 -36.26 7.68
CA LYS C 209 -0.66 -35.21 8.71
C LYS C 209 -1.31 -35.60 10.04
N LEU C 210 -2.53 -36.12 10.00
CA LEU C 210 -3.26 -36.55 11.21
C LEU C 210 -2.76 -37.93 11.69
N GLN C 211 -1.94 -38.59 10.86
CA GLN C 211 -1.33 -39.91 11.18
C GLN C 211 -2.44 -40.91 11.41
N LEU C 212 -3.43 -40.90 10.51
CA LEU C 212 -4.63 -41.79 10.60
C LEU C 212 -4.53 -42.92 9.56
N LYS C 213 -5.33 -43.96 9.71
CA LYS C 213 -5.45 -45.09 8.72
C LYS C 213 -6.23 -44.57 7.53
N PRO C 214 -5.74 -44.75 6.27
CA PRO C 214 -6.44 -44.33 5.05
C PRO C 214 -7.86 -44.88 5.04
N GLY C 215 -8.75 -44.22 4.31
CA GLY C 215 -10.17 -44.61 4.19
C GLY C 215 -11.03 -43.50 3.68
N THR C 216 -12.32 -43.74 3.56
CA THR C 216 -13.23 -42.67 3.14
C THR C 216 -13.53 -41.79 4.35
N TRP C 217 -14.27 -40.72 4.13
CA TRP C 217 -14.59 -39.74 5.21
C TRP C 217 -15.35 -40.47 6.30
N SER C 218 -16.33 -41.30 5.95
CA SER C 218 -17.17 -41.96 6.96
C SER C 218 -16.29 -42.97 7.73
N GLN C 219 -15.44 -43.74 7.02
CA GLN C 219 -14.62 -44.80 7.66
C GLN C 219 -13.70 -44.15 8.67
N VAL C 220 -13.14 -43.01 8.26
CA VAL C 220 -12.00 -42.39 8.96
C VAL C 220 -12.55 -41.63 10.16
N PHE C 221 -13.63 -40.86 9.97
CA PHE C 221 -14.06 -39.85 10.97
C PHE C 221 -15.35 -40.25 11.66
N GLY C 222 -16.05 -41.30 11.21
CA GLY C 222 -17.27 -41.76 11.88
C GLY C 222 -18.25 -40.62 12.04
N ARG C 223 -18.78 -40.44 13.26
CA ARG C 223 -19.84 -39.44 13.61
C ARG C 223 -19.34 -38.01 13.28
N ASP C 224 -18.02 -37.76 13.24
CA ASP C 224 -17.46 -36.44 12.92
C ASP C 224 -17.29 -36.21 11.42
N ALA C 225 -17.59 -37.21 10.58
CA ALA C 225 -17.27 -37.11 9.14
C ALA C 225 -17.92 -35.85 8.49
N ASP C 226 -19.22 -35.59 8.66
CA ASP C 226 -19.84 -34.47 7.92
C ASP C 226 -19.19 -33.11 8.31
N GLU C 227 -18.99 -32.87 9.59
CA GLU C 227 -18.42 -31.58 10.10
C GLU C 227 -16.95 -31.47 9.71
N PHE C 228 -16.20 -32.55 9.89
CA PHE C 228 -14.76 -32.48 9.56
C PHE C 228 -14.58 -32.28 8.05
N PHE C 229 -15.47 -32.90 7.29
CA PHE C 229 -15.45 -32.71 5.81
C PHE C 229 -15.66 -31.24 5.44
N HIS C 230 -16.68 -30.59 6.02
CA HIS C 230 -16.91 -29.17 5.72
C HIS C 230 -15.72 -28.31 6.16
N ALA C 231 -15.18 -28.57 7.35
CA ALA C 231 -14.01 -27.84 7.87
C ALA C 231 -12.85 -28.01 6.88
N TYR C 232 -12.60 -29.24 6.43
CA TYR C 232 -11.46 -29.50 5.55
C TYR C 232 -11.65 -28.75 4.23
N GLN C 233 -12.83 -28.85 3.62
CA GLN C 233 -13.09 -28.23 2.30
C GLN C 233 -13.02 -26.71 2.38
N ILE C 234 -13.52 -26.13 3.48
CA ILE C 234 -13.45 -24.65 3.63
C ILE C 234 -11.98 -24.23 3.88
N ALA C 235 -11.26 -25.00 4.71
CA ALA C 235 -9.85 -24.73 5.04
C ALA C 235 -9.01 -24.77 3.74
N ARG C 236 -9.26 -25.78 2.91
CA ARG C 236 -8.52 -25.87 1.62
C ARG C 236 -8.79 -24.67 0.72
N TYR C 237 -10.05 -24.27 0.68
CA TYR C 237 -10.48 -23.13 -0.15
C TYR C 237 -9.71 -21.89 0.31
N CYS C 238 -9.76 -21.69 1.63
CA CYS C 238 -9.16 -20.46 2.20
C CYS C 238 -7.65 -20.52 2.08
N ASP C 239 -7.07 -21.72 2.16
CA ASP C 239 -5.59 -21.87 1.99
C ASP C 239 -5.22 -21.50 0.55
N GLU C 240 -6.01 -21.96 -0.42
CA GLU C 240 -5.70 -21.67 -1.84
C GLU C 240 -5.78 -20.16 -2.13
N VAL C 241 -6.80 -19.49 -1.54
CA VAL C 241 -6.89 -18.02 -1.72
C VAL C 241 -5.66 -17.34 -1.09
N THR C 242 -5.30 -17.77 0.10
CA THR C 242 -4.16 -17.21 0.85
C THR C 242 -2.89 -17.37 0.04
N VAL C 243 -2.65 -18.59 -0.48
CA VAL C 243 -1.36 -18.86 -1.19
C VAL C 243 -1.29 -17.93 -2.40
N ALA C 244 -2.40 -17.79 -3.11
CA ALA C 244 -2.38 -16.99 -4.34
C ALA C 244 -2.07 -15.51 -4.00
N GLY C 245 -2.68 -15.00 -2.95
CA GLY C 245 -2.43 -13.61 -2.54
C GLY C 245 -1.00 -13.45 -2.01
N LYS C 246 -0.53 -14.40 -1.24
CA LYS C 246 0.86 -14.30 -0.65
C LYS C 246 1.90 -14.39 -1.75
N ALA C 247 1.59 -15.10 -2.85
CA ALA C 247 2.50 -15.19 -4.01
C ALA C 247 2.73 -13.76 -4.56
N ILE C 248 1.79 -12.84 -4.32
CA ILE C 248 1.90 -11.43 -4.82
C ILE C 248 2.61 -10.60 -3.76
N LYS C 249 2.13 -10.69 -2.53
CA LYS C 249 2.76 -9.96 -1.40
C LYS C 249 2.54 -10.83 -0.18
N ASN C 250 3.65 -11.24 0.46
CA ASN C 250 3.65 -12.29 1.51
C ASN C 250 3.39 -11.64 2.87
N LEU C 251 2.21 -11.02 2.99
CA LEU C 251 1.74 -10.54 4.30
C LEU C 251 1.27 -11.72 5.13
N PRO C 252 1.30 -11.58 6.49
CA PRO C 252 0.54 -12.46 7.35
C PRO C 252 -0.96 -12.47 7.03
N MET C 253 -1.58 -13.62 7.05
CA MET C 253 -3.02 -13.79 6.75
C MET C 253 -3.61 -14.79 7.72
N TYR C 254 -4.86 -14.53 8.10
CA TYR C 254 -5.48 -15.32 9.17
C TYR C 254 -6.97 -15.43 8.83
N VAL C 255 -7.63 -16.35 9.49
CA VAL C 255 -9.08 -16.46 9.47
C VAL C 255 -9.66 -16.22 10.90
N ASN C 256 -10.89 -15.76 10.95
CA ASN C 256 -11.56 -15.41 12.23
C ASN C 256 -12.81 -16.27 12.43
N VAL C 257 -12.99 -16.81 13.61
CA VAL C 257 -13.94 -17.90 13.87
C VAL C 257 -15.20 -17.34 14.58
N ALA C 258 -16.32 -17.70 14.03
CA ALA C 258 -17.63 -17.62 14.74
C ALA C 258 -17.64 -18.79 15.75
N LEU C 259 -17.25 -18.49 16.97
CA LEU C 259 -16.99 -19.55 17.96
C LEU C 259 -18.26 -20.34 18.29
N ARG C 260 -18.04 -21.60 18.59
CA ARG C 260 -19.02 -22.41 19.33
C ARG C 260 -18.72 -22.23 20.80
N ASN C 261 -19.74 -22.39 21.63
CA ASN C 261 -19.57 -22.28 23.09
C ASN C 261 -18.76 -23.49 23.50
N PRO C 262 -17.49 -23.36 24.00
CA PRO C 262 -16.62 -24.52 24.22
C PRO C 262 -17.13 -25.51 25.25
N PHE C 263 -18.02 -25.03 26.14
CA PHE C 263 -18.58 -25.85 27.26
C PHE C 263 -19.95 -26.43 26.98
N ASN C 264 -20.61 -26.01 25.92
CA ASN C 264 -22.03 -26.38 25.63
C ASN C 264 -22.29 -25.93 24.20
N PRO C 265 -21.63 -26.55 23.20
CA PRO C 265 -21.61 -25.99 21.85
C PRO C 265 -22.90 -26.14 21.08
N GLY C 266 -23.73 -27.08 21.50
CA GLY C 266 -24.81 -27.58 20.66
C GLY C 266 -24.28 -28.23 19.39
N LEU C 267 -25.08 -28.14 18.34
CA LEU C 267 -24.81 -28.93 17.11
C LEU C 267 -24.20 -28.12 16.00
N PRO C 268 -23.27 -28.69 15.21
CA PRO C 268 -22.80 -27.96 14.04
C PRO C 268 -23.96 -27.66 13.09
N GLY C 269 -24.00 -26.42 12.62
CA GLY C 269 -25.14 -25.85 11.88
C GLY C 269 -26.03 -25.01 12.80
N GLN C 270 -26.08 -25.28 14.11
CA GLN C 270 -26.60 -24.28 15.08
C GLN C 270 -25.49 -23.26 15.30
N TYR C 271 -24.28 -23.76 15.54
CA TYR C 271 -23.07 -22.91 15.34
C TYR C 271 -22.59 -23.04 13.90
N SER C 272 -21.70 -22.15 13.49
CA SER C 272 -21.28 -22.04 12.06
C SER C 272 -20.38 -23.22 11.71
N SER C 273 -20.97 -24.25 11.11
CA SER C 273 -20.25 -25.52 10.84
C SER C 273 -19.13 -25.29 9.82
N GLY C 274 -17.93 -25.76 10.11
CA GLY C 274 -16.79 -25.77 9.15
C GLY C 274 -15.82 -24.63 9.39
N GLY C 275 -16.14 -23.60 10.17
CA GLY C 275 -15.17 -22.64 10.62
C GLY C 275 -14.22 -23.30 11.61
N GLY C 276 -13.21 -22.54 12.01
CA GLY C 276 -12.17 -23.07 12.91
C GLY C 276 -12.58 -23.17 14.36
N THR C 277 -13.69 -23.88 14.61
CA THR C 277 -14.16 -24.13 15.97
C THR C 277 -13.20 -25.07 16.70
N ASP C 278 -13.31 -25.19 18.00
CA ASP C 278 -12.21 -25.75 18.82
C ASP C 278 -12.01 -27.21 18.46
N ASN C 279 -13.08 -27.86 17.99
CA ASN C 279 -13.06 -29.32 17.72
C ASN C 279 -12.46 -29.63 16.35
N VAL C 280 -12.26 -28.63 15.50
CA VAL C 280 -11.70 -28.85 14.13
C VAL C 280 -10.41 -28.05 13.91
N LEU C 281 -9.79 -27.53 14.96
CA LEU C 281 -8.49 -26.82 14.82
C LEU C 281 -7.46 -27.77 14.20
N HIS C 282 -7.54 -29.05 14.52
CA HIS C 282 -6.54 -30.02 13.99
C HIS C 282 -6.76 -30.16 12.48
N ILE C 283 -7.99 -30.13 12.03
CA ILE C 283 -8.31 -30.27 10.60
C ILE C 283 -7.81 -29.00 9.91
N TRP C 284 -8.20 -27.80 10.43
CA TRP C 284 -7.75 -26.54 9.83
C TRP C 284 -6.21 -26.50 9.75
N LYS C 285 -5.51 -26.90 10.81
CA LYS C 285 -4.03 -26.74 10.78
C LYS C 285 -3.42 -27.71 9.75
N ALA C 286 -3.95 -28.90 9.63
CA ALA C 286 -3.46 -29.85 8.60
C ALA C 286 -3.81 -29.38 7.17
N ALA C 287 -4.99 -28.80 6.98
CA ALA C 287 -5.57 -28.50 5.64
C ALA C 287 -5.01 -27.17 5.10
N ALA C 288 -4.64 -26.26 5.99
CA ALA C 288 -4.34 -24.86 5.62
C ALA C 288 -3.01 -24.42 6.19
N PRO C 289 -1.92 -25.03 5.72
CA PRO C 289 -0.59 -24.72 6.25
C PRO C 289 -0.04 -23.31 5.91
N ASN C 290 -0.66 -22.66 4.93
CA ASN C 290 -0.30 -21.27 4.55
C ASN C 290 -1.10 -20.19 5.36
N ILE C 291 -2.10 -20.57 6.14
CA ILE C 291 -2.84 -19.57 6.93
C ILE C 291 -2.08 -19.45 8.27
N ASP C 292 -1.71 -18.19 8.62
CA ASP C 292 -0.76 -17.97 9.72
C ASP C 292 -1.35 -18.35 11.05
N LEU C 293 -2.62 -18.04 11.27
CA LEU C 293 -3.28 -18.30 12.59
C LEU C 293 -4.80 -18.28 12.40
N ILE C 294 -5.45 -18.92 13.36
CA ILE C 294 -6.92 -19.05 13.48
C ILE C 294 -7.31 -18.23 14.73
N ALA C 295 -8.07 -17.19 14.51
CA ALA C 295 -8.36 -16.16 15.51
C ALA C 295 -9.78 -16.27 16.01
N PRO C 296 -9.98 -16.27 17.35
CA PRO C 296 -11.34 -16.26 17.88
C PRO C 296 -12.01 -14.89 17.83
N ASP C 297 -13.32 -14.93 17.58
CA ASP C 297 -14.23 -13.76 17.65
C ASP C 297 -15.00 -13.90 18.95
N ILE C 298 -14.70 -13.10 19.98
CA ILE C 298 -15.23 -13.41 21.33
C ILE C 298 -16.42 -12.50 21.65
N TYR C 299 -17.61 -13.07 21.84
CA TYR C 299 -18.76 -12.29 22.34
C TYR C 299 -19.34 -12.93 23.59
N PHE C 300 -18.70 -13.96 24.16
CA PHE C 300 -19.13 -14.50 25.48
C PHE C 300 -18.71 -13.45 26.48
N ARG C 301 -19.56 -13.15 27.41
CA ARG C 301 -19.28 -12.09 28.44
C ARG C 301 -18.57 -12.65 29.64
N ASP C 302 -18.83 -13.93 29.92
CA ASP C 302 -18.50 -14.50 31.24
C ASP C 302 -17.07 -14.97 31.27
N TYR C 303 -16.38 -14.63 32.33
CA TYR C 303 -14.94 -14.94 32.50
C TYR C 303 -14.61 -16.40 32.22
N LYS C 304 -15.37 -17.34 32.72
CA LYS C 304 -15.00 -18.78 32.57
C LYS C 304 -14.97 -19.15 31.09
N THR C 305 -15.91 -18.65 30.32
CA THR C 305 -15.99 -19.08 28.92
C THR C 305 -14.91 -18.36 28.15
N VAL C 306 -14.76 -17.07 28.37
CA VAL C 306 -13.74 -16.29 27.68
C VAL C 306 -12.38 -16.93 27.97
N SER C 307 -12.07 -17.22 29.21
CA SER C 307 -10.78 -17.80 29.61
C SER C 307 -10.58 -19.14 28.88
N LYS C 308 -11.63 -19.93 28.77
CA LYS C 308 -11.54 -21.24 28.08
C LYS C 308 -11.22 -21.00 26.59
N VAL C 309 -11.87 -20.02 25.97
CA VAL C 309 -11.56 -19.70 24.54
C VAL C 309 -10.07 -19.29 24.39
N LEU C 310 -9.56 -18.42 25.23
CA LEU C 310 -8.17 -17.99 25.13
C LEU C 310 -7.24 -19.21 25.31
N GLU C 311 -7.60 -20.12 26.20
CA GLU C 311 -6.83 -21.37 26.42
C GLU C 311 -6.80 -22.18 25.12
N LEU C 312 -7.97 -22.39 24.53
CA LEU C 312 -8.08 -23.31 23.38
C LEU C 312 -7.39 -22.73 22.15
N TYR C 313 -7.37 -21.43 21.96
CA TYR C 313 -6.83 -20.83 20.72
C TYR C 313 -5.35 -20.52 20.88
N THR C 314 -4.79 -20.55 22.09
CA THR C 314 -3.35 -20.28 22.31
C THR C 314 -2.63 -21.63 22.30
N ARG C 315 -1.88 -21.89 21.26
CA ARG C 315 -1.26 -23.24 21.08
C ARG C 315 0.15 -23.06 20.53
N PRO C 316 1.03 -24.07 20.66
CA PRO C 316 2.38 -23.96 20.09
C PRO C 316 2.29 -23.66 18.60
N ASP C 317 1.24 -24.22 17.97
CA ASP C 317 0.99 -24.03 16.52
C ASP C 317 0.03 -22.88 16.18
N ASN C 318 -0.35 -22.01 17.14
CA ASN C 318 -1.38 -21.00 16.84
C ASN C 318 -1.14 -19.80 17.75
N ALA C 319 -0.63 -18.72 17.17
CA ALA C 319 -0.58 -17.42 17.87
C ALA C 319 -2.00 -16.99 18.22
N LEU C 320 -2.15 -16.38 19.42
CA LEU C 320 -3.44 -15.81 19.85
C LEU C 320 -3.64 -14.40 19.34
N PHE C 321 -4.66 -14.23 18.53
CA PHE C 321 -5.07 -12.90 18.06
C PHE C 321 -6.55 -12.81 18.34
N VAL C 322 -6.98 -11.90 19.23
CA VAL C 322 -8.45 -11.73 19.48
C VAL C 322 -8.96 -10.78 18.42
N ALA C 323 -9.30 -11.40 17.27
CA ALA C 323 -9.59 -10.67 16.04
C ALA C 323 -10.84 -9.80 16.14
N GLU C 324 -11.76 -10.24 16.98
CA GLU C 324 -12.94 -9.45 17.30
C GLU C 324 -13.23 -9.75 18.78
N ILE C 325 -13.71 -8.71 19.47
CA ILE C 325 -14.30 -8.92 20.81
C ILE C 325 -15.42 -7.91 20.98
N GLY C 326 -16.40 -8.23 21.79
CA GLY C 326 -17.50 -7.25 21.98
C GLY C 326 -16.98 -5.94 22.56
N ASN C 327 -17.71 -4.86 22.31
CA ASN C 327 -17.27 -3.49 22.68
C ASN C 327 -17.97 -3.02 23.97
N ASP C 328 -18.71 -3.89 24.61
CA ASP C 328 -19.32 -3.54 25.93
C ASP C 328 -18.21 -3.50 26.99
N GLN C 329 -18.49 -2.82 28.11
CA GLN C 329 -17.52 -2.62 29.16
C GLN C 329 -16.91 -3.92 29.65
N PRO C 330 -17.63 -5.03 29.89
CA PRO C 330 -17.01 -6.24 30.50
C PRO C 330 -15.84 -6.79 29.69
N PHE C 331 -15.79 -6.43 28.41
CA PHE C 331 -14.82 -7.07 27.49
C PHE C 331 -13.44 -6.45 27.61
N ALA C 332 -13.33 -5.21 28.07
CA ALA C 332 -12.06 -4.49 28.05
C ALA C 332 -10.98 -5.24 28.88
N ARG C 333 -11.33 -5.86 29.99
CA ARG C 333 -10.33 -6.41 30.90
C ARG C 333 -9.68 -7.67 30.26
N TYR C 334 -10.33 -8.25 29.22
CA TYR C 334 -9.74 -9.47 28.62
C TYR C 334 -8.51 -9.09 27.80
N LEU C 335 -8.16 -7.82 27.68
CA LEU C 335 -6.86 -7.47 27.09
C LEU C 335 -5.77 -8.14 27.93
N PHE C 336 -5.91 -8.14 29.25
CA PHE C 336 -4.83 -8.53 30.15
C PHE C 336 -4.47 -10.01 29.92
N PRO C 337 -5.42 -10.94 30.05
CA PRO C 337 -5.12 -12.35 29.80
C PRO C 337 -4.72 -12.59 28.36
N THR C 338 -5.24 -11.81 27.42
CA THR C 338 -4.88 -11.98 26.00
C THR C 338 -3.38 -11.70 25.85
N LEU C 339 -2.87 -10.63 26.44
CA LEU C 339 -1.43 -10.30 26.36
C LEU C 339 -0.67 -11.32 27.21
N GLY C 340 -1.20 -11.73 28.36
CA GLY C 340 -0.44 -12.64 29.24
C GLY C 340 -0.17 -14.01 28.60
N LYS C 341 -1.05 -14.43 27.69
CA LYS C 341 -0.92 -15.69 26.91
C LYS C 341 0.05 -15.49 25.77
N GLY C 342 0.65 -14.32 25.64
CA GLY C 342 1.55 -13.97 24.53
C GLY C 342 0.78 -13.57 23.29
N GLY C 343 -0.46 -13.16 23.46
CA GLY C 343 -1.28 -12.69 22.35
C GLY C 343 -0.61 -11.59 21.58
N ILE C 344 -0.86 -11.57 20.26
CA ILE C 344 -0.28 -10.54 19.38
C ILE C 344 -1.23 -9.36 19.21
N GLY C 345 -2.47 -9.50 19.68
CA GLY C 345 -3.40 -8.39 19.44
C GLY C 345 -4.79 -8.66 19.96
N PHE C 346 -5.60 -7.62 19.80
CA PHE C 346 -6.90 -7.49 20.48
C PHE C 346 -7.66 -6.42 19.69
N SER C 347 -8.86 -6.68 19.20
CA SER C 347 -9.56 -5.76 18.27
C SER C 347 -11.04 -5.71 18.60
N PRO C 348 -11.47 -4.79 19.53
CA PRO C 348 -12.87 -4.61 19.79
C PRO C 348 -13.65 -4.21 18.55
N PHE C 349 -14.84 -4.83 18.43
CA PHE C 349 -15.67 -4.72 17.26
C PHE C 349 -16.68 -3.59 17.42
N GLY C 350 -16.85 -2.82 16.37
CA GLY C 350 -17.88 -1.79 16.29
C GLY C 350 -17.45 -0.45 16.84
N MET C 351 -16.20 -0.11 16.75
CA MET C 351 -15.65 1.14 17.30
C MET C 351 -15.77 2.27 16.28
N ASP C 352 -17.03 2.60 15.89
CA ASP C 352 -17.22 3.76 15.05
C ASP C 352 -18.59 4.38 15.37
N ASP C 353 -18.75 5.59 14.86
CA ASP C 353 -19.99 6.36 15.11
C ASP C 353 -20.90 6.33 13.88
N THR C 354 -21.10 5.19 13.26
CA THR C 354 -21.97 5.05 12.05
C THR C 354 -23.40 4.64 12.45
N ASP C 355 -23.79 4.94 13.70
CA ASP C 355 -25.21 4.81 14.17
C ASP C 355 -25.62 3.36 14.13
N TYR C 356 -24.78 2.51 14.71
CA TYR C 356 -25.07 1.07 14.84
C TYR C 356 -24.44 0.50 16.10
N THR C 357 -25.21 -0.36 16.75
N THR C 357 -25.17 -0.31 16.84
CA THR C 357 -24.82 -1.16 17.94
CA THR C 357 -24.53 -1.21 17.82
C THR C 357 -25.20 -2.62 17.70
C THR C 357 -25.14 -2.59 17.68
N ASN C 358 -24.25 -3.53 17.89
CA ASN C 358 -24.58 -4.96 17.79
C ASN C 358 -25.03 -5.52 19.12
N TYR C 359 -25.42 -4.65 20.09
CA TYR C 359 -26.13 -5.14 21.27
C TYR C 359 -27.28 -6.05 20.83
N PRO C 360 -27.52 -7.21 21.46
CA PRO C 360 -26.90 -7.61 22.73
C PRO C 360 -25.49 -8.19 22.76
N LEU C 361 -24.77 -8.29 21.61
CA LEU C 361 -23.37 -8.80 21.65
C LEU C 361 -22.47 -7.73 22.28
N GLY C 362 -22.60 -6.49 21.87
CA GLY C 362 -21.79 -5.37 22.33
C GLY C 362 -22.59 -4.37 23.16
N ALA C 363 -22.07 -3.16 23.22
CA ALA C 363 -22.58 -2.09 24.10
C ALA C 363 -23.96 -1.65 23.63
N LYS C 364 -24.88 -1.42 24.58
CA LYS C 364 -26.26 -1.02 24.21
C LYS C 364 -26.18 0.40 23.63
N VAL C 365 -25.25 1.24 24.12
CA VAL C 365 -25.10 2.63 23.65
C VAL C 365 -23.64 2.80 23.25
N TYR C 366 -23.42 3.45 22.11
CA TYR C 366 -22.09 3.84 21.62
C TYR C 366 -21.87 5.34 21.82
N ASN C 367 -20.99 5.62 22.76
CA ASN C 367 -20.60 7.02 23.11
C ASN C 367 -19.20 7.04 23.71
N ASP C 368 -18.75 8.22 24.12
CA ASP C 368 -17.36 8.41 24.53
C ASP C 368 -17.04 7.48 25.70
N GLU C 369 -18.00 7.22 26.57
CA GLU C 369 -17.79 6.33 27.72
C GLU C 369 -17.50 4.91 27.16
N THR C 370 -18.21 4.46 26.15
CA THR C 370 -17.96 3.12 25.60
C THR C 370 -16.48 3.04 25.24
N ILE C 371 -16.01 4.04 24.55
CA ILE C 371 -14.61 4.04 24.03
C ILE C 371 -13.65 4.09 25.19
N GLU C 372 -13.96 4.91 26.18
CA GLU C 372 -13.03 5.14 27.29
C GLU C 372 -12.73 3.84 28.06
N GLN C 373 -13.64 2.87 28.13
CA GLN C 373 -13.35 1.62 28.83
C GLN C 373 -12.13 0.95 28.17
N PHE C 374 -12.05 0.99 26.85
CA PHE C 374 -10.89 0.41 26.16
C PHE C 374 -9.70 1.35 26.21
N ALA C 375 -9.92 2.67 26.04
CA ALA C 375 -8.84 3.66 26.12
C ALA C 375 -8.06 3.47 27.40
N GLN C 376 -8.77 3.22 28.50
CA GLN C 376 -8.07 3.14 29.79
C GLN C 376 -7.12 1.95 29.85
N VAL C 377 -7.48 0.86 29.22
CA VAL C 377 -6.56 -0.32 29.30
C VAL C 377 -5.47 -0.17 28.25
N TYR C 378 -5.78 0.38 27.11
CA TYR C 378 -4.73 0.57 26.03
C TYR C 378 -3.64 1.51 26.55
N ARG C 379 -4.00 2.47 27.43
CA ARG C 379 -3.04 3.46 28.01
C ARG C 379 -2.01 2.74 28.87
N LEU C 380 -2.30 1.53 29.36
CA LEU C 380 -1.29 0.76 30.13
C LEU C 380 -0.23 0.16 29.20
N VAL C 381 -0.60 -0.10 27.96
CA VAL C 381 0.25 -0.92 27.07
C VAL C 381 0.94 -0.05 26.06
N ASN C 382 0.23 0.93 25.49
CA ASN C 382 0.85 1.86 24.50
C ASN C 382 2.23 2.34 24.94
N PRO C 383 2.44 2.83 26.18
CA PRO C 383 3.74 3.40 26.48
C PRO C 383 4.92 2.40 26.49
N MET C 384 4.62 1.10 26.51
CA MET C 384 5.64 0.02 26.49
C MET C 384 5.37 -0.91 25.32
N MET C 385 4.63 -0.51 24.30
CA MET C 385 4.15 -1.56 23.35
C MET C 385 5.32 -2.39 22.75
N ARG C 386 6.39 -1.75 22.30
CA ARG C 386 7.46 -2.55 21.64
C ARG C 386 8.21 -3.39 22.66
N GLU C 387 8.42 -2.86 23.87
CA GLU C 387 9.17 -3.57 24.92
C GLU C 387 8.36 -4.77 25.36
N TRP C 388 7.07 -4.57 25.63
CA TRP C 388 6.21 -5.72 25.98
C TRP C 388 6.21 -6.74 24.86
N ALA C 389 6.07 -6.29 23.63
CA ALA C 389 5.95 -7.28 22.53
C ALA C 389 7.24 -8.15 22.49
N ARG C 390 8.41 -7.53 22.67
N ARG C 390 8.41 -7.53 22.67
CA ARG C 390 9.71 -8.26 22.71
CA ARG C 390 9.71 -8.27 22.70
C ARG C 390 9.75 -9.23 23.90
C ARG C 390 9.76 -9.22 23.90
N LEU C 391 9.31 -8.79 25.08
CA LEU C 391 9.34 -9.63 26.28
C LEU C 391 8.39 -10.81 26.14
N SER C 392 7.24 -10.60 25.50
N SER C 392 7.23 -10.63 25.46
CA SER C 392 6.27 -11.71 25.31
CA SER C 392 6.16 -11.68 25.27
C SER C 392 6.92 -12.82 24.45
C SER C 392 6.49 -12.63 24.10
N TYR C 393 7.58 -12.38 23.40
CA TYR C 393 8.14 -13.39 22.49
C TYR C 393 9.38 -14.07 23.11
N GLN C 394 10.30 -13.26 23.61
CA GLN C 394 11.66 -13.74 23.95
C GLN C 394 11.65 -14.19 25.38
N GLY C 395 10.65 -13.85 26.17
CA GLY C 395 10.75 -14.12 27.60
C GLY C 395 9.44 -14.56 28.23
N GLN C 396 9.28 -14.20 29.51
CA GLN C 396 8.16 -14.69 30.29
C GLN C 396 7.25 -13.51 30.60
N VAL C 397 5.98 -13.71 30.30
CA VAL C 397 4.95 -12.71 30.66
C VAL C 397 3.76 -13.42 31.27
N TRP C 398 2.93 -12.63 31.96
CA TRP C 398 1.72 -13.10 32.61
C TRP C 398 0.69 -11.97 32.51
N GLY C 399 -0.56 -12.34 32.56
CA GLY C 399 -1.65 -11.36 32.61
C GLY C 399 -2.92 -12.01 33.13
N VAL C 400 -3.65 -11.26 33.96
CA VAL C 400 -4.90 -11.74 34.57
C VAL C 400 -5.94 -10.64 34.46
N ALA C 401 -7.19 -11.07 34.42
CA ALA C 401 -8.37 -10.22 34.54
C ALA C 401 -9.14 -10.63 35.80
N GLU C 402 -9.94 -9.66 36.25
CA GLU C 402 -10.85 -9.85 37.41
C GLU C 402 -11.76 -11.03 37.11
N PRO C 403 -11.75 -12.09 37.96
CA PRO C 403 -12.30 -13.38 37.57
C PRO C 403 -13.75 -13.61 37.93
N LEU C 404 -14.37 -12.65 38.63
CA LEU C 404 -15.85 -12.70 38.83
C LEU C 404 -16.47 -11.63 37.94
N ASP C 405 -17.57 -11.97 37.29
CA ASP C 405 -18.33 -11.05 36.46
C ASP C 405 -19.14 -10.17 37.43
N SER C 406 -19.66 -9.06 36.92
CA SER C 406 -20.51 -8.13 37.73
C SER C 406 -21.68 -8.94 38.26
N THR C 407 -22.00 -8.67 39.53
CA THR C 407 -23.12 -9.32 40.26
C THR C 407 -24.44 -9.07 39.55
N THR C 408 -25.20 -10.15 39.29
CA THR C 408 -26.53 -10.20 38.63
C THR C 408 -27.59 -10.07 39.71
N ALA C 416 -29.68 -12.24 47.29
CA ALA C 416 -29.05 -10.97 47.75
C ALA C 416 -29.81 -10.48 48.99
N GLU C 417 -30.24 -11.41 49.83
CA GLU C 417 -31.14 -11.15 51.01
C GLU C 417 -31.26 -12.40 51.89
N ALA C 418 -30.15 -12.89 52.47
CA ALA C 418 -30.16 -14.10 53.32
C ALA C 418 -29.49 -13.85 54.68
N THR C 419 -29.24 -14.97 55.38
CA THR C 419 -28.70 -15.04 56.77
C THR C 419 -27.52 -14.11 56.89
N PRO C 420 -27.36 -13.31 57.97
CA PRO C 420 -26.12 -12.58 58.16
C PRO C 420 -24.94 -13.57 58.15
N GLU C 421 -25.18 -14.81 58.60
CA GLU C 421 -24.16 -15.89 58.46
C GLU C 421 -23.95 -16.20 56.97
N GLU C 422 -25.00 -16.08 56.14
CA GLU C 422 -25.00 -16.21 54.65
C GLU C 422 -24.13 -15.14 53.98
N LYS C 423 -24.39 -13.86 54.31
CA LYS C 423 -23.68 -12.65 53.80
C LYS C 423 -22.19 -12.82 54.10
N GLU C 424 -21.80 -13.04 55.36
CA GLU C 424 -20.36 -13.15 55.78
C GLU C 424 -19.70 -14.30 54.99
N GLN C 425 -20.41 -15.41 54.74
CA GLN C 425 -19.83 -16.58 54.05
C GLN C 425 -19.65 -16.21 52.58
N HIS C 426 -20.65 -15.53 52.01
CA HIS C 426 -20.66 -15.11 50.58
C HIS C 426 -19.47 -14.16 50.38
N LYS C 427 -19.19 -13.29 51.38
CA LYS C 427 -18.12 -12.28 51.28
C LYS C 427 -16.74 -12.97 51.27
N LYS C 428 -16.53 -13.96 52.15
CA LYS C 428 -15.31 -14.83 52.25
C LYS C 428 -15.08 -15.53 50.90
N ASP C 429 -16.13 -16.12 50.33
CA ASP C 429 -16.09 -16.87 49.05
C ASP C 429 -15.63 -15.94 47.94
N ARG C 430 -16.22 -14.75 47.83
N ARG C 430 -16.29 -14.80 47.80
CA ARG C 430 -15.91 -13.79 46.74
CA ARG C 430 -15.92 -13.75 46.81
C ARG C 430 -14.48 -13.28 46.97
C ARG C 430 -14.44 -13.45 47.00
N ALA C 431 -14.05 -13.05 48.21
CA ALA C 431 -12.67 -12.59 48.47
C ALA C 431 -11.70 -13.64 47.89
N SER C 432 -11.92 -14.93 48.22
CA SER C 432 -11.03 -16.03 47.81
C SER C 432 -11.00 -16.12 46.25
N ALA C 433 -12.14 -16.01 45.61
CA ALA C 433 -12.30 -16.07 44.12
C ALA C 433 -11.67 -14.84 43.47
N LEU C 434 -11.56 -13.70 44.19
CA LEU C 434 -10.99 -12.44 43.64
C LEU C 434 -9.51 -12.34 43.95
N THR C 435 -8.91 -13.48 44.32
CA THR C 435 -7.50 -13.59 44.69
C THR C 435 -6.86 -14.61 43.73
N GLN C 436 -5.94 -14.13 42.89
CA GLN C 436 -5.19 -14.93 41.87
C GLN C 436 -3.69 -15.06 42.25
N GLN C 437 -3.10 -16.22 42.04
CA GLN C 437 -1.68 -16.47 42.27
C GLN C 437 -1.01 -16.67 40.91
N LEU C 438 0.18 -16.11 40.75
CA LEU C 438 1.07 -16.22 39.57
C LEU C 438 2.44 -16.69 40.06
N ASP C 439 2.93 -17.77 39.45
CA ASP C 439 4.27 -18.30 39.80
C ASP C 439 5.28 -17.65 38.86
N LEU C 440 6.09 -16.73 39.34
CA LEU C 440 7.01 -15.94 38.50
C LEU C 440 8.45 -16.45 38.62
N GLY C 441 8.61 -17.67 39.11
CA GLY C 441 9.91 -18.31 39.32
C GLY C 441 10.35 -18.27 40.75
N LEU C 442 11.31 -17.43 41.07
CA LEU C 442 11.74 -17.26 42.48
C LEU C 442 10.74 -16.48 43.33
N TRP C 443 9.80 -15.82 42.67
CA TRP C 443 8.81 -14.92 43.30
C TRP C 443 7.42 -15.26 42.76
N ASP C 444 6.42 -15.13 43.62
CA ASP C 444 5.01 -15.22 43.19
C ASP C 444 4.40 -13.83 43.29
N ALA C 445 3.37 -13.57 42.52
CA ALA C 445 2.50 -12.42 42.71
C ALA C 445 1.11 -12.93 43.08
N GLU C 446 0.49 -12.17 43.97
CA GLU C 446 -0.94 -12.33 44.27
C GLU C 446 -1.67 -11.07 43.83
N VAL C 447 -2.69 -11.27 43.03
CA VAL C 447 -3.49 -10.20 42.43
C VAL C 447 -4.88 -10.25 43.04
N THR C 448 -5.28 -9.12 43.60
CA THR C 448 -6.62 -8.96 44.21
C THR C 448 -7.35 -7.73 43.65
N TYR C 449 -8.68 -7.74 43.74
CA TYR C 449 -9.52 -6.75 43.05
C TYR C 449 -10.57 -6.14 43.98
N GLY C 450 -10.59 -4.81 43.99
CA GLY C 450 -11.69 -4.05 44.63
C GLY C 450 -11.43 -3.92 46.11
N ARG C 451 -10.40 -3.19 46.46
CA ARG C 451 -10.06 -2.94 47.89
C ARG C 451 -9.32 -1.62 47.99
N PRO C 452 -9.23 -1.07 49.20
CA PRO C 452 -8.51 0.18 49.35
C PRO C 452 -7.03 0.03 49.00
N MET C 453 -6.36 1.17 49.00
CA MET C 453 -4.93 1.23 48.67
C MET C 453 -4.07 1.12 49.95
N PHE C 454 -4.72 0.94 51.10
CA PHE C 454 -4.06 0.92 52.41
C PHE C 454 -4.75 -0.17 53.23
N TRP C 455 -3.97 -0.87 54.05
CA TRP C 455 -4.45 -1.91 54.98
C TRP C 455 -4.89 -3.15 54.20
N VAL C 456 -5.59 -4.12 54.83
CA VAL C 456 -5.73 -5.48 54.26
C VAL C 456 -7.19 -5.91 54.29
N THR C 457 -8.14 -4.97 54.27
CA THR C 457 -9.55 -5.38 54.14
C THR C 457 -9.66 -6.30 52.92
N PRO C 458 -10.31 -7.46 53.04
CA PRO C 458 -10.42 -8.39 51.92
C PRO C 458 -11.04 -7.77 50.66
N PRO C 459 -10.65 -8.22 49.48
CA PRO C 459 -11.20 -7.72 48.22
C PRO C 459 -12.70 -8.05 48.03
N GLU C 460 -13.43 -7.08 47.47
CA GLU C 460 -14.89 -7.19 47.24
C GLU C 460 -15.17 -7.07 45.74
N GLY C 461 -14.17 -6.80 44.93
CA GLY C 461 -14.40 -6.69 43.50
C GLY C 461 -14.74 -5.26 43.09
N ASN C 462 -14.47 -4.98 41.83
CA ASN C 462 -14.86 -3.69 41.22
C ASN C 462 -16.30 -3.80 40.75
N THR C 463 -16.98 -2.69 40.67
CA THR C 463 -18.38 -2.63 40.20
C THR C 463 -18.42 -1.58 39.12
N PRO C 464 -18.56 -1.94 37.84
CA PRO C 464 -18.56 -3.34 37.39
C PRO C 464 -17.17 -4.00 37.39
N ALA C 465 -17.16 -5.31 37.13
CA ALA C 465 -15.90 -6.08 37.09
C ALA C 465 -15.06 -5.43 35.98
N ALA C 466 -13.79 -5.14 36.24
CA ALA C 466 -12.96 -4.36 35.28
C ALA C 466 -11.45 -4.54 35.46
N GLY C 467 -10.97 -5.15 36.52
CA GLY C 467 -9.54 -5.05 36.85
C GLY C 467 -8.69 -6.05 36.07
N GLY C 468 -7.39 -5.85 36.15
CA GLY C 468 -6.41 -6.80 35.62
C GLY C 468 -4.99 -6.39 35.90
N ALA C 469 -4.05 -7.20 35.43
CA ALA C 469 -2.63 -6.97 35.68
C ALA C 469 -1.81 -7.61 34.55
N LEU C 470 -0.69 -7.00 34.29
CA LEU C 470 0.40 -7.47 33.38
C LEU C 470 1.72 -7.51 34.15
N ILE C 471 2.43 -8.62 33.96
CA ILE C 471 3.76 -8.77 34.52
C ILE C 471 4.71 -9.33 33.48
N ALA C 472 5.88 -8.75 33.32
CA ALA C 472 6.91 -9.36 32.44
C ALA C 472 8.16 -9.56 33.28
N GLN C 473 8.86 -10.67 33.08
CA GLN C 473 10.09 -10.93 33.85
C GLN C 473 11.25 -10.24 33.16
N LEU C 474 11.98 -9.40 33.86
CA LEU C 474 13.22 -8.74 33.32
C LEU C 474 14.46 -9.52 33.71
N ASP C 475 14.51 -10.14 34.87
CA ASP C 475 15.67 -10.90 35.40
C ASP C 475 15.10 -11.77 36.51
N ASP C 476 15.94 -12.61 37.12
CA ASP C 476 15.51 -13.56 38.17
C ASP C 476 14.68 -12.84 39.23
N ASN C 477 15.10 -11.62 39.59
CA ASN C 477 14.46 -10.94 40.73
C ASN C 477 13.77 -9.64 40.33
N GLU C 478 13.54 -9.40 39.06
CA GLU C 478 13.08 -8.09 38.59
C GLU C 478 11.96 -8.27 37.56
N TYR C 479 10.88 -7.52 37.75
CA TYR C 479 9.66 -7.60 36.95
C TYR C 479 9.23 -6.22 36.49
N LEU C 480 8.66 -6.20 35.28
CA LEU C 480 7.86 -5.08 34.79
C LEU C 480 6.41 -5.33 35.14
N VAL C 481 5.73 -4.31 35.71
CA VAL C 481 4.37 -4.55 36.24
C VAL C 481 3.51 -3.33 35.92
N THR C 482 2.30 -3.55 35.43
CA THR C 482 1.28 -2.48 35.32
C THR C 482 -0.05 -3.17 35.55
N ALA C 483 -0.96 -2.50 36.23
CA ALA C 483 -2.25 -3.10 36.55
C ALA C 483 -3.32 -2.02 36.63
N TYR C 484 -4.53 -2.47 36.82
CA TYR C 484 -5.71 -1.63 36.63
C TYR C 484 -6.74 -2.07 37.65
N LYS C 485 -7.11 -1.16 38.57
CA LYS C 485 -8.22 -1.44 39.54
C LYS C 485 -7.91 -2.73 40.28
N ALA C 486 -6.69 -2.80 40.82
CA ALA C 486 -6.19 -4.06 41.38
C ALA C 486 -5.02 -3.80 42.29
N ARG C 487 -4.76 -4.77 43.16
CA ARG C 487 -3.56 -4.81 44.01
C ARG C 487 -2.72 -6.00 43.55
N VAL C 488 -1.41 -5.75 43.45
CA VAL C 488 -0.42 -6.80 43.11
C VAL C 488 0.53 -6.87 44.29
N GLU C 489 0.69 -8.06 44.86
CA GLU C 489 1.61 -8.25 46.00
C GLU C 489 2.63 -9.34 45.61
N PHE C 490 3.90 -9.13 45.87
CA PHE C 490 4.99 -10.09 45.60
C PHE C 490 5.38 -10.81 46.89
N LYS C 491 5.81 -12.08 46.73
CA LYS C 491 6.19 -12.95 47.84
C LYS C 491 7.19 -13.98 47.30
N PRO C 492 8.02 -14.61 48.15
CA PRO C 492 8.86 -15.69 47.68
C PRO C 492 8.02 -16.84 47.14
N SER C 493 8.52 -17.51 46.10
CA SER C 493 7.81 -18.65 45.47
C SER C 493 8.10 -19.91 46.27
N GLN C 494 9.24 -19.96 46.96
CA GLN C 494 9.62 -21.10 47.85
C GLN C 494 9.98 -20.64 49.27
N GLU C 495 9.81 -21.50 50.28
CA GLU C 495 10.25 -21.24 51.70
C GLU C 495 11.76 -20.97 51.64
N LEU C 496 12.21 -19.87 52.23
CA LEU C 496 13.64 -19.55 52.31
C LEU C 496 14.10 -20.19 53.63
N ALA C 497 15.39 -20.33 53.85
CA ALA C 497 15.92 -20.91 55.11
C ALA C 497 16.97 -19.98 55.71
N GLY C 498 16.68 -19.35 56.88
CA GLY C 498 17.56 -18.35 57.53
C GLY C 498 17.53 -17.04 56.75
N LYS C 499 16.63 -16.96 55.76
CA LYS C 499 16.51 -15.72 54.95
C LYS C 499 15.14 -15.03 55.13
N LYS C 500 15.13 -13.71 54.97
CA LYS C 500 13.85 -12.95 54.90
C LYS C 500 13.74 -12.36 53.48
N PHE C 501 12.67 -11.68 53.17
CA PHE C 501 12.54 -11.06 51.83
C PHE C 501 11.99 -9.65 52.01
N MET C 502 12.24 -8.84 50.99
CA MET C 502 11.62 -7.53 50.82
C MET C 502 11.59 -7.10 49.38
N ILE C 503 10.78 -6.07 49.13
CA ILE C 503 10.96 -5.25 47.95
C ILE C 503 12.30 -4.55 48.08
N GLU C 504 13.20 -4.72 47.13
CA GLU C 504 14.43 -3.92 47.13
C GLU C 504 14.09 -2.52 46.61
N ARG C 505 13.41 -2.44 45.46
N ARG C 505 13.37 -2.44 45.49
CA ARG C 505 13.08 -1.12 44.85
CA ARG C 505 13.16 -1.17 44.76
C ARG C 505 11.97 -1.23 43.84
C ARG C 505 11.91 -1.30 43.90
N VAL C 506 11.02 -0.30 43.93
CA VAL C 506 9.99 -0.16 42.91
C VAL C 506 10.22 1.18 42.30
N GLU C 507 10.38 1.23 40.99
CA GLU C 507 10.50 2.49 40.25
C GLU C 507 9.31 2.61 39.30
N GLU C 508 8.66 3.77 39.24
CA GLU C 508 7.73 4.09 38.21
C GLU C 508 8.51 4.83 37.13
N GLY C 509 8.19 4.53 35.88
CA GLY C 509 8.93 5.15 34.80
C GLY C 509 8.35 4.85 33.44
N ARG C 510 9.23 5.05 32.46
CA ARG C 510 8.81 4.85 31.07
C ARG C 510 10.04 4.48 30.26
N PHE C 511 9.76 4.03 29.05
CA PHE C 511 10.79 3.79 28.04
C PHE C 511 10.84 4.99 27.11
N GLU C 512 12.05 5.45 26.82
CA GLU C 512 12.37 6.51 25.81
C GLU C 512 13.55 6.00 24.99
N LYS C 513 13.33 5.83 23.68
CA LYS C 513 14.38 5.34 22.78
C LYS C 513 14.80 3.95 23.31
N GLY C 514 13.84 3.17 23.83
CA GLY C 514 14.10 1.81 24.35
C GLY C 514 14.85 1.78 25.68
N LYS C 515 15.20 2.95 26.28
CA LYS C 515 15.91 3.00 27.59
C LYS C 515 14.86 3.31 28.65
N TRP C 516 15.00 2.67 29.82
CA TRP C 516 14.20 2.99 31.01
C TRP C 516 14.57 4.35 31.59
N VAL C 517 13.57 5.17 31.85
CA VAL C 517 13.71 6.48 32.54
C VAL C 517 12.88 6.42 33.81
N MET C 518 13.53 6.58 34.95
N MET C 518 13.53 6.57 34.94
CA MET C 518 12.84 6.56 36.27
CA MET C 518 12.84 6.56 36.26
C MET C 518 12.18 7.90 36.52
C MET C 518 12.18 7.91 36.50
N GLU C 519 10.91 7.88 36.89
CA GLU C 519 10.17 9.09 37.30
C GLU C 519 10.25 9.25 38.84
N ARG C 520 9.95 8.19 39.55
CA ARG C 520 9.98 8.23 41.03
C ARG C 520 10.11 6.80 41.55
N VAL C 521 10.42 6.70 42.82
CA VAL C 521 10.46 5.46 43.58
C VAL C 521 9.16 5.30 44.33
N TRP C 522 8.45 4.20 44.16
CA TRP C 522 7.35 3.85 45.06
C TRP C 522 7.94 3.25 46.33
N ASN C 523 7.50 3.74 47.47
CA ASN C 523 8.00 3.23 48.75
C ASN C 523 6.98 3.58 49.85
N GLY C 524 7.23 3.17 51.09
CA GLY C 524 6.31 3.65 52.16
C GLY C 524 4.92 3.09 51.94
N ASP C 525 3.88 3.90 52.11
CA ASP C 525 2.49 3.49 51.96
C ASP C 525 2.25 2.89 50.56
N GLN C 526 3.02 3.34 49.55
CA GLN C 526 2.78 2.86 48.15
C GLN C 526 3.28 1.41 47.95
N THR C 527 4.06 0.83 48.86
CA THR C 527 4.51 -0.56 48.76
C THR C 527 4.22 -1.38 50.01
N ASP C 528 3.74 -0.77 51.07
CA ASP C 528 3.45 -1.53 52.31
C ASP C 528 2.25 -2.49 52.15
N TRP C 529 1.31 -2.18 51.28
CA TRP C 529 0.00 -2.87 51.16
C TRP C 529 -0.16 -3.39 49.74
N GLY C 530 0.95 -3.96 49.23
CA GLY C 530 1.03 -4.33 47.80
C GLY C 530 1.19 -3.11 46.91
N LEU C 531 0.98 -3.33 45.62
CA LEU C 531 1.12 -2.25 44.64
C LEU C 531 -0.31 -2.03 44.15
N ASN C 532 -0.87 -0.85 44.47
CA ASN C 532 -2.29 -0.58 44.26
C ASN C 532 -2.42 0.36 43.06
N PHE C 533 -3.27 -0.08 42.13
CA PHE C 533 -3.57 0.60 40.88
C PHE C 533 -5.06 0.94 40.79
N THR C 534 -5.31 2.14 40.27
CA THR C 534 -6.68 2.62 40.04
C THR C 534 -6.94 2.54 38.53
N ASP C 535 -7.47 3.59 37.95
CA ASP C 535 -7.75 3.67 36.52
C ASP C 535 -6.58 4.32 35.80
N ARG C 536 -5.62 4.91 36.51
CA ARG C 536 -4.55 5.69 35.86
C ARG C 536 -3.38 4.77 35.56
N PRO C 537 -2.66 5.06 34.46
CA PRO C 537 -1.53 4.22 34.10
C PRO C 537 -0.27 4.50 34.93
N HIS C 538 0.38 3.41 35.36
CA HIS C 538 1.68 3.43 36.03
C HIS C 538 2.42 2.20 35.58
N LEU C 539 3.61 2.41 35.05
CA LEU C 539 4.49 1.29 34.69
C LEU C 539 5.60 1.22 35.73
N LEU C 540 5.71 0.07 36.35
CA LEU C 540 6.69 -0.16 37.45
C LEU C 540 7.76 -1.20 37.04
N ARG C 541 8.95 -0.99 37.52
CA ARG C 541 9.99 -2.03 37.63
C ARG C 541 10.13 -2.41 39.10
N VAL C 542 9.86 -3.67 39.37
CA VAL C 542 9.81 -4.21 40.74
C VAL C 542 11.00 -5.12 40.93
N LYS C 543 11.92 -4.74 41.83
CA LYS C 543 13.10 -5.56 42.18
C LYS C 543 12.84 -6.14 43.58
N MET C 544 12.89 -7.45 43.73
CA MET C 544 12.69 -8.23 44.95
C MET C 544 14.06 -8.74 45.43
N ALA C 545 14.27 -8.84 46.73
CA ALA C 545 15.52 -9.42 47.28
C ALA C 545 15.21 -10.33 48.46
N SER C 546 15.93 -11.45 48.55
CA SER C 546 16.03 -12.27 49.78
C SER C 546 17.32 -11.81 50.42
N TYR C 547 17.37 -11.81 51.74
CA TYR C 547 18.56 -11.36 52.48
C TYR C 547 18.70 -12.24 53.71
N SER C 548 19.95 -12.39 54.14
CA SER C 548 20.29 -13.18 55.32
C SER C 548 20.02 -12.38 56.60
N VAL C 549 19.57 -13.07 57.62
CA VAL C 549 19.52 -12.50 58.98
C VAL C 549 20.34 -13.32 59.96
N GLN C 550 21.10 -14.29 59.48
CA GLN C 550 21.90 -15.26 60.31
C GLN C 550 22.99 -14.49 61.10
N ALA D 11 26.43 37.12 -34.42
CA ALA D 11 26.60 36.60 -33.02
C ALA D 11 25.31 35.90 -32.63
N ALA D 12 25.37 34.62 -32.33
CA ALA D 12 24.15 33.80 -32.18
C ALA D 12 23.37 34.33 -30.98
N PRO D 13 22.01 34.39 -31.04
CA PRO D 13 21.23 34.75 -29.87
C PRO D 13 21.45 33.70 -28.78
N LEU D 14 21.44 34.15 -27.56
CA LEU D 14 21.55 33.20 -26.43
C LEU D 14 20.42 32.20 -26.46
N PRO D 15 20.66 30.95 -26.05
CA PRO D 15 19.57 30.04 -25.74
C PRO D 15 18.68 30.68 -24.66
N GLU D 16 17.41 30.36 -24.66
CA GLU D 16 16.48 30.88 -23.65
C GLU D 16 15.27 29.99 -23.56
N LEU D 17 14.73 29.85 -22.35
CA LEU D 17 13.46 29.16 -22.19
C LEU D 17 12.31 30.16 -22.27
N LEU D 18 11.41 29.99 -23.22
CA LEU D 18 10.22 30.84 -23.35
C LEU D 18 9.02 30.11 -22.79
N SER D 19 8.14 30.84 -22.13
CA SER D 19 6.91 30.27 -21.57
C SER D 19 5.78 31.30 -21.84
N ASN D 20 4.72 30.90 -22.55
CA ASN D 20 3.65 31.85 -22.94
C ASN D 20 2.35 31.06 -23.07
N ASN D 21 1.25 31.53 -22.47
CA ASN D 21 -0.06 30.86 -22.64
C ASN D 21 0.02 29.39 -22.20
N GLY D 22 0.89 29.06 -21.22
CA GLY D 22 1.01 27.70 -20.71
C GLY D 22 1.79 26.77 -21.63
N LYS D 23 2.44 27.29 -22.68
CA LYS D 23 3.32 26.50 -23.58
C LYS D 23 4.74 26.94 -23.29
N HIS D 24 5.69 26.13 -23.75
CA HIS D 24 7.10 26.38 -23.50
C HIS D 24 7.90 26.03 -24.74
N ALA D 25 9.02 26.71 -24.87
CA ALA D 25 10.06 26.33 -25.86
C ALA D 25 11.44 26.60 -25.30
N LEU D 26 12.34 25.67 -25.59
CA LEU D 26 13.77 25.94 -25.44
C LEU D 26 14.24 26.54 -26.74
N MET D 27 14.60 27.80 -26.79
CA MET D 27 15.10 28.45 -28.01
C MET D 27 16.59 28.20 -28.06
N VAL D 28 17.08 27.70 -29.19
CA VAL D 28 18.52 27.50 -29.48
C VAL D 28 18.79 28.08 -30.88
N ASP D 29 19.70 29.04 -30.96
CA ASP D 29 20.00 29.74 -32.23
C ASP D 29 18.71 30.36 -32.81
N GLY D 30 17.85 30.87 -31.92
CA GLY D 30 16.68 31.71 -32.23
C GLY D 30 15.48 30.93 -32.70
N ALA D 31 15.42 29.62 -32.47
CA ALA D 31 14.20 28.88 -32.80
C ALA D 31 14.01 27.74 -31.79
N PRO D 32 12.80 27.21 -31.64
CA PRO D 32 12.59 26.10 -30.71
C PRO D 32 13.47 24.90 -31.04
N TYR D 33 13.87 24.18 -30.02
CA TYR D 33 14.82 23.06 -30.12
C TYR D 33 14.37 21.93 -29.22
N ILE D 34 14.61 20.71 -29.60
CA ILE D 34 14.33 19.54 -28.73
C ILE D 34 15.66 18.90 -28.39
N ILE D 35 15.97 18.71 -27.12
CA ILE D 35 17.13 17.91 -26.71
C ILE D 35 16.78 16.44 -26.86
N LEU D 36 17.39 15.79 -27.83
CA LEU D 36 17.35 14.34 -27.97
C LEU D 36 18.71 13.92 -27.42
N GLY D 37 18.73 13.73 -26.12
CA GLY D 37 19.97 13.74 -25.36
C GLY D 37 20.64 12.39 -25.22
N SER D 38 21.90 12.47 -24.82
N SER D 38 21.91 12.44 -24.84
CA SER D 38 22.70 11.39 -24.24
CA SER D 38 22.62 11.33 -24.19
C SER D 38 23.26 11.94 -22.94
C SER D 38 23.27 11.91 -22.95
N GLN D 39 23.35 11.13 -21.89
CA GLN D 39 23.99 11.64 -20.65
C GLN D 39 25.03 10.63 -20.21
N THR D 40 26.16 11.12 -19.81
CA THR D 40 27.23 10.22 -19.36
C THR D 40 26.97 9.62 -18.01
N ASN D 41 27.75 8.60 -17.69
CA ASN D 41 27.89 8.09 -16.31
C ASN D 41 28.59 9.20 -15.49
N ASN D 42 28.66 9.04 -14.19
CA ASN D 42 29.09 10.12 -13.27
C ASN D 42 30.59 10.33 -13.25
N SER D 43 31.39 9.44 -13.83
CA SER D 43 32.87 9.51 -13.77
C SER D 43 33.43 9.67 -15.17
N SER D 44 32.72 10.29 -16.08
CA SER D 44 33.18 10.43 -17.48
C SER D 44 33.60 11.85 -17.77
N ASN D 45 33.70 12.70 -16.75
CA ASN D 45 33.94 14.14 -16.89
C ASN D 45 35.42 14.46 -16.95
N TYR D 46 36.18 13.71 -17.75
CA TYR D 46 37.64 13.90 -17.89
C TYR D 46 38.02 13.72 -19.36
N PRO D 47 39.06 14.40 -19.85
CA PRO D 47 39.47 14.30 -21.24
C PRO D 47 39.63 12.85 -21.70
N ASP D 48 40.23 12.02 -20.88
CA ASP D 48 40.58 10.62 -21.26
C ASP D 48 39.31 9.79 -21.43
N ALA D 49 38.18 10.16 -20.81
CA ALA D 49 36.95 9.37 -20.84
C ALA D 49 36.14 9.74 -22.11
N LEU D 50 36.41 10.86 -22.75
CA LEU D 50 35.47 11.32 -23.79
C LEU D 50 35.46 10.33 -24.98
N LYS D 51 36.58 9.62 -25.20
CA LYS D 51 36.61 8.62 -26.30
C LYS D 51 35.61 7.50 -26.07
N ASP D 52 35.13 7.29 -24.83
CA ASP D 52 34.14 6.27 -24.47
C ASP D 52 32.73 6.88 -24.41
N VAL D 53 32.60 8.15 -24.76
CA VAL D 53 31.30 8.87 -24.72
C VAL D 53 30.83 9.13 -26.14
N TRP D 54 31.75 9.67 -26.98
CA TRP D 54 31.30 10.12 -28.33
C TRP D 54 30.72 8.98 -29.15
N PRO D 55 31.32 7.77 -29.20
CA PRO D 55 30.77 6.75 -30.13
C PRO D 55 29.32 6.41 -29.82
N SER D 56 28.97 6.33 -28.54
CA SER D 56 27.58 6.04 -28.12
C SER D 56 26.67 7.16 -28.59
N MET D 57 27.15 8.38 -28.44
CA MET D 57 26.28 9.54 -28.83
C MET D 57 25.95 9.46 -30.34
N GLU D 58 26.99 9.11 -31.15
CA GLU D 58 26.85 8.97 -32.60
C GLU D 58 25.85 7.85 -32.93
N LYS D 59 26.03 6.69 -32.32
CA LYS D 59 25.17 5.54 -32.53
C LYS D 59 23.72 5.86 -32.16
N MET D 60 23.56 6.68 -31.10
CA MET D 60 22.21 7.00 -30.60
C MET D 60 21.53 8.00 -31.51
N GLY D 61 22.29 8.83 -32.23
CA GLY D 61 21.73 9.96 -32.99
C GLY D 61 21.35 11.13 -32.05
N ALA D 62 21.99 11.23 -30.89
CA ALA D 62 21.67 12.34 -29.96
C ALA D 62 22.23 13.65 -30.48
N ASN D 63 21.54 14.75 -30.15
CA ASN D 63 21.96 16.10 -30.58
C ASN D 63 22.56 16.91 -29.42
N THR D 64 22.49 16.36 -28.20
CA THR D 64 22.94 17.13 -27.03
C THR D 64 23.48 16.14 -25.99
N LEU D 65 24.63 16.46 -25.46
CA LEU D 65 25.29 15.63 -24.43
C LEU D 65 25.18 16.32 -23.06
N SER D 66 24.65 15.60 -22.10
CA SER D 66 24.67 16.05 -20.67
C SER D 66 25.84 15.41 -19.98
N ILE D 67 26.71 16.22 -19.40
CA ILE D 67 27.95 15.68 -18.83
C ILE D 67 28.28 16.54 -17.62
N PRO D 68 28.86 15.96 -16.57
CA PRO D 68 29.23 16.81 -15.44
C PRO D 68 30.42 17.71 -15.66
N VAL D 69 30.40 18.83 -14.93
CA VAL D 69 31.59 19.61 -14.59
C VAL D 69 31.58 19.72 -13.06
N ALA D 70 32.60 19.23 -12.41
CA ALA D 70 32.65 19.07 -10.95
C ALA D 70 33.44 20.20 -10.33
N TRP D 71 32.87 20.73 -9.25
CA TRP D 71 33.60 21.74 -8.46
C TRP D 71 35.02 21.23 -8.13
N GLU D 72 35.17 19.99 -7.70
CA GLU D 72 36.50 19.43 -7.35
C GLU D 72 37.49 19.54 -8.50
N GLN D 73 37.01 19.44 -9.75
CA GLN D 73 37.97 19.48 -10.87
C GLN D 73 38.30 20.91 -11.29
N ILE D 74 37.35 21.86 -11.16
CA ILE D 74 37.64 23.25 -11.63
C ILE D 74 38.28 24.07 -10.52
N GLU D 75 38.14 23.67 -9.24
CA GLU D 75 38.77 24.52 -8.18
C GLU D 75 39.45 23.56 -7.23
N PRO D 76 40.46 22.73 -7.61
CA PRO D 76 40.95 21.67 -6.74
C PRO D 76 41.64 22.20 -5.47
N VAL D 77 42.21 23.38 -5.60
CA VAL D 77 42.83 24.17 -4.51
C VAL D 77 42.09 25.52 -4.53
N GLU D 78 41.71 26.05 -3.38
CA GLU D 78 40.89 27.27 -3.35
C GLU D 78 41.61 28.38 -4.11
N GLY D 79 40.85 28.99 -5.02
CA GLY D 79 41.25 30.11 -5.89
C GLY D 79 42.17 29.71 -7.03
N GLN D 80 42.41 28.43 -7.18
CA GLN D 80 43.26 27.94 -8.30
C GLN D 80 42.41 27.16 -9.32
N PHE D 81 41.88 27.85 -10.32
CA PHE D 81 40.87 27.32 -11.24
C PHE D 81 41.56 26.56 -12.38
N ASP D 82 40.92 25.50 -12.76
CA ASP D 82 41.37 24.60 -13.86
C ASP D 82 40.18 24.32 -14.77
N PHE D 83 40.18 24.89 -15.96
CA PHE D 83 39.13 24.63 -16.98
C PHE D 83 39.65 23.72 -18.12
N SER D 84 40.73 22.96 -17.88
CA SER D 84 41.35 22.13 -18.93
C SER D 84 40.30 21.14 -19.45
N PHE D 85 39.42 20.57 -18.60
CA PHE D 85 38.41 19.62 -19.07
C PHE D 85 37.35 20.34 -19.93
N VAL D 86 36.92 21.52 -19.52
CA VAL D 86 35.86 22.24 -20.26
C VAL D 86 36.42 22.65 -21.64
N ASP D 87 37.70 22.99 -21.73
CA ASP D 87 38.36 23.35 -22.99
C ASP D 87 38.20 22.16 -23.96
N VAL D 88 38.69 20.99 -23.56
CA VAL D 88 38.66 19.76 -24.41
C VAL D 88 37.22 19.45 -24.78
N LEU D 89 36.33 19.46 -23.81
CA LEU D 89 34.90 19.13 -24.04
C LEU D 89 34.30 20.03 -25.13
N LEU D 90 34.45 21.35 -24.96
CA LEU D 90 33.89 22.30 -25.95
C LEU D 90 34.43 21.93 -27.34
N LYS D 91 35.75 21.80 -27.45
CA LYS D 91 36.37 21.59 -28.76
C LYS D 91 35.87 20.28 -29.38
N GLU D 92 35.78 19.23 -28.58
CA GLU D 92 35.36 17.93 -29.11
C GLU D 92 33.90 17.96 -29.48
N ALA D 93 33.05 18.63 -28.70
CA ALA D 93 31.59 18.79 -29.02
C ALA D 93 31.43 19.53 -30.36
N ARG D 94 32.17 20.58 -30.55
CA ARG D 94 32.09 21.39 -31.78
C ARG D 94 32.55 20.57 -33.00
N GLN D 95 33.59 19.76 -32.85
CA GLN D 95 34.06 18.91 -33.96
C GLN D 95 32.94 17.95 -34.36
N ARG D 96 32.15 17.50 -33.41
CA ARG D 96 31.02 16.58 -33.71
C ARG D 96 29.69 17.28 -33.95
N LYS D 97 29.69 18.60 -33.94
CA LYS D 97 28.48 19.43 -34.23
C LYS D 97 27.35 18.98 -33.30
N VAL D 98 27.64 18.89 -32.01
CA VAL D 98 26.60 18.58 -30.99
C VAL D 98 26.62 19.69 -29.94
N ARG D 99 25.54 19.76 -29.17
CA ARG D 99 25.43 20.78 -28.10
C ARG D 99 25.60 20.10 -26.74
N LEU D 100 25.81 20.92 -25.73
CA LEU D 100 26.12 20.46 -24.38
C LEU D 100 25.16 21.01 -23.32
N VAL D 101 24.85 20.15 -22.36
CA VAL D 101 24.24 20.59 -21.08
C VAL D 101 25.27 20.22 -20.02
N LEU D 102 25.81 21.24 -19.36
CA LEU D 102 26.77 21.00 -18.28
C LEU D 102 26.07 20.76 -16.97
N LEU D 103 26.49 19.77 -16.20
CA LEU D 103 25.86 19.44 -14.91
C LEU D 103 26.85 19.87 -13.83
N TRP D 104 26.53 20.97 -13.14
CA TRP D 104 27.34 21.50 -12.05
C TRP D 104 27.18 20.62 -10.82
N PHE D 105 28.21 19.82 -10.53
CA PHE D 105 28.26 18.89 -9.37
C PHE D 105 29.03 19.61 -8.31
N ALA D 106 28.34 20.08 -7.24
CA ALA D 106 28.99 21.01 -6.30
C ALA D 106 28.50 20.74 -4.88
N THR D 107 27.72 21.66 -4.31
CA THR D 107 27.28 21.50 -2.89
C THR D 107 26.47 20.22 -2.76
N TRP D 108 25.60 19.90 -3.74
CA TRP D 108 24.84 18.62 -3.69
C TRP D 108 25.06 17.83 -4.99
N LYS D 109 25.42 16.60 -4.82
CA LYS D 109 25.34 15.58 -5.89
C LYS D 109 24.70 14.38 -5.20
N ASN D 110 23.44 14.09 -5.51
CA ASN D 110 22.68 13.03 -4.82
C ASN D 110 22.73 13.22 -3.31
N ASN D 111 22.40 14.44 -2.90
CA ASN D 111 22.33 14.84 -1.46
C ASN D 111 23.70 15.15 -0.83
N ALA D 112 24.86 14.76 -1.44
CA ALA D 112 26.15 14.68 -0.79
C ALA D 112 27.17 15.59 -1.42
N PRO D 113 28.24 15.93 -0.69
CA PRO D 113 29.27 16.80 -1.19
C PRO D 113 30.50 16.13 -1.80
N HIS D 114 30.30 14.92 -2.31
CA HIS D 114 31.48 14.13 -2.80
C HIS D 114 32.19 14.83 -3.97
N TYR D 115 31.51 15.65 -4.78
CA TYR D 115 32.15 16.36 -5.87
C TYR D 115 32.64 17.74 -5.50
N ALA D 116 32.45 18.12 -4.23
CA ALA D 116 33.07 19.39 -3.83
C ALA D 116 34.55 19.13 -3.60
N PRO D 117 35.39 20.15 -3.74
CA PRO D 117 36.83 19.96 -3.50
C PRO D 117 37.12 19.43 -2.08
N ALA D 118 38.29 18.83 -1.88
CA ALA D 118 38.71 18.29 -0.57
C ALA D 118 38.68 19.41 0.48
N TRP D 119 39.06 20.59 0.11
CA TRP D 119 39.15 21.75 1.06
C TRP D 119 37.75 22.20 1.46
N VAL D 120 36.75 21.72 0.78
CA VAL D 120 35.32 21.94 1.13
C VAL D 120 34.83 20.74 1.94
N LYS D 121 34.79 19.55 1.32
CA LYS D 121 34.04 18.43 1.90
C LYS D 121 34.76 17.93 3.17
N LEU D 122 36.04 18.22 3.37
CA LEU D 122 36.74 17.76 4.59
C LEU D 122 36.73 18.81 5.70
N ASP D 123 36.15 19.97 5.47
CA ASP D 123 36.15 21.11 6.45
C ASP D 123 34.71 21.40 6.89
N ASN D 124 34.23 20.58 7.84
CA ASN D 124 32.85 20.72 8.34
C ASN D 124 32.69 22.02 9.15
N ALA D 125 33.73 22.51 9.85
CA ALA D 125 33.63 23.76 10.65
C ALA D 125 33.30 24.92 9.73
N ARG D 126 33.94 24.95 8.54
CA ARG D 126 33.71 26.03 7.56
C ARG D 126 32.45 25.80 6.76
N PHE D 127 32.21 24.56 6.40
CA PHE D 127 31.16 24.16 5.45
C PHE D 127 30.32 23.09 6.10
N PRO D 128 29.32 23.47 6.91
CA PRO D 128 28.68 22.52 7.79
C PRO D 128 27.63 21.61 7.19
N ARG D 129 27.59 20.40 7.74
CA ARG D 129 26.64 19.36 7.43
C ARG D 129 25.32 19.50 8.18
N VAL D 130 24.27 18.94 7.58
CA VAL D 130 22.96 18.69 8.23
C VAL D 130 23.18 17.91 9.53
N VAL D 131 22.57 18.42 10.62
CA VAL D 131 22.55 17.77 11.93
C VAL D 131 21.16 17.19 12.17
N LYS D 132 21.07 15.91 12.49
CA LYS D 132 19.80 15.24 12.76
C LYS D 132 19.23 15.71 14.12
N GLU D 133 17.94 15.45 14.33
CA GLU D 133 17.30 15.87 15.60
C GLU D 133 18.08 15.20 16.79
N ASP D 134 18.63 14.00 16.61
CA ASP D 134 19.31 13.22 17.68
C ASP D 134 20.75 13.67 17.82
N GLY D 135 21.16 14.71 17.10
CA GLY D 135 22.49 15.33 17.17
C GLY D 135 23.53 14.58 16.33
N ASP D 136 23.18 13.45 15.69
CA ASP D 136 24.13 12.78 14.74
C ASP D 136 24.24 13.64 13.47
N THR D 137 25.35 13.54 12.74
CA THR D 137 25.61 14.35 11.53
C THR D 137 25.43 13.48 10.30
N LEU D 138 24.86 14.05 9.26
CA LEU D 138 24.73 13.36 7.97
C LEU D 138 25.69 14.02 6.94
N ASN D 139 26.14 13.20 5.97
CA ASN D 139 27.04 13.70 4.90
C ASN D 139 26.25 14.40 3.81
N SER D 140 25.63 15.56 4.17
CA SER D 140 24.74 16.36 3.33
C SER D 140 24.92 17.82 3.80
N LEU D 141 25.43 18.68 2.95
CA LEU D 141 25.75 20.04 3.39
C LEU D 141 24.46 20.82 3.66
N SER D 142 24.50 21.56 4.77
CA SER D 142 23.30 22.34 5.13
C SER D 142 23.16 23.52 4.18
N PRO D 143 21.94 23.82 3.71
CA PRO D 143 21.72 24.98 2.87
C PRO D 143 21.78 26.29 3.65
N LEU D 144 21.92 26.23 4.95
CA LEU D 144 22.12 27.48 5.76
C LEU D 144 23.59 27.78 5.97
N GLY D 145 24.53 26.94 5.44
CA GLY D 145 25.97 27.26 5.55
C GLY D 145 26.35 28.39 4.65
N GLN D 146 26.49 29.59 5.17
CA GLN D 146 26.67 30.80 4.32
C GLN D 146 28.03 30.71 3.62
N ASN D 147 29.01 30.09 4.24
CA ASN D 147 30.36 30.01 3.62
C ASN D 147 30.26 29.08 2.41
N THR D 148 29.45 28.06 2.54
CA THR D 148 29.31 27.04 1.48
C THR D 148 28.69 27.75 0.27
N LEU D 149 27.57 28.47 0.50
CA LEU D 149 26.88 29.18 -0.58
C LEU D 149 27.85 30.14 -1.26
N ALA D 150 28.66 30.91 -0.51
CA ALA D 150 29.59 31.88 -1.11
C ALA D 150 30.60 31.13 -1.99
N ALA D 151 31.10 30.02 -1.50
CA ALA D 151 32.18 29.29 -2.19
C ALA D 151 31.67 28.64 -3.49
N ASP D 152 30.52 28.05 -3.41
CA ASP D 152 29.82 27.39 -4.56
C ASP D 152 29.56 28.47 -5.61
N LYS D 153 28.89 29.57 -5.19
CA LYS D 153 28.63 30.72 -6.07
C LYS D 153 29.92 31.18 -6.74
N LYS D 154 31.00 31.35 -6.01
CA LYS D 154 32.25 31.93 -6.57
C LYS D 154 32.77 31.00 -7.70
N ALA D 155 32.80 29.73 -7.44
CA ALA D 155 33.27 28.74 -8.43
C ALA D 155 32.32 28.68 -9.64
N PHE D 156 31.05 28.62 -9.44
CA PHE D 156 30.05 28.61 -10.49
C PHE D 156 30.21 29.85 -11.37
N VAL D 157 30.42 31.00 -10.77
CA VAL D 157 30.63 32.26 -11.54
C VAL D 157 31.89 32.10 -12.38
N GLU D 158 32.93 31.48 -11.87
CA GLU D 158 34.19 31.30 -12.69
C GLU D 158 33.89 30.36 -13.87
N LEU D 159 33.08 29.37 -13.67
CA LEU D 159 32.68 28.46 -14.80
C LEU D 159 31.89 29.28 -15.83
N MET D 160 30.92 30.08 -15.40
CA MET D 160 30.11 30.87 -16.34
C MET D 160 31.00 31.94 -16.97
N LYS D 161 32.03 32.47 -16.29
CA LYS D 161 32.93 33.43 -16.97
C LYS D 161 33.68 32.69 -18.06
N TYR D 162 34.04 31.43 -17.79
CA TYR D 162 34.80 30.67 -18.82
C TYR D 162 33.87 30.54 -20.06
N LEU D 163 32.60 30.17 -19.89
CA LEU D 163 31.70 30.05 -21.03
C LEU D 163 31.50 31.42 -21.68
N ALA D 164 31.35 32.50 -20.90
CA ALA D 164 31.17 33.85 -21.53
C ALA D 164 32.34 34.16 -22.46
N LYS D 165 33.56 33.88 -22.04
CA LYS D 165 34.79 34.27 -22.78
C LYS D 165 35.09 33.19 -23.89
N ARG D 166 34.74 31.91 -23.71
CA ARG D 166 35.28 30.83 -24.57
C ARG D 166 34.18 30.08 -25.29
N ASP D 167 32.91 30.50 -25.19
CA ASP D 167 31.81 29.78 -25.81
C ASP D 167 30.81 30.76 -26.42
N LYS D 168 31.30 31.66 -27.23
CA LYS D 168 30.46 32.72 -27.80
C LYS D 168 29.34 32.16 -28.70
N ASP D 169 29.55 30.97 -29.32
CA ASP D 169 28.53 30.37 -30.21
C ASP D 169 27.59 29.42 -29.42
N HIS D 170 27.72 29.39 -28.09
CA HIS D 170 26.79 28.69 -27.14
C HIS D 170 26.69 27.19 -27.53
N THR D 171 27.86 26.57 -27.63
CA THR D 171 27.96 25.09 -27.69
C THR D 171 27.21 24.51 -26.48
N VAL D 172 27.43 25.16 -25.31
CA VAL D 172 26.63 24.87 -24.10
C VAL D 172 25.34 25.68 -24.13
N ILE D 173 24.21 24.95 -24.09
CA ILE D 173 22.90 25.61 -24.27
C ILE D 173 22.17 25.73 -22.93
N MET D 174 22.57 24.98 -21.91
CA MET D 174 21.84 24.97 -20.62
C MET D 174 22.75 24.40 -19.56
N VAL D 175 22.54 24.82 -18.32
CA VAL D 175 23.35 24.36 -17.17
C VAL D 175 22.42 23.84 -16.09
N GLN D 176 22.68 22.65 -15.59
CA GLN D 176 22.00 22.06 -14.44
C GLN D 176 22.77 22.51 -13.18
N VAL D 177 22.07 23.12 -12.22
CA VAL D 177 22.72 23.67 -11.01
C VAL D 177 22.52 22.66 -9.89
N GLN D 178 23.65 22.03 -9.47
CA GLN D 178 23.70 20.88 -8.57
C GLN D 178 23.13 19.66 -9.26
N ASN D 179 22.99 18.56 -8.55
CA ASN D 179 22.47 17.31 -9.12
C ASN D 179 21.74 16.59 -8.00
N GLU D 180 20.43 16.49 -8.10
CA GLU D 180 19.60 15.77 -7.10
C GLU D 180 19.89 16.30 -5.69
N VAL D 181 19.53 17.55 -5.47
CA VAL D 181 19.72 18.17 -4.13
C VAL D 181 18.80 17.49 -3.12
N GLY D 182 19.09 17.76 -1.85
CA GLY D 182 18.26 17.23 -0.75
C GLY D 182 19.06 16.57 0.32
N THR D 183 18.35 15.89 1.23
CA THR D 183 18.95 15.09 2.30
C THR D 183 18.24 13.76 2.46
N TYR D 184 19.05 12.70 2.44
CA TYR D 184 18.57 11.37 2.88
C TYR D 184 18.84 11.21 4.38
N GLY D 185 17.88 10.66 5.13
CA GLY D 185 18.12 10.24 6.53
C GLY D 185 17.63 11.27 7.52
N ALA D 186 17.20 12.44 7.06
CA ALA D 186 16.56 13.48 7.89
C ALA D 186 15.71 14.36 7.01
N VAL D 187 14.78 15.10 7.60
CA VAL D 187 13.89 16.00 6.84
C VAL D 187 14.54 17.35 6.62
N ARG D 188 15.34 17.85 7.56
CA ARG D 188 15.98 19.15 7.42
C ARG D 188 17.22 19.18 8.29
N ASP D 189 17.92 20.32 8.28
CA ASP D 189 18.99 20.59 9.26
C ASP D 189 18.33 20.99 10.60
N TYR D 190 18.73 20.32 11.67
CA TYR D 190 18.33 20.64 13.07
C TYR D 190 19.51 21.18 13.89
N SER D 191 20.57 21.63 13.23
CA SER D 191 21.71 22.30 13.89
C SER D 191 21.14 23.49 14.66
N PRO D 192 21.86 23.96 15.69
CA PRO D 192 21.43 25.19 16.36
C PRO D 192 21.24 26.33 15.34
N MET D 193 22.14 26.43 14.33
CA MET D 193 22.13 27.51 13.32
C MET D 193 20.82 27.41 12.54
N ALA D 194 20.45 26.22 12.10
CA ALA D 194 19.18 26.03 11.37
C ALA D 194 17.99 26.24 12.28
N GLN D 195 18.05 25.73 13.50
CA GLN D 195 16.92 25.88 14.43
C GLN D 195 16.58 27.39 14.65
N ALA D 196 17.57 28.26 14.73
CA ALA D 196 17.36 29.70 15.01
C ALA D 196 16.64 30.34 13.82
N VAL D 197 16.84 29.78 12.63
CA VAL D 197 16.12 30.27 11.41
C VAL D 197 14.70 29.67 11.40
N PHE D 198 14.57 28.41 11.77
CA PHE D 198 13.28 27.69 11.75
C PHE D 198 12.33 28.28 12.79
N ASN D 199 12.86 28.65 13.98
CA ASN D 199 12.14 29.26 15.14
C ASN D 199 11.67 30.68 14.84
N ALA D 200 12.25 31.33 13.82
CA ALA D 200 11.97 32.71 13.33
C ALA D 200 10.86 32.74 12.28
N ALA D 201 10.46 34.00 11.98
CA ALA D 201 9.44 34.36 10.98
C ALA D 201 9.76 33.67 9.65
N VAL D 202 8.73 33.12 9.04
CA VAL D 202 8.78 32.74 7.61
C VAL D 202 9.05 34.03 6.84
N PRO D 203 10.06 34.11 5.96
CA PRO D 203 10.28 35.33 5.18
C PRO D 203 9.01 35.82 4.43
N ASP D 204 8.80 37.15 4.40
CA ASP D 204 7.51 37.76 3.99
C ASP D 204 7.23 37.44 2.52
N ASP D 205 8.26 37.32 1.66
CA ASP D 205 8.10 37.09 0.21
C ASP D 205 7.41 35.73 0.00
N LEU D 206 7.81 34.70 0.73
CA LEU D 206 7.16 33.38 0.57
C LEU D 206 5.73 33.51 1.08
N ILE D 207 5.53 34.09 2.32
CA ILE D 207 4.15 34.25 2.83
C ILE D 207 3.29 34.94 1.76
N GLN D 208 3.76 36.04 1.15
CA GLN D 208 2.98 36.86 0.18
C GLN D 208 2.69 36.00 -1.05
N LYS D 209 3.70 35.29 -1.54
CA LYS D 209 3.54 34.49 -2.76
C LYS D 209 2.58 33.33 -2.50
N LEU D 210 2.56 32.74 -1.31
CA LEU D 210 1.59 31.64 -1.09
C LEU D 210 0.29 32.17 -0.48
N GLN D 211 0.15 33.48 -0.26
CA GLN D 211 -1.06 34.12 0.36
C GLN D 211 -1.44 33.44 1.69
N LEU D 212 -0.50 33.29 2.62
CA LEU D 212 -0.72 32.66 3.95
C LEU D 212 -0.72 33.76 4.98
N LYS D 213 -0.97 33.42 6.25
CA LYS D 213 -0.87 34.34 7.40
C LYS D 213 0.60 34.31 7.87
N PRO D 214 1.20 35.48 8.21
CA PRO D 214 2.53 35.46 8.78
C PRO D 214 2.63 34.58 10.04
N GLY D 215 3.85 34.09 10.28
CA GLY D 215 4.12 33.29 11.49
C GLY D 215 5.45 32.62 11.36
N THR D 216 5.78 31.80 12.35
CA THR D 216 7.02 31.01 12.32
C THR D 216 6.76 29.87 11.35
N TRP D 217 7.83 29.15 11.00
CA TRP D 217 7.70 27.95 10.15
C TRP D 217 6.66 26.98 10.75
N SER D 218 6.75 26.72 12.06
CA SER D 218 5.83 25.76 12.76
C SER D 218 4.40 26.29 12.66
N GLN D 219 4.25 27.60 12.88
CA GLN D 219 2.92 28.23 12.96
C GLN D 219 2.29 28.20 11.58
N VAL D 220 3.08 28.49 10.57
CA VAL D 220 2.51 28.66 9.22
C VAL D 220 2.24 27.29 8.55
N PHE D 221 3.13 26.30 8.66
CA PHE D 221 3.07 25.08 7.80
C PHE D 221 2.81 23.80 8.58
N GLY D 222 2.88 23.83 9.91
CA GLY D 222 2.41 22.73 10.74
C GLY D 222 3.22 21.48 10.47
N ARG D 223 2.52 20.40 10.10
CA ARG D 223 3.03 19.04 9.83
C ARG D 223 4.11 19.14 8.72
N ASP D 224 4.03 20.12 7.81
CA ASP D 224 4.89 20.22 6.64
C ASP D 224 6.07 21.15 6.95
N ALA D 225 6.19 21.69 8.16
CA ALA D 225 7.17 22.78 8.41
C ALA D 225 8.59 22.30 8.13
N ASP D 226 8.94 21.12 8.62
CA ASP D 226 10.36 20.68 8.51
C ASP D 226 10.75 20.49 7.04
N GLU D 227 9.89 19.82 6.29
CA GLU D 227 10.17 19.48 4.85
C GLU D 227 10.12 20.76 3.99
N PHE D 228 9.16 21.61 4.24
CA PHE D 228 9.00 22.87 3.48
C PHE D 228 10.16 23.81 3.80
N PHE D 229 10.63 23.80 5.05
CA PHE D 229 11.80 24.61 5.43
C PHE D 229 13.01 24.16 4.63
N HIS D 230 13.24 22.85 4.60
CA HIS D 230 14.44 22.32 3.87
C HIS D 230 14.32 22.69 2.38
N ALA D 231 13.14 22.46 1.74
CA ALA D 231 12.96 22.79 0.32
C ALA D 231 13.20 24.28 0.11
N TYR D 232 12.65 25.13 1.00
CA TYR D 232 12.83 26.57 0.84
C TYR D 232 14.33 26.93 0.89
N GLN D 233 15.03 26.42 1.90
CA GLN D 233 16.40 26.86 2.13
C GLN D 233 17.26 26.37 0.94
N ILE D 234 16.99 25.15 0.46
CA ILE D 234 17.77 24.63 -0.69
C ILE D 234 17.42 25.41 -1.97
N ALA D 235 16.14 25.73 -2.16
CA ALA D 235 15.69 26.44 -3.36
C ALA D 235 16.34 27.82 -3.37
N ARG D 236 16.37 28.50 -2.21
CA ARG D 236 17.03 29.81 -2.13
C ARG D 236 18.53 29.70 -2.45
N TYR D 237 19.20 28.71 -1.89
CA TYR D 237 20.65 28.49 -2.13
C TYR D 237 20.84 28.31 -3.64
N CYS D 238 20.06 27.42 -4.23
CA CYS D 238 20.17 27.15 -5.70
C CYS D 238 19.84 28.36 -6.55
N ASP D 239 18.88 29.17 -6.11
CA ASP D 239 18.48 30.37 -6.88
C ASP D 239 19.64 31.38 -6.81
N GLU D 240 20.29 31.54 -5.64
CA GLU D 240 21.38 32.52 -5.49
C GLU D 240 22.54 32.10 -6.38
N VAL D 241 22.87 30.81 -6.41
CA VAL D 241 23.96 30.34 -7.33
C VAL D 241 23.57 30.65 -8.77
N THR D 242 22.37 30.32 -9.14
CA THR D 242 21.78 30.57 -10.47
C THR D 242 21.87 32.02 -10.91
N VAL D 243 21.36 32.92 -10.09
CA VAL D 243 21.36 34.40 -10.32
C VAL D 243 22.82 34.82 -10.57
N ALA D 244 23.77 34.39 -9.73
CA ALA D 244 25.18 34.82 -9.84
C ALA D 244 25.73 34.36 -11.19
N GLY D 245 25.45 33.14 -11.55
CA GLY D 245 26.01 32.66 -12.84
C GLY D 245 25.31 33.30 -14.00
N LYS D 246 23.98 33.50 -13.96
CA LYS D 246 23.23 34.19 -15.04
CA LYS D 246 23.23 34.18 -15.04
C LYS D 246 23.68 35.64 -15.29
N ALA D 247 24.11 36.32 -14.21
CA ALA D 247 24.66 37.67 -14.30
C ALA D 247 25.92 37.68 -15.20
N ILE D 248 26.64 36.55 -15.26
CA ILE D 248 27.80 36.45 -16.16
C ILE D 248 27.35 36.04 -17.59
N LYS D 249 26.57 35.01 -17.68
CA LYS D 249 26.02 34.61 -18.99
C LYS D 249 24.65 33.99 -18.74
N ASN D 250 23.63 34.59 -19.32
CA ASN D 250 22.21 34.30 -19.00
C ASN D 250 21.71 33.06 -19.78
N LEU D 251 22.35 31.91 -19.60
CA LEU D 251 21.87 30.63 -20.15
C LEU D 251 20.69 30.12 -19.32
N PRO D 252 19.76 29.34 -19.86
CA PRO D 252 18.71 28.55 -19.17
C PRO D 252 19.47 27.75 -18.10
N MET D 253 18.90 27.62 -16.94
CA MET D 253 19.46 26.81 -15.86
C MET D 253 18.32 26.07 -15.19
N TYR D 254 18.58 24.87 -14.69
CA TYR D 254 17.50 24.02 -14.14
C TYR D 254 18.01 23.13 -13.03
N VAL D 255 17.11 22.58 -12.24
CA VAL D 255 17.45 21.58 -11.23
C VAL D 255 16.75 20.27 -11.58
N ASN D 256 17.40 19.17 -11.19
CA ASN D 256 16.92 17.81 -11.48
C ASN D 256 16.57 17.10 -10.19
N VAL D 257 15.45 16.42 -10.22
CA VAL D 257 14.86 15.91 -8.97
C VAL D 257 15.04 14.42 -8.81
N ALA D 258 15.58 14.02 -7.67
CA ALA D 258 15.47 12.64 -7.16
C ALA D 258 14.03 12.42 -6.76
N LEU D 259 13.20 11.85 -7.62
CA LEU D 259 11.73 11.86 -7.43
C LEU D 259 11.35 11.00 -6.23
N ARG D 260 10.26 11.39 -5.58
CA ARG D 260 9.52 10.49 -4.73
C ARG D 260 8.48 9.77 -5.61
N ASN D 261 8.07 8.58 -5.21
CA ASN D 261 7.01 7.86 -5.92
C ASN D 261 5.72 8.64 -5.78
N PRO D 262 5.07 9.14 -6.85
CA PRO D 262 3.93 10.06 -6.76
C PRO D 262 2.71 9.36 -6.14
N PHE D 263 2.64 8.03 -6.24
CA PHE D 263 1.48 7.25 -5.77
C PHE D 263 1.70 6.72 -4.36
N ASN D 264 2.96 6.61 -3.93
CA ASN D 264 3.33 5.90 -2.67
C ASN D 264 4.63 6.51 -2.20
N PRO D 265 4.69 7.78 -1.80
CA PRO D 265 5.95 8.47 -1.60
C PRO D 265 6.80 8.04 -0.42
N GLY D 266 6.16 7.52 0.62
CA GLY D 266 6.84 7.38 1.90
C GLY D 266 7.18 8.73 2.46
N LEU D 267 8.15 8.76 3.36
CA LEU D 267 8.42 9.95 4.22
C LEU D 267 9.61 10.72 3.72
N PRO D 268 9.66 12.07 3.82
CA PRO D 268 10.84 12.82 3.49
C PRO D 268 12.01 12.32 4.35
N GLY D 269 13.19 12.19 3.70
CA GLY D 269 14.38 11.53 4.28
C GLY D 269 14.45 10.09 3.84
N GLN D 270 13.34 9.40 3.63
CA GLN D 270 13.38 8.09 2.89
C GLN D 270 13.62 8.48 1.42
N TYR D 271 12.80 9.36 0.86
CA TYR D 271 13.19 10.07 -0.36
C TYR D 271 14.04 11.25 0.00
N SER D 272 14.64 11.91 -0.99
CA SER D 272 15.58 13.02 -0.79
C SER D 272 14.77 14.27 -0.39
N SER D 273 14.72 14.55 0.91
CA SER D 273 13.96 15.71 1.44
C SER D 273 14.54 17.01 0.92
N GLY D 274 13.69 17.90 0.47
CA GLY D 274 14.08 19.27 0.10
C GLY D 274 14.32 19.48 -1.37
N GLY D 275 14.54 18.39 -2.12
CA GLY D 275 14.51 18.53 -3.58
C GLY D 275 13.11 18.82 -4.10
N GLY D 276 13.02 19.11 -5.36
CA GLY D 276 11.81 19.54 -6.03
C GLY D 276 10.77 18.41 -6.24
N THR D 277 10.40 17.71 -5.14
CA THR D 277 9.42 16.64 -5.18
C THR D 277 8.04 17.25 -5.42
N ASP D 278 7.07 16.44 -5.80
CA ASP D 278 5.80 16.96 -6.36
C ASP D 278 5.08 17.78 -5.28
N ASN D 279 5.32 17.48 -4.00
CA ASN D 279 4.59 18.14 -2.88
C ASN D 279 5.22 19.49 -2.51
N VAL D 280 6.42 19.81 -2.99
CA VAL D 280 7.10 21.11 -2.70
C VAL D 280 7.37 21.92 -3.97
N LEU D 281 6.72 21.59 -5.10
CA LEU D 281 6.91 22.44 -6.29
C LEU D 281 6.52 23.85 -6.01
N HIS D 282 5.43 24.04 -5.28
CA HIS D 282 4.97 25.44 -4.98
C HIS D 282 6.03 26.22 -4.17
N ILE D 283 6.72 25.55 -3.26
CA ILE D 283 7.80 26.17 -2.43
C ILE D 283 8.95 26.54 -3.37
N TRP D 284 9.37 25.60 -4.23
CA TRP D 284 10.51 25.84 -5.12
C TRP D 284 10.15 26.96 -6.09
N LYS D 285 8.92 26.98 -6.61
CA LYS D 285 8.58 28.05 -7.59
C LYS D 285 8.55 29.40 -6.86
N ALA D 286 8.07 29.44 -5.63
CA ALA D 286 7.99 30.74 -4.93
C ALA D 286 9.41 31.18 -4.51
N ALA D 287 10.25 30.21 -4.12
CA ALA D 287 11.60 30.48 -3.55
C ALA D 287 12.65 30.78 -4.62
N ALA D 288 12.46 30.22 -5.80
CA ALA D 288 13.57 30.20 -6.80
C ALA D 288 13.10 30.74 -8.15
N PRO D 289 12.67 32.03 -8.29
CA PRO D 289 12.08 32.61 -9.50
C PRO D 289 13.09 32.62 -10.67
N ASN D 290 14.36 32.42 -10.35
CA ASN D 290 15.44 32.54 -11.37
C ASN D 290 15.78 31.18 -12.00
N ILE D 291 15.35 30.09 -11.42
CA ILE D 291 15.63 28.76 -11.97
C ILE D 291 14.56 28.51 -13.03
N ASP D 292 14.96 28.16 -14.27
CA ASP D 292 13.98 28.13 -15.37
C ASP D 292 12.97 26.99 -15.21
N LEU D 293 13.39 25.82 -14.82
CA LEU D 293 12.48 24.69 -14.71
C LEU D 293 13.03 23.67 -13.70
N ILE D 294 12.13 22.83 -13.21
CA ILE D 294 12.42 21.69 -12.30
C ILE D 294 12.13 20.41 -13.11
N ALA D 295 13.17 19.63 -13.27
CA ALA D 295 13.20 18.47 -14.18
C ALA D 295 13.15 17.18 -13.43
N PRO D 296 12.28 16.25 -13.81
CA PRO D 296 12.28 14.93 -13.21
C PRO D 296 13.37 13.95 -13.71
N ASP D 297 13.97 13.21 -12.79
CA ASP D 297 14.91 12.10 -13.13
C ASP D 297 14.12 10.81 -12.97
N ILE D 298 13.78 10.18 -14.09
CA ILE D 298 12.81 9.05 -14.11
C ILE D 298 13.46 7.66 -14.15
N TYR D 299 13.32 6.89 -13.12
CA TYR D 299 13.77 5.49 -13.07
C TYR D 299 12.63 4.53 -12.78
N PHE D 300 11.40 5.02 -12.68
CA PHE D 300 10.25 4.15 -12.53
C PHE D 300 10.02 3.50 -13.87
N ARG D 301 9.89 2.21 -13.89
CA ARG D 301 9.78 1.48 -15.20
C ARG D 301 8.34 1.45 -15.70
N ASP D 302 7.38 1.48 -14.73
CA ASP D 302 5.97 1.23 -15.09
C ASP D 302 5.28 2.44 -15.67
N TYR D 303 4.47 2.16 -16.67
CA TYR D 303 3.77 3.18 -17.44
C TYR D 303 2.96 4.08 -16.52
N LYS D 304 2.18 3.53 -15.63
CA LYS D 304 1.27 4.43 -14.83
C LYS D 304 2.07 5.44 -14.00
N THR D 305 3.16 4.99 -13.39
CA THR D 305 3.96 5.89 -12.54
C THR D 305 4.66 6.90 -13.42
N VAL D 306 5.29 6.44 -14.52
CA VAL D 306 6.00 7.39 -15.37
C VAL D 306 4.99 8.42 -15.91
N SER D 307 3.82 7.98 -16.35
CA SER D 307 2.78 8.90 -16.89
C SER D 307 2.41 9.94 -15.79
N LYS D 308 2.27 9.46 -14.56
CA LYS D 308 1.90 10.40 -13.46
C LYS D 308 3.01 11.45 -13.25
N VAL D 309 4.28 11.06 -13.31
CA VAL D 309 5.38 12.02 -13.17
C VAL D 309 5.28 13.04 -14.30
N LEU D 310 5.19 12.57 -15.55
CA LEU D 310 5.10 13.54 -16.66
C LEU D 310 3.94 14.52 -16.41
N GLU D 311 2.81 14.06 -15.90
CA GLU D 311 1.63 14.94 -15.67
C GLU D 311 2.05 15.99 -14.61
N LEU D 312 2.62 15.51 -13.52
CA LEU D 312 2.94 16.41 -12.40
C LEU D 312 3.99 17.43 -12.73
N TYR D 313 4.97 17.14 -13.59
CA TYR D 313 6.06 18.07 -13.87
C TYR D 313 5.76 18.94 -15.08
N THR D 314 4.68 18.67 -15.82
CA THR D 314 4.28 19.57 -16.96
C THR D 314 3.21 20.53 -16.42
N ARG D 315 3.58 21.78 -16.29
CA ARG D 315 2.71 22.81 -15.66
C ARG D 315 2.82 24.08 -16.49
N PRO D 316 1.82 25.00 -16.39
CA PRO D 316 1.95 26.28 -17.09
C PRO D 316 3.22 26.99 -16.61
N ASP D 317 3.63 26.75 -15.37
CA ASP D 317 4.84 27.41 -14.80
C ASP D 317 6.09 26.53 -14.93
N ASN D 318 6.02 25.37 -15.59
CA ASN D 318 7.16 24.42 -15.59
C ASN D 318 7.19 23.66 -16.91
N ALA D 319 8.14 24.02 -17.74
CA ALA D 319 8.47 23.24 -18.97
C ALA D 319 8.91 21.84 -18.55
N LEU D 320 8.50 20.86 -19.30
CA LEU D 320 8.90 19.48 -19.09
C LEU D 320 10.23 19.17 -19.79
N PHE D 321 11.17 18.75 -18.99
CA PHE D 321 12.49 18.28 -19.43
C PHE D 321 12.75 17.01 -18.67
N VAL D 322 12.85 15.88 -19.39
CA VAL D 322 13.19 14.61 -18.75
C VAL D 322 14.71 14.62 -18.66
N ALA D 323 15.27 15.15 -17.56
CA ALA D 323 16.68 15.44 -17.38
C ALA D 323 17.50 14.16 -17.28
N GLU D 324 16.89 13.13 -16.78
CA GLU D 324 17.46 11.78 -16.73
C GLU D 324 16.37 10.80 -16.88
N ILE D 325 16.66 9.71 -17.61
CA ILE D 325 15.74 8.57 -17.62
C ILE D 325 16.59 7.31 -17.70
N GLY D 326 16.12 6.24 -17.12
CA GLY D 326 16.80 4.96 -17.24
C GLY D 326 17.14 4.62 -18.70
N ASN D 327 18.23 3.84 -18.84
CA ASN D 327 18.68 3.48 -20.21
C ASN D 327 18.26 2.06 -20.61
N ASP D 328 17.45 1.38 -19.84
CA ASP D 328 16.87 0.09 -20.18
C ASP D 328 15.83 0.29 -21.28
N GLN D 329 15.59 -0.78 -22.01
CA GLN D 329 14.68 -0.79 -23.14
C GLN D 329 13.34 -0.17 -22.83
N PRO D 330 12.69 -0.46 -21.67
CA PRO D 330 11.28 -0.03 -21.51
C PRO D 330 11.17 1.52 -21.52
N PHE D 331 12.25 2.21 -21.26
CA PHE D 331 12.26 3.68 -21.11
C PHE D 331 12.10 4.37 -22.42
N ALA D 332 12.59 3.78 -23.54
CA ALA D 332 12.74 4.54 -24.77
C ALA D 332 11.37 5.08 -25.19
N ARG D 333 10.31 4.33 -25.01
CA ARG D 333 8.97 4.70 -25.57
C ARG D 333 8.49 5.95 -24.85
N TYR D 334 9.05 6.26 -23.71
CA TYR D 334 8.55 7.46 -22.98
C TYR D 334 8.90 8.75 -23.69
N LEU D 335 9.77 8.71 -24.71
CA LEU D 335 10.03 9.87 -25.56
C LEU D 335 8.69 10.39 -26.10
N PHE D 336 7.79 9.52 -26.49
CA PHE D 336 6.59 9.92 -27.21
C PHE D 336 5.70 10.80 -26.32
N PRO D 337 5.32 10.32 -25.12
CA PRO D 337 4.48 11.17 -24.24
C PRO D 337 5.22 12.41 -23.76
N THR D 338 6.51 12.33 -23.57
CA THR D 338 7.32 13.51 -23.19
C THR D 338 7.14 14.60 -24.24
N LEU D 339 7.38 14.27 -25.50
CA LEU D 339 7.18 15.26 -26.59
C LEU D 339 5.72 15.66 -26.70
N GLY D 340 4.80 14.72 -26.52
CA GLY D 340 3.37 15.01 -26.65
C GLY D 340 2.89 16.04 -25.60
N LYS D 341 3.57 16.10 -24.46
CA LYS D 341 3.23 17.06 -23.38
C LYS D 341 3.80 18.43 -23.72
N GLY D 342 4.59 18.54 -24.80
CA GLY D 342 5.32 19.75 -25.13
C GLY D 342 6.71 19.78 -24.53
N GLY D 343 7.20 18.60 -24.11
CA GLY D 343 8.51 18.46 -23.53
C GLY D 343 9.62 19.02 -24.42
N ILE D 344 10.58 19.71 -23.81
CA ILE D 344 11.74 20.31 -24.53
C ILE D 344 12.88 19.31 -24.68
N GLY D 345 12.82 18.17 -24.01
CA GLY D 345 13.94 17.21 -24.17
C GLY D 345 13.84 15.99 -23.32
N PHE D 346 14.81 15.11 -23.47
CA PHE D 346 14.75 13.73 -22.98
C PHE D 346 16.18 13.23 -22.95
N SER D 347 16.72 12.81 -21.85
CA SER D 347 18.18 12.49 -21.75
C SER D 347 18.40 11.19 -20.99
N PRO D 348 18.45 10.03 -21.69
CA PRO D 348 18.75 8.77 -21.06
C PRO D 348 20.12 8.82 -20.38
N PHE D 349 20.19 8.23 -19.21
CA PHE D 349 21.36 8.28 -18.37
C PHE D 349 22.26 7.06 -18.55
N GLY D 350 23.55 7.30 -18.64
CA GLY D 350 24.54 6.20 -18.67
C GLY D 350 24.87 5.76 -20.07
N MET D 351 24.79 6.69 -21.01
CA MET D 351 25.05 6.34 -22.42
C MET D 351 26.54 6.50 -22.74
N ASP D 352 27.34 5.68 -22.07
CA ASP D 352 28.78 5.64 -22.40
C ASP D 352 29.31 4.23 -22.12
N ASP D 353 30.51 4.01 -22.69
CA ASP D 353 31.21 2.72 -22.59
C ASP D 353 32.33 2.76 -21.57
N THR D 354 32.10 3.39 -20.42
CA THR D 354 33.12 3.52 -19.36
C THR D 354 33.01 2.37 -18.37
N ASP D 355 32.42 1.24 -18.75
CA ASP D 355 32.40 0.00 -17.94
C ASP D 355 31.59 0.20 -16.67
N TYR D 356 30.40 0.68 -16.83
CA TYR D 356 29.48 0.86 -15.66
C TYR D 356 28.06 0.76 -16.10
N THR D 357 27.24 0.04 -15.34
N THR D 357 27.25 0.03 -15.34
CA THR D 357 25.79 0.00 -15.53
CA THR D 357 25.80 0.03 -15.53
C THR D 357 25.10 0.30 -14.19
C THR D 357 25.11 0.31 -14.19
N ASN D 358 24.12 1.17 -14.18
CA ASN D 358 23.35 1.45 -12.95
C ASN D 358 22.18 0.53 -12.79
N TYR D 359 22.13 -0.59 -13.48
CA TYR D 359 21.19 -1.68 -13.18
C TYR D 359 21.25 -1.96 -11.69
N PRO D 360 20.12 -2.05 -10.97
CA PRO D 360 18.78 -2.27 -11.51
C PRO D 360 18.00 -1.05 -12.01
N LEU D 361 18.58 0.15 -11.88
CA LEU D 361 17.87 1.35 -12.43
C LEU D 361 17.83 1.30 -13.97
N GLY D 362 18.99 1.05 -14.61
CA GLY D 362 19.12 1.00 -16.05
C GLY D 362 19.34 -0.40 -16.57
N ALA D 363 19.97 -0.44 -17.73
CA ALA D 363 20.16 -1.71 -18.47
C ALA D 363 21.19 -2.58 -17.76
N LYS D 364 20.92 -3.86 -17.72
CA LYS D 364 21.83 -4.84 -17.10
C LYS D 364 23.14 -4.88 -17.88
N VAL D 365 23.06 -4.82 -19.21
CA VAL D 365 24.26 -4.84 -20.11
C VAL D 365 24.20 -3.56 -20.93
N TYR D 366 25.34 -2.95 -21.13
CA TYR D 366 25.54 -1.81 -22.04
C TYR D 366 26.25 -2.26 -23.31
N ASN D 367 25.48 -2.34 -24.37
CA ASN D 367 26.05 -2.61 -25.70
C ASN D 367 25.29 -1.92 -26.79
N ASP D 368 25.63 -2.25 -28.03
CA ASP D 368 24.99 -1.53 -29.17
C ASP D 368 23.48 -1.68 -29.13
N GLU D 369 22.97 -2.86 -28.72
CA GLU D 369 21.51 -3.11 -28.72
C GLU D 369 20.87 -2.13 -27.68
N THR D 370 21.56 -1.87 -26.59
CA THR D 370 21.03 -0.92 -25.55
C THR D 370 20.83 0.44 -26.22
N ILE D 371 21.82 0.87 -26.99
CA ILE D 371 21.79 2.19 -27.63
C ILE D 371 20.71 2.18 -28.69
N GLU D 372 20.60 1.10 -29.45
CA GLU D 372 19.69 1.06 -30.61
C GLU D 372 18.24 1.29 -30.15
N GLN D 373 17.90 0.82 -28.93
CA GLN D 373 16.47 1.04 -28.50
C GLN D 373 16.15 2.56 -28.56
N PHE D 374 17.08 3.39 -28.16
CA PHE D 374 16.88 4.86 -28.22
C PHE D 374 17.10 5.43 -29.63
N ALA D 375 18.08 4.88 -30.35
CA ALA D 375 18.34 5.34 -31.71
C ALA D 375 17.05 5.22 -32.53
N GLN D 376 16.33 4.12 -32.38
CA GLN D 376 15.15 3.88 -33.21
C GLN D 376 14.09 4.94 -32.99
N VAL D 377 13.94 5.39 -31.74
CA VAL D 377 12.89 6.43 -31.52
C VAL D 377 13.44 7.81 -31.87
N TYR D 378 14.72 8.07 -31.62
CA TYR D 378 15.34 9.35 -32.03
C TYR D 378 15.27 9.55 -33.57
N ARG D 379 15.30 8.46 -34.33
CA ARG D 379 15.21 8.53 -35.80
C ARG D 379 13.86 9.04 -36.27
N LEU D 380 12.82 8.94 -35.45
CA LEU D 380 11.51 9.48 -35.87
C LEU D 380 11.50 10.99 -35.70
N VAL D 381 12.29 11.53 -34.76
CA VAL D 381 12.19 13.00 -34.44
C VAL D 381 13.27 13.82 -35.11
N ASN D 382 14.49 13.26 -35.20
CA ASN D 382 15.63 14.01 -35.79
C ASN D 382 15.21 14.63 -37.11
N PRO D 383 14.60 13.90 -38.07
CA PRO D 383 14.42 14.48 -39.40
C PRO D 383 13.39 15.63 -39.44
N MET D 384 12.72 15.86 -38.29
CA MET D 384 11.71 16.92 -38.20
C MET D 384 11.92 17.75 -36.92
N MET D 385 13.11 17.71 -36.34
CA MET D 385 13.28 18.19 -34.94
C MET D 385 12.83 19.66 -34.88
N ARG D 386 13.30 20.52 -35.77
CA ARG D 386 12.99 21.95 -35.64
C ARG D 386 11.50 22.18 -35.93
N GLU D 387 10.93 21.50 -36.90
CA GLU D 387 9.51 21.69 -37.25
C GLU D 387 8.64 21.21 -36.06
N TRP D 388 8.93 20.05 -35.49
CA TRP D 388 8.20 19.49 -34.35
C TRP D 388 8.33 20.55 -33.22
N ALA D 389 9.52 21.03 -32.94
CA ALA D 389 9.69 21.94 -31.79
C ALA D 389 8.80 23.18 -31.96
N ARG D 390 8.73 23.70 -33.16
CA ARG D 390 7.90 24.90 -33.46
C ARG D 390 6.42 24.53 -33.28
N LEU D 391 6.01 23.39 -33.77
CA LEU D 391 4.60 22.95 -33.65
C LEU D 391 4.24 22.71 -32.19
N SER D 392 5.13 22.18 -31.39
N SER D 392 5.11 22.17 -31.36
CA SER D 392 4.84 21.94 -29.96
CA SER D 392 4.74 21.93 -29.94
C SER D 392 4.55 23.28 -29.25
C SER D 392 4.56 23.27 -29.20
N TYR D 393 5.35 24.27 -29.53
CA TYR D 393 5.28 25.60 -28.88
C TYR D 393 4.08 26.43 -29.39
N GLN D 394 3.87 26.46 -30.70
CA GLN D 394 2.96 27.42 -31.38
C GLN D 394 1.62 26.76 -31.60
N GLY D 395 1.53 25.46 -31.61
CA GLY D 395 0.27 24.77 -31.93
C GLY D 395 -0.04 23.57 -31.04
N GLN D 396 -0.69 22.60 -31.63
CA GLN D 396 -1.18 21.46 -30.89
C GLN D 396 -0.38 20.21 -31.30
N VAL D 397 0.06 19.49 -30.29
CA VAL D 397 0.75 18.17 -30.42
C VAL D 397 0.21 17.18 -29.45
N TRP D 398 0.40 15.92 -29.74
CA TRP D 398 0.00 14.77 -28.93
C TRP D 398 1.08 13.71 -29.01
N GLY D 399 1.17 12.87 -28.03
CA GLY D 399 2.14 11.79 -27.97
C GLY D 399 1.73 10.74 -27.03
N VAL D 400 1.82 9.47 -27.44
CA VAL D 400 1.42 8.36 -26.59
C VAL D 400 2.46 7.24 -26.68
N ALA D 401 2.57 6.51 -25.63
CA ALA D 401 3.35 5.27 -25.48
C ALA D 401 2.46 4.10 -25.18
N GLU D 402 2.94 2.93 -25.58
CA GLU D 402 2.26 1.65 -25.36
C GLU D 402 1.99 1.50 -23.86
N PRO D 403 0.69 1.38 -23.46
CA PRO D 403 0.35 1.64 -22.05
C PRO D 403 0.37 0.41 -21.17
N LEU D 404 0.67 -0.76 -21.73
CA LEU D 404 0.90 -1.95 -20.88
C LEU D 404 2.41 -2.25 -20.87
N ASP D 405 2.97 -2.52 -19.71
CA ASP D 405 4.37 -2.92 -19.55
C ASP D 405 4.43 -4.38 -20.06
N SER D 406 5.62 -4.83 -20.34
CA SER D 406 5.84 -6.19 -20.83
C SER D 406 5.29 -7.16 -19.79
N THR D 407 4.67 -8.21 -20.23
CA THR D 407 4.12 -9.27 -19.37
C THR D 407 5.30 -9.96 -18.66
N THR D 408 5.21 -10.15 -17.33
CA THR D 408 6.22 -10.80 -16.44
C THR D 408 6.31 -12.32 -16.74
N THR D 410 6.11 -14.86 -15.07
CA THR D 410 5.29 -15.09 -13.84
C THR D 410 3.82 -14.80 -14.16
N GLN D 411 3.52 -13.73 -14.89
CA GLN D 411 2.18 -13.44 -15.49
C GLN D 411 1.94 -14.48 -16.58
N LYS D 412 3.01 -14.87 -17.29
CA LYS D 412 2.95 -15.92 -18.32
C LYS D 412 2.59 -17.26 -17.60
N ILE D 413 3.02 -17.48 -16.35
CA ILE D 413 2.71 -18.74 -15.58
C ILE D 413 1.18 -18.83 -15.45
N TRP D 414 0.51 -17.80 -14.89
CA TRP D 414 -0.98 -17.66 -14.95
C TRP D 414 -1.51 -17.89 -16.37
N ASN D 415 -0.99 -17.22 -17.40
CA ASN D 415 -1.63 -17.35 -18.75
C ASN D 415 -1.65 -18.83 -19.15
N ALA D 416 -0.57 -19.57 -18.90
CA ALA D 416 -0.46 -21.01 -19.26
C ALA D 416 -1.63 -21.77 -18.61
N GLU D 417 -1.67 -21.74 -17.27
CA GLU D 417 -2.59 -22.47 -16.39
C GLU D 417 -4.04 -22.07 -16.75
N ALA D 418 -4.29 -20.83 -17.14
CA ALA D 418 -5.66 -20.26 -17.35
C ALA D 418 -6.49 -21.11 -18.33
N THR D 419 -7.81 -21.16 -18.09
CA THR D 419 -8.90 -21.77 -18.90
C THR D 419 -8.91 -21.23 -20.32
N PRO D 420 -9.40 -21.93 -21.37
CA PRO D 420 -9.60 -21.26 -22.66
C PRO D 420 -10.58 -20.06 -22.61
N GLU D 421 -11.64 -20.13 -21.80
CA GLU D 421 -12.55 -19.00 -21.52
C GLU D 421 -11.77 -17.86 -20.81
N GLU D 422 -10.90 -18.19 -19.85
CA GLU D 422 -10.08 -17.19 -19.11
C GLU D 422 -9.06 -16.57 -20.10
N LYS D 423 -8.37 -17.39 -20.91
CA LYS D 423 -7.42 -16.92 -21.96
C LYS D 423 -8.13 -15.90 -22.87
N GLU D 424 -9.36 -16.19 -23.37
CA GLU D 424 -10.11 -15.34 -24.36
C GLU D 424 -10.46 -13.99 -23.73
N GLN D 425 -10.88 -14.00 -22.47
CA GLN D 425 -11.29 -12.75 -21.80
C GLN D 425 -10.05 -11.85 -21.61
N HIS D 426 -8.92 -12.46 -21.25
CA HIS D 426 -7.68 -11.74 -20.91
C HIS D 426 -7.26 -11.05 -22.20
N LYS D 427 -7.40 -11.73 -23.33
CA LYS D 427 -7.03 -11.13 -24.64
C LYS D 427 -7.92 -9.90 -24.87
N LYS D 428 -9.23 -10.03 -24.61
CA LYS D 428 -10.15 -8.89 -24.89
C LYS D 428 -9.78 -7.72 -23.98
N ASP D 429 -9.50 -8.04 -22.73
CA ASP D 429 -9.09 -7.00 -21.77
C ASP D 429 -7.78 -6.32 -22.20
N ARG D 430 -6.77 -7.09 -22.62
CA ARG D 430 -5.48 -6.52 -23.09
C ARG D 430 -5.75 -5.64 -24.31
N ALA D 431 -6.58 -6.10 -25.25
CA ALA D 431 -6.82 -5.35 -26.49
C ALA D 431 -7.42 -3.99 -26.15
N SER D 432 -8.37 -3.97 -25.23
N SER D 432 -8.39 -3.95 -25.23
CA SER D 432 -9.01 -2.69 -24.85
CA SER D 432 -9.00 -2.64 -24.84
C SER D 432 -7.95 -1.78 -24.19
C SER D 432 -7.93 -1.76 -24.20
N ALA D 433 -7.07 -2.33 -23.36
CA ALA D 433 -6.06 -1.51 -22.66
C ALA D 433 -5.03 -0.97 -23.69
N LEU D 434 -4.83 -1.66 -24.81
CA LEU D 434 -3.77 -1.32 -25.77
C LEU D 434 -4.41 -0.51 -26.88
N THR D 435 -5.58 0.08 -26.61
CA THR D 435 -6.27 1.01 -27.54
C THR D 435 -6.35 2.39 -26.85
N GLN D 436 -5.83 3.42 -27.46
CA GLN D 436 -5.81 4.78 -26.94
C GLN D 436 -6.55 5.71 -27.88
N GLN D 437 -7.32 6.65 -27.32
CA GLN D 437 -8.07 7.67 -28.09
C GLN D 437 -7.36 9.00 -27.90
N LEU D 438 -7.28 9.76 -28.96
CA LEU D 438 -6.78 11.15 -28.93
C LEU D 438 -7.77 12.04 -29.63
N ASP D 439 -8.19 13.11 -28.95
CA ASP D 439 -9.14 14.07 -29.51
C ASP D 439 -8.37 15.15 -30.22
N LEU D 440 -8.46 15.16 -31.55
CA LEU D 440 -7.62 16.10 -32.32
C LEU D 440 -8.46 17.23 -32.89
N GLY D 441 -9.60 17.51 -32.28
CA GLY D 441 -10.46 18.60 -32.77
C GLY D 441 -11.66 18.07 -33.53
N LEU D 442 -11.67 18.27 -34.87
CA LEU D 442 -12.71 17.69 -35.72
C LEU D 442 -12.50 16.20 -35.97
N TRP D 443 -11.31 15.71 -35.68
CA TRP D 443 -10.93 14.30 -35.94
C TRP D 443 -10.35 13.73 -34.65
N ASP D 444 -10.48 12.45 -34.47
CA ASP D 444 -9.86 11.66 -33.41
C ASP D 444 -8.86 10.70 -34.06
N ALA D 445 -7.88 10.30 -33.28
CA ALA D 445 -7.02 9.17 -33.67
C ALA D 445 -7.21 8.08 -32.64
N GLU D 446 -7.21 6.84 -33.08
CA GLU D 446 -7.12 5.65 -32.23
C GLU D 446 -5.78 4.97 -32.46
N VAL D 447 -5.00 4.80 -31.41
CA VAL D 447 -3.66 4.21 -31.46
C VAL D 447 -3.75 2.84 -30.84
N THR D 448 -3.27 1.83 -31.56
CA THR D 448 -3.27 0.44 -31.07
C THR D 448 -1.89 -0.18 -31.29
N TYR D 449 -1.59 -1.22 -30.53
CA TYR D 449 -0.21 -1.74 -30.44
C TYR D 449 -0.17 -3.25 -30.60
N GLY D 450 0.66 -3.69 -31.54
CA GLY D 450 0.98 -5.12 -31.75
C GLY D 450 -0.11 -5.85 -32.49
N ARG D 451 -0.14 -5.59 -33.80
CA ARG D 451 -1.12 -6.25 -34.65
C ARG D 451 -0.57 -6.24 -36.06
N PRO D 452 -1.10 -7.08 -36.95
CA PRO D 452 -0.68 -7.02 -38.35
C PRO D 452 -0.97 -5.69 -39.03
N MET D 453 -0.40 -5.53 -40.23
CA MET D 453 -0.54 -4.32 -41.03
C MET D 453 -1.76 -4.39 -41.97
N PHE D 454 -2.55 -5.44 -41.83
CA PHE D 454 -3.69 -5.72 -42.69
C PHE D 454 -4.75 -6.39 -41.83
N TRP D 455 -6.01 -6.08 -42.11
CA TRP D 455 -7.20 -6.62 -41.44
C TRP D 455 -7.25 -6.05 -39.98
N VAL D 456 -8.13 -6.59 -39.17
CA VAL D 456 -8.55 -5.94 -37.88
C VAL D 456 -8.41 -6.90 -36.70
N THR D 457 -7.58 -7.93 -36.76
CA THR D 457 -7.32 -8.76 -35.58
C THR D 457 -6.98 -7.80 -34.44
N PRO D 458 -7.55 -8.02 -33.24
CA PRO D 458 -7.31 -7.10 -32.15
C PRO D 458 -5.85 -7.00 -31.73
N PRO D 459 -5.42 -5.84 -31.21
CA PRO D 459 -4.05 -5.68 -30.75
C PRO D 459 -3.70 -6.58 -29.55
N GLU D 460 -2.47 -7.07 -29.59
CA GLU D 460 -1.92 -7.96 -28.56
C GLU D 460 -0.66 -7.40 -27.90
N GLY D 461 -0.17 -6.24 -28.35
CA GLY D 461 1.00 -5.60 -27.76
C GLY D 461 2.27 -6.08 -28.44
N ASN D 462 3.29 -5.26 -28.31
CA ASN D 462 4.67 -5.59 -28.70
C ASN D 462 5.34 -6.31 -27.53
N THR D 463 6.27 -7.20 -27.85
N THR D 463 6.21 -7.25 -27.84
CA THR D 463 7.05 -8.01 -26.89
CA THR D 463 7.06 -7.93 -26.84
C THR D 463 8.53 -7.70 -27.17
C THR D 463 8.49 -7.61 -27.21
N PRO D 464 9.22 -6.82 -26.42
CA PRO D 464 8.69 -6.14 -25.24
C PRO D 464 7.83 -4.95 -25.61
N ALA D 465 7.18 -4.35 -24.59
CA ALA D 465 6.40 -3.14 -24.83
C ALA D 465 7.33 -2.07 -25.35
N ALA D 466 6.94 -1.35 -26.41
CA ALA D 466 7.88 -0.43 -27.09
C ALA D 466 7.21 0.62 -27.95
N GLY D 467 5.93 0.46 -28.27
CA GLY D 467 5.35 1.33 -29.32
C GLY D 467 5.00 2.74 -28.86
N GLY D 468 4.78 3.60 -29.81
CA GLY D 468 4.27 4.95 -29.53
C GLY D 468 3.89 5.71 -30.77
N ALA D 469 3.38 6.95 -30.59
CA ALA D 469 2.98 7.77 -31.72
C ALA D 469 3.12 9.23 -31.39
N LEU D 470 3.38 10.04 -32.37
CA LEU D 470 3.42 11.53 -32.30
C LEU D 470 2.46 12.03 -33.37
N ILE D 471 1.69 13.08 -33.01
CA ILE D 471 0.78 13.77 -33.92
C ILE D 471 0.91 15.24 -33.70
N ALA D 472 1.00 16.00 -34.75
CA ALA D 472 0.92 17.46 -34.67
C ALA D 472 -0.16 17.95 -35.61
N GLN D 473 -0.93 18.93 -35.15
CA GLN D 473 -1.99 19.48 -36.03
C GLN D 473 -1.37 20.56 -36.94
N LEU D 474 -1.62 20.43 -38.22
CA LEU D 474 -1.18 21.44 -39.19
C LEU D 474 -2.33 22.40 -39.51
N ASP D 475 -3.53 21.88 -39.59
CA ASP D 475 -4.73 22.70 -39.94
C ASP D 475 -5.96 21.93 -39.40
N ASP D 476 -7.17 22.46 -39.56
CA ASP D 476 -8.37 21.79 -39.00
C ASP D 476 -8.47 20.33 -39.44
N ASN D 477 -8.00 20.04 -40.69
CA ASN D 477 -8.21 18.68 -41.23
C ASN D 477 -6.90 18.01 -41.61
N GLU D 478 -5.78 18.51 -41.13
CA GLU D 478 -4.50 17.94 -41.57
C GLU D 478 -3.54 17.79 -40.41
N TYR D 479 -2.87 16.65 -40.34
CA TYR D 479 -2.01 16.30 -39.21
C TYR D 479 -0.67 15.73 -39.70
N LEU D 480 0.40 16.00 -38.98
CA LEU D 480 1.70 15.37 -39.18
C LEU D 480 1.74 14.19 -38.23
N VAL D 481 2.09 13.00 -38.70
CA VAL D 481 2.01 11.75 -37.91
C VAL D 481 3.29 10.95 -38.10
N THR D 482 3.87 10.48 -37.00
CA THR D 482 4.92 9.43 -37.08
C THR D 482 4.70 8.50 -35.93
N ALA D 483 4.86 7.23 -36.09
CA ALA D 483 4.59 6.27 -35.00
C ALA D 483 5.57 5.09 -35.09
N TYR D 484 5.52 4.23 -34.14
CA TYR D 484 6.53 3.19 -33.92
C TYR D 484 5.84 1.97 -33.37
N LYS D 485 5.86 0.84 -34.13
CA LYS D 485 5.30 -0.40 -33.65
C LYS D 485 3.84 -0.19 -33.20
N ALA D 486 3.05 0.41 -34.07
CA ALA D 486 1.70 0.80 -33.72
C ALA D 486 0.88 1.04 -34.97
N ARG D 487 -0.41 1.09 -34.80
CA ARG D 487 -1.39 1.44 -35.79
C ARG D 487 -2.01 2.77 -35.34
N VAL D 488 -2.19 3.66 -36.26
CA VAL D 488 -2.92 4.94 -35.99
C VAL D 488 -4.07 5.01 -36.96
N GLU D 489 -5.27 5.17 -36.47
CA GLU D 489 -6.51 5.25 -37.29
C GLU D 489 -7.24 6.56 -37.02
N PHE D 490 -7.63 7.27 -38.03
CA PHE D 490 -8.36 8.56 -37.91
C PHE D 490 -9.86 8.27 -38.09
N LYS D 491 -10.66 9.06 -37.39
CA LYS D 491 -12.13 9.05 -37.49
C LYS D 491 -12.65 10.42 -37.09
N PRO D 492 -13.90 10.72 -37.43
CA PRO D 492 -14.53 11.96 -36.95
C PRO D 492 -14.58 11.99 -35.44
N SER D 493 -14.38 13.17 -34.88
CA SER D 493 -14.44 13.38 -33.41
C SER D 493 -15.88 13.51 -32.95
N GLN D 494 -16.79 13.82 -33.87
CA GLN D 494 -18.18 14.03 -33.49
C GLN D 494 -19.04 13.59 -34.67
N GLU D 495 -20.33 13.40 -34.42
N GLU D 495 -20.32 13.43 -34.42
CA GLU D 495 -21.33 13.03 -35.43
CA GLU D 495 -21.30 12.99 -35.44
C GLU D 495 -21.22 14.00 -36.61
C GLU D 495 -21.26 13.99 -36.60
N LEU D 496 -21.42 13.48 -37.81
CA LEU D 496 -21.28 14.27 -39.05
C LEU D 496 -22.60 14.74 -39.64
N ALA D 497 -23.73 14.48 -38.98
CA ALA D 497 -25.05 15.08 -39.36
C ALA D 497 -25.34 14.72 -40.82
N GLY D 498 -25.05 13.47 -41.21
CA GLY D 498 -25.38 12.95 -42.55
C GLY D 498 -24.23 12.93 -43.56
N LYS D 499 -23.12 13.56 -43.29
CA LYS D 499 -21.95 13.52 -44.20
C LYS D 499 -21.26 12.18 -43.94
N LYS D 500 -20.46 11.80 -44.89
CA LYS D 500 -19.52 10.66 -44.74
C LYS D 500 -18.07 11.23 -44.57
N PHE D 501 -17.08 10.37 -44.31
CA PHE D 501 -15.69 10.84 -44.20
C PHE D 501 -14.79 9.81 -44.91
N MET D 502 -13.64 10.33 -45.26
CA MET D 502 -12.54 9.52 -45.76
C MET D 502 -11.22 10.20 -45.46
N ILE D 503 -10.14 9.44 -45.59
CA ILE D 503 -8.82 10.04 -45.79
C ILE D 503 -8.85 10.77 -47.12
N GLU D 504 -8.50 12.01 -47.19
CA GLU D 504 -8.37 12.64 -48.50
C GLU D 504 -7.02 12.26 -49.10
N ARG D 505 -5.97 12.39 -48.32
N ARG D 505 -5.97 12.36 -48.30
CA ARG D 505 -4.62 12.03 -48.83
CA ARG D 505 -4.61 12.07 -48.81
C ARG D 505 -3.66 11.82 -47.67
C ARG D 505 -3.65 11.83 -47.68
N VAL D 506 -2.85 10.78 -47.77
CA VAL D 506 -1.73 10.56 -46.84
C VAL D 506 -0.46 10.68 -47.68
N GLU D 507 0.47 11.55 -47.33
CA GLU D 507 1.74 11.68 -48.02
C GLU D 507 2.84 11.29 -47.05
N GLU D 508 3.80 10.47 -47.45
CA GLU D 508 5.03 10.28 -46.71
C GLU D 508 6.08 11.25 -47.28
N GLY D 509 6.88 11.87 -46.42
CA GLY D 509 7.89 12.82 -46.91
C GLY D 509 8.81 13.29 -45.81
N ARG D 510 9.37 14.44 -46.05
CA ARG D 510 10.41 15.00 -45.20
C ARG D 510 10.45 16.50 -45.41
N PHE D 511 11.07 17.19 -44.43
CA PHE D 511 11.32 18.64 -44.49
C PHE D 511 12.72 18.85 -45.00
N GLU D 512 12.87 19.63 -46.08
N GLU D 512 12.83 19.75 -45.97
CA GLU D 512 14.17 20.17 -46.52
CA GLU D 512 14.11 20.20 -46.57
C GLU D 512 14.08 21.68 -46.43
C GLU D 512 14.15 21.72 -46.54
N LYS D 513 15.09 22.30 -45.81
CA LYS D 513 15.18 23.79 -45.78
C LYS D 513 13.80 24.29 -45.35
N GLY D 514 13.18 23.59 -44.37
CA GLY D 514 11.86 23.88 -43.77
C GLY D 514 10.66 23.73 -44.70
N LYS D 515 10.82 23.20 -45.92
CA LYS D 515 9.70 22.92 -46.85
C LYS D 515 9.39 21.42 -46.89
N TRP D 516 8.14 21.06 -46.96
CA TRP D 516 7.71 19.66 -47.14
C TRP D 516 8.04 19.17 -48.54
N VAL D 517 8.66 17.99 -48.59
CA VAL D 517 8.97 17.27 -49.86
C VAL D 517 8.24 15.97 -49.80
N MET D 518 7.33 15.73 -50.76
N MET D 518 7.34 15.76 -50.76
CA MET D 518 6.56 14.47 -50.79
CA MET D 518 6.63 14.47 -50.81
C MET D 518 7.39 13.38 -51.48
C MET D 518 7.58 13.42 -51.40
N GLU D 519 7.53 12.23 -50.84
CA GLU D 519 8.20 11.02 -51.39
C GLU D 519 7.18 10.14 -52.08
N ARG D 520 6.06 9.83 -51.47
CA ARG D 520 5.03 8.98 -52.04
C ARG D 520 3.72 9.22 -51.33
N VAL D 521 2.66 8.74 -51.91
CA VAL D 521 1.30 8.73 -51.34
C VAL D 521 1.05 7.36 -50.76
N TRP D 522 0.69 7.26 -49.49
CA TRP D 522 0.14 6.03 -48.92
C TRP D 522 -1.32 5.91 -49.33
N ASN D 523 -1.71 4.78 -49.85
CA ASN D 523 -3.09 4.55 -50.28
C ASN D 523 -3.34 3.05 -50.34
N GLY D 524 -4.56 2.66 -50.65
CA GLY D 524 -4.90 1.25 -50.77
C GLY D 524 -4.61 0.50 -49.48
N ASP D 525 -3.89 -0.59 -49.54
CA ASP D 525 -3.64 -1.44 -48.36
C ASP D 525 -2.95 -0.58 -47.29
N GLN D 526 -2.18 0.41 -47.66
CA GLN D 526 -1.38 1.14 -46.65
C GLN D 526 -2.31 2.10 -45.84
N THR D 527 -3.56 2.34 -46.29
CA THR D 527 -4.49 3.20 -45.50
C THR D 527 -5.78 2.48 -45.17
N ASP D 528 -6.11 1.32 -45.77
CA ASP D 528 -7.36 0.63 -45.50
C ASP D 528 -7.52 0.19 -44.02
N TRP D 529 -6.41 -0.11 -43.38
CA TRP D 529 -6.36 -0.79 -42.07
C TRP D 529 -5.61 0.12 -41.12
N GLY D 530 -5.93 1.39 -41.17
CA GLY D 530 -5.18 2.36 -40.36
C GLY D 530 -3.81 2.65 -40.98
N LEU D 531 -2.96 3.34 -40.28
CA LEU D 531 -1.60 3.74 -40.68
C LEU D 531 -0.71 2.87 -39.81
N ASN D 532 -0.03 1.88 -40.39
CA ASN D 532 0.74 0.87 -39.65
C ASN D 532 2.20 1.18 -39.70
N PHE D 533 2.84 1.23 -38.55
CA PHE D 533 4.28 1.55 -38.41
C PHE D 533 4.98 0.39 -37.78
N THR D 534 6.23 0.18 -38.22
CA THR D 534 7.07 -0.86 -37.65
C THR D 534 8.20 -0.14 -36.92
N ASP D 535 9.41 -0.60 -37.02
CA ASP D 535 10.55 0.05 -36.40
C ASP D 535 11.16 1.10 -37.31
N ARG D 536 10.73 1.19 -38.57
CA ARG D 536 11.37 2.13 -39.50
C ARG D 536 10.69 3.49 -39.43
N PRO D 537 11.42 4.59 -39.66
CA PRO D 537 10.83 5.91 -39.63
C PRO D 537 10.04 6.23 -40.89
N HIS D 538 8.85 6.73 -40.73
CA HIS D 538 8.00 7.30 -41.79
C HIS D 538 7.28 8.52 -41.20
N LEU D 539 7.44 9.66 -41.83
CA LEU D 539 6.76 10.91 -41.42
C LEU D 539 5.66 11.14 -42.44
N LEU D 540 4.41 11.22 -41.96
CA LEU D 540 3.26 11.35 -42.81
C LEU D 540 2.53 12.69 -42.61
N ARG D 541 1.95 13.21 -43.66
CA ARG D 541 0.93 14.25 -43.59
C ARG D 541 -0.38 13.60 -43.95
N VAL D 542 -1.36 13.67 -43.05
CA VAL D 542 -2.67 13.04 -43.14
C VAL D 542 -3.74 14.13 -43.29
N LYS D 543 -4.44 14.14 -44.39
CA LYS D 543 -5.51 15.08 -44.69
C LYS D 543 -6.80 14.31 -44.66
N MET D 544 -7.71 14.68 -43.76
CA MET D 544 -9.05 14.04 -43.67
C MET D 544 -10.11 14.92 -44.33
N ALA D 545 -11.22 14.33 -44.72
CA ALA D 545 -12.33 15.11 -45.29
C ALA D 545 -13.64 14.48 -44.88
N SER D 546 -14.62 15.37 -44.58
CA SER D 546 -16.04 14.98 -44.60
C SER D 546 -16.57 15.38 -45.97
N TYR D 547 -17.54 14.66 -46.46
CA TYR D 547 -18.14 14.92 -47.79
C TYR D 547 -19.63 14.57 -47.77
N SER D 548 -20.35 15.33 -48.58
CA SER D 548 -21.79 15.20 -48.77
C SER D 548 -22.10 13.97 -49.64
N VAL D 549 -23.16 13.24 -49.28
CA VAL D 549 -23.76 12.21 -50.18
C VAL D 549 -25.23 12.50 -50.49
N GLN D 550 -25.70 13.74 -50.27
CA GLN D 550 -27.17 14.02 -50.29
C GLN D 550 -27.51 14.27 -51.74
N ALA E 12 74.45 -5.65 -17.74
CA ALA E 12 73.12 -5.98 -17.11
C ALA E 12 73.38 -6.77 -15.85
N PRO E 13 72.84 -6.38 -14.68
CA PRO E 13 73.05 -7.15 -13.48
C PRO E 13 72.32 -8.49 -13.59
N LEU E 14 72.92 -9.50 -12.98
CA LEU E 14 72.31 -10.83 -12.93
C LEU E 14 70.98 -10.78 -12.21
N PRO E 15 70.00 -11.56 -12.66
CA PRO E 15 68.82 -11.85 -11.88
C PRO E 15 69.28 -12.47 -10.56
N GLU E 16 68.48 -12.17 -9.53
CA GLU E 16 68.78 -12.68 -8.21
C GLU E 16 67.51 -12.79 -7.37
N LEU E 17 67.39 -13.79 -6.53
CA LEU E 17 66.29 -13.82 -5.53
C LEU E 17 66.81 -13.22 -4.23
N LEU E 18 66.21 -12.09 -3.82
CA LEU E 18 66.52 -11.43 -2.53
C LEU E 18 65.51 -11.89 -1.49
N SER E 19 65.97 -12.11 -0.27
CA SER E 19 65.14 -12.48 0.89
C SER E 19 65.56 -11.62 2.09
N ASN E 20 64.67 -10.81 2.64
CA ASN E 20 65.02 -9.86 3.76
C ASN E 20 63.76 -9.61 4.57
N ASN E 21 63.82 -9.70 5.91
CA ASN E 21 62.69 -9.31 6.78
C ASN E 21 61.45 -10.18 6.46
N GLY E 22 61.64 -11.41 5.92
CA GLY E 22 60.57 -12.38 5.68
C GLY E 22 59.85 -12.11 4.36
N LYS E 23 60.40 -11.21 3.56
CA LYS E 23 59.87 -10.74 2.28
C LYS E 23 60.89 -11.17 1.21
N HIS E 24 60.43 -11.19 -0.01
CA HIS E 24 61.24 -11.75 -1.12
C HIS E 24 60.98 -10.96 -2.38
N ALA E 25 61.97 -10.91 -3.25
CA ALA E 25 61.84 -10.34 -4.60
C ALA E 25 62.73 -11.13 -5.56
N LEU E 26 62.15 -11.39 -6.73
CA LEU E 26 62.96 -11.74 -7.90
C LEU E 26 63.43 -10.48 -8.58
N MET E 27 64.72 -10.24 -8.47
CA MET E 27 65.38 -9.11 -9.16
C MET E 27 65.65 -9.51 -10.60
N VAL E 28 65.22 -8.70 -11.52
CA VAL E 28 65.49 -8.81 -12.96
C VAL E 28 65.85 -7.41 -13.48
N ASP E 29 67.04 -7.28 -14.08
CA ASP E 29 67.54 -6.00 -14.62
C ASP E 29 67.54 -4.97 -13.47
N GLY E 30 67.84 -5.45 -12.26
CA GLY E 30 68.16 -4.60 -11.11
C GLY E 30 66.91 -4.09 -10.38
N ALA E 31 65.76 -4.68 -10.60
CA ALA E 31 64.54 -4.30 -9.87
C ALA E 31 63.64 -5.51 -9.66
N PRO E 32 62.72 -5.49 -8.68
CA PRO E 32 61.77 -6.56 -8.54
C PRO E 32 60.94 -6.79 -9.79
N TYR E 33 60.63 -8.07 -10.04
CA TYR E 33 59.91 -8.50 -11.22
C TYR E 33 58.90 -9.55 -10.85
N ILE E 34 57.79 -9.59 -11.59
CA ILE E 34 56.78 -10.66 -11.42
C ILE E 34 56.75 -11.50 -12.71
N ILE E 35 56.91 -12.79 -12.56
CA ILE E 35 56.70 -13.72 -13.69
C ILE E 35 55.18 -13.86 -13.91
N LEU E 36 54.69 -13.29 -14.97
CA LEU E 36 53.34 -13.52 -15.47
C LEU E 36 53.55 -14.55 -16.62
N GLY E 37 53.54 -15.78 -16.26
CA GLY E 37 54.18 -16.80 -17.10
C GLY E 37 53.22 -17.53 -18.00
N SER E 38 53.81 -18.25 -18.98
N SER E 38 53.84 -18.26 -18.94
CA SER E 38 53.14 -19.30 -19.77
CA SER E 38 53.20 -19.26 -19.80
C SER E 38 54.13 -20.45 -19.78
C SER E 38 54.16 -20.45 -19.76
N GLN E 39 53.65 -21.66 -19.71
CA GLN E 39 54.55 -22.84 -19.71
C GLN E 39 54.07 -23.77 -20.79
N THR E 40 55.03 -24.28 -21.54
CA THR E 40 54.67 -25.18 -22.62
C THR E 40 54.29 -26.57 -22.09
N ASN E 41 53.64 -27.36 -22.96
CA ASN E 41 53.56 -28.81 -22.80
C ASN E 41 54.97 -29.43 -22.91
N ASN E 42 55.04 -30.66 -22.46
CA ASN E 42 56.34 -31.35 -22.23
C ASN E 42 57.12 -31.71 -23.55
N SER E 43 56.50 -31.63 -24.69
CA SER E 43 57.11 -32.06 -25.97
C SER E 43 57.20 -30.87 -26.93
N SER E 44 57.36 -29.64 -26.40
CA SER E 44 57.43 -28.43 -27.16
C SER E 44 58.84 -27.84 -27.25
N ASN E 45 59.82 -28.57 -26.71
CA ASN E 45 61.20 -28.14 -26.59
C ASN E 45 62.00 -28.41 -27.86
N TYR E 46 61.45 -28.12 -29.03
CA TYR E 46 62.16 -28.28 -30.33
C TYR E 46 61.89 -27.08 -31.19
N PRO E 47 62.83 -26.66 -32.07
CA PRO E 47 62.63 -25.53 -32.96
C PRO E 47 61.30 -25.57 -33.68
N ASP E 48 60.87 -26.72 -34.18
CA ASP E 48 59.67 -26.80 -35.05
C ASP E 48 58.38 -26.46 -34.23
N ALA E 49 58.42 -26.75 -32.93
CA ALA E 49 57.27 -26.59 -32.04
C ALA E 49 57.09 -25.13 -31.62
N LEU E 50 58.09 -24.28 -31.74
CA LEU E 50 57.97 -22.96 -31.12
C LEU E 50 56.90 -22.11 -31.84
N LYS E 51 56.62 -22.32 -33.13
CA LYS E 51 55.55 -21.58 -33.83
CA LYS E 51 55.54 -21.58 -33.84
C LYS E 51 54.19 -21.88 -33.19
N ASP E 52 54.12 -22.96 -32.42
CA ASP E 52 52.86 -23.35 -31.72
C ASP E 52 52.89 -22.88 -30.26
N VAL E 53 53.94 -22.22 -29.86
CA VAL E 53 54.10 -21.71 -28.48
C VAL E 53 53.94 -20.20 -28.49
N TRP E 54 54.56 -19.46 -29.37
CA TRP E 54 54.58 -17.98 -29.31
C TRP E 54 53.17 -17.40 -29.39
N PRO E 55 52.29 -17.81 -30.31
CA PRO E 55 51.02 -17.10 -30.44
C PRO E 55 50.25 -17.17 -29.13
N SER E 56 50.27 -18.28 -28.42
CA SER E 56 49.54 -18.40 -27.16
C SER E 56 50.14 -17.42 -26.17
N MET E 57 51.45 -17.29 -26.11
CA MET E 57 52.09 -16.38 -25.17
C MET E 57 51.64 -14.96 -25.45
N GLU E 58 51.54 -14.57 -26.70
CA GLU E 58 51.13 -13.19 -27.12
C GLU E 58 49.69 -12.98 -26.69
N LYS E 59 48.83 -13.93 -26.95
CA LYS E 59 47.38 -13.81 -26.62
C LYS E 59 47.25 -13.71 -25.09
N MET E 60 48.08 -14.39 -24.34
CA MET E 60 48.00 -14.44 -22.88
C MET E 60 48.49 -13.12 -22.28
N GLY E 61 49.40 -12.41 -22.95
CA GLY E 61 50.09 -11.27 -22.38
C GLY E 61 51.14 -11.72 -21.37
N ALA E 62 51.65 -12.95 -21.50
CA ALA E 62 52.68 -13.42 -20.61
C ALA E 62 54.01 -12.67 -20.87
N ASN E 63 54.80 -12.46 -19.82
CA ASN E 63 56.14 -11.83 -19.95
C ASN E 63 57.31 -12.85 -19.85
N THR E 64 57.01 -14.09 -19.58
CA THR E 64 58.07 -15.07 -19.28
C THR E 64 57.58 -16.46 -19.66
N LEU E 65 58.36 -17.20 -20.46
CA LEU E 65 58.00 -18.55 -20.93
C LEU E 65 58.84 -19.56 -20.18
N SER E 66 58.18 -20.51 -19.58
CA SER E 66 58.82 -21.71 -18.98
C SER E 66 58.77 -22.84 -20.01
N ILE E 67 59.96 -23.35 -20.35
CA ILE E 67 60.06 -24.39 -21.41
C ILE E 67 61.19 -25.34 -21.05
N PRO E 68 61.07 -26.62 -21.40
CA PRO E 68 62.10 -27.56 -21.09
C PRO E 68 63.35 -27.39 -21.95
N VAL E 69 64.48 -27.72 -21.31
CA VAL E 69 65.72 -28.09 -22.03
C VAL E 69 66.06 -29.46 -21.52
N ALA E 70 66.12 -30.44 -22.42
CA ALA E 70 66.26 -31.84 -22.00
C ALA E 70 67.71 -32.32 -22.09
N TRP E 71 68.17 -33.05 -21.10
CA TRP E 71 69.51 -33.68 -21.18
C TRP E 71 69.61 -34.54 -22.46
N GLU E 72 68.55 -35.25 -22.82
CA GLU E 72 68.61 -36.07 -24.03
C GLU E 72 68.87 -35.23 -25.27
N GLN E 73 68.49 -33.98 -25.33
CA GLN E 73 68.61 -33.18 -26.55
C GLN E 73 69.97 -32.49 -26.55
N ILE E 74 70.51 -32.12 -25.40
CA ILE E 74 71.81 -31.40 -25.41
C ILE E 74 72.99 -32.36 -25.38
N GLU E 75 72.82 -33.62 -24.94
CA GLU E 75 73.94 -34.56 -24.90
C GLU E 75 73.50 -35.93 -25.40
N PRO E 76 73.04 -35.99 -26.66
CA PRO E 76 72.42 -37.22 -27.17
C PRO E 76 73.41 -38.38 -27.24
N VAL E 77 74.67 -38.02 -27.41
CA VAL E 77 75.79 -39.00 -27.32
C VAL E 77 76.76 -38.42 -26.28
N GLU E 78 77.31 -39.24 -25.38
CA GLU E 78 78.17 -38.75 -24.29
C GLU E 78 79.29 -37.88 -24.85
N GLY E 79 79.38 -36.67 -24.34
CA GLY E 79 80.42 -35.66 -24.65
C GLY E 79 80.15 -34.91 -25.92
N GLN E 80 79.05 -35.22 -26.63
CA GLN E 80 78.74 -34.55 -27.93
C GLN E 80 77.55 -33.59 -27.71
N PHE E 81 77.85 -32.34 -27.38
CA PHE E 81 76.82 -31.35 -26.95
C PHE E 81 76.20 -30.68 -28.16
N ASP E 82 74.89 -30.38 -28.03
CA ASP E 82 74.07 -29.76 -29.08
C ASP E 82 73.22 -28.73 -28.39
N PHE E 83 73.52 -27.47 -28.62
CA PHE E 83 72.70 -26.37 -28.07
C PHE E 83 71.86 -25.72 -29.18
N SER E 84 71.61 -26.41 -30.29
CA SER E 84 70.86 -25.83 -31.42
C SER E 84 69.47 -25.33 -30.99
N PHE E 85 68.80 -26.06 -30.11
CA PHE E 85 67.45 -25.62 -29.66
C PHE E 85 67.58 -24.36 -28.80
N VAL E 86 68.54 -24.36 -27.88
CA VAL E 86 68.72 -23.21 -26.97
C VAL E 86 69.03 -21.96 -27.80
N ASP E 87 69.89 -22.09 -28.84
CA ASP E 87 70.18 -20.99 -29.78
C ASP E 87 68.89 -20.38 -30.34
N VAL E 88 68.08 -21.19 -30.99
N VAL E 88 68.04 -21.12 -31.00
CA VAL E 88 66.80 -20.75 -31.62
CA VAL E 88 66.86 -20.49 -31.64
C VAL E 88 65.90 -20.11 -30.56
C VAL E 88 65.83 -20.09 -30.56
N LEU E 89 65.78 -20.77 -29.41
CA LEU E 89 64.83 -20.34 -28.34
C LEU E 89 65.24 -18.93 -27.85
N LEU E 90 66.54 -18.74 -27.57
CA LEU E 90 67.07 -17.43 -27.13
C LEU E 90 66.72 -16.38 -28.17
N LYS E 91 67.05 -16.63 -29.44
CA LYS E 91 66.83 -15.65 -30.50
C LYS E 91 65.34 -15.30 -30.61
N GLU E 92 64.49 -16.32 -30.55
CA GLU E 92 63.06 -16.07 -30.85
C GLU E 92 62.43 -15.36 -29.63
N ALA E 93 62.86 -15.72 -28.43
CA ALA E 93 62.36 -15.04 -27.20
C ALA E 93 62.75 -13.57 -27.31
N ARG E 94 63.99 -13.29 -27.70
CA ARG E 94 64.43 -11.89 -27.76
C ARG E 94 63.64 -11.08 -28.80
N GLN E 95 63.33 -11.69 -29.94
CA GLN E 95 62.50 -11.06 -31.04
C GLN E 95 61.17 -10.59 -30.42
N ARG E 96 60.64 -11.38 -29.51
CA ARG E 96 59.29 -11.15 -28.92
C ARG E 96 59.38 -10.43 -27.56
N LYS E 97 60.57 -10.00 -27.21
CA LYS E 97 60.87 -9.22 -25.96
C LYS E 97 60.22 -9.90 -24.75
N VAL E 98 60.41 -11.20 -24.61
CA VAL E 98 60.03 -11.94 -23.42
C VAL E 98 61.23 -12.61 -22.81
N ARG E 99 61.07 -13.05 -21.57
CA ARG E 99 62.11 -13.71 -20.79
C ARG E 99 61.80 -15.20 -20.71
N LEU E 100 62.79 -15.95 -20.27
CA LEU E 100 62.69 -17.41 -20.24
C LEU E 100 63.06 -17.98 -18.88
N VAL E 101 62.37 -19.02 -18.53
CA VAL E 101 62.75 -19.91 -17.39
C VAL E 101 62.99 -21.27 -18.05
N LEU E 102 64.23 -21.74 -17.98
CA LEU E 102 64.52 -23.06 -18.58
C LEU E 102 64.25 -24.15 -17.58
N LEU E 103 63.69 -25.27 -18.04
CA LEU E 103 63.37 -26.37 -17.14
C LEU E 103 64.31 -27.54 -17.48
N TRP E 104 65.27 -27.78 -16.64
CA TRP E 104 66.32 -28.81 -16.86
C TRP E 104 65.71 -30.17 -16.56
N PHE E 105 65.33 -30.90 -17.61
CA PHE E 105 64.76 -32.23 -17.54
C PHE E 105 65.89 -33.26 -17.66
N ALA E 106 66.21 -33.91 -16.59
CA ALA E 106 67.52 -34.65 -16.51
C ALA E 106 67.34 -35.91 -15.70
N THR E 107 67.99 -36.01 -14.53
CA THR E 107 67.89 -37.23 -13.71
C THR E 107 66.43 -37.54 -13.38
N TRP E 108 65.65 -36.53 -12.98
CA TRP E 108 64.23 -36.73 -12.70
C TRP E 108 63.38 -35.82 -13.58
N LYS E 109 62.36 -36.39 -14.17
CA LYS E 109 61.22 -35.68 -14.76
C LYS E 109 60.06 -36.51 -14.29
N ASN E 110 59.24 -35.96 -13.37
CA ASN E 110 58.11 -36.69 -12.79
C ASN E 110 58.59 -38.06 -12.30
N ASN E 111 59.67 -38.05 -11.52
CA ASN E 111 60.20 -39.22 -10.80
C ASN E 111 61.11 -40.10 -11.72
N ALA E 112 61.10 -39.87 -13.03
CA ALA E 112 61.61 -40.88 -13.99
C ALA E 112 62.74 -40.26 -14.80
N PRO E 113 63.55 -41.14 -15.45
CA PRO E 113 64.63 -40.65 -16.30
C PRO E 113 64.34 -40.63 -17.80
N HIS E 114 63.10 -40.44 -18.18
CA HIS E 114 62.77 -40.49 -19.63
C HIS E 114 63.52 -39.43 -20.43
N TYR E 115 63.85 -38.29 -19.87
CA TYR E 115 64.51 -37.23 -20.64
C TYR E 115 66.02 -37.27 -20.50
N ALA E 116 66.53 -38.26 -19.77
CA ALA E 116 67.98 -38.53 -19.82
C ALA E 116 68.30 -39.17 -21.15
N PRO E 117 69.54 -38.96 -21.64
CA PRO E 117 69.95 -39.60 -22.89
C PRO E 117 69.80 -41.12 -22.80
N ALA E 118 69.73 -41.75 -24.00
CA ALA E 118 69.64 -43.23 -24.07
C ALA E 118 70.84 -43.91 -23.37
N TRP E 119 72.01 -43.32 -23.50
CA TRP E 119 73.26 -43.88 -22.89
C TRP E 119 73.21 -43.77 -21.37
N VAL E 120 72.28 -42.95 -20.83
CA VAL E 120 72.05 -42.95 -19.36
C VAL E 120 70.91 -43.92 -19.03
N LYS E 121 69.71 -43.64 -19.53
CA LYS E 121 68.51 -44.30 -19.01
C LYS E 121 68.47 -45.79 -19.36
N LEU E 122 69.30 -46.23 -20.34
CA LEU E 122 69.33 -47.68 -20.71
C LEU E 122 70.49 -48.39 -20.04
N ASP E 123 71.31 -47.70 -19.23
CA ASP E 123 72.49 -48.31 -18.57
C ASP E 123 72.32 -48.30 -17.04
N ASN E 124 71.59 -49.25 -16.50
CA ASN E 124 71.26 -49.30 -15.05
C ASN E 124 72.51 -49.58 -14.22
N ALA E 125 73.42 -50.37 -14.73
CA ALA E 125 74.61 -50.69 -13.94
C ALA E 125 75.40 -49.40 -13.66
N ARG E 126 75.56 -48.53 -14.65
CA ARG E 126 76.31 -47.28 -14.49
C ARG E 126 75.48 -46.25 -13.73
N PHE E 127 74.19 -46.21 -14.04
CA PHE E 127 73.27 -45.14 -13.56
C PHE E 127 72.11 -45.84 -12.89
N PRO E 128 72.17 -46.26 -11.59
CA PRO E 128 71.23 -47.21 -11.02
C PRO E 128 69.89 -46.63 -10.56
N ARG E 129 68.88 -47.47 -10.68
CA ARG E 129 67.50 -47.15 -10.23
C ARG E 129 67.31 -47.54 -8.76
N VAL E 130 66.34 -46.86 -8.17
CA VAL E 130 65.72 -47.22 -6.88
C VAL E 130 65.29 -48.70 -6.88
N VAL E 131 65.70 -49.41 -5.84
CA VAL E 131 65.26 -50.79 -5.59
C VAL E 131 64.26 -50.79 -4.47
N LYS E 132 63.16 -51.49 -4.65
CA LYS E 132 62.12 -51.64 -3.59
C LYS E 132 62.63 -52.55 -2.46
N GLU E 133 61.97 -52.47 -1.32
CA GLU E 133 62.27 -53.34 -0.19
C GLU E 133 62.13 -54.79 -0.65
N ASP E 134 61.23 -55.14 -1.59
CA ASP E 134 61.04 -56.55 -2.06
C ASP E 134 62.04 -56.93 -3.17
N GLY E 135 63.03 -56.09 -3.49
CA GLY E 135 64.07 -56.34 -4.51
C GLY E 135 63.68 -55.98 -5.95
N ASP E 136 62.41 -55.74 -6.27
CA ASP E 136 61.98 -55.25 -7.59
C ASP E 136 62.50 -53.81 -7.80
N THR E 137 62.64 -53.42 -9.07
CA THR E 137 63.31 -52.17 -9.48
C THR E 137 62.24 -51.24 -10.00
N LEU E 138 62.34 -49.97 -9.66
CA LEU E 138 61.45 -48.95 -10.22
C LEU E 138 62.16 -48.05 -11.22
N ASN E 139 61.38 -47.49 -12.18
CA ASN E 139 62.02 -46.61 -13.19
C ASN E 139 62.17 -45.19 -12.59
N SER E 140 63.07 -45.04 -11.62
CA SER E 140 63.37 -43.79 -10.87
C SER E 140 64.86 -43.89 -10.50
N LEU E 141 65.70 -42.97 -10.95
CA LEU E 141 67.15 -43.10 -10.69
C LEU E 141 67.44 -42.80 -9.22
N SER E 142 68.26 -43.62 -8.62
CA SER E 142 68.68 -43.44 -7.20
C SER E 142 69.51 -42.18 -7.05
N PRO E 143 69.22 -41.32 -6.04
CA PRO E 143 70.05 -40.17 -5.81
C PRO E 143 71.38 -40.53 -5.16
N LEU E 144 71.61 -41.84 -4.88
CA LEU E 144 72.94 -42.23 -4.39
C LEU E 144 73.75 -42.80 -5.54
N GLY E 145 73.29 -42.73 -6.79
CA GLY E 145 74.19 -43.12 -7.89
C GLY E 145 75.19 -42.02 -8.20
N GLN E 146 76.44 -42.23 -7.81
CA GLN E 146 77.49 -41.19 -7.98
C GLN E 146 77.75 -40.94 -9.45
N ASN E 147 77.67 -41.95 -10.29
CA ASN E 147 77.96 -41.68 -11.72
C ASN E 147 76.86 -40.81 -12.34
N THR E 148 75.62 -41.00 -11.88
CA THR E 148 74.44 -40.25 -12.39
C THR E 148 74.60 -38.79 -12.02
N LEU E 149 74.97 -38.52 -10.76
CA LEU E 149 75.18 -37.14 -10.31
C LEU E 149 76.31 -36.47 -11.10
N ALA E 150 77.42 -37.18 -11.33
CA ALA E 150 78.54 -36.55 -12.05
C ALA E 150 78.10 -36.23 -13.48
N ALA E 151 77.38 -37.13 -14.13
CA ALA E 151 76.93 -36.96 -15.54
C ALA E 151 75.92 -35.83 -15.67
N ASP E 152 74.95 -35.74 -14.75
CA ASP E 152 73.93 -34.66 -14.82
C ASP E 152 74.66 -33.33 -14.61
N LYS E 153 75.50 -33.26 -13.57
CA LYS E 153 76.29 -32.06 -13.27
C LYS E 153 77.07 -31.64 -14.54
N LYS E 154 77.70 -32.60 -15.22
CA LYS E 154 78.56 -32.27 -16.37
C LYS E 154 77.71 -31.60 -17.42
N ALA E 155 76.55 -32.17 -17.72
CA ALA E 155 75.74 -31.61 -18.82
C ALA E 155 75.16 -30.25 -18.41
N PHE E 156 74.70 -30.18 -17.16
CA PHE E 156 74.11 -28.91 -16.66
C PHE E 156 75.14 -27.78 -16.74
N VAL E 157 76.37 -28.10 -16.40
CA VAL E 157 77.50 -27.13 -16.48
C VAL E 157 77.66 -26.70 -17.93
N GLU E 158 77.61 -27.62 -18.93
CA GLU E 158 77.69 -27.19 -20.32
C GLU E 158 76.51 -26.27 -20.67
N LEU E 159 75.30 -26.57 -20.20
CA LEU E 159 74.17 -25.67 -20.49
C LEU E 159 74.44 -24.27 -19.95
N MET E 160 74.93 -24.21 -18.72
CA MET E 160 75.16 -22.91 -18.09
C MET E 160 76.32 -22.16 -18.77
N LYS E 161 77.34 -22.88 -19.26
CA LYS E 161 78.43 -22.26 -20.00
C LYS E 161 77.85 -21.71 -21.30
N TYR E 162 76.83 -22.40 -21.90
CA TYR E 162 76.22 -21.86 -23.14
C TYR E 162 75.62 -20.49 -22.80
N LEU E 163 74.89 -20.46 -21.72
CA LEU E 163 74.18 -19.19 -21.33
C LEU E 163 75.21 -18.12 -20.94
N ALA E 164 76.31 -18.52 -20.29
CA ALA E 164 77.38 -17.55 -19.92
C ALA E 164 77.89 -16.88 -21.18
N LYS E 165 78.12 -17.66 -22.27
CA LYS E 165 78.77 -17.07 -23.46
C LYS E 165 77.75 -16.50 -24.46
N ARG E 166 76.49 -16.91 -24.41
CA ARG E 166 75.53 -16.56 -25.46
C ARG E 166 74.30 -15.77 -24.96
N ASP E 167 74.24 -15.46 -23.67
CA ASP E 167 73.04 -14.86 -23.04
C ASP E 167 73.49 -13.76 -22.04
N LYS E 168 74.27 -12.81 -22.53
CA LYS E 168 74.85 -11.72 -21.73
C LYS E 168 73.76 -10.85 -21.12
N ASP E 169 72.63 -10.63 -21.80
CA ASP E 169 71.54 -9.77 -21.26
C ASP E 169 70.57 -10.60 -20.40
N HIS E 170 70.83 -11.89 -20.16
CA HIS E 170 70.02 -12.70 -19.25
C HIS E 170 68.57 -12.78 -19.76
N THR E 171 68.39 -13.08 -21.05
CA THR E 171 67.08 -13.50 -21.53
C THR E 171 66.53 -14.62 -20.64
N VAL E 172 67.40 -15.60 -20.29
CA VAL E 172 67.05 -16.62 -19.27
C VAL E 172 67.27 -16.01 -17.89
N ILE E 173 66.16 -15.90 -17.12
CA ILE E 173 66.22 -15.27 -15.79
C ILE E 173 66.29 -16.27 -14.66
N MET E 174 65.96 -17.53 -14.87
CA MET E 174 65.91 -18.53 -13.81
C MET E 174 65.92 -19.93 -14.45
N VAL E 175 66.44 -20.89 -13.72
CA VAL E 175 66.46 -22.29 -14.18
C VAL E 175 65.83 -23.17 -13.14
N GLN E 176 64.95 -24.04 -13.58
CA GLN E 176 64.37 -25.12 -12.77
C GLN E 176 65.32 -26.32 -12.87
N VAL E 177 65.81 -26.82 -11.76
CA VAL E 177 66.75 -27.94 -11.67
C VAL E 177 65.91 -29.19 -11.45
N GLN E 178 65.86 -30.02 -12.51
CA GLN E 178 65.04 -31.25 -12.53
C GLN E 178 63.57 -30.85 -12.67
N ASN E 179 62.68 -31.82 -12.73
CA ASN E 179 61.24 -31.52 -12.80
C ASN E 179 60.47 -32.56 -11.98
N GLU E 180 59.86 -32.15 -10.88
CA GLU E 180 59.07 -33.04 -10.03
C GLU E 180 59.92 -34.24 -9.65
N VAL E 181 60.96 -34.02 -8.85
CA VAL E 181 61.80 -35.14 -8.37
C VAL E 181 60.98 -36.05 -7.44
N GLY E 182 61.54 -37.21 -7.19
CA GLY E 182 61.04 -38.16 -6.21
C GLY E 182 60.86 -39.54 -6.77
N THR E 183 60.16 -40.39 -6.05
CA THR E 183 59.85 -41.74 -6.48
C THR E 183 58.40 -42.06 -6.18
N TYR E 184 57.71 -42.58 -7.18
CA TYR E 184 56.40 -43.24 -7.04
C TYR E 184 56.62 -44.73 -6.85
N GLY E 185 55.89 -45.33 -5.92
CA GLY E 185 55.85 -46.80 -5.71
C GLY E 185 56.83 -47.32 -4.69
N ALA E 186 57.58 -46.43 -4.08
CA ALA E 186 58.47 -46.75 -2.95
C ALA E 186 58.85 -45.47 -2.22
N VAL E 187 59.19 -45.62 -0.95
CA VAL E 187 59.54 -44.42 -0.14
C VAL E 187 60.97 -43.94 -0.40
N ARG E 188 61.87 -44.90 -0.62
CA ARG E 188 63.27 -44.59 -0.83
C ARG E 188 63.94 -45.68 -1.67
N ASP E 189 65.20 -45.49 -1.95
CA ASP E 189 66.04 -46.62 -2.49
C ASP E 189 66.40 -47.58 -1.34
N TYR E 190 66.14 -48.88 -1.52
CA TYR E 190 66.50 -49.98 -0.61
C TYR E 190 67.61 -50.85 -1.21
N SER E 191 68.32 -50.32 -2.21
CA SER E 191 69.47 -51.07 -2.74
C SER E 191 70.50 -51.29 -1.65
N PRO E 192 71.34 -52.33 -1.76
CA PRO E 192 72.46 -52.49 -0.83
C PRO E 192 73.29 -51.21 -0.69
N MET E 193 73.52 -50.49 -1.78
CA MET E 193 74.33 -49.22 -1.81
C MET E 193 73.59 -48.21 -0.92
N ALA E 194 72.29 -48.09 -1.11
CA ALA E 194 71.46 -47.10 -0.35
C ALA E 194 71.32 -47.50 1.12
N GLN E 195 71.19 -48.78 1.33
CA GLN E 195 70.97 -49.36 2.67
C GLN E 195 72.24 -49.11 3.52
N ALA E 196 73.44 -49.25 2.94
CA ALA E 196 74.68 -48.95 3.67
C ALA E 196 74.64 -47.48 4.16
N VAL E 197 74.18 -46.53 3.35
CA VAL E 197 74.20 -45.09 3.72
C VAL E 197 73.12 -44.86 4.82
N PHE E 198 71.94 -45.43 4.63
CA PHE E 198 70.85 -45.33 5.60
C PHE E 198 71.33 -45.87 6.95
N ASN E 199 72.04 -47.00 7.00
CA ASN E 199 72.44 -47.63 8.28
C ASN E 199 73.51 -46.76 8.98
N ALA E 200 74.20 -45.90 8.21
CA ALA E 200 75.29 -45.04 8.72
C ALA E 200 74.75 -43.83 9.47
N ALA E 201 75.67 -43.10 10.08
CA ALA E 201 75.39 -41.81 10.78
C ALA E 201 74.64 -40.88 9.86
N VAL E 202 73.54 -40.27 10.30
CA VAL E 202 73.01 -39.04 9.62
C VAL E 202 74.13 -38.01 9.58
N PRO E 203 74.41 -37.35 8.45
CA PRO E 203 75.47 -36.36 8.38
C PRO E 203 75.33 -35.29 9.47
N ASP E 204 76.50 -34.87 9.97
CA ASP E 204 76.66 -33.84 11.02
C ASP E 204 75.95 -32.56 10.61
N ASP E 205 76.11 -32.09 9.38
CA ASP E 205 75.51 -30.80 8.96
C ASP E 205 73.99 -30.79 9.21
N LEU E 206 73.31 -31.87 8.90
CA LEU E 206 71.84 -31.96 8.99
C LEU E 206 71.49 -31.98 10.48
N ILE E 207 72.18 -32.80 11.23
CA ILE E 207 71.95 -32.88 12.70
C ILE E 207 72.05 -31.48 13.30
N GLN E 208 73.12 -30.75 12.99
CA GLN E 208 73.44 -29.42 13.59
C GLN E 208 72.33 -28.44 13.18
N LYS E 209 71.99 -28.41 11.89
CA LYS E 209 70.93 -27.49 11.39
C LYS E 209 69.56 -27.78 12.01
N LEU E 210 69.20 -29.01 12.24
CA LEU E 210 67.90 -29.44 12.80
C LEU E 210 67.98 -29.44 14.32
N GLN E 211 69.17 -29.22 14.90
CA GLN E 211 69.37 -29.28 16.37
C GLN E 211 68.85 -30.61 16.94
N LEU E 212 69.30 -31.74 16.39
CA LEU E 212 68.86 -33.10 16.82
C LEU E 212 70.05 -33.77 17.50
N LYS E 213 69.84 -34.93 18.10
CA LYS E 213 70.92 -35.79 18.70
C LYS E 213 71.51 -36.68 17.59
N PRO E 214 72.85 -36.90 17.58
CA PRO E 214 73.46 -37.71 16.55
C PRO E 214 72.90 -39.15 16.58
N GLY E 215 72.97 -39.84 15.45
CA GLY E 215 72.52 -41.24 15.39
C GLY E 215 72.35 -41.65 13.94
N THR E 216 71.90 -42.87 13.72
CA THR E 216 71.67 -43.41 12.38
C THR E 216 70.33 -42.82 11.94
N TRP E 217 69.99 -43.00 10.69
CA TRP E 217 68.73 -42.49 10.12
C TRP E 217 67.58 -43.04 10.94
N SER E 218 67.56 -44.32 11.21
CA SER E 218 66.42 -44.94 11.94
C SER E 218 66.40 -44.42 13.38
N GLN E 219 67.57 -44.20 13.99
CA GLN E 219 67.59 -43.70 15.39
C GLN E 219 67.11 -42.25 15.43
N VAL E 220 67.56 -41.42 14.50
CA VAL E 220 67.27 -39.96 14.57
C VAL E 220 65.84 -39.72 14.12
N PHE E 221 65.29 -40.42 13.11
CA PHE E 221 63.96 -40.02 12.53
C PHE E 221 62.82 -41.03 12.72
N GLY E 222 63.06 -42.22 13.29
CA GLY E 222 62.02 -43.23 13.57
C GLY E 222 61.10 -43.45 12.37
N ARG E 223 59.78 -43.27 12.54
CA ARG E 223 58.69 -43.42 11.54
C ARG E 223 59.05 -42.66 10.25
N ASP E 224 59.82 -41.56 10.31
CA ASP E 224 60.05 -40.71 9.11
C ASP E 224 61.41 -40.99 8.47
N ALA E 225 62.14 -42.02 8.89
CA ALA E 225 63.54 -42.20 8.43
C ALA E 225 63.53 -42.45 6.93
N ASP E 226 62.65 -43.33 6.44
CA ASP E 226 62.73 -43.75 4.99
C ASP E 226 62.49 -42.51 4.12
N GLU E 227 61.45 -41.76 4.39
CA GLU E 227 61.05 -40.60 3.53
C GLU E 227 62.07 -39.47 3.67
N PHE E 228 62.47 -39.17 4.93
CA PHE E 228 63.41 -38.06 5.16
C PHE E 228 64.75 -38.37 4.49
N PHE E 229 65.15 -39.65 4.53
CA PHE E 229 66.38 -40.11 3.87
C PHE E 229 66.31 -39.82 2.36
N HIS E 230 65.20 -40.18 1.73
CA HIS E 230 65.08 -40.01 0.28
C HIS E 230 65.13 -38.51 0.02
N ALA E 231 64.34 -37.72 0.79
CA ALA E 231 64.29 -36.28 0.53
C ALA E 231 65.70 -35.69 0.68
N TYR E 232 66.40 -36.09 1.73
CA TYR E 232 67.74 -35.54 1.96
C TYR E 232 68.68 -35.90 0.78
N GLN E 233 68.63 -37.17 0.36
CA GLN E 233 69.59 -37.60 -0.67
C GLN E 233 69.25 -36.92 -2.01
N ILE E 234 67.99 -36.71 -2.34
CA ILE E 234 67.58 -36.00 -3.58
C ILE E 234 67.97 -34.52 -3.44
N ALA E 235 67.65 -33.91 -2.28
CA ALA E 235 68.01 -32.50 -2.04
C ALA E 235 69.52 -32.28 -2.20
N ARG E 236 70.36 -33.16 -1.61
CA ARG E 236 71.83 -33.05 -1.79
C ARG E 236 72.21 -33.13 -3.30
N TYR E 237 71.60 -34.06 -4.01
CA TYR E 237 71.88 -34.25 -5.45
C TYR E 237 71.56 -32.98 -6.18
N CYS E 238 70.34 -32.47 -5.96
CA CYS E 238 69.90 -31.24 -6.66
C CYS E 238 70.78 -30.04 -6.28
N ASP E 239 71.17 -29.95 -5.02
CA ASP E 239 72.04 -28.87 -4.54
C ASP E 239 73.40 -28.90 -5.26
N GLU E 240 73.98 -30.11 -5.38
CA GLU E 240 75.29 -30.24 -6.06
C GLU E 240 75.17 -29.84 -7.54
N VAL E 241 74.09 -30.26 -8.23
CA VAL E 241 73.88 -29.82 -9.62
C VAL E 241 73.77 -28.29 -9.67
N THR E 242 73.00 -27.75 -8.72
CA THR E 242 72.74 -26.30 -8.68
C THR E 242 74.05 -25.53 -8.45
N VAL E 243 74.88 -25.98 -7.50
CA VAL E 243 76.17 -25.33 -7.20
C VAL E 243 77.07 -25.33 -8.43
N ALA E 244 77.15 -26.48 -9.11
CA ALA E 244 78.05 -26.60 -10.27
C ALA E 244 77.60 -25.65 -11.38
N GLY E 245 76.29 -25.51 -11.59
CA GLY E 245 75.83 -24.61 -12.65
C GLY E 245 75.99 -23.15 -12.26
N LYS E 246 75.73 -22.83 -10.99
CA LYS E 246 75.82 -21.39 -10.54
C LYS E 246 77.29 -20.95 -10.56
N ALA E 247 78.24 -21.90 -10.42
CA ALA E 247 79.67 -21.56 -10.48
C ALA E 247 79.99 -21.05 -11.89
N ILE E 248 79.23 -21.49 -12.89
CA ILE E 248 79.38 -20.97 -14.27
C ILE E 248 78.62 -19.68 -14.44
N LYS E 249 77.36 -19.70 -14.10
CA LYS E 249 76.57 -18.44 -14.13
C LYS E 249 75.56 -18.51 -13.00
N ASN E 250 75.60 -17.51 -12.13
CA ASN E 250 74.87 -17.51 -10.84
C ASN E 250 73.43 -17.00 -11.01
N LEU E 251 72.68 -17.62 -11.90
CA LEU E 251 71.23 -17.42 -11.99
C LEU E 251 70.53 -18.03 -10.78
N PRO E 252 69.35 -17.48 -10.44
CA PRO E 252 68.44 -18.13 -9.52
C PRO E 252 68.04 -19.50 -10.04
N MET E 253 67.87 -20.45 -9.14
CA MET E 253 67.53 -21.82 -9.51
C MET E 253 66.57 -22.41 -8.48
N TYR E 254 65.65 -23.15 -8.96
CA TYR E 254 64.59 -23.69 -8.09
C TYR E 254 64.21 -25.12 -8.42
N VAL E 255 63.47 -25.74 -7.53
CA VAL E 255 62.81 -27.01 -7.75
C VAL E 255 61.31 -26.92 -7.63
N ASN E 256 60.61 -27.74 -8.38
CA ASN E 256 59.14 -27.76 -8.51
C ASN E 256 58.59 -29.04 -7.96
N VAL E 257 57.53 -28.96 -7.15
CA VAL E 257 57.07 -30.11 -6.36
C VAL E 257 55.79 -30.70 -6.89
N ALA E 258 55.80 -32.01 -7.12
CA ALA E 258 54.58 -32.80 -7.27
C ALA E 258 53.98 -32.90 -5.85
N LEU E 259 52.97 -32.08 -5.64
CA LEU E 259 52.45 -31.88 -4.29
C LEU E 259 51.74 -33.12 -3.78
N ARG E 260 51.80 -33.28 -2.48
CA ARG E 260 50.89 -34.16 -1.78
C ARG E 260 49.70 -33.32 -1.30
N ASN E 261 48.55 -33.95 -1.20
CA ASN E 261 47.33 -33.25 -0.73
C ASN E 261 47.59 -32.78 0.69
N PRO E 262 47.53 -31.49 1.01
CA PRO E 262 48.01 -31.05 2.33
C PRO E 262 47.02 -31.47 3.44
N PHE E 263 45.76 -31.80 3.10
CA PHE E 263 44.72 -32.22 4.08
C PHE E 263 44.63 -33.74 4.27
N ASN E 264 45.01 -34.55 3.27
CA ASN E 264 44.77 -36.00 3.21
C ASN E 264 45.86 -36.55 2.31
N PRO E 265 47.14 -36.42 2.68
CA PRO E 265 48.28 -36.71 1.79
C PRO E 265 48.41 -38.17 1.33
N GLY E 266 47.92 -39.14 2.13
CA GLY E 266 48.25 -40.53 1.82
C GLY E 266 49.71 -40.78 2.11
N LEU E 267 50.26 -41.87 1.57
CA LEU E 267 51.62 -42.36 1.95
C LEU E 267 52.64 -41.90 0.92
N PRO E 268 53.86 -41.65 1.37
CA PRO E 268 54.97 -41.43 0.46
C PRO E 268 55.17 -42.67 -0.42
N GLY E 269 55.25 -42.41 -1.70
CA GLY E 269 55.21 -43.44 -2.78
C GLY E 269 53.88 -43.46 -3.47
N GLN E 270 52.79 -43.17 -2.78
CA GLN E 270 51.51 -42.86 -3.46
C GLN E 270 51.70 -41.45 -4.05
N TYR E 271 52.17 -40.50 -3.23
CA TYR E 271 52.71 -39.26 -3.76
C TYR E 271 54.19 -39.45 -4.03
N SER E 272 54.79 -38.48 -4.67
CA SER E 272 56.17 -38.60 -5.14
C SER E 272 57.08 -38.40 -3.90
N SER E 273 57.59 -39.49 -3.37
CA SER E 273 58.41 -39.51 -2.16
C SER E 273 59.71 -38.77 -2.41
N GLY E 274 60.12 -37.93 -1.47
CA GLY E 274 61.43 -37.29 -1.54
C GLY E 274 61.44 -35.89 -2.17
N GLY E 275 60.41 -35.53 -2.94
CA GLY E 275 60.23 -34.16 -3.45
C GLY E 275 59.97 -33.24 -2.25
N GLY E 276 59.93 -31.94 -2.54
CA GLY E 276 59.75 -30.94 -1.49
C GLY E 276 58.31 -30.83 -1.02
N THR E 277 57.72 -31.94 -0.63
CA THR E 277 56.38 -31.97 0.01
C THR E 277 56.42 -31.27 1.40
N ASP E 278 55.24 -30.87 1.85
CA ASP E 278 55.12 -29.90 2.97
C ASP E 278 55.79 -30.47 4.22
N ASN E 279 55.78 -31.80 4.39
CA ASN E 279 56.39 -32.47 5.56
C ASN E 279 57.93 -32.55 5.50
N VAL E 280 58.61 -32.30 4.39
CA VAL E 280 60.10 -32.39 4.29
C VAL E 280 60.70 -31.09 3.83
N LEU E 281 59.96 -29.99 3.89
CA LEU E 281 60.56 -28.68 3.54
C LEU E 281 61.74 -28.41 4.45
N HIS E 282 61.64 -28.76 5.75
CA HIS E 282 62.75 -28.50 6.70
C HIS E 282 64.01 -29.31 6.26
N ILE E 283 63.82 -30.47 5.70
CA ILE E 283 64.96 -31.33 5.24
C ILE E 283 65.53 -30.68 4.00
N TRP E 284 64.70 -30.31 3.04
CA TRP E 284 65.15 -29.66 1.80
C TRP E 284 65.92 -28.39 2.13
N LYS E 285 65.37 -27.56 3.05
CA LYS E 285 66.05 -26.29 3.27
C LYS E 285 67.41 -26.50 3.98
N ALA E 286 67.52 -27.51 4.84
CA ALA E 286 68.81 -27.80 5.54
C ALA E 286 69.78 -28.47 4.54
N ALA E 287 69.27 -29.28 3.64
CA ALA E 287 70.16 -30.09 2.76
C ALA E 287 70.65 -29.25 1.58
N ALA E 288 69.87 -28.28 1.12
CA ALA E 288 70.06 -27.64 -0.19
C ALA E 288 70.09 -26.11 -0.04
N PRO E 289 71.11 -25.52 0.63
CA PRO E 289 71.18 -24.04 0.87
C PRO E 289 71.39 -23.25 -0.42
N ASN E 290 71.73 -23.96 -1.51
CA ASN E 290 72.06 -23.25 -2.76
C ASN E 290 70.85 -23.18 -3.68
N ILE E 291 69.77 -23.91 -3.37
CA ILE E 291 68.54 -23.89 -4.20
C ILE E 291 67.73 -22.68 -3.69
N ASP E 292 67.36 -21.75 -4.58
CA ASP E 292 66.82 -20.47 -4.11
C ASP E 292 65.43 -20.68 -3.50
N LEU E 293 64.57 -21.49 -4.07
CA LEU E 293 63.20 -21.69 -3.53
C LEU E 293 62.65 -23.06 -3.94
N ILE E 294 61.63 -23.49 -3.23
CA ILE E 294 60.92 -24.73 -3.52
C ILE E 294 59.52 -24.32 -3.98
N ALA E 295 59.08 -24.68 -5.20
CA ALA E 295 57.89 -24.11 -5.88
C ALA E 295 56.84 -25.17 -6.00
N PRO E 296 55.59 -24.87 -5.60
CA PRO E 296 54.49 -25.79 -5.78
C PRO E 296 53.97 -25.83 -7.22
N ASP E 297 53.60 -27.04 -7.62
CA ASP E 297 52.92 -27.31 -8.91
C ASP E 297 51.43 -27.61 -8.57
N ILE E 298 50.53 -26.65 -8.85
CA ILE E 298 49.16 -26.74 -8.27
C ILE E 298 48.18 -27.23 -9.31
N TYR E 299 47.53 -28.37 -9.02
CA TYR E 299 46.46 -28.89 -9.88
C TYR E 299 45.19 -29.18 -9.09
N PHE E 300 45.21 -28.83 -7.79
CA PHE E 300 43.97 -28.87 -6.99
C PHE E 300 43.09 -27.71 -7.50
N ARG E 301 41.80 -27.93 -7.72
N ARG E 301 41.81 -27.94 -7.73
CA ARG E 301 40.96 -26.85 -8.29
CA ARG E 301 40.94 -26.91 -8.32
C ARG E 301 40.27 -26.08 -7.18
C ARG E 301 40.25 -26.10 -7.20
N ASP E 302 40.05 -26.76 -6.03
CA ASP E 302 39.22 -26.22 -4.92
C ASP E 302 39.98 -25.14 -4.13
N TYR E 303 39.25 -24.06 -3.82
CA TYR E 303 39.83 -22.91 -3.14
C TYR E 303 40.51 -23.35 -1.84
N LYS E 304 39.89 -24.18 -1.04
CA LYS E 304 40.41 -24.49 0.32
C LYS E 304 41.79 -25.12 0.20
N THR E 305 41.92 -26.07 -0.75
CA THR E 305 43.20 -26.81 -0.83
C THR E 305 44.28 -25.92 -1.47
N VAL E 306 43.93 -25.18 -2.54
CA VAL E 306 44.88 -24.25 -3.17
C VAL E 306 45.35 -23.25 -2.10
N SER E 307 44.39 -22.69 -1.34
CA SER E 307 44.80 -21.70 -0.35
C SER E 307 45.77 -22.30 0.66
N LYS E 308 45.53 -23.53 1.06
CA LYS E 308 46.44 -24.20 2.02
C LYS E 308 47.84 -24.35 1.43
N VAL E 309 47.88 -24.76 0.17
CA VAL E 309 49.21 -24.88 -0.51
C VAL E 309 49.91 -23.54 -0.50
N LEU E 310 49.20 -22.47 -0.84
CA LEU E 310 49.89 -21.17 -0.91
C LEU E 310 50.41 -20.82 0.50
N GLU E 311 49.65 -21.15 1.52
CA GLU E 311 50.07 -20.88 2.91
C GLU E 311 51.32 -21.67 3.26
N LEU E 312 51.32 -22.96 2.92
CA LEU E 312 52.46 -23.82 3.33
C LEU E 312 53.73 -23.46 2.56
N TYR E 313 53.63 -23.02 1.30
CA TYR E 313 54.86 -22.73 0.52
C TYR E 313 55.35 -21.29 0.64
N THR E 314 54.59 -20.42 1.33
CA THR E 314 55.03 -19.03 1.55
C THR E 314 55.62 -18.99 2.96
N ARG E 315 56.91 -18.80 3.03
CA ARG E 315 57.63 -18.89 4.33
C ARG E 315 58.68 -17.82 4.37
N PRO E 316 59.11 -17.39 5.57
CA PRO E 316 60.21 -16.46 5.64
C PRO E 316 61.44 -16.99 4.89
N ASP E 317 61.58 -18.28 4.84
CA ASP E 317 62.75 -18.91 4.14
C ASP E 317 62.33 -19.41 2.76
N ASN E 318 61.16 -19.08 2.24
CA ASN E 318 60.75 -19.61 0.91
C ASN E 318 59.85 -18.61 0.19
N ALA E 319 60.39 -17.95 -0.82
CA ALA E 319 59.64 -17.11 -1.77
C ALA E 319 58.61 -18.02 -2.44
N LEU E 320 57.42 -17.50 -2.66
CA LEU E 320 56.32 -18.24 -3.34
C LEU E 320 56.43 -18.01 -4.85
N PHE E 321 56.61 -19.11 -5.59
CA PHE E 321 56.53 -19.11 -7.05
C PHE E 321 55.62 -20.25 -7.41
N VAL E 322 54.52 -19.93 -8.08
CA VAL E 322 53.60 -20.95 -8.53
C VAL E 322 54.13 -21.46 -9.90
N ALA E 323 55.00 -22.46 -9.82
CA ALA E 323 55.88 -22.81 -10.96
C ALA E 323 55.03 -23.45 -12.04
N GLU E 324 53.98 -24.17 -11.64
CA GLU E 324 52.96 -24.70 -12.58
C GLU E 324 51.60 -24.51 -11.89
N ILE E 325 50.60 -24.25 -12.69
CA ILE E 325 49.20 -24.37 -12.24
C ILE E 325 48.38 -24.87 -13.42
N GLY E 326 47.30 -25.50 -13.15
CA GLY E 326 46.39 -26.00 -14.20
C GLY E 326 45.91 -24.85 -15.07
N ASN E 327 45.58 -25.15 -16.31
CA ASN E 327 45.20 -24.12 -17.29
C ASN E 327 43.68 -24.08 -17.51
N ASP E 328 42.94 -24.79 -16.70
CA ASP E 328 41.46 -24.62 -16.73
C ASP E 328 41.04 -23.29 -16.08
N GLN E 329 39.86 -22.88 -16.43
CA GLN E 329 39.27 -21.57 -15.98
C GLN E 329 39.39 -21.34 -14.47
N PRO E 330 39.08 -22.31 -13.62
CA PRO E 330 39.03 -22.03 -12.17
C PRO E 330 40.37 -21.55 -11.62
N PHE E 331 41.47 -21.90 -12.28
CA PHE E 331 42.79 -21.61 -11.76
C PHE E 331 43.21 -20.15 -11.96
N ALA E 332 42.64 -19.42 -12.90
CA ALA E 332 43.18 -18.09 -13.23
C ALA E 332 43.09 -17.19 -11.98
N ARG E 333 42.05 -17.36 -11.17
CA ARG E 333 41.84 -16.38 -10.05
C ARG E 333 42.87 -16.55 -8.96
N TYR E 334 43.61 -17.66 -8.94
CA TYR E 334 44.64 -17.86 -7.91
C TYR E 334 45.82 -16.95 -8.16
N LEU E 335 45.90 -16.24 -9.27
CA LEU E 335 46.93 -15.20 -9.43
C LEU E 335 46.78 -14.18 -8.32
N PHE E 336 45.56 -13.88 -7.93
CA PHE E 336 45.38 -12.77 -6.95
C PHE E 336 45.96 -13.13 -5.59
N PRO E 337 45.58 -14.24 -4.92
CA PRO E 337 46.25 -14.62 -3.65
C PRO E 337 47.74 -14.88 -3.79
N THR E 338 48.13 -15.46 -4.95
CA THR E 338 49.55 -15.67 -5.16
C THR E 338 50.29 -14.34 -4.99
N LEU E 339 49.88 -13.30 -5.71
CA LEU E 339 50.55 -11.99 -5.63
C LEU E 339 50.33 -11.36 -4.22
N GLY E 340 49.16 -11.61 -3.64
CA GLY E 340 48.94 -11.01 -2.31
C GLY E 340 49.87 -11.57 -1.27
N LYS E 341 50.32 -12.84 -1.42
CA LYS E 341 51.25 -13.47 -0.48
C LYS E 341 52.67 -12.94 -0.71
N GLY E 342 52.91 -12.07 -1.69
CA GLY E 342 54.25 -11.62 -2.10
C GLY E 342 54.87 -12.59 -3.11
N GLY E 343 54.05 -13.36 -3.81
CA GLY E 343 54.54 -14.30 -4.83
C GLY E 343 55.29 -13.56 -5.89
N ILE E 344 56.33 -14.24 -6.44
CA ILE E 344 57.21 -13.70 -7.49
C ILE E 344 56.72 -14.13 -8.87
N GLY E 345 55.73 -15.02 -8.93
CA GLY E 345 55.24 -15.44 -10.23
C GLY E 345 54.26 -16.55 -10.20
N PHE E 346 53.81 -16.85 -11.42
CA PHE E 346 52.64 -17.69 -11.67
C PHE E 346 52.75 -18.19 -13.10
N SER E 347 52.71 -19.50 -13.28
CA SER E 347 52.98 -20.07 -14.62
C SER E 347 51.99 -21.18 -14.96
N PRO E 348 50.84 -20.85 -15.59
CA PRO E 348 49.92 -21.88 -16.06
C PRO E 348 50.62 -22.85 -17.06
N PHE E 349 50.33 -24.10 -16.86
CA PHE E 349 50.95 -25.21 -17.59
C PHE E 349 50.10 -25.58 -18.81
N GLY E 350 50.80 -25.78 -19.93
CA GLY E 350 50.11 -26.33 -21.11
C GLY E 350 49.62 -25.21 -22.05
N MET E 351 50.27 -24.05 -22.07
CA MET E 351 49.78 -22.91 -22.86
C MET E 351 50.45 -22.95 -24.26
N ASP E 352 50.10 -23.98 -24.98
CA ASP E 352 50.55 -24.08 -26.41
C ASP E 352 49.48 -24.83 -27.21
N ASP E 353 49.69 -24.77 -28.54
CA ASP E 353 48.76 -25.37 -29.49
C ASP E 353 49.38 -26.61 -30.12
N THR E 354 50.10 -27.37 -29.32
CA THR E 354 50.75 -28.59 -29.85
C THR E 354 49.82 -29.81 -29.78
N ASP E 355 48.52 -29.64 -29.74
CA ASP E 355 47.52 -30.71 -29.80
C ASP E 355 47.69 -31.64 -28.60
N TYR E 356 47.67 -31.05 -27.41
CA TYR E 356 47.67 -31.83 -26.18
C TYR E 356 46.92 -31.03 -25.12
N THR E 357 46.14 -31.75 -24.33
N THR E 357 46.14 -31.73 -24.34
CA THR E 357 45.53 -31.22 -23.08
CA THR E 357 45.64 -31.18 -23.05
C THR E 357 45.80 -32.21 -21.94
C THR E 357 45.82 -32.20 -21.95
N ASN E 358 46.18 -31.74 -20.76
CA ASN E 358 46.40 -32.62 -19.58
C ASN E 358 45.11 -32.70 -18.73
N TYR E 359 43.97 -32.37 -19.27
CA TYR E 359 42.65 -32.69 -18.66
C TYR E 359 42.67 -34.15 -18.29
N PRO E 360 42.34 -34.57 -17.07
CA PRO E 360 41.52 -33.79 -16.13
C PRO E 360 42.27 -32.78 -15.28
N LEU E 361 43.59 -32.69 -15.36
CA LEU E 361 44.33 -31.69 -14.57
C LEU E 361 44.04 -30.26 -15.04
N GLY E 362 44.02 -30.05 -16.33
CA GLY E 362 43.78 -28.75 -16.95
C GLY E 362 42.51 -28.76 -17.78
N ALA E 363 42.50 -27.84 -18.74
CA ALA E 363 41.34 -27.52 -19.58
C ALA E 363 41.05 -28.70 -20.50
N LYS E 364 39.79 -29.02 -20.67
CA LYS E 364 39.34 -30.09 -21.56
C LYS E 364 39.66 -29.72 -23.02
N VAL E 365 39.49 -28.46 -23.36
CA VAL E 365 39.70 -27.88 -24.70
C VAL E 365 40.71 -26.78 -24.54
N TYR E 366 41.69 -26.76 -25.40
CA TYR E 366 42.66 -25.68 -25.55
C TYR E 366 42.28 -24.81 -26.74
N ASN E 367 41.85 -23.59 -26.47
CA ASN E 367 41.43 -22.63 -27.51
C ASN E 367 41.57 -21.20 -26.99
N ASP E 368 41.20 -20.23 -27.81
CA ASP E 368 41.41 -18.84 -27.46
C ASP E 368 40.70 -18.51 -26.17
N GLU E 369 39.52 -19.09 -25.93
CA GLU E 369 38.83 -18.81 -24.65
C GLU E 369 39.65 -19.33 -23.47
N THR E 370 40.31 -20.48 -23.58
CA THR E 370 41.16 -21.02 -22.51
C THR E 370 42.21 -19.98 -22.15
N ILE E 371 42.88 -19.41 -23.14
CA ILE E 371 43.95 -18.42 -22.94
C ILE E 371 43.34 -17.14 -22.34
N GLU E 372 42.21 -16.72 -22.83
CA GLU E 372 41.62 -15.42 -22.45
C GLU E 372 41.33 -15.45 -20.94
N GLN E 373 41.03 -16.57 -20.31
CA GLN E 373 40.77 -16.53 -18.85
C GLN E 373 41.99 -15.99 -18.12
N PHE E 374 43.19 -16.37 -18.55
CA PHE E 374 44.44 -15.88 -17.98
C PHE E 374 44.75 -14.47 -18.49
N ALA E 375 44.52 -14.20 -19.77
CA ALA E 375 44.84 -12.90 -20.34
C ALA E 375 44.08 -11.84 -19.52
N GLN E 376 42.85 -12.13 -19.16
CA GLN E 376 42.07 -11.05 -18.46
C GLN E 376 42.66 -10.72 -17.11
N VAL E 377 43.22 -11.67 -16.38
CA VAL E 377 43.80 -11.39 -15.06
C VAL E 377 45.19 -10.80 -15.25
N TYR E 378 45.97 -11.26 -16.24
CA TYR E 378 47.29 -10.67 -16.50
C TYR E 378 47.18 -9.18 -16.87
N ARG E 379 46.10 -8.80 -17.55
CA ARG E 379 45.91 -7.40 -17.99
C ARG E 379 45.79 -6.46 -16.78
N LEU E 380 45.49 -7.01 -15.62
CA LEU E 380 45.35 -6.15 -14.39
C LEU E 380 46.74 -5.86 -13.86
N VAL E 381 47.70 -6.78 -14.07
CA VAL E 381 49.02 -6.71 -13.40
C VAL E 381 50.07 -6.11 -14.34
N ASN E 382 50.03 -6.53 -15.61
CA ASN E 382 51.05 -6.05 -16.61
C ASN E 382 51.27 -4.55 -16.54
N PRO E 383 50.20 -3.68 -16.56
CA PRO E 383 50.41 -2.25 -16.60
C PRO E 383 51.11 -1.65 -15.36
N MET E 384 51.20 -2.40 -14.27
CA MET E 384 51.84 -1.97 -13.03
C MET E 384 52.88 -2.98 -12.56
N MET E 385 53.38 -3.82 -13.45
CA MET E 385 54.16 -5.00 -12.98
C MET E 385 55.33 -4.57 -12.10
N ARG E 386 56.16 -3.63 -12.56
CA ARG E 386 57.37 -3.23 -11.80
C ARG E 386 56.96 -2.50 -10.52
N GLU E 387 55.91 -1.68 -10.58
CA GLU E 387 55.49 -0.96 -9.34
C GLU E 387 54.95 -1.98 -8.33
N TRP E 388 54.10 -2.90 -8.77
CA TRP E 388 53.54 -3.95 -7.86
C TRP E 388 54.70 -4.74 -7.26
N ALA E 389 55.64 -5.17 -8.09
CA ALA E 389 56.73 -6.02 -7.59
C ALA E 389 57.49 -5.25 -6.47
N ARG E 390 57.74 -3.96 -6.65
CA ARG E 390 58.47 -3.15 -5.63
C ARG E 390 57.59 -3.06 -4.36
N LEU E 391 56.29 -2.81 -4.50
CA LEU E 391 55.40 -2.65 -3.31
C LEU E 391 55.32 -3.97 -2.54
N SER E 392 55.26 -5.08 -3.25
N SER E 392 55.31 -5.12 -3.25
CA SER E 392 55.19 -6.37 -2.57
CA SER E 392 55.15 -6.45 -2.61
C SER E 392 56.45 -6.56 -1.73
C SER E 392 56.45 -6.88 -1.92
N TYR E 393 57.61 -6.34 -2.34
CA TYR E 393 58.89 -6.57 -1.62
C TYR E 393 59.12 -5.57 -0.46
N GLN E 394 58.82 -4.28 -0.65
CA GLN E 394 59.20 -3.17 0.26
C GLN E 394 58.05 -2.84 1.18
N GLY E 395 56.85 -3.15 0.79
CA GLY E 395 55.70 -2.74 1.58
C GLY E 395 54.67 -3.82 1.82
N GLN E 396 53.45 -3.30 1.89
CA GLN E 396 52.31 -4.17 2.23
C GLN E 396 51.42 -4.30 1.01
N VAL E 397 51.17 -5.57 0.74
CA VAL E 397 50.18 -5.97 -0.31
C VAL E 397 49.23 -7.00 0.26
N TRP E 398 48.11 -7.12 -0.44
CA TRP E 398 47.07 -8.09 -0.18
C TRP E 398 46.48 -8.57 -1.50
N GLY E 399 45.93 -9.76 -1.47
CA GLY E 399 45.27 -10.30 -2.67
C GLY E 399 44.32 -11.40 -2.25
N VAL E 400 43.16 -11.46 -2.89
CA VAL E 400 42.13 -12.45 -2.57
C VAL E 400 41.53 -12.94 -3.89
N ALA E 401 41.04 -14.18 -3.80
CA ALA E 401 40.21 -14.74 -4.85
C ALA E 401 38.85 -15.12 -4.33
N GLU E 402 37.93 -15.23 -5.24
CA GLU E 402 36.55 -15.67 -4.96
C GLU E 402 36.59 -17.00 -4.22
N PRO E 403 36.05 -17.11 -2.98
CA PRO E 403 36.34 -18.22 -2.12
C PRO E 403 35.39 -19.40 -2.13
N LEU E 404 34.33 -19.34 -2.95
CA LEU E 404 33.49 -20.52 -3.27
C LEU E 404 33.82 -20.96 -4.69
N ASP E 405 34.05 -22.25 -4.85
CA ASP E 405 34.16 -22.86 -6.20
C ASP E 405 32.78 -22.83 -6.86
N SER E 406 32.71 -22.99 -8.16
CA SER E 406 31.47 -23.04 -8.96
C SER E 406 30.56 -24.11 -8.38
N THR E 407 29.29 -23.82 -8.32
CA THR E 407 28.30 -24.79 -7.80
C THR E 407 28.26 -26.02 -8.69
N THR E 408 28.40 -27.20 -8.09
CA THR E 408 28.38 -28.49 -8.81
C THR E 408 26.95 -28.84 -9.21
N GLU E 409 26.85 -29.77 -10.12
CA GLU E 409 25.58 -30.47 -10.53
C GLU E 409 24.89 -31.11 -9.30
N THR E 410 25.61 -31.83 -8.44
CA THR E 410 25.05 -32.47 -7.22
C THR E 410 24.45 -31.40 -6.30
N GLN E 411 25.08 -30.22 -6.23
CA GLN E 411 24.65 -29.11 -5.33
C GLN E 411 23.46 -28.38 -5.95
N LYS E 412 23.40 -28.26 -7.26
CA LYS E 412 22.26 -27.57 -7.91
C LYS E 412 20.99 -28.42 -7.68
N ILE E 413 21.15 -29.75 -7.56
CA ILE E 413 20.06 -30.72 -7.19
C ILE E 413 19.79 -30.65 -5.67
N TRP E 414 20.79 -30.89 -4.80
CA TRP E 414 20.62 -30.82 -3.32
C TRP E 414 19.96 -29.47 -2.99
N ASN E 415 20.40 -28.42 -3.68
CA ASN E 415 19.80 -27.05 -3.70
C ASN E 415 18.38 -27.17 -4.26
N GLU E 417 15.08 -28.09 -4.79
CA GLU E 417 14.53 -29.22 -4.00
C GLU E 417 14.20 -28.74 -2.59
N ALA E 418 15.10 -27.99 -1.98
CA ALA E 418 15.09 -27.68 -0.52
C ALA E 418 13.93 -26.73 -0.16
N THR E 419 13.62 -26.63 1.14
CA THR E 419 12.57 -25.74 1.71
C THR E 419 12.73 -24.33 1.15
N PRO E 420 11.65 -23.53 1.07
CA PRO E 420 11.80 -22.08 0.84
C PRO E 420 12.70 -21.40 1.89
N GLU E 421 12.48 -21.74 3.17
CA GLU E 421 13.28 -21.23 4.34
C GLU E 421 14.74 -21.70 4.23
N GLU E 422 14.98 -22.90 3.68
CA GLU E 422 16.34 -23.49 3.56
C GLU E 422 17.11 -22.74 2.45
N LYS E 423 16.38 -22.37 1.38
CA LYS E 423 16.92 -21.67 0.20
C LYS E 423 17.31 -20.27 0.66
N GLU E 424 16.41 -19.61 1.44
CA GLU E 424 16.71 -18.24 1.96
C GLU E 424 17.98 -18.35 2.80
N GLN E 425 18.12 -19.40 3.63
CA GLN E 425 19.30 -19.56 4.50
C GLN E 425 20.57 -19.83 3.68
N HIS E 426 20.44 -20.61 2.62
CA HIS E 426 21.57 -20.98 1.74
C HIS E 426 22.08 -19.72 1.07
N LYS E 427 21.17 -18.88 0.57
CA LYS E 427 21.59 -17.61 -0.08
C LYS E 427 22.29 -16.72 0.94
N LYS E 428 21.82 -16.65 2.19
CA LYS E 428 22.50 -15.83 3.22
C LYS E 428 23.91 -16.38 3.50
N ASP E 429 23.99 -17.70 3.67
CA ASP E 429 25.26 -18.39 3.94
C ASP E 429 26.24 -18.15 2.80
N ARG E 430 25.79 -18.29 1.56
CA ARG E 430 26.67 -18.02 0.39
C ARG E 430 27.12 -16.55 0.38
N ALA E 431 26.23 -15.62 0.71
CA ALA E 431 26.60 -14.20 0.68
C ALA E 431 27.71 -13.95 1.71
N SER E 432 27.54 -14.48 2.90
CA SER E 432 28.55 -14.33 3.97
C SER E 432 29.89 -14.95 3.50
N ALA E 433 29.82 -16.15 2.92
CA ALA E 433 31.07 -16.77 2.45
C ALA E 433 31.72 -15.97 1.31
N LEU E 434 30.96 -15.27 0.51
CA LEU E 434 31.47 -14.48 -0.62
C LEU E 434 31.80 -13.05 -0.17
N THR E 435 32.03 -12.86 1.13
CA THR E 435 32.43 -11.57 1.69
C THR E 435 33.76 -11.77 2.41
N GLN E 436 34.77 -11.06 2.02
CA GLN E 436 36.10 -11.21 2.63
C GLN E 436 36.51 -9.88 3.23
N GLN E 437 37.15 -9.93 4.38
N GLN E 437 37.20 -9.96 4.36
CA GLN E 437 37.69 -8.70 5.00
CA GLN E 437 37.64 -8.81 5.20
C GLN E 437 39.19 -8.71 4.90
C GLN E 437 39.17 -8.71 5.06
N LEU E 438 39.72 -7.54 4.74
CA LEU E 438 41.18 -7.28 4.72
C LEU E 438 41.48 -6.10 5.67
N ASP E 439 42.44 -6.33 6.57
CA ASP E 439 42.85 -5.31 7.55
C ASP E 439 44.02 -4.52 6.95
N LEU E 440 43.76 -3.33 6.47
CA LEU E 440 44.78 -2.52 5.79
C LEU E 440 45.42 -1.47 6.71
N GLY E 441 45.35 -1.65 8.03
CA GLY E 441 45.95 -0.67 8.97
C GLY E 441 44.83 0.19 9.60
N LEU E 442 44.73 1.44 9.19
CA LEU E 442 43.68 2.36 9.64
C LEU E 442 42.38 2.07 8.97
N TRP E 443 42.42 1.39 7.83
CA TRP E 443 41.26 1.12 6.97
C TRP E 443 41.19 -0.36 6.73
N ASP E 444 39.98 -0.84 6.51
CA ASP E 444 39.74 -2.22 6.06
C ASP E 444 39.11 -2.16 4.68
N ALA E 445 39.27 -3.22 3.89
CA ALA E 445 38.46 -3.42 2.70
C ALA E 445 37.58 -4.65 2.89
N GLU E 446 36.41 -4.58 2.30
CA GLU E 446 35.49 -5.68 2.20
C GLU E 446 35.34 -6.00 0.69
N VAL E 447 35.68 -7.24 0.35
CA VAL E 447 35.58 -7.68 -1.06
C VAL E 447 34.42 -8.67 -1.14
N THR E 448 33.55 -8.43 -2.11
CA THR E 448 32.38 -9.25 -2.36
C THR E 448 32.31 -9.64 -3.84
N TYR E 449 31.65 -10.73 -4.11
CA TYR E 449 31.67 -11.25 -5.51
C TYR E 449 30.27 -11.55 -6.06
N GLY E 450 29.98 -11.02 -7.25
CA GLY E 450 28.81 -11.45 -8.02
C GLY E 450 27.56 -10.67 -7.59
N ARG E 451 27.62 -9.39 -7.89
CA ARG E 451 26.50 -8.51 -7.50
C ARG E 451 26.49 -7.37 -8.47
N PRO E 452 25.39 -6.57 -8.60
CA PRO E 452 25.36 -5.39 -9.45
C PRO E 452 26.38 -4.30 -9.08
N MET E 453 26.48 -3.30 -9.95
CA MET E 453 27.43 -2.21 -9.74
C MET E 453 26.73 -1.04 -9.02
N PHE E 454 25.49 -1.26 -8.68
CA PHE E 454 24.63 -0.20 -8.06
C PHE E 454 23.78 -0.88 -7.00
N TRP E 455 23.58 -0.18 -5.88
CA TRP E 455 22.78 -0.66 -4.71
C TRP E 455 23.47 -1.81 -4.00
N VAL E 456 22.76 -2.50 -3.09
CA VAL E 456 23.41 -3.40 -2.11
C VAL E 456 22.76 -4.77 -2.12
N THR E 457 22.15 -5.23 -3.20
CA THR E 457 21.75 -6.64 -3.26
C THR E 457 22.95 -7.46 -2.76
N PRO E 458 22.74 -8.48 -1.92
CA PRO E 458 23.82 -9.34 -1.47
C PRO E 458 24.54 -10.08 -2.61
N PRO E 459 25.83 -10.37 -2.42
CA PRO E 459 26.58 -11.12 -3.43
C PRO E 459 26.07 -12.55 -3.58
N GLU E 460 26.07 -13.01 -4.85
CA GLU E 460 25.65 -14.36 -5.21
C GLU E 460 26.79 -15.15 -5.88
N GLY E 461 27.91 -14.52 -6.09
CA GLY E 461 29.03 -15.21 -6.77
C GLY E 461 28.94 -15.04 -8.29
N ASN E 462 30.10 -15.16 -8.89
CA ASN E 462 30.22 -15.24 -10.37
C ASN E 462 30.01 -16.71 -10.81
N THR E 463 29.55 -16.89 -12.05
CA THR E 463 29.30 -18.21 -12.65
C THR E 463 30.03 -18.24 -13.99
N PRO E 464 31.22 -18.90 -14.05
CA PRO E 464 31.83 -19.65 -12.96
C PRO E 464 32.55 -18.73 -11.96
N ALA E 465 33.00 -19.34 -10.87
CA ALA E 465 33.79 -18.60 -9.86
C ALA E 465 35.01 -18.00 -10.53
N ALA E 466 35.33 -16.73 -10.33
CA ALA E 466 36.36 -16.07 -11.16
C ALA E 466 37.02 -14.84 -10.56
N GLY E 467 36.36 -14.27 -9.55
CA GLY E 467 36.73 -12.91 -9.09
C GLY E 467 38.01 -12.88 -8.26
N GLY E 468 38.53 -11.68 -8.08
CA GLY E 468 39.58 -11.42 -7.09
C GLY E 468 39.93 -9.97 -7.03
N ALA E 469 40.90 -9.68 -6.18
CA ALA E 469 41.31 -8.29 -5.96
C ALA E 469 42.76 -8.25 -5.51
N LEU E 470 43.43 -7.16 -5.84
CA LEU E 470 44.76 -6.82 -5.36
C LEU E 470 44.69 -5.43 -4.69
N ILE E 471 45.40 -5.30 -3.57
CA ILE E 471 45.56 -3.98 -2.90
C ILE E 471 47.00 -3.82 -2.46
N ALA E 472 47.57 -2.66 -2.64
CA ALA E 472 48.88 -2.31 -2.09
C ALA E 472 48.68 -1.00 -1.28
N GLN E 473 49.36 -0.95 -0.15
CA GLN E 473 49.37 0.28 0.65
C GLN E 473 50.39 1.28 0.12
N LEU E 474 49.96 2.50 -0.16
CA LEU E 474 50.90 3.54 -0.58
C LEU E 474 51.29 4.41 0.62
N ASP E 475 50.32 4.63 1.53
CA ASP E 475 50.56 5.46 2.72
C ASP E 475 49.45 5.09 3.69
N ASP E 476 49.45 5.82 4.82
CA ASP E 476 48.55 5.42 5.90
C ASP E 476 47.10 5.42 5.44
N ASN E 477 46.76 6.31 4.51
CA ASN E 477 45.36 6.50 4.10
C ASN E 477 45.19 6.31 2.58
N GLU E 478 46.16 5.69 1.89
CA GLU E 478 46.04 5.59 0.43
C GLU E 478 46.51 4.24 -0.08
N TYR E 479 45.73 3.71 -0.98
CA TYR E 479 45.93 2.32 -1.47
C TYR E 479 45.83 2.32 -2.99
N LEU E 480 46.60 1.41 -3.58
CA LEU E 480 46.49 1.03 -4.99
C LEU E 480 45.56 -0.19 -5.01
N VAL E 481 44.58 -0.16 -5.90
CA VAL E 481 43.53 -1.20 -5.96
C VAL E 481 43.24 -1.57 -7.42
N THR E 482 43.19 -2.87 -7.68
CA THR E 482 42.61 -3.31 -8.95
C THR E 482 41.90 -4.62 -8.64
N ALA E 483 40.77 -4.89 -9.26
CA ALA E 483 40.02 -6.10 -8.93
C ALA E 483 39.30 -6.60 -10.18
N TYR E 484 38.62 -7.68 -10.05
CA TYR E 484 38.08 -8.42 -11.20
C TYR E 484 36.78 -9.08 -10.74
N LYS E 485 35.67 -8.75 -11.41
CA LYS E 485 34.37 -9.38 -11.16
C LYS E 485 34.10 -9.36 -9.65
N ALA E 486 34.22 -8.15 -9.12
CA ALA E 486 34.15 -8.01 -7.65
C ALA E 486 33.87 -6.56 -7.28
N ARG E 487 33.36 -6.42 -6.07
CA ARG E 487 33.26 -5.12 -5.41
C ARG E 487 34.24 -5.03 -4.23
N VAL E 488 34.85 -3.87 -4.11
CA VAL E 488 35.78 -3.57 -3.02
C VAL E 488 35.25 -2.32 -2.31
N GLU E 489 35.00 -2.45 -1.02
CA GLU E 489 34.48 -1.31 -0.22
C GLU E 489 35.44 -1.03 0.96
N PHE E 490 35.76 0.22 1.19
CA PHE E 490 36.62 0.70 2.28
C PHE E 490 35.77 1.17 3.50
N LYS E 491 36.33 0.91 4.66
CA LYS E 491 35.74 1.38 5.93
C LYS E 491 36.84 1.55 6.93
N PRO E 492 36.61 2.28 8.02
CA PRO E 492 37.60 2.34 9.09
C PRO E 492 37.89 0.94 9.65
N SER E 493 39.14 0.74 10.06
CA SER E 493 39.56 -0.53 10.72
C SER E 493 39.27 -0.53 12.23
N GLN E 494 39.02 0.66 12.77
CA GLN E 494 38.71 0.77 14.21
C GLN E 494 37.73 1.93 14.41
N GLU E 495 37.21 2.00 15.63
CA GLU E 495 36.28 3.07 16.05
C GLU E 495 36.98 4.43 15.83
N LEU E 496 36.28 5.42 15.31
CA LEU E 496 36.82 6.74 14.98
C LEU E 496 36.64 7.78 16.11
N ALA E 497 36.10 7.39 17.24
CA ALA E 497 36.04 8.27 18.42
C ALA E 497 35.32 9.57 18.04
N GLY E 498 34.22 9.49 17.31
CA GLY E 498 33.44 10.69 17.02
C GLY E 498 33.62 11.29 15.65
N LYS E 499 34.68 10.90 14.92
CA LYS E 499 34.84 11.43 13.53
C LYS E 499 33.96 10.62 12.60
N LYS E 500 33.74 11.17 11.43
CA LYS E 500 33.14 10.44 10.30
C LYS E 500 34.24 10.05 9.33
N PHE E 501 33.87 9.29 8.31
CA PHE E 501 34.86 8.99 7.26
C PHE E 501 34.19 9.07 5.89
N MET E 502 35.04 9.34 4.91
CA MET E 502 34.60 9.20 3.51
C MET E 502 35.79 8.77 2.69
N ILE E 503 35.47 8.41 1.45
CA ILE E 503 36.48 8.47 0.37
C ILE E 503 36.88 9.92 0.14
N GLU E 504 38.15 10.25 0.21
CA GLU E 504 38.61 11.59 -0.16
C GLU E 504 38.67 11.68 -1.68
N ARG E 505 39.30 10.69 -2.30
N ARG E 505 39.26 10.64 -2.29
CA ARG E 505 39.43 10.69 -3.80
CA ARG E 505 39.50 10.64 -3.75
C ARG E 505 39.84 9.30 -4.32
C ARG E 505 39.83 9.25 -4.29
N VAL E 506 39.17 8.91 -5.38
CA VAL E 506 39.51 7.72 -6.16
C VAL E 506 39.93 8.20 -7.57
N GLU E 507 41.16 7.87 -7.97
CA GLU E 507 41.63 8.21 -9.34
C GLU E 507 41.92 6.88 -10.08
N GLU E 508 41.48 6.81 -11.34
CA GLU E 508 41.93 5.71 -12.20
C GLU E 508 43.09 6.23 -13.04
N GLY E 509 44.09 5.40 -13.20
CA GLY E 509 45.24 5.86 -13.97
C GLY E 509 46.22 4.75 -14.25
N ARG E 510 47.42 5.20 -14.56
CA ARG E 510 48.50 4.25 -14.94
C ARG E 510 49.85 4.81 -14.53
N PHE E 511 50.88 3.94 -14.52
CA PHE E 511 52.26 4.39 -14.33
C PHE E 511 52.95 4.57 -15.65
N GLU E 512 53.61 5.71 -15.84
CA GLU E 512 54.43 6.00 -17.06
C GLU E 512 55.78 6.46 -16.57
N LYS E 513 56.80 5.69 -16.84
CA LYS E 513 58.17 6.04 -16.37
C LYS E 513 58.15 6.11 -14.85
N GLY E 514 57.44 5.17 -14.18
CA GLY E 514 57.38 5.06 -12.70
C GLY E 514 56.55 6.18 -12.07
N LYS E 515 55.97 7.07 -12.88
CA LYS E 515 55.11 8.15 -12.33
C LYS E 515 53.64 7.84 -12.61
N TRP E 516 52.81 8.17 -11.66
CA TRP E 516 51.35 8.05 -11.82
C TRP E 516 50.83 9.12 -12.77
N VAL E 517 50.02 8.68 -13.69
CA VAL E 517 49.25 9.55 -14.59
C VAL E 517 47.78 9.28 -14.31
N MET E 518 47.05 10.33 -13.90
N MET E 518 47.08 10.34 -13.93
CA MET E 518 45.59 10.25 -13.64
CA MET E 518 45.62 10.28 -13.70
C MET E 518 44.84 10.33 -14.98
C MET E 518 44.88 10.29 -15.05
N GLU E 519 43.91 9.42 -15.19
CA GLU E 519 43.03 9.41 -16.37
C GLU E 519 41.69 10.04 -15.98
N ARG E 520 41.15 9.62 -14.84
CA ARG E 520 39.87 10.18 -14.38
C ARG E 520 39.72 9.94 -12.89
N VAL E 521 38.73 10.65 -12.34
CA VAL E 521 38.25 10.47 -10.96
C VAL E 521 36.99 9.63 -10.97
N TRP E 522 36.99 8.55 -10.19
CA TRP E 522 35.76 7.80 -9.91
C TRP E 522 35.04 8.55 -8.80
N ASN E 523 33.77 8.81 -9.02
CA ASN E 523 32.95 9.51 -7.98
C ASN E 523 31.49 9.18 -8.26
N GLY E 524 30.58 9.73 -7.45
CA GLY E 524 29.18 9.52 -7.63
C GLY E 524 28.83 8.02 -7.70
N ASP E 525 28.06 7.59 -8.70
CA ASP E 525 27.63 6.20 -8.78
C ASP E 525 28.85 5.24 -8.65
N GLN E 526 29.98 5.67 -9.20
CA GLN E 526 31.15 4.76 -9.27
C GLN E 526 31.78 4.54 -7.88
N THR E 527 31.45 5.35 -6.86
CA THR E 527 31.99 5.12 -5.50
C THR E 527 30.89 4.99 -4.46
N ASP E 528 29.63 5.24 -4.79
CA ASP E 528 28.51 5.15 -3.78
C ASP E 528 28.30 3.74 -3.25
N TRP E 529 28.61 2.71 -4.09
CA TRP E 529 28.22 1.34 -3.83
C TRP E 529 29.49 0.50 -3.91
N GLY E 530 30.55 0.96 -3.25
CA GLY E 530 31.86 0.29 -3.38
C GLY E 530 32.51 0.62 -4.70
N LEU E 531 33.59 -0.11 -4.93
CA LEU E 531 34.37 0.05 -6.19
C LEU E 531 34.14 -1.24 -6.98
N ASN E 532 33.33 -1.12 -8.03
CA ASN E 532 32.83 -2.27 -8.79
C ASN E 532 33.65 -2.51 -10.06
N PHE E 533 34.12 -3.74 -10.17
CA PHE E 533 35.00 -4.19 -11.29
C PHE E 533 34.30 -5.27 -12.07
N THR E 534 34.47 -5.25 -13.40
CA THR E 534 33.95 -6.32 -14.26
C THR E 534 35.15 -7.12 -14.75
N ASP E 535 35.20 -7.41 -16.04
CA ASP E 535 36.33 -8.15 -16.59
C ASP E 535 37.35 -7.19 -17.12
N ARG E 536 37.09 -5.89 -17.18
CA ARG E 536 38.03 -4.96 -17.82
C ARG E 536 39.02 -4.42 -16.79
N PRO E 537 40.25 -4.05 -17.15
CA PRO E 537 41.27 -3.58 -16.23
C PRO E 537 41.03 -2.12 -15.86
N HIS E 538 41.11 -1.84 -14.56
CA HIS E 538 41.14 -0.46 -14.01
C HIS E 538 42.09 -0.47 -12.80
N LEU E 539 43.03 0.44 -12.80
CA LEU E 539 43.95 0.62 -11.64
C LEU E 539 43.57 1.90 -10.95
N LEU E 540 43.32 1.74 -9.64
CA LEU E 540 42.85 2.90 -8.86
C LEU E 540 43.84 3.28 -7.75
N ARG E 541 43.89 4.56 -7.46
CA ARG E 541 44.50 5.05 -6.20
C ARG E 541 43.32 5.57 -5.35
N VAL E 542 43.19 4.96 -4.20
CA VAL E 542 42.06 5.22 -3.28
C VAL E 542 42.62 5.94 -2.06
N LYS E 543 42.18 7.17 -1.83
CA LYS E 543 42.59 7.93 -0.62
C LYS E 543 41.37 8.05 0.30
N MET E 544 41.51 7.60 1.53
CA MET E 544 40.41 7.63 2.56
C MET E 544 40.72 8.76 3.57
N ALA E 545 39.68 9.31 4.21
CA ALA E 545 39.86 10.36 5.21
C ALA E 545 38.82 10.16 6.31
N SER E 546 39.31 10.38 7.53
CA SER E 546 38.41 10.66 8.66
C SER E 546 38.32 12.17 8.81
N TYR E 547 37.17 12.62 9.27
CA TYR E 547 36.98 14.09 9.37
C TYR E 547 36.07 14.43 10.57
N SER E 548 36.42 15.53 11.19
CA SER E 548 35.64 16.05 12.35
C SER E 548 34.28 16.60 11.93
N VAL E 549 33.29 16.39 12.77
CA VAL E 549 31.99 17.10 12.61
C VAL E 549 31.65 17.80 13.94
N GLN E 550 32.65 17.99 14.82
CA GLN E 550 32.49 18.56 16.20
C GLN E 550 32.15 20.03 16.05
N ALA F 12 8.65 -3.35 -83.84
CA ALA F 12 8.27 -4.44 -82.78
C ALA F 12 6.76 -4.59 -82.82
N PRO F 13 6.25 -5.81 -83.01
CA PRO F 13 4.82 -6.05 -83.06
C PRO F 13 4.18 -5.74 -81.70
N LEU F 14 2.94 -5.27 -81.67
CA LEU F 14 2.17 -5.10 -80.42
C LEU F 14 2.09 -6.45 -79.71
N PRO F 15 2.16 -6.49 -78.34
CA PRO F 15 1.79 -7.62 -77.50
C PRO F 15 0.35 -7.92 -77.91
N GLU F 16 -0.06 -9.18 -77.88
N GLU F 16 -0.05 -9.18 -77.81
CA GLU F 16 -1.47 -9.55 -78.15
CA GLU F 16 -1.43 -9.56 -78.15
C GLU F 16 -1.79 -10.83 -77.39
C GLU F 16 -1.77 -10.84 -77.39
N LEU F 17 -3.00 -10.95 -76.90
CA LEU F 17 -3.50 -12.23 -76.39
C LEU F 17 -4.19 -12.97 -77.55
N LEU F 18 -3.64 -14.13 -77.90
CA LEU F 18 -4.19 -15.03 -78.94
C LEU F 18 -4.94 -16.15 -78.22
N SER F 19 -6.00 -16.57 -78.84
CA SER F 19 -6.83 -17.71 -78.37
C SER F 19 -7.19 -18.56 -79.57
N ASN F 20 -6.88 -19.84 -79.52
CA ASN F 20 -7.12 -20.74 -80.67
C ASN F 20 -7.16 -22.20 -80.17
N ASN F 21 -8.14 -22.99 -80.63
CA ASN F 21 -8.34 -24.40 -80.20
C ASN F 21 -8.40 -24.46 -78.68
N GLY F 22 -9.13 -23.51 -78.03
CA GLY F 22 -9.33 -23.48 -76.56
C GLY F 22 -8.04 -23.28 -75.77
N LYS F 23 -7.00 -22.77 -76.44
CA LYS F 23 -5.67 -22.53 -75.84
C LYS F 23 -5.30 -21.05 -76.08
N HIS F 24 -4.34 -20.57 -75.31
CA HIS F 24 -4.09 -19.13 -75.27
C HIS F 24 -2.63 -18.90 -75.27
N ALA F 25 -2.26 -17.73 -75.72
CA ALA F 25 -0.88 -17.27 -75.57
C ALA F 25 -0.87 -15.75 -75.45
N LEU F 26 -0.01 -15.26 -74.58
CA LEU F 26 0.36 -13.84 -74.58
C LEU F 26 1.55 -13.69 -75.54
N MET F 27 1.34 -13.09 -76.70
CA MET F 27 2.46 -12.79 -77.59
C MET F 27 3.16 -11.51 -77.18
N VAL F 28 4.45 -11.59 -77.00
CA VAL F 28 5.34 -10.45 -76.73
C VAL F 28 6.49 -10.53 -77.70
N ASP F 29 6.67 -9.48 -78.49
CA ASP F 29 7.72 -9.42 -79.52
C ASP F 29 7.52 -10.58 -80.51
N GLY F 30 6.27 -10.91 -80.83
CA GLY F 30 5.93 -11.87 -81.88
C GLY F 30 6.05 -13.31 -81.50
N ALA F 31 6.20 -13.65 -80.23
CA ALA F 31 6.14 -15.03 -79.82
C ALA F 31 5.50 -15.21 -78.46
N PRO F 32 5.03 -16.39 -78.10
CA PRO F 32 4.47 -16.59 -76.75
C PRO F 32 5.43 -16.27 -75.65
N TYR F 33 4.86 -15.71 -74.57
CA TYR F 33 5.63 -15.19 -73.41
C TYR F 33 4.97 -15.59 -72.11
N ILE F 34 5.76 -15.88 -71.08
CA ILE F 34 5.20 -16.18 -69.77
C ILE F 34 5.59 -15.02 -68.84
N ILE F 35 4.57 -14.42 -68.20
CA ILE F 35 4.89 -13.46 -67.13
C ILE F 35 5.34 -14.20 -65.86
N LEU F 36 6.59 -14.06 -65.54
CA LEU F 36 7.13 -14.56 -64.25
C LEU F 36 7.30 -13.27 -63.43
N GLY F 37 6.19 -12.95 -62.75
CA GLY F 37 6.02 -11.55 -62.33
C GLY F 37 6.47 -11.28 -60.92
N SER F 38 6.63 -10.00 -60.65
N SER F 38 6.47 -9.99 -60.67
CA SER F 38 6.63 -9.46 -59.27
CA SER F 38 6.62 -9.38 -59.35
C SER F 38 5.64 -8.29 -59.29
C SER F 38 5.60 -8.26 -59.31
N GLN F 39 5.01 -8.02 -58.17
CA GLN F 39 4.01 -6.94 -58.11
C GLN F 39 4.29 -6.15 -56.84
N THR F 40 4.27 -4.87 -56.99
CA THR F 40 4.53 -3.96 -55.85
C THR F 40 3.31 -3.92 -54.92
N ASN F 41 3.68 -3.52 -53.70
CA ASN F 41 2.65 -3.03 -52.75
C ASN F 41 1.97 -1.81 -53.37
N ASN F 42 0.84 -1.45 -52.72
CA ASN F 42 -0.09 -0.47 -53.30
C ASN F 42 0.40 0.99 -53.21
N SER F 43 1.45 1.29 -52.45
CA SER F 43 1.98 2.66 -52.29
C SER F 43 3.40 2.80 -52.81
N SER F 44 3.73 1.99 -53.84
CA SER F 44 5.08 2.02 -54.45
C SER F 44 5.12 2.68 -55.82
N ASN F 45 4.04 3.39 -56.17
CA ASN F 45 3.84 3.95 -57.52
C ASN F 45 4.42 5.37 -57.58
N TYR F 46 5.62 5.61 -56.99
CA TYR F 46 6.23 6.95 -57.01
C TYR F 46 7.73 6.78 -57.27
N PRO F 47 8.35 7.76 -57.93
CA PRO F 47 9.78 7.67 -58.23
C PRO F 47 10.67 7.27 -57.05
N ASP F 48 10.42 7.82 -55.86
CA ASP F 48 11.30 7.58 -54.69
C ASP F 48 11.14 6.14 -54.22
N ALA F 49 10.00 5.46 -54.49
CA ALA F 49 9.81 4.10 -54.01
C ALA F 49 10.49 3.06 -54.92
N LEU F 50 10.85 3.44 -56.13
CA LEU F 50 11.34 2.36 -57.08
C LEU F 50 12.64 1.72 -56.61
N LYS F 51 13.46 2.43 -55.85
CA LYS F 51 14.71 1.88 -55.27
C LYS F 51 14.40 0.72 -54.32
N ASP F 52 13.18 0.62 -53.77
CA ASP F 52 12.77 -0.45 -52.87
C ASP F 52 12.00 -1.54 -53.64
N VAL F 53 11.88 -1.39 -54.96
CA VAL F 53 11.15 -2.33 -55.87
C VAL F 53 12.22 -3.14 -56.63
N TRP F 54 13.13 -2.44 -57.27
CA TRP F 54 14.01 -3.18 -58.21
C TRP F 54 14.80 -4.31 -57.57
N PRO F 55 15.44 -4.13 -56.39
CA PRO F 55 16.28 -5.19 -55.87
C PRO F 55 15.50 -6.49 -55.69
N SER F 56 14.27 -6.42 -55.16
CA SER F 56 13.45 -7.60 -54.96
C SER F 56 13.20 -8.27 -56.32
N MET F 57 12.96 -7.45 -57.33
CA MET F 57 12.62 -8.02 -58.65
C MET F 57 13.88 -8.79 -59.15
N GLU F 58 15.07 -8.25 -58.95
CA GLU F 58 16.34 -8.89 -59.38
C GLU F 58 16.54 -10.19 -58.61
N LYS F 59 16.35 -10.16 -57.32
CA LYS F 59 16.56 -11.36 -56.49
C LYS F 59 15.55 -12.44 -56.83
N MET F 60 14.35 -12.04 -57.26
CA MET F 60 13.30 -12.99 -57.58
C MET F 60 13.59 -13.61 -58.98
N GLY F 61 14.29 -12.89 -59.83
CA GLY F 61 14.45 -13.28 -61.25
C GLY F 61 13.19 -13.05 -62.03
N ALA F 62 12.36 -12.11 -61.67
CA ALA F 62 11.13 -11.87 -62.43
C ALA F 62 11.47 -11.13 -63.73
N ASN F 63 10.64 -11.38 -64.71
CA ASN F 63 10.77 -10.76 -66.08
C ASN F 63 9.77 -9.62 -66.27
N THR F 64 8.79 -9.43 -65.33
CA THR F 64 7.72 -8.46 -65.61
C THR F 64 7.26 -7.89 -64.24
N LEU F 65 7.20 -6.60 -64.15
CA LEU F 65 6.74 -5.89 -62.91
C LEU F 65 5.33 -5.39 -63.11
N SER F 66 4.44 -5.77 -62.20
CA SER F 66 3.08 -5.18 -62.12
C SER F 66 3.10 -4.03 -61.07
N ILE F 67 2.67 -2.84 -61.46
CA ILE F 67 2.81 -1.67 -60.58
C ILE F 67 1.68 -0.73 -60.94
N PRO F 68 1.10 -0.06 -59.91
CA PRO F 68 0.02 0.87 -60.21
C PRO F 68 0.45 2.15 -60.92
N VAL F 69 -0.51 2.63 -61.74
CA VAL F 69 -0.53 4.03 -62.20
C VAL F 69 -1.89 4.55 -61.76
N ALA F 70 -1.89 5.53 -60.85
CA ALA F 70 -3.15 5.98 -60.24
C ALA F 70 -3.69 7.21 -60.96
N TRP F 71 -4.99 7.22 -61.09
CA TRP F 71 -5.71 8.40 -61.66
C TRP F 71 -5.36 9.67 -60.87
N GLU F 72 -5.29 9.51 -59.53
CA GLU F 72 -4.97 10.68 -58.70
C GLU F 72 -3.60 11.26 -59.02
N GLN F 73 -2.62 10.44 -59.43
CA GLN F 73 -1.27 10.96 -59.70
C GLN F 73 -1.15 11.51 -61.13
N ILE F 74 -1.88 10.97 -62.08
CA ILE F 74 -1.75 11.48 -63.45
C ILE F 74 -2.66 12.66 -63.71
N GLU F 75 -3.76 12.81 -62.96
CA GLU F 75 -4.69 13.93 -63.28
C GLU F 75 -5.05 14.58 -61.92
N PRO F 76 -4.09 15.09 -61.13
CA PRO F 76 -4.39 15.58 -59.76
C PRO F 76 -5.34 16.77 -59.73
N VAL F 77 -5.36 17.58 -60.80
CA VAL F 77 -6.26 18.73 -61.03
C VAL F 77 -6.88 18.42 -62.39
N GLU F 78 -8.17 18.60 -62.55
CA GLU F 78 -8.87 18.17 -63.79
C GLU F 78 -8.20 18.85 -64.98
N GLY F 79 -7.83 18.03 -65.96
CA GLY F 79 -7.29 18.47 -67.25
C GLY F 79 -5.80 18.81 -67.17
N GLN F 80 -5.18 18.65 -66.01
CA GLN F 80 -3.73 18.95 -65.81
C GLN F 80 -2.98 17.63 -65.59
N PHE F 81 -2.50 17.02 -66.66
CA PHE F 81 -1.91 15.67 -66.63
C PHE F 81 -0.45 15.73 -66.21
N ASP F 82 -0.06 14.65 -65.51
CA ASP F 82 1.32 14.51 -64.98
C ASP F 82 1.74 13.07 -65.15
N PHE F 83 2.58 12.82 -66.15
CA PHE F 83 3.14 11.46 -66.42
C PHE F 83 4.57 11.34 -65.93
N SER F 84 5.00 12.18 -65.01
CA SER F 84 6.38 12.15 -64.46
C SER F 84 6.73 10.77 -63.87
N PHE F 85 5.81 10.13 -63.22
CA PHE F 85 6.10 8.78 -62.65
C PHE F 85 6.28 7.78 -63.81
N VAL F 86 5.43 7.85 -64.80
CA VAL F 86 5.51 6.87 -65.91
C VAL F 86 6.85 7.08 -66.64
N ASP F 87 7.28 8.31 -66.82
CA ASP F 87 8.59 8.58 -67.44
C ASP F 87 9.66 7.79 -66.70
N VAL F 88 9.78 7.96 -65.38
CA VAL F 88 10.87 7.39 -64.55
C VAL F 88 10.72 5.87 -64.60
N LEU F 89 9.48 5.38 -64.47
CA LEU F 89 9.23 3.92 -64.47
C LEU F 89 9.72 3.28 -65.79
N LEU F 90 9.34 3.86 -66.90
CA LEU F 90 9.73 3.28 -68.21
C LEU F 90 11.25 3.26 -68.30
N LYS F 91 11.89 4.35 -67.93
CA LYS F 91 13.36 4.48 -68.07
C LYS F 91 14.01 3.37 -67.23
N GLU F 92 13.56 3.23 -66.00
CA GLU F 92 14.21 2.32 -65.04
C GLU F 92 13.94 0.87 -65.44
N ALA F 93 12.75 0.59 -65.98
CA ALA F 93 12.39 -0.78 -66.38
C ALA F 93 13.33 -1.14 -67.55
N ARG F 94 13.47 -0.25 -68.49
CA ARG F 94 14.25 -0.50 -69.72
C ARG F 94 15.73 -0.77 -69.36
N GLN F 95 16.27 -0.02 -68.40
N GLN F 95 16.26 -0.01 -68.41
CA GLN F 95 17.68 -0.14 -67.91
CA GLN F 95 17.65 -0.15 -67.91
C GLN F 95 17.87 -1.56 -67.37
C GLN F 95 17.85 -1.59 -67.42
N ARG F 96 16.78 -2.13 -66.82
CA ARG F 96 16.86 -3.47 -66.25
C ARG F 96 16.36 -4.56 -67.18
N LYS F 97 15.98 -4.19 -68.37
CA LYS F 97 15.53 -5.16 -69.41
C LYS F 97 14.42 -6.02 -68.86
N VAL F 98 13.45 -5.37 -68.21
CA VAL F 98 12.21 -6.05 -67.78
C VAL F 98 11.01 -5.36 -68.43
N ARG F 99 9.90 -6.04 -68.37
CA ARG F 99 8.68 -5.54 -68.96
C ARG F 99 7.74 -5.10 -67.80
N LEU F 100 6.65 -4.43 -68.21
CA LEU F 100 5.72 -3.82 -67.24
C LEU F 100 4.28 -4.21 -67.54
N VAL F 101 3.54 -4.39 -66.47
CA VAL F 101 2.06 -4.44 -66.50
C VAL F 101 1.63 -3.25 -65.63
N LEU F 102 1.00 -2.26 -66.24
CA LEU F 102 0.50 -1.11 -65.46
C LEU F 102 -0.86 -1.43 -64.90
N LEU F 103 -1.10 -1.04 -63.64
CA LEU F 103 -2.41 -1.30 -63.04
C LEU F 103 -3.13 0.04 -62.89
N TRP F 104 -4.17 0.22 -63.66
CA TRP F 104 -4.92 1.49 -63.67
C TRP F 104 -5.83 1.52 -62.47
N PHE F 105 -5.38 2.28 -61.45
CA PHE F 105 -6.18 2.48 -60.21
C PHE F 105 -7.06 3.74 -60.36
N ALA F 106 -8.36 3.55 -60.51
CA ALA F 106 -9.19 4.66 -61.02
C ALA F 106 -10.57 4.63 -60.39
N THR F 107 -11.63 4.33 -61.12
CA THR F 107 -12.98 4.31 -60.53
C THR F 107 -13.08 3.28 -59.41
N TRP F 108 -12.49 2.08 -59.56
CA TRP F 108 -12.45 1.06 -58.50
C TRP F 108 -11.03 0.65 -58.18
N LYS F 109 -10.71 0.65 -56.92
CA LYS F 109 -9.54 0.00 -56.35
C LYS F 109 -10.11 -0.70 -55.15
N ASN F 110 -10.25 -2.00 -55.15
CA ASN F 110 -10.82 -2.81 -54.05
C ASN F 110 -12.20 -2.22 -53.71
N ASN F 111 -13.02 -2.00 -54.71
CA ASN F 111 -14.43 -1.56 -54.61
C ASN F 111 -14.53 -0.03 -54.40
N ALA F 112 -13.45 0.68 -54.17
CA ALA F 112 -13.53 2.07 -53.67
C ALA F 112 -12.81 3.06 -54.57
N PRO F 113 -13.10 4.37 -54.45
CA PRO F 113 -12.52 5.38 -55.28
C PRO F 113 -11.32 6.10 -54.66
N HIS F 114 -10.60 5.44 -53.74
CA HIS F 114 -9.50 6.13 -53.03
C HIS F 114 -8.39 6.64 -53.94
N TYR F 115 -8.17 5.99 -55.10
CA TYR F 115 -7.10 6.43 -56.02
C TYR F 115 -7.66 7.30 -57.13
N ALA F 116 -8.94 7.66 -57.04
CA ALA F 116 -9.49 8.67 -57.96
C ALA F 116 -9.01 9.99 -57.41
N PRO F 117 -8.79 11.06 -58.22
CA PRO F 117 -8.36 12.39 -57.75
C PRO F 117 -9.36 12.96 -56.74
N ALA F 118 -8.87 13.91 -55.95
CA ALA F 118 -9.78 14.53 -54.92
C ALA F 118 -11.04 15.15 -55.56
N TRP F 119 -10.88 15.75 -56.71
CA TRP F 119 -11.99 16.42 -57.43
C TRP F 119 -12.99 15.40 -57.98
N VAL F 120 -12.64 14.12 -57.96
CA VAL F 120 -13.59 13.03 -58.24
C VAL F 120 -14.18 12.46 -56.96
N LYS F 121 -13.35 11.94 -56.07
CA LYS F 121 -13.89 11.16 -54.95
C LYS F 121 -14.56 12.06 -53.89
N LEU F 122 -14.30 13.36 -53.90
CA LEU F 122 -15.05 14.23 -52.91
C LEU F 122 -16.28 14.88 -53.51
N ASP F 123 -16.58 14.59 -54.77
CA ASP F 123 -17.75 15.18 -55.49
C ASP F 123 -18.78 14.11 -55.83
N ASN F 124 -19.64 13.76 -54.85
CA ASN F 124 -20.66 12.72 -55.03
C ASN F 124 -21.75 13.17 -55.99
N ALA F 125 -22.05 14.46 -56.00
CA ALA F 125 -23.12 14.97 -56.90
C ALA F 125 -22.77 14.68 -58.35
N ARG F 126 -21.53 14.91 -58.73
CA ARG F 126 -21.04 14.75 -60.11
C ARG F 126 -20.67 13.28 -60.37
N PHE F 127 -20.14 12.61 -59.35
CA PHE F 127 -19.59 11.24 -59.52
C PHE F 127 -20.19 10.38 -58.43
N PRO F 128 -21.40 9.79 -58.60
CA PRO F 128 -22.22 9.23 -57.49
C PRO F 128 -21.81 7.86 -56.99
N ARG F 129 -22.04 7.62 -55.72
CA ARG F 129 -21.80 6.36 -55.03
C ARG F 129 -23.01 5.46 -55.11
N VAL F 130 -22.76 4.19 -55.00
CA VAL F 130 -23.79 3.17 -54.76
C VAL F 130 -24.67 3.54 -53.56
N VAL F 131 -25.97 3.46 -53.75
CA VAL F 131 -26.91 3.65 -52.61
C VAL F 131 -27.49 2.29 -52.25
N LYS F 132 -27.45 1.96 -50.97
CA LYS F 132 -28.08 0.75 -50.42
C LYS F 132 -29.62 0.80 -50.57
N GLU F 133 -30.23 -0.36 -50.43
CA GLU F 133 -31.69 -0.48 -50.44
C GLU F 133 -32.27 0.37 -49.29
N ASP F 134 -31.54 0.50 -48.15
CA ASP F 134 -32.06 1.24 -46.97
C ASP F 134 -31.84 2.75 -47.10
N GLY F 135 -31.23 3.18 -48.21
CA GLY F 135 -30.98 4.58 -48.56
C GLY F 135 -29.63 5.05 -48.06
N ASP F 136 -28.87 4.25 -47.30
CA ASP F 136 -27.50 4.71 -46.88
C ASP F 136 -26.54 4.58 -48.09
N THR F 137 -25.46 5.32 -48.06
CA THR F 137 -24.50 5.36 -49.19
C THR F 137 -23.21 4.61 -48.85
N LEU F 138 -22.69 3.83 -49.81
CA LEU F 138 -21.38 3.13 -49.63
C LEU F 138 -20.30 3.91 -50.39
N ASN F 139 -19.03 3.73 -49.94
CA ASN F 139 -17.92 4.42 -50.63
C ASN F 139 -17.45 3.56 -51.83
N SER F 140 -18.34 3.42 -52.81
CA SER F 140 -18.11 2.54 -54.01
C SER F 140 -18.85 3.27 -55.15
N LEU F 141 -18.12 3.73 -56.14
CA LEU F 141 -18.74 4.53 -57.20
C LEU F 141 -19.71 3.68 -58.03
N SER F 142 -20.89 4.22 -58.34
CA SER F 142 -21.85 3.47 -59.17
C SER F 142 -21.36 3.36 -60.62
N PRO F 143 -21.54 2.19 -61.26
CA PRO F 143 -21.22 1.92 -62.70
C PRO F 143 -22.20 2.67 -63.59
N LEU F 144 -23.28 3.25 -63.00
CA LEU F 144 -24.26 4.01 -63.81
C LEU F 144 -23.97 5.52 -63.78
N GLY F 145 -22.91 5.95 -63.10
CA GLY F 145 -22.52 7.37 -63.16
C GLY F 145 -21.87 7.72 -64.46
N GLN F 146 -22.61 8.36 -65.33
CA GLN F 146 -22.15 8.69 -66.70
C GLN F 146 -20.99 9.68 -66.62
N ASN F 147 -20.98 10.61 -65.66
CA ASN F 147 -19.84 11.54 -65.63
C ASN F 147 -18.57 10.78 -65.22
N THR F 148 -18.70 9.84 -64.31
CA THR F 148 -17.56 9.07 -63.79
C THR F 148 -16.91 8.36 -64.96
N LEU F 149 -17.74 7.65 -65.71
CA LEU F 149 -17.27 6.87 -66.88
C LEU F 149 -16.52 7.82 -67.81
N ALA F 150 -17.11 8.96 -68.17
CA ALA F 150 -16.45 9.85 -69.13
C ALA F 150 -15.10 10.34 -68.58
N ALA F 151 -15.01 10.65 -67.30
CA ALA F 151 -13.80 11.18 -66.67
C ALA F 151 -12.71 10.10 -66.59
N ASP F 152 -13.09 8.89 -66.21
CA ASP F 152 -12.11 7.74 -66.13
C ASP F 152 -11.58 7.50 -67.55
N LYS F 153 -12.50 7.30 -68.47
N LYS F 153 -12.48 7.27 -68.49
CA LYS F 153 -12.22 7.12 -69.92
CA LYS F 153 -12.13 7.12 -69.94
C LYS F 153 -11.27 8.22 -70.42
C LYS F 153 -11.18 8.23 -70.36
N LYS F 154 -11.50 9.49 -70.09
CA LYS F 154 -10.66 10.61 -70.52
C LYS F 154 -9.22 10.42 -70.03
N ALA F 155 -9.03 10.17 -68.76
CA ALA F 155 -7.70 10.07 -68.16
C ALA F 155 -7.03 8.80 -68.70
N PHE F 156 -7.73 7.71 -68.84
CA PHE F 156 -7.18 6.43 -69.34
C PHE F 156 -6.72 6.63 -70.78
N VAL F 157 -7.48 7.35 -71.58
CA VAL F 157 -7.03 7.70 -72.95
C VAL F 157 -5.73 8.49 -72.87
N GLU F 158 -5.56 9.42 -71.94
CA GLU F 158 -4.33 10.25 -71.92
C GLU F 158 -3.17 9.29 -71.60
N LEU F 159 -3.36 8.36 -70.66
CA LEU F 159 -2.30 7.38 -70.30
C LEU F 159 -1.93 6.58 -71.58
N MET F 160 -2.94 6.12 -72.30
CA MET F 160 -2.64 5.29 -73.50
C MET F 160 -2.00 6.17 -74.56
N LYS F 161 -2.38 7.42 -74.69
CA LYS F 161 -1.67 8.34 -75.62
C LYS F 161 -0.21 8.49 -75.21
N TYR F 162 0.08 8.62 -73.90
CA TYR F 162 1.47 8.73 -73.40
C TYR F 162 2.25 7.46 -73.86
N LEU F 163 1.67 6.28 -73.68
CA LEU F 163 2.35 5.03 -74.10
C LEU F 163 2.48 4.96 -75.63
N ALA F 164 1.47 5.40 -76.39
CA ALA F 164 1.51 5.36 -77.86
C ALA F 164 2.73 6.16 -78.28
N LYS F 165 2.91 7.33 -77.71
CA LYS F 165 4.04 8.23 -78.10
C LYS F 165 5.36 7.81 -77.47
N ARG F 166 5.37 7.28 -76.25
CA ARG F 166 6.66 7.23 -75.48
C ARG F 166 7.12 5.78 -75.25
N ASP F 167 6.36 4.80 -75.71
CA ASP F 167 6.66 3.37 -75.46
C ASP F 167 6.52 2.50 -76.72
N LYS F 168 7.19 2.91 -77.79
CA LYS F 168 6.99 2.31 -79.12
C LYS F 168 7.60 0.90 -79.17
N ASP F 169 8.50 0.53 -78.24
CA ASP F 169 9.01 -0.86 -78.20
C ASP F 169 8.22 -1.69 -77.14
N HIS F 170 7.13 -1.17 -76.59
CA HIS F 170 6.19 -1.96 -75.78
C HIS F 170 6.88 -2.46 -74.51
N THR F 171 7.57 -1.59 -73.82
CA THR F 171 8.06 -1.95 -72.45
C THR F 171 6.84 -2.38 -71.61
N VAL F 172 5.77 -1.59 -71.69
CA VAL F 172 4.48 -2.03 -71.16
C VAL F 172 3.77 -3.02 -72.08
N ILE F 173 3.51 -4.24 -71.60
CA ILE F 173 2.96 -5.31 -72.44
C ILE F 173 1.47 -5.51 -72.19
N MET F 174 0.91 -4.98 -71.08
CA MET F 174 -0.49 -5.27 -70.73
C MET F 174 -0.92 -4.25 -69.68
N VAL F 175 -2.20 -3.89 -69.70
CA VAL F 175 -2.74 -2.96 -68.69
C VAL F 175 -3.91 -3.58 -68.00
N GLN F 176 -3.88 -3.49 -66.69
CA GLN F 176 -5.02 -3.90 -65.84
C GLN F 176 -5.95 -2.72 -65.73
N VAL F 177 -7.21 -2.91 -66.11
CA VAL F 177 -8.19 -1.80 -66.09
C VAL F 177 -8.97 -1.88 -64.77
N GLN F 178 -8.71 -0.87 -63.89
CA GLN F 178 -9.26 -0.86 -62.53
C GLN F 178 -8.52 -1.93 -61.71
N ASN F 179 -8.88 -2.11 -60.45
CA ASN F 179 -8.28 -3.08 -59.56
C ASN F 179 -9.35 -3.62 -58.62
N GLU F 180 -9.74 -4.87 -58.74
CA GLU F 180 -10.75 -5.53 -57.87
C GLU F 180 -12.04 -4.69 -57.82
N VAL F 181 -12.70 -4.57 -58.96
CA VAL F 181 -13.97 -3.85 -59.05
C VAL F 181 -14.98 -4.53 -58.17
N GLY F 182 -16.09 -3.80 -57.97
CA GLY F 182 -17.23 -4.35 -57.29
C GLY F 182 -17.68 -3.47 -56.12
N THR F 183 -18.57 -4.06 -55.31
CA THR F 183 -19.06 -3.36 -54.09
C THR F 183 -19.11 -4.31 -52.92
N TYR F 184 -18.48 -3.93 -51.81
CA TYR F 184 -18.74 -4.56 -50.51
C TYR F 184 -19.90 -3.83 -49.79
N GLY F 185 -20.76 -4.62 -49.17
CA GLY F 185 -21.85 -4.11 -48.31
C GLY F 185 -23.18 -3.90 -48.99
N ALA F 186 -23.28 -4.24 -50.27
CA ALA F 186 -24.52 -4.19 -51.06
C ALA F 186 -24.32 -5.04 -52.30
N VAL F 187 -25.42 -5.51 -52.87
CA VAL F 187 -25.30 -6.33 -54.11
C VAL F 187 -25.15 -5.42 -55.33
N ARG F 188 -25.84 -4.28 -55.37
CA ARG F 188 -25.84 -3.35 -56.52
C ARG F 188 -26.16 -1.93 -56.04
N ASP F 189 -26.20 -1.00 -56.96
CA ASP F 189 -26.77 0.36 -56.75
C ASP F 189 -28.30 0.21 -56.76
N TYR F 190 -28.92 0.76 -55.73
CA TYR F 190 -30.38 0.91 -55.56
C TYR F 190 -30.75 2.41 -55.64
N SER F 191 -29.85 3.27 -56.07
CA SER F 191 -30.18 4.69 -56.33
C SER F 191 -31.37 4.76 -57.27
N PRO F 192 -32.20 5.82 -57.26
CA PRO F 192 -33.23 5.96 -58.29
C PRO F 192 -32.71 5.89 -59.73
N MET F 193 -31.53 6.46 -60.04
CA MET F 193 -30.89 6.35 -61.35
C MET F 193 -30.73 4.86 -61.71
N ALA F 194 -30.22 4.03 -60.79
CA ALA F 194 -29.92 2.61 -61.08
C ALA F 194 -31.23 1.86 -61.16
N GLN F 195 -32.19 2.23 -60.30
CA GLN F 195 -33.46 1.48 -60.23
C GLN F 195 -34.17 1.68 -61.57
N ALA F 196 -34.01 2.83 -62.23
CA ALA F 196 -34.74 3.12 -63.50
C ALA F 196 -34.21 2.21 -64.63
N VAL F 197 -32.96 1.84 -64.56
CA VAL F 197 -32.32 0.94 -65.56
C VAL F 197 -32.71 -0.50 -65.20
N PHE F 198 -32.63 -0.83 -63.92
CA PHE F 198 -32.99 -2.18 -63.42
C PHE F 198 -34.43 -2.48 -63.84
N ASN F 199 -35.32 -1.48 -63.82
CA ASN F 199 -36.76 -1.68 -64.07
C ASN F 199 -37.04 -1.80 -65.58
N ALA F 200 -36.07 -1.45 -66.43
CA ALA F 200 -36.20 -1.39 -67.90
C ALA F 200 -35.80 -2.75 -68.48
N ALA F 201 -35.93 -2.89 -69.82
CA ALA F 201 -35.59 -4.15 -70.51
C ALA F 201 -34.10 -4.46 -70.30
N VAL F 202 -33.79 -5.72 -70.13
CA VAL F 202 -32.38 -6.20 -70.27
C VAL F 202 -31.94 -5.93 -71.69
N PRO F 203 -30.78 -5.28 -71.93
CA PRO F 203 -30.34 -4.99 -73.28
C PRO F 203 -30.36 -6.28 -74.12
N ASP F 204 -30.79 -6.12 -75.37
CA ASP F 204 -30.98 -7.22 -76.34
C ASP F 204 -29.66 -7.96 -76.54
N ASP F 205 -28.52 -7.24 -76.58
CA ASP F 205 -27.21 -7.89 -76.84
C ASP F 205 -26.98 -8.97 -75.75
N LEU F 206 -27.33 -8.74 -74.50
CA LEU F 206 -27.05 -9.73 -73.43
C LEU F 206 -28.05 -10.89 -73.54
N ILE F 207 -29.34 -10.58 -73.77
CA ILE F 207 -30.37 -11.64 -74.01
C ILE F 207 -29.93 -12.56 -75.16
N GLN F 208 -29.54 -12.01 -76.33
CA GLN F 208 -29.19 -12.82 -77.53
C GLN F 208 -27.98 -13.68 -77.17
N LYS F 209 -26.94 -13.05 -76.61
CA LYS F 209 -25.66 -13.77 -76.36
C LYS F 209 -25.91 -14.92 -75.39
N LEU F 210 -26.78 -14.75 -74.39
CA LEU F 210 -27.02 -15.81 -73.37
C LEU F 210 -28.14 -16.74 -73.79
N GLN F 211 -28.81 -16.43 -74.92
N GLN F 211 -28.77 -16.46 -74.94
CA GLN F 211 -29.94 -17.24 -75.47
CA GLN F 211 -29.95 -17.22 -75.47
C GLN F 211 -31.07 -17.32 -74.42
C GLN F 211 -31.04 -17.32 -74.41
N LEU F 212 -31.53 -16.18 -73.92
CA LEU F 212 -32.60 -16.08 -72.89
C LEU F 212 -33.86 -15.48 -73.52
N LYS F 213 -34.98 -15.47 -72.78
CA LYS F 213 -36.30 -14.82 -73.18
C LYS F 213 -36.18 -13.36 -72.75
N PRO F 214 -36.53 -12.38 -73.61
CA PRO F 214 -36.54 -10.98 -73.29
C PRO F 214 -37.40 -10.70 -72.06
N GLY F 215 -36.97 -9.68 -71.32
CA GLY F 215 -37.74 -9.07 -70.25
C GLY F 215 -36.92 -8.06 -69.47
N THR F 216 -37.45 -7.67 -68.31
CA THR F 216 -36.67 -6.80 -67.41
C THR F 216 -35.70 -7.66 -66.58
N TRP F 217 -34.81 -6.99 -65.88
CA TRP F 217 -33.80 -7.70 -65.08
C TRP F 217 -34.46 -8.68 -64.15
N SER F 218 -35.47 -8.26 -63.41
CA SER F 218 -36.12 -9.17 -62.43
C SER F 218 -36.72 -10.34 -63.19
N GLN F 219 -37.34 -10.06 -64.34
CA GLN F 219 -38.09 -11.10 -65.07
C GLN F 219 -37.10 -12.12 -65.61
N VAL F 220 -35.99 -11.62 -66.14
CA VAL F 220 -34.99 -12.49 -66.79
C VAL F 220 -34.23 -13.32 -65.77
N PHE F 221 -33.74 -12.75 -64.66
CA PHE F 221 -32.69 -13.36 -63.82
C PHE F 221 -33.18 -13.72 -62.43
N GLY F 222 -34.42 -13.34 -62.10
CA GLY F 222 -35.06 -13.70 -60.82
C GLY F 222 -34.12 -13.43 -59.66
N ARG F 223 -33.75 -14.46 -58.88
CA ARG F 223 -33.00 -14.27 -57.61
C ARG F 223 -31.58 -13.74 -57.88
N ASP F 224 -31.13 -13.79 -59.15
CA ASP F 224 -29.79 -13.33 -59.52
C ASP F 224 -29.85 -11.92 -60.11
N ALA F 225 -31.01 -11.28 -60.19
CA ALA F 225 -31.12 -10.02 -60.95
C ALA F 225 -30.15 -8.99 -60.35
N ASP F 226 -30.16 -8.84 -59.01
CA ASP F 226 -29.40 -7.75 -58.38
C ASP F 226 -27.91 -7.92 -58.72
N GLU F 227 -27.38 -9.10 -58.46
CA GLU F 227 -25.92 -9.32 -58.63
C GLU F 227 -25.54 -9.29 -60.11
N PHE F 228 -26.35 -9.90 -60.97
CA PHE F 228 -26.10 -9.92 -62.42
C PHE F 228 -26.18 -8.54 -63.00
N PHE F 229 -27.09 -7.72 -62.46
CA PHE F 229 -27.18 -6.30 -62.91
C PHE F 229 -25.89 -5.57 -62.60
N HIS F 230 -25.42 -5.69 -61.35
CA HIS F 230 -24.17 -4.97 -60.96
C HIS F 230 -22.99 -5.47 -61.82
N ALA F 231 -22.86 -6.78 -62.00
CA ALA F 231 -21.75 -7.32 -62.78
C ALA F 231 -21.88 -6.77 -64.20
N TYR F 232 -23.05 -6.80 -64.79
CA TYR F 232 -23.26 -6.30 -66.16
C TYR F 232 -22.86 -4.82 -66.25
N GLN F 233 -23.40 -3.99 -65.32
CA GLN F 233 -23.10 -2.57 -65.45
C GLN F 233 -21.59 -2.29 -65.26
N ILE F 234 -20.91 -2.98 -64.32
CA ILE F 234 -19.49 -2.77 -64.09
C ILE F 234 -18.69 -3.31 -65.30
N ALA F 235 -19.13 -4.43 -65.84
CA ALA F 235 -18.45 -5.01 -67.03
C ALA F 235 -18.57 -4.04 -68.22
N ARG F 236 -19.75 -3.42 -68.44
CA ARG F 236 -19.90 -2.42 -69.50
C ARG F 236 -18.98 -1.23 -69.25
N TYR F 237 -18.94 -0.73 -68.02
CA TYR F 237 -18.13 0.44 -67.70
C TYR F 237 -16.69 0.10 -68.04
N CYS F 238 -16.17 -1.05 -67.54
CA CYS F 238 -14.76 -1.44 -67.80
C CYS F 238 -14.47 -1.71 -69.30
N ASP F 239 -15.43 -2.29 -70.01
CA ASP F 239 -15.35 -2.52 -71.49
C ASP F 239 -15.25 -1.18 -72.21
N GLU F 240 -15.99 -0.14 -71.78
CA GLU F 240 -15.94 1.13 -72.52
C GLU F 240 -14.62 1.82 -72.21
N VAL F 241 -14.12 1.73 -70.98
CA VAL F 241 -12.79 2.35 -70.69
C VAL F 241 -11.72 1.60 -71.51
N THR F 242 -11.85 0.31 -71.56
CA THR F 242 -10.93 -0.55 -72.36
C THR F 242 -10.93 -0.17 -73.83
N VAL F 243 -12.10 -0.06 -74.41
CA VAL F 243 -12.25 0.24 -75.88
C VAL F 243 -11.60 1.60 -76.15
N ALA F 244 -11.88 2.58 -75.25
CA ALA F 244 -11.37 3.95 -75.42
C ALA F 244 -9.86 3.87 -75.46
N GLY F 245 -9.30 3.09 -74.55
CA GLY F 245 -7.83 3.04 -74.43
C GLY F 245 -7.20 2.29 -75.58
N LYS F 246 -7.82 1.17 -75.97
N LYS F 246 -7.82 1.17 -75.97
CA LYS F 246 -7.31 0.32 -77.10
CA LYS F 246 -7.29 0.34 -77.10
C LYS F 246 -7.36 1.09 -78.42
C LYS F 246 -7.33 1.10 -78.42
N ALA F 247 -8.26 2.04 -78.55
CA ALA F 247 -8.39 2.85 -79.78
C ALA F 247 -7.12 3.70 -79.92
N ILE F 248 -6.42 3.97 -78.83
CA ILE F 248 -5.18 4.78 -78.87
C ILE F 248 -4.04 3.81 -79.07
N LYS F 249 -4.04 2.74 -78.27
CA LYS F 249 -2.96 1.72 -78.41
C LYS F 249 -3.57 0.40 -78.00
N ASN F 250 -3.56 -0.57 -78.92
CA ASN F 250 -4.28 -1.84 -78.77
C ASN F 250 -3.46 -2.87 -77.95
N LEU F 251 -3.09 -2.54 -76.72
CA LEU F 251 -2.46 -3.48 -75.80
C LEU F 251 -3.51 -4.43 -75.26
N PRO F 252 -3.10 -5.65 -74.88
CA PRO F 252 -3.89 -6.52 -74.05
C PRO F 252 -4.29 -5.78 -72.76
N MET F 253 -5.53 -5.97 -72.38
CA MET F 253 -6.06 -5.40 -71.11
C MET F 253 -6.90 -6.41 -70.38
N TYR F 254 -6.87 -6.34 -69.06
CA TYR F 254 -7.56 -7.39 -68.30
C TYR F 254 -8.13 -6.76 -67.02
N VAL F 255 -8.96 -7.54 -66.36
CA VAL F 255 -9.49 -7.19 -65.01
C VAL F 255 -9.08 -8.28 -64.05
N ASN F 256 -8.89 -7.90 -62.79
CA ASN F 256 -8.43 -8.79 -61.70
C ASN F 256 -9.49 -8.90 -60.62
N VAL F 257 -9.78 -10.09 -60.22
CA VAL F 257 -10.97 -10.42 -59.39
C VAL F 257 -10.62 -10.63 -57.93
N ALA F 258 -11.32 -9.84 -57.07
CA ALA F 258 -11.41 -10.17 -55.63
C ALA F 258 -12.29 -11.42 -55.56
N LEU F 259 -11.70 -12.59 -55.41
CA LEU F 259 -12.45 -13.83 -55.54
C LEU F 259 -13.44 -14.01 -54.40
N ARG F 260 -14.52 -14.66 -54.72
CA ARG F 260 -15.35 -15.33 -53.70
C ARG F 260 -14.79 -16.74 -53.52
N ASN F 261 -15.00 -17.29 -52.35
CA ASN F 261 -14.58 -18.69 -52.10
C ASN F 261 -15.39 -19.57 -53.02
N PRO F 262 -14.77 -20.43 -53.84
CA PRO F 262 -15.55 -21.15 -54.83
C PRO F 262 -16.40 -22.26 -54.25
N PHE F 263 -16.08 -22.74 -53.05
CA PHE F 263 -16.85 -23.83 -52.40
C PHE F 263 -17.90 -23.29 -51.42
N ASN F 264 -17.67 -22.12 -50.81
CA ASN F 264 -18.48 -21.59 -49.68
C ASN F 264 -18.46 -20.08 -49.83
N PRO F 265 -19.05 -19.52 -50.89
CA PRO F 265 -18.84 -18.13 -51.21
C PRO F 265 -19.49 -17.16 -50.24
N GLY F 266 -20.53 -17.58 -49.55
CA GLY F 266 -21.39 -16.58 -48.92
C GLY F 266 -22.15 -15.71 -49.92
N LEU F 267 -22.60 -14.54 -49.47
CA LEU F 267 -23.54 -13.70 -50.24
C LEU F 267 -22.79 -12.56 -50.92
N PRO F 268 -23.26 -12.12 -52.11
CA PRO F 268 -22.73 -10.95 -52.80
C PRO F 268 -22.91 -9.74 -51.88
N GLY F 269 -21.84 -8.95 -51.78
CA GLY F 269 -21.68 -7.89 -50.80
C GLY F 269 -20.81 -8.29 -49.62
N GLN F 270 -20.84 -9.55 -49.21
CA GLN F 270 -19.82 -10.10 -48.27
C GLN F 270 -18.56 -10.24 -49.11
N TYR F 271 -18.63 -10.92 -50.24
CA TYR F 271 -17.57 -10.75 -51.28
C TYR F 271 -17.92 -9.54 -52.11
N SER F 272 -16.99 -9.14 -52.94
CA SER F 272 -17.09 -7.94 -53.79
C SER F 272 -18.06 -8.21 -54.92
N SER F 273 -19.30 -7.80 -54.76
CA SER F 273 -20.41 -8.00 -55.73
C SER F 273 -20.06 -7.28 -57.01
N GLY F 274 -20.26 -7.98 -58.14
CA GLY F 274 -20.23 -7.32 -59.45
C GLY F 274 -18.89 -7.56 -60.12
N GLY F 275 -17.85 -7.88 -59.38
CA GLY F 275 -16.56 -8.31 -59.99
C GLY F 275 -16.72 -9.63 -60.71
N GLY F 276 -15.65 -10.05 -61.37
CA GLY F 276 -15.70 -11.27 -62.18
C GLY F 276 -15.63 -12.57 -61.39
N THR F 277 -16.50 -12.73 -60.40
CA THR F 277 -16.59 -13.93 -59.60
C THR F 277 -17.11 -15.09 -60.49
N ASP F 278 -16.97 -16.31 -59.98
CA ASP F 278 -17.11 -17.50 -60.86
C ASP F 278 -18.55 -17.64 -61.35
N ASN F 279 -19.50 -17.13 -60.59
CA ASN F 279 -20.94 -17.18 -60.92
C ASN F 279 -21.36 -16.10 -61.93
N VAL F 280 -20.54 -15.13 -62.28
CA VAL F 280 -20.90 -14.05 -63.24
C VAL F 280 -19.90 -13.99 -64.40
N LEU F 281 -19.05 -15.01 -64.56
CA LEU F 281 -18.10 -14.94 -65.70
C LEU F 281 -18.89 -14.91 -67.00
N HIS F 282 -20.05 -15.55 -67.06
CA HIS F 282 -20.86 -15.56 -68.32
C HIS F 282 -21.38 -14.14 -68.61
N ILE F 283 -21.74 -13.43 -67.56
CA ILE F 283 -22.22 -12.02 -67.73
C ILE F 283 -21.02 -11.19 -68.22
N TRP F 284 -19.88 -11.30 -67.52
CA TRP F 284 -18.69 -10.50 -67.90
C TRP F 284 -18.30 -10.82 -69.35
N LYS F 285 -18.33 -12.09 -69.74
CA LYS F 285 -17.87 -12.39 -71.13
C LYS F 285 -18.84 -11.81 -72.16
N ALA F 286 -20.14 -11.80 -71.88
CA ALA F 286 -21.15 -11.31 -72.84
C ALA F 286 -21.08 -9.78 -72.86
N ALA F 287 -20.88 -9.16 -71.67
CA ALA F 287 -20.94 -7.68 -71.54
C ALA F 287 -19.66 -7.00 -72.01
N ALA F 288 -18.51 -7.65 -71.94
CA ALA F 288 -17.21 -6.95 -72.10
C ALA F 288 -16.35 -7.73 -73.10
N PRO F 289 -16.73 -7.75 -74.42
CA PRO F 289 -16.03 -8.53 -75.50
C PRO F 289 -14.63 -7.98 -75.76
N ASN F 290 -14.35 -6.78 -75.27
CA ASN F 290 -13.06 -6.11 -75.53
C ASN F 290 -12.04 -6.33 -74.40
N ILE F 291 -12.47 -6.85 -73.28
CA ILE F 291 -11.54 -7.14 -72.19
C ILE F 291 -10.91 -8.52 -72.50
N ASP F 292 -9.59 -8.60 -72.57
CA ASP F 292 -8.93 -9.86 -73.02
C ASP F 292 -9.12 -11.03 -72.08
N LEU F 293 -9.02 -10.84 -70.75
CA LEU F 293 -9.17 -11.97 -69.83
C LEU F 293 -9.60 -11.47 -68.47
N ILE F 294 -10.14 -12.39 -67.72
CA ILE F 294 -10.55 -12.11 -66.32
C ILE F 294 -9.60 -12.93 -65.43
N ALA F 295 -8.80 -12.27 -64.58
CA ALA F 295 -7.69 -12.91 -63.85
C ALA F 295 -8.06 -13.01 -62.39
N PRO F 296 -7.81 -14.18 -61.79
CA PRO F 296 -8.01 -14.37 -60.33
C PRO F 296 -6.88 -13.80 -59.49
N ASP F 297 -7.26 -13.18 -58.34
CA ASP F 297 -6.27 -12.74 -57.32
C ASP F 297 -6.33 -13.73 -56.20
N ILE F 298 -5.34 -14.57 -56.03
CA ILE F 298 -5.48 -15.80 -55.20
C ILE F 298 -4.73 -15.60 -53.87
N TYR F 299 -5.51 -15.60 -52.79
CA TYR F 299 -4.94 -15.58 -51.43
C TYR F 299 -5.38 -16.78 -50.63
N PHE F 300 -6.13 -17.70 -51.21
CA PHE F 300 -6.43 -18.99 -50.52
C PHE F 300 -5.12 -19.76 -50.44
N ARG F 301 -4.78 -20.32 -49.34
CA ARG F 301 -3.47 -21.02 -49.22
C ARG F 301 -3.60 -22.49 -49.60
N ASP F 302 -4.80 -23.06 -49.39
CA ASP F 302 -4.99 -24.52 -49.38
C ASP F 302 -5.12 -25.05 -50.81
N TYR F 303 -4.47 -26.17 -51.03
CA TYR F 303 -4.37 -26.74 -52.40
C TYR F 303 -5.74 -26.99 -53.04
N LYS F 304 -6.71 -27.49 -52.28
CA LYS F 304 -8.01 -27.82 -52.89
C LYS F 304 -8.64 -26.54 -53.44
N THR F 305 -8.64 -25.48 -52.62
CA THR F 305 -9.34 -24.23 -53.05
C THR F 305 -8.55 -23.56 -54.18
N VAL F 306 -7.25 -23.49 -54.10
CA VAL F 306 -6.47 -22.87 -55.21
C VAL F 306 -6.70 -23.69 -56.45
N SER F 307 -6.70 -25.00 -56.32
CA SER F 307 -6.87 -25.86 -57.54
C SER F 307 -8.23 -25.53 -58.18
N LYS F 308 -9.27 -25.38 -57.36
CA LYS F 308 -10.60 -25.10 -57.91
C LYS F 308 -10.59 -23.74 -58.62
N VAL F 309 -10.00 -22.70 -57.99
CA VAL F 309 -9.91 -21.40 -58.67
C VAL F 309 -9.21 -21.53 -60.04
N LEU F 310 -8.05 -22.23 -60.10
CA LEU F 310 -7.36 -22.37 -61.41
C LEU F 310 -8.26 -23.11 -62.42
N GLU F 311 -9.06 -24.07 -62.00
CA GLU F 311 -10.03 -24.80 -62.88
C GLU F 311 -11.10 -23.84 -63.41
N LEU F 312 -11.66 -23.05 -62.51
CA LEU F 312 -12.75 -22.15 -62.87
C LEU F 312 -12.30 -21.05 -63.83
N TYR F 313 -11.09 -20.53 -63.69
CA TYR F 313 -10.66 -19.36 -64.46
C TYR F 313 -9.95 -19.80 -65.74
N THR F 314 -9.66 -21.09 -65.89
CA THR F 314 -9.05 -21.57 -67.15
C THR F 314 -10.19 -22.11 -68.02
N ARG F 315 -10.54 -21.36 -69.04
CA ARG F 315 -11.71 -21.66 -69.92
C ARG F 315 -11.29 -21.52 -71.37
N PRO F 316 -12.05 -22.15 -72.30
CA PRO F 316 -11.82 -21.86 -73.70
C PRO F 316 -11.87 -20.39 -74.04
N ASP F 317 -12.75 -19.67 -73.32
CA ASP F 317 -12.93 -18.22 -73.54
C ASP F 317 -12.10 -17.37 -72.54
N ASN F 318 -11.21 -17.95 -71.75
CA ASN F 318 -10.46 -17.16 -70.74
C ASN F 318 -9.06 -17.74 -70.51
N ALA F 319 -8.06 -17.03 -70.98
CA ALA F 319 -6.67 -17.33 -70.65
C ALA F 319 -6.49 -17.21 -69.13
N LEU F 320 -5.73 -18.08 -68.57
CA LEU F 320 -5.36 -18.07 -67.16
C LEU F 320 -4.17 -17.16 -66.88
N PHE F 321 -4.40 -16.12 -66.05
CA PHE F 321 -3.35 -15.21 -65.62
C PHE F 321 -3.52 -15.07 -64.11
N VAL F 322 -2.60 -15.50 -63.31
CA VAL F 322 -2.71 -15.38 -61.83
C VAL F 322 -2.18 -13.97 -61.54
N ALA F 323 -3.07 -12.99 -61.66
CA ALA F 323 -2.69 -11.57 -61.66
C ALA F 323 -2.12 -11.11 -60.31
N GLU F 324 -2.55 -11.79 -59.26
CA GLU F 324 -1.97 -11.63 -57.92
C GLU F 324 -2.02 -12.97 -57.24
N ILE F 325 -1.02 -13.24 -56.40
CA ILE F 325 -1.07 -14.39 -55.52
C ILE F 325 -0.34 -13.96 -54.24
N GLY F 326 -0.70 -14.56 -53.13
CA GLY F 326 0.02 -14.24 -51.87
C GLY F 326 1.52 -14.52 -51.97
N ASN F 327 2.33 -13.82 -51.22
CA ASN F 327 3.80 -13.92 -51.25
C ASN F 327 4.36 -14.80 -50.13
N ASP F 328 3.52 -15.47 -49.38
CA ASP F 328 3.96 -16.48 -48.40
C ASP F 328 4.47 -17.74 -49.12
N GLN F 329 5.35 -18.44 -48.46
CA GLN F 329 5.99 -19.68 -48.97
C GLN F 329 4.97 -20.62 -49.63
N PRO F 330 3.77 -20.91 -49.05
CA PRO F 330 2.90 -21.97 -49.61
C PRO F 330 2.47 -21.68 -51.06
N PHE F 331 2.54 -20.44 -51.44
CA PHE F 331 1.97 -20.03 -52.75
C PHE F 331 2.96 -20.26 -53.91
N ALA F 332 4.25 -20.39 -53.65
CA ALA F 332 5.22 -20.48 -54.75
C ALA F 332 4.94 -21.70 -55.60
N ARG F 333 4.53 -22.80 -55.02
CA ARG F 333 4.40 -24.06 -55.78
C ARG F 333 3.23 -23.96 -56.76
N TYR F 334 2.29 -23.06 -56.60
CA TYR F 334 1.16 -22.95 -57.54
C TYR F 334 1.60 -22.40 -58.88
N LEU F 335 2.84 -21.97 -59.03
CA LEU F 335 3.31 -21.66 -60.39
C LEU F 335 3.16 -22.92 -61.24
N PHE F 336 3.40 -24.08 -60.68
CA PHE F 336 3.48 -25.30 -61.49
C PHE F 336 2.13 -25.59 -62.13
N PRO F 337 1.04 -25.79 -61.37
CA PRO F 337 -0.25 -26.00 -62.01
C PRO F 337 -0.73 -24.80 -62.86
N THR F 338 -0.39 -23.57 -62.48
CA THR F 338 -0.73 -22.41 -63.32
C THR F 338 -0.15 -22.68 -64.72
N LEU F 339 1.14 -22.98 -64.80
CA LEU F 339 1.77 -23.15 -66.13
C LEU F 339 1.17 -24.41 -66.77
N GLY F 340 0.98 -25.45 -66.01
CA GLY F 340 0.40 -26.72 -66.53
C GLY F 340 -0.96 -26.57 -67.17
N LYS F 341 -1.77 -25.61 -66.75
CA LYS F 341 -3.10 -25.30 -67.29
C LYS F 341 -2.96 -24.43 -68.54
N GLY F 342 -1.75 -24.11 -68.95
CA GLY F 342 -1.49 -23.17 -70.04
C GLY F 342 -1.54 -21.72 -69.63
N GLY F 343 -1.41 -21.44 -68.34
CA GLY F 343 -1.35 -20.06 -67.87
C GLY F 343 -0.28 -19.23 -68.54
N ILE F 344 -0.58 -17.96 -68.75
CA ILE F 344 0.31 -16.97 -69.38
C ILE F 344 1.12 -16.22 -68.33
N GLY F 345 0.81 -16.43 -67.05
CA GLY F 345 1.66 -15.75 -66.09
C GLY F 345 1.18 -15.83 -64.65
N PHE F 346 2.00 -15.28 -63.79
CA PHE F 346 1.95 -15.54 -62.31
C PHE F 346 2.62 -14.38 -61.62
N SER F 347 1.87 -13.66 -60.75
CA SER F 347 2.44 -12.40 -60.20
C SER F 347 2.23 -12.33 -58.68
N PRO F 348 3.21 -12.79 -57.86
CA PRO F 348 3.16 -12.67 -56.41
C PRO F 348 3.08 -11.18 -56.02
N PHE F 349 2.17 -10.95 -55.03
CA PHE F 349 1.83 -9.60 -54.59
C PHE F 349 2.68 -9.16 -53.37
N GLY F 350 3.19 -7.94 -53.44
CA GLY F 350 3.91 -7.32 -52.33
C GLY F 350 5.39 -7.66 -52.28
N MET F 351 5.98 -7.79 -53.49
CA MET F 351 7.41 -8.08 -53.63
C MET F 351 8.19 -6.75 -53.66
N ASP F 352 8.20 -6.01 -52.53
CA ASP F 352 9.08 -4.83 -52.44
C ASP F 352 9.40 -4.58 -50.96
N ASP F 353 10.39 -3.74 -50.73
CA ASP F 353 10.91 -3.50 -49.39
C ASP F 353 10.43 -2.14 -48.85
N THR F 354 9.19 -1.83 -49.13
CA THR F 354 8.57 -0.56 -48.69
C THR F 354 8.01 -0.66 -47.26
N ASP F 355 8.46 -1.59 -46.45
CA ASP F 355 8.06 -1.72 -45.04
C ASP F 355 6.57 -1.99 -44.94
N TYR F 356 6.07 -2.96 -45.62
CA TYR F 356 4.68 -3.39 -45.55
C TYR F 356 4.55 -4.86 -45.85
N THR F 357 3.74 -5.56 -45.07
N THR F 357 3.74 -5.54 -45.06
CA THR F 357 3.34 -6.96 -45.37
CA THR F 357 3.33 -6.91 -45.40
C THR F 357 1.81 -7.05 -45.26
C THR F 357 1.81 -7.03 -45.27
N ASN F 358 1.15 -7.78 -46.16
CA ASN F 358 -0.30 -7.96 -46.14
C ASN F 358 -0.67 -9.23 -45.39
N TYR F 359 0.26 -9.79 -44.62
CA TYR F 359 -0.06 -10.85 -43.67
C TYR F 359 -1.29 -10.39 -42.88
N PRO F 360 -2.36 -11.18 -42.74
CA PRO F 360 -2.39 -12.62 -42.93
C PRO F 360 -2.54 -13.18 -44.36
N LEU F 361 -2.71 -12.33 -45.34
CA LEU F 361 -2.83 -12.81 -46.75
C LEU F 361 -1.50 -13.32 -47.23
N GLY F 362 -0.45 -12.59 -46.98
CA GLY F 362 0.92 -12.91 -47.43
C GLY F 362 1.86 -13.21 -46.33
N ALA F 363 3.15 -13.06 -46.61
CA ALA F 363 4.18 -13.46 -45.63
C ALA F 363 4.15 -12.55 -44.38
N LYS F 364 4.37 -13.14 -43.23
CA LYS F 364 4.45 -12.36 -42.00
C LYS F 364 5.65 -11.42 -41.99
N VAL F 365 6.76 -11.91 -42.55
CA VAL F 365 8.07 -11.24 -42.66
C VAL F 365 8.43 -11.18 -44.12
N TYR F 366 8.79 -9.98 -44.58
CA TYR F 366 9.38 -9.78 -45.92
C TYR F 366 10.88 -9.65 -45.81
N ASN F 367 11.56 -10.67 -46.33
CA ASN F 367 13.05 -10.64 -46.34
C ASN F 367 13.59 -11.50 -47.49
N ASP F 368 14.88 -11.65 -47.55
CA ASP F 368 15.48 -12.37 -48.71
C ASP F 368 14.92 -13.79 -48.81
N GLU F 369 14.67 -14.45 -47.68
CA GLU F 369 14.06 -15.81 -47.69
C GLU F 369 12.69 -15.79 -48.36
N THR F 370 11.86 -14.80 -48.06
CA THR F 370 10.54 -14.66 -48.72
C THR F 370 10.71 -14.72 -50.25
N ILE F 371 11.60 -13.92 -50.75
CA ILE F 371 11.80 -13.76 -52.20
C ILE F 371 12.35 -15.08 -52.74
N GLU F 372 13.22 -15.71 -51.96
CA GLU F 372 13.94 -16.92 -52.49
C GLU F 372 12.96 -18.04 -52.77
N GLN F 373 11.85 -18.13 -52.06
CA GLN F 373 10.89 -19.23 -52.26
C GLN F 373 10.38 -19.13 -53.72
N PHE F 374 10.18 -17.91 -54.24
CA PHE F 374 9.74 -17.68 -55.64
C PHE F 374 10.97 -17.78 -56.54
N ALA F 375 12.10 -17.20 -56.18
CA ALA F 375 13.28 -17.26 -57.09
C ALA F 375 13.57 -18.72 -57.42
N GLN F 376 13.43 -19.65 -56.50
CA GLN F 376 13.81 -21.06 -56.72
C GLN F 376 12.90 -21.68 -57.80
N VAL F 377 11.61 -21.40 -57.83
CA VAL F 377 10.69 -21.93 -58.84
C VAL F 377 10.86 -21.14 -60.12
N TYR F 378 11.10 -19.85 -60.09
CA TYR F 378 11.31 -19.08 -61.36
C TYR F 378 12.58 -19.58 -62.10
N ARG F 379 13.57 -20.03 -61.39
CA ARG F 379 14.86 -20.54 -61.96
C ARG F 379 14.58 -21.81 -62.77
N LEU F 380 13.50 -22.52 -62.57
CA LEU F 380 13.15 -23.69 -63.38
C LEU F 380 12.56 -23.29 -64.71
N VAL F 381 11.99 -22.11 -64.82
CA VAL F 381 11.20 -21.73 -66.00
C VAL F 381 12.00 -20.75 -66.86
N ASN F 382 12.65 -19.78 -66.26
CA ASN F 382 13.37 -18.69 -66.95
C ASN F 382 14.32 -19.25 -68.01
N PRO F 383 15.09 -20.34 -67.79
CA PRO F 383 15.97 -20.82 -68.85
C PRO F 383 15.26 -21.39 -70.08
N MET F 384 13.99 -21.74 -69.97
CA MET F 384 13.24 -22.29 -71.07
C MET F 384 12.00 -21.43 -71.36
N MET F 385 11.99 -20.16 -70.95
CA MET F 385 10.68 -19.46 -70.92
C MET F 385 10.01 -19.37 -72.29
N ARG F 386 10.77 -19.06 -73.33
CA ARG F 386 10.10 -18.94 -74.67
C ARG F 386 9.70 -20.32 -75.18
N GLU F 387 10.55 -21.33 -74.95
CA GLU F 387 10.20 -22.67 -75.42
C GLU F 387 8.99 -23.21 -74.73
N TRP F 388 8.97 -23.05 -73.42
CA TRP F 388 7.79 -23.47 -72.62
C TRP F 388 6.55 -22.76 -73.17
N ALA F 389 6.66 -21.47 -73.38
CA ALA F 389 5.45 -20.68 -73.79
C ALA F 389 4.92 -21.21 -75.13
N ARG F 390 5.80 -21.58 -76.04
CA ARG F 390 5.36 -22.11 -77.36
C ARG F 390 4.73 -23.47 -77.15
N LEU F 391 5.36 -24.31 -76.34
CA LEU F 391 4.79 -25.65 -76.10
C LEU F 391 3.43 -25.56 -75.42
N SER F 392 3.25 -24.63 -74.50
N SER F 392 3.23 -24.63 -74.49
CA SER F 392 1.95 -24.52 -73.80
CA SER F 392 1.91 -24.57 -73.79
C SER F 392 0.84 -24.17 -74.81
C SER F 392 0.81 -24.15 -74.79
N TYR F 393 1.16 -23.27 -75.74
CA TYR F 393 0.17 -22.77 -76.69
C TYR F 393 -0.12 -23.79 -77.79
N GLN F 394 0.90 -24.52 -78.27
CA GLN F 394 0.90 -25.20 -79.61
C GLN F 394 0.99 -26.68 -79.36
N GLY F 395 1.25 -27.09 -78.16
CA GLY F 395 1.29 -28.50 -77.81
C GLY F 395 0.73 -28.84 -76.43
N GLN F 396 1.37 -29.89 -75.92
CA GLN F 396 0.89 -30.50 -74.70
C GLN F 396 1.86 -30.19 -73.56
N VAL F 397 1.27 -29.62 -72.51
CA VAL F 397 2.01 -29.41 -71.25
C VAL F 397 1.17 -29.90 -70.07
N TRP F 398 1.88 -30.14 -68.99
CA TRP F 398 1.33 -30.59 -67.70
C TRP F 398 2.12 -29.92 -66.58
N GLY F 399 1.41 -29.70 -65.46
CA GLY F 399 2.05 -29.12 -64.28
C GLY F 399 1.32 -29.51 -63.05
N VAL F 400 2.07 -29.85 -62.01
CA VAL F 400 1.44 -30.29 -60.73
C VAL F 400 2.21 -29.66 -59.57
N ALA F 401 1.46 -29.47 -58.47
CA ALA F 401 2.03 -29.05 -57.19
C ALA F 401 1.77 -30.12 -56.16
N GLU F 402 2.62 -30.10 -55.14
CA GLU F 402 2.46 -30.98 -53.95
C GLU F 402 1.07 -30.80 -53.33
N PRO F 403 0.25 -31.86 -53.30
CA PRO F 403 -1.19 -31.69 -53.09
C PRO F 403 -1.66 -31.79 -51.66
N LEU F 404 -0.76 -31.99 -50.72
CA LEU F 404 -1.12 -31.82 -49.31
C LEU F 404 -0.45 -30.54 -48.85
N ASP F 405 -1.21 -29.77 -48.08
CA ASP F 405 -0.64 -28.60 -47.40
C ASP F 405 0.22 -29.08 -46.24
N SER F 406 1.03 -28.16 -45.72
CA SER F 406 1.87 -28.46 -44.56
C SER F 406 1.01 -28.96 -43.43
N THR F 407 1.49 -29.96 -42.73
CA THR F 407 0.79 -30.52 -41.55
C THR F 407 0.72 -29.47 -40.46
N THR F 408 -0.45 -29.26 -39.88
CA THR F 408 -0.63 -28.23 -38.85
C THR F 408 -0.14 -28.75 -37.49
N GLU F 409 0.13 -27.85 -36.54
CA GLU F 409 0.57 -28.23 -35.17
C GLU F 409 -0.53 -29.07 -34.55
N THR F 410 -1.79 -28.68 -34.81
CA THR F 410 -3.03 -29.36 -34.35
C THR F 410 -2.99 -30.79 -34.93
N GLN F 411 -2.66 -30.97 -36.21
CA GLN F 411 -2.65 -32.34 -36.80
C GLN F 411 -1.44 -33.13 -36.25
N LYS F 412 -0.31 -32.49 -35.90
CA LYS F 412 0.86 -33.25 -35.35
C LYS F 412 0.52 -33.78 -33.93
N ILE F 413 -0.27 -32.99 -33.18
CA ILE F 413 -0.82 -33.36 -31.85
C ILE F 413 -1.86 -34.47 -32.09
N TRP F 414 -2.90 -34.18 -32.89
CA TRP F 414 -4.04 -35.11 -33.14
C TRP F 414 -3.60 -36.31 -33.99
N ASN F 415 -2.37 -36.32 -34.48
CA ASN F 415 -1.76 -37.47 -35.21
C ASN F 415 -0.92 -38.14 -34.15
N THR F 419 -2.15 -44.73 -32.45
CA THR F 419 -1.62 -46.09 -32.16
C THR F 419 -0.56 -46.41 -33.21
N PRO F 420 0.33 -47.42 -33.05
CA PRO F 420 1.25 -47.80 -34.13
C PRO F 420 0.52 -48.15 -35.44
N GLU F 421 -0.56 -48.95 -35.36
CA GLU F 421 -1.38 -49.41 -36.53
C GLU F 421 -1.99 -48.17 -37.22
N GLU F 422 -2.58 -47.25 -36.44
CA GLU F 422 -3.15 -45.97 -36.97
C GLU F 422 -2.05 -45.16 -37.68
N LYS F 423 -0.84 -45.08 -37.09
CA LYS F 423 0.33 -44.33 -37.61
C LYS F 423 0.71 -44.96 -38.96
N GLU F 424 0.80 -46.29 -39.06
CA GLU F 424 1.19 -46.96 -40.35
C GLU F 424 0.10 -46.67 -41.38
N GLN F 425 -1.18 -46.62 -40.97
CA GLN F 425 -2.29 -46.41 -41.96
C GLN F 425 -2.22 -44.96 -42.46
N HIS F 426 -1.88 -44.05 -41.57
CA HIS F 426 -1.83 -42.62 -41.87
C HIS F 426 -0.70 -42.39 -42.86
N LYS F 427 0.45 -43.06 -42.64
CA LYS F 427 1.58 -42.91 -43.57
C LYS F 427 1.21 -43.46 -44.96
N LYS F 428 0.54 -44.62 -45.03
CA LYS F 428 0.11 -45.21 -46.33
C LYS F 428 -0.83 -44.21 -46.99
N ASP F 429 -1.84 -43.71 -46.26
CA ASP F 429 -2.80 -42.78 -46.88
C ASP F 429 -2.08 -41.50 -47.36
N ARG F 430 -1.12 -40.97 -46.59
N ARG F 430 -1.13 -41.00 -46.57
CA ARG F 430 -0.40 -39.74 -47.01
CA ARG F 430 -0.34 -39.80 -46.96
C ARG F 430 0.46 -40.07 -48.22
C ARG F 430 0.44 -40.10 -48.24
N ALA F 431 1.11 -41.25 -48.26
CA ALA F 431 1.95 -41.61 -49.43
C ALA F 431 1.09 -41.62 -50.70
N SER F 432 -0.11 -42.17 -50.59
N SER F 432 -0.13 -42.22 -50.66
CA SER F 432 -1.06 -42.29 -51.71
CA SER F 432 -1.03 -42.27 -51.85
C SER F 432 -1.49 -40.89 -52.18
C SER F 432 -1.45 -40.84 -52.22
N ALA F 433 -1.79 -39.99 -51.23
CA ALA F 433 -2.21 -38.61 -51.55
C ALA F 433 -1.07 -37.82 -52.21
N LEU F 434 0.17 -38.18 -51.90
CA LEU F 434 1.39 -37.48 -52.40
C LEU F 434 1.95 -38.22 -53.60
N THR F 435 1.06 -38.94 -54.30
CA THR F 435 1.37 -39.63 -55.59
C THR F 435 0.34 -39.15 -56.63
N GLN F 436 0.83 -38.49 -57.65
CA GLN F 436 0.03 -37.93 -58.74
C GLN F 436 0.34 -38.67 -60.02
N GLN F 437 -0.71 -38.97 -60.79
CA GLN F 437 -0.56 -39.59 -62.11
C GLN F 437 -0.84 -38.55 -63.17
N LEU F 438 -0.04 -38.58 -64.23
CA LEU F 438 -0.25 -37.78 -65.44
C LEU F 438 -0.26 -38.70 -66.65
N ASP F 439 -1.24 -38.54 -67.50
CA ASP F 439 -1.39 -39.32 -68.76
C ASP F 439 -0.78 -38.55 -69.92
N LEU F 440 0.38 -38.99 -70.39
CA LEU F 440 1.15 -38.23 -71.39
C LEU F 440 1.06 -38.90 -72.78
N GLY F 441 -0.01 -39.65 -73.02
CA GLY F 441 -0.20 -40.29 -74.32
C GLY F 441 0.20 -41.75 -74.26
N LEU F 442 1.38 -42.12 -74.86
CA LEU F 442 1.86 -43.50 -74.80
C LEU F 442 2.56 -43.76 -73.46
N TRP F 443 2.90 -42.70 -72.71
CA TRP F 443 3.66 -42.84 -71.47
C TRP F 443 2.86 -42.09 -70.37
N ASP F 444 2.99 -42.52 -69.13
CA ASP F 444 2.46 -41.77 -67.98
C ASP F 444 3.66 -41.38 -67.12
N ALA F 445 3.47 -40.33 -66.32
CA ALA F 445 4.39 -39.93 -65.27
C ALA F 445 3.70 -40.06 -63.92
N GLU F 446 4.46 -40.53 -62.97
CA GLU F 446 4.03 -40.55 -61.55
C GLU F 446 4.95 -39.58 -60.82
N VAL F 447 4.32 -38.58 -60.17
CA VAL F 447 5.02 -37.56 -59.39
C VAL F 447 4.81 -37.85 -57.92
N THR F 448 5.90 -37.90 -57.20
CA THR F 448 5.84 -38.08 -55.75
C THR F 448 6.68 -37.04 -55.04
N TYR F 449 6.38 -36.85 -53.75
CA TYR F 449 6.94 -35.70 -53.01
C TYR F 449 7.54 -36.13 -51.65
N GLY F 450 8.79 -35.77 -51.44
CA GLY F 450 9.44 -35.90 -50.12
C GLY F 450 9.93 -37.30 -49.88
N ARG F 451 10.98 -37.67 -50.62
CA ARG F 451 11.55 -39.02 -50.45
C ARG F 451 13.00 -38.90 -50.89
N PRO F 452 13.83 -39.88 -50.47
CA PRO F 452 15.22 -39.87 -50.89
C PRO F 452 15.35 -40.01 -52.42
N MET F 453 16.61 -39.84 -52.84
CA MET F 453 16.95 -39.83 -54.31
C MET F 453 17.34 -41.25 -54.75
N PHE F 454 17.24 -42.20 -53.84
CA PHE F 454 17.70 -43.59 -54.01
C PHE F 454 16.68 -44.49 -53.33
N TRP F 455 16.35 -45.63 -53.92
CA TRP F 455 15.46 -46.66 -53.36
C TRP F 455 14.02 -46.17 -53.37
N VAL F 456 13.11 -46.88 -52.73
CA VAL F 456 11.67 -46.70 -53.01
C VAL F 456 10.90 -46.50 -51.71
N THR F 457 11.53 -46.03 -50.64
CA THR F 457 10.77 -45.58 -49.43
C THR F 457 9.61 -44.71 -49.88
N PRO F 458 8.37 -44.93 -49.37
CA PRO F 458 7.24 -44.11 -49.83
C PRO F 458 7.38 -42.64 -49.47
N PRO F 459 6.82 -41.76 -50.30
CA PRO F 459 6.85 -40.33 -50.06
C PRO F 459 6.18 -39.95 -48.72
N GLU F 460 6.74 -38.90 -48.11
CA GLU F 460 6.23 -38.38 -46.82
C GLU F 460 5.94 -36.91 -46.95
N GLY F 461 6.21 -36.30 -48.08
CA GLY F 461 6.00 -34.87 -48.31
C GLY F 461 7.19 -34.03 -47.88
N ASN F 462 7.26 -32.84 -48.44
CA ASN F 462 8.26 -31.84 -48.03
C ASN F 462 7.68 -31.03 -46.83
N THR F 463 8.56 -30.53 -46.00
CA THR F 463 8.20 -29.68 -44.83
C THR F 463 8.99 -28.38 -44.97
N PRO F 464 8.32 -27.25 -45.33
CA PRO F 464 6.91 -27.25 -45.65
C PRO F 464 6.54 -27.77 -47.04
N ALA F 465 5.27 -27.93 -47.33
CA ALA F 465 4.85 -28.36 -48.67
C ALA F 465 5.39 -27.35 -49.68
N ALA F 466 6.00 -27.83 -50.80
CA ALA F 466 6.73 -26.94 -51.69
C ALA F 466 6.98 -27.54 -53.10
N GLY F 467 6.74 -28.81 -53.29
CA GLY F 467 7.19 -29.45 -54.57
C GLY F 467 6.30 -29.21 -55.75
N GLY F 468 6.81 -29.57 -56.93
CA GLY F 468 6.01 -29.56 -58.14
C GLY F 468 6.82 -30.08 -59.32
N ALA F 469 6.12 -30.13 -60.45
CA ALA F 469 6.76 -30.61 -61.71
C ALA F 469 6.10 -29.96 -62.91
N LEU F 470 6.91 -29.80 -63.98
CA LEU F 470 6.47 -29.36 -65.31
C LEU F 470 6.89 -30.43 -66.32
N ILE F 471 5.98 -30.74 -67.19
CA ILE F 471 6.27 -31.69 -68.32
C ILE F 471 5.73 -31.08 -69.59
N ALA F 472 6.49 -31.15 -70.66
CA ALA F 472 6.02 -30.80 -72.02
C ALA F 472 6.30 -31.97 -72.98
N GLN F 473 5.36 -32.25 -73.85
CA GLN F 473 5.53 -33.34 -74.85
C GLN F 473 6.26 -32.73 -76.03
N LEU F 474 7.35 -33.39 -76.45
CA LEU F 474 8.13 -33.02 -77.65
C LEU F 474 7.73 -33.93 -78.82
N ASP F 475 7.43 -35.19 -78.52
CA ASP F 475 7.10 -36.19 -79.57
C ASP F 475 6.41 -37.33 -78.86
N ASP F 476 6.07 -38.36 -79.62
CA ASP F 476 5.34 -39.52 -79.07
C ASP F 476 6.08 -40.07 -77.86
N ASN F 477 7.42 -40.09 -77.86
CA ASN F 477 8.15 -40.80 -76.81
C ASN F 477 9.11 -39.86 -76.09
N GLU F 478 8.99 -38.54 -76.28
CA GLU F 478 9.99 -37.62 -75.77
C GLU F 478 9.33 -36.45 -75.05
N TYR F 479 9.89 -36.14 -73.89
CA TYR F 479 9.34 -35.10 -73.02
C TYR F 479 10.46 -34.19 -72.51
N LEU F 480 10.04 -32.93 -72.23
CA LEU F 480 10.84 -31.96 -71.49
C LEU F 480 10.32 -32.00 -70.04
N VAL F 481 11.22 -32.13 -69.08
CA VAL F 481 10.85 -32.32 -67.65
C VAL F 481 11.75 -31.45 -66.78
N THR F 482 11.08 -30.69 -65.89
CA THR F 482 11.80 -30.02 -64.79
C THR F 482 10.92 -30.12 -63.56
N ALA F 483 11.52 -30.33 -62.41
CA ALA F 483 10.71 -30.47 -61.20
C ALA F 483 11.51 -30.01 -60.00
N TYR F 484 10.79 -30.04 -58.87
CA TYR F 484 11.28 -29.32 -57.68
C TYR F 484 10.84 -30.07 -56.41
N LYS F 485 11.83 -30.55 -55.65
CA LYS F 485 11.55 -31.28 -54.41
C LYS F 485 10.57 -32.41 -54.65
N ALA F 486 10.88 -33.24 -55.66
CA ALA F 486 9.95 -34.25 -56.13
C ALA F 486 10.72 -35.31 -56.94
N ARG F 487 10.05 -36.43 -57.07
CA ARG F 487 10.47 -37.51 -57.96
C ARG F 487 9.46 -37.61 -59.11
N VAL F 488 9.97 -37.80 -60.34
CA VAL F 488 9.15 -38.06 -61.52
C VAL F 488 9.56 -39.41 -62.12
N GLU F 489 8.61 -40.27 -62.27
CA GLU F 489 8.86 -41.64 -62.80
C GLU F 489 8.00 -41.84 -64.04
N PHE F 490 8.60 -42.30 -65.15
CA PHE F 490 7.85 -42.62 -66.39
C PHE F 490 7.57 -44.11 -66.46
N LYS F 491 6.44 -44.40 -67.09
CA LYS F 491 5.95 -45.77 -67.25
C LYS F 491 5.06 -45.80 -68.45
N PRO F 492 4.82 -46.99 -69.05
CA PRO F 492 3.87 -47.05 -70.16
C PRO F 492 2.47 -46.65 -69.72
N SER F 493 1.72 -46.00 -70.64
CA SER F 493 0.30 -45.55 -70.42
C SER F 493 -0.68 -46.68 -70.68
N GLN F 494 -0.21 -47.71 -71.39
CA GLN F 494 -1.09 -48.85 -71.78
C GLN F 494 -0.26 -50.12 -71.85
N GLU F 495 -0.93 -51.24 -71.84
CA GLU F 495 -0.26 -52.54 -71.87
C GLU F 495 0.56 -52.58 -73.17
N LEU F 496 1.75 -53.18 -73.10
CA LEU F 496 2.66 -53.18 -74.29
C LEU F 496 2.61 -54.47 -75.05
N ALA F 497 1.65 -55.35 -74.79
CA ALA F 497 1.38 -56.52 -75.69
C ALA F 497 2.66 -57.35 -75.87
N GLY F 498 3.34 -57.63 -74.78
CA GLY F 498 4.56 -58.48 -74.83
C GLY F 498 5.89 -57.74 -74.93
N LYS F 499 5.91 -56.45 -75.27
N LYS F 499 5.90 -56.46 -75.28
CA LYS F 499 7.18 -55.70 -75.27
CA LYS F 499 7.17 -55.68 -75.28
C LYS F 499 7.58 -55.32 -73.84
C LYS F 499 7.58 -55.32 -73.86
N LYS F 500 8.83 -54.95 -73.68
CA LYS F 500 9.32 -54.33 -72.42
C LYS F 500 9.55 -52.85 -72.70
N PHE F 501 9.86 -52.11 -71.64
CA PHE F 501 10.12 -50.67 -71.84
C PHE F 501 11.32 -50.24 -71.02
N MET F 502 11.95 -49.19 -71.43
CA MET F 502 13.02 -48.55 -70.62
C MET F 502 13.04 -47.07 -70.93
N ILE F 503 13.71 -46.30 -70.08
CA ILE F 503 14.31 -45.04 -70.52
C ILE F 503 15.29 -45.34 -71.66
N GLU F 504 15.14 -44.68 -72.77
CA GLU F 504 16.21 -44.72 -73.82
C GLU F 504 17.35 -43.79 -73.46
N ARG F 505 17.02 -42.53 -73.16
N ARG F 505 17.00 -42.58 -73.05
CA ARG F 505 18.02 -41.51 -72.83
CA ARG F 505 18.01 -41.57 -72.78
C ARG F 505 17.37 -40.39 -72.01
C ARG F 505 17.36 -40.43 -71.99
N VAL F 506 18.05 -39.97 -70.96
CA VAL F 506 17.75 -38.69 -70.28
C VAL F 506 18.96 -37.78 -70.45
N GLU F 507 18.73 -36.57 -70.95
CA GLU F 507 19.78 -35.55 -71.11
C GLU F 507 19.38 -34.37 -70.20
N GLU F 508 20.32 -33.83 -69.50
CA GLU F 508 20.18 -32.50 -68.87
C GLU F 508 20.84 -31.49 -69.80
N GLY F 509 20.22 -30.32 -69.96
CA GLY F 509 20.81 -29.31 -70.84
C GLY F 509 20.01 -28.04 -70.85
N ARG F 510 20.14 -27.30 -71.93
CA ARG F 510 19.55 -25.95 -71.96
C ARG F 510 19.26 -25.59 -73.38
N PHE F 511 18.57 -24.48 -73.59
CA PHE F 511 18.30 -23.95 -74.92
C PHE F 511 19.20 -22.78 -75.12
N GLU F 512 19.93 -22.76 -76.23
CA GLU F 512 20.75 -21.62 -76.64
C GLU F 512 20.30 -21.24 -78.04
N LYS F 513 19.88 -19.98 -78.23
CA LYS F 513 19.30 -19.51 -79.50
C LYS F 513 18.28 -20.56 -79.97
N GLY F 514 17.41 -21.06 -79.07
CA GLY F 514 16.30 -22.01 -79.37
C GLY F 514 16.73 -23.43 -79.74
N LYS F 515 18.01 -23.77 -79.65
CA LYS F 515 18.49 -25.13 -79.92
C LYS F 515 18.86 -25.77 -78.58
N TRP F 516 18.57 -27.06 -78.47
CA TRP F 516 18.94 -27.86 -77.29
C TRP F 516 20.45 -28.08 -77.25
N VAL F 517 21.05 -27.78 -76.10
CA VAL F 517 22.49 -28.10 -75.85
C VAL F 517 22.55 -29.09 -74.71
N MET F 518 23.09 -30.29 -74.94
N MET F 518 23.10 -30.26 -74.96
CA MET F 518 23.26 -31.33 -73.89
CA MET F 518 23.30 -31.26 -73.89
C MET F 518 24.48 -30.99 -73.01
C MET F 518 24.46 -30.80 -72.99
N GLU F 519 24.27 -31.01 -71.70
CA GLU F 519 25.34 -30.85 -70.71
C GLU F 519 25.80 -32.26 -70.28
N ARG F 520 24.87 -33.14 -69.95
CA ARG F 520 25.24 -34.47 -69.46
C ARG F 520 24.07 -35.43 -69.65
N VAL F 521 24.34 -36.72 -69.60
CA VAL F 521 23.33 -37.78 -69.62
C VAL F 521 23.13 -38.23 -68.19
N TRP F 522 21.85 -38.21 -67.75
CA TRP F 522 21.50 -38.84 -66.48
C TRP F 522 21.36 -40.34 -66.72
N ASN F 523 22.00 -41.12 -65.93
CA ASN F 523 21.91 -42.58 -66.07
C ASN F 523 22.21 -43.24 -64.72
N GLY F 524 22.18 -44.53 -64.63
CA GLY F 524 22.54 -45.22 -63.41
C GLY F 524 21.70 -44.78 -62.23
N ASP F 525 22.34 -44.47 -61.12
CA ASP F 525 21.57 -44.12 -59.88
C ASP F 525 20.66 -42.96 -60.20
N GLN F 526 21.04 -42.05 -61.11
CA GLN F 526 20.19 -40.88 -61.43
C GLN F 526 18.90 -41.22 -62.17
N THR F 527 18.75 -42.45 -62.74
CA THR F 527 17.52 -42.81 -63.41
C THR F 527 16.90 -44.14 -62.90
N ASP F 528 17.59 -44.84 -62.03
CA ASP F 528 17.12 -46.11 -61.47
C ASP F 528 15.87 -45.94 -60.59
N TRP F 529 15.82 -44.78 -59.90
CA TRP F 529 14.78 -44.56 -58.86
C TRP F 529 13.95 -43.34 -59.26
N GLY F 530 13.55 -43.30 -60.49
CA GLY F 530 12.90 -42.12 -61.03
C GLY F 530 13.88 -40.97 -61.21
N LEU F 531 13.34 -39.80 -61.55
CA LEU F 531 14.12 -38.57 -61.77
C LEU F 531 13.89 -37.70 -60.52
N ASN F 532 14.91 -37.58 -59.73
CA ASN F 532 14.81 -36.91 -58.42
C ASN F 532 15.41 -35.50 -58.50
N PHE F 533 14.56 -34.57 -58.02
CA PHE F 533 14.85 -33.15 -58.03
C PHE F 533 14.83 -32.63 -56.58
N THR F 534 15.77 -31.75 -56.30
CA THR F 534 15.87 -31.01 -55.04
C THR F 534 15.42 -29.57 -55.29
N ASP F 535 16.12 -28.60 -54.75
CA ASP F 535 15.81 -27.20 -54.96
C ASP F 535 16.56 -26.59 -56.09
N ARG F 536 17.48 -27.35 -56.70
CA ARG F 536 18.35 -26.77 -57.74
C ARG F 536 17.74 -27.05 -59.09
N PRO F 537 17.89 -26.16 -60.08
CA PRO F 537 17.27 -26.31 -61.41
C PRO F 537 17.99 -27.33 -62.33
N HIS F 538 17.23 -28.20 -62.91
CA HIS F 538 17.72 -29.16 -63.95
C HIS F 538 16.64 -29.27 -65.00
N LEU F 539 16.98 -29.02 -66.26
CA LEU F 539 16.00 -29.20 -67.34
C LEU F 539 16.42 -30.49 -68.10
N LEU F 540 15.50 -31.46 -68.22
CA LEU F 540 15.79 -32.77 -68.82
C LEU F 540 14.97 -32.96 -70.07
N ARG F 541 15.58 -33.70 -71.03
CA ARG F 541 14.83 -34.27 -72.17
C ARG F 541 14.84 -35.79 -71.95
N VAL F 542 13.70 -36.38 -71.84
CA VAL F 542 13.48 -37.77 -71.50
C VAL F 542 12.90 -38.46 -72.71
N LYS F 543 13.62 -39.49 -73.18
N LYS F 543 13.62 -39.49 -73.18
CA LYS F 543 13.19 -40.31 -74.35
CA LYS F 543 13.18 -40.30 -74.34
C LYS F 543 12.94 -41.72 -73.83
C LYS F 543 12.93 -41.72 -73.82
N MET F 544 11.71 -42.21 -73.97
CA MET F 544 11.27 -43.51 -73.56
C MET F 544 11.24 -44.45 -74.78
N ALA F 545 11.37 -45.76 -74.51
CA ALA F 545 11.23 -46.76 -75.58
C ALA F 545 10.58 -48.02 -75.10
N SER F 546 9.70 -48.56 -75.95
CA SER F 546 9.22 -49.93 -75.83
C SER F 546 10.16 -50.74 -76.77
N TYR F 547 10.46 -51.96 -76.38
CA TYR F 547 11.38 -52.83 -77.16
C TYR F 547 10.96 -54.26 -77.09
N SER F 548 11.21 -54.96 -78.19
N SER F 548 11.18 -54.99 -78.18
N SER F 548 11.18 -54.97 -78.20
CA SER F 548 10.83 -56.38 -78.38
CA SER F 548 10.72 -56.39 -78.26
CA SER F 548 10.80 -56.40 -78.36
C SER F 548 11.80 -57.26 -77.61
C SER F 548 11.78 -57.29 -77.64
C SER F 548 11.79 -57.24 -77.58
N VAL F 549 11.27 -58.31 -76.98
CA VAL F 549 12.07 -59.40 -76.42
C VAL F 549 11.71 -60.76 -77.02
N GLN F 550 10.86 -60.82 -78.03
CA GLN F 550 10.51 -62.07 -78.78
C GLN F 550 10.48 -63.25 -77.81
N ALA G 11 60.24 -43.38 -70.64
CA ALA G 11 59.11 -44.33 -70.55
C ALA G 11 58.90 -44.66 -69.07
N ALA G 12 57.99 -43.94 -68.44
CA ALA G 12 57.43 -44.38 -67.15
C ALA G 12 56.97 -45.84 -67.28
N PRO G 13 57.32 -46.69 -66.31
CA PRO G 13 56.87 -48.08 -66.30
C PRO G 13 55.35 -48.10 -66.16
N LEU G 14 54.75 -49.08 -66.78
CA LEU G 14 53.31 -49.30 -66.68
C LEU G 14 52.99 -49.52 -65.20
N PRO G 15 51.81 -49.10 -64.74
CA PRO G 15 51.28 -49.60 -63.48
C PRO G 15 51.10 -51.10 -63.54
N GLU G 16 51.29 -51.78 -62.43
CA GLU G 16 51.10 -53.21 -62.38
C GLU G 16 50.67 -53.66 -60.98
N LEU G 17 49.84 -54.67 -60.88
CA LEU G 17 49.53 -55.31 -59.59
C LEU G 17 50.48 -56.49 -59.35
N LEU G 18 51.34 -56.40 -58.33
CA LEU G 18 52.27 -57.48 -57.95
C LEU G 18 51.68 -58.30 -56.82
N SER G 19 51.98 -59.58 -56.78
CA SER G 19 51.55 -60.51 -55.71
C SER G 19 52.71 -61.41 -55.34
N ASN G 20 53.10 -61.42 -54.07
CA ASN G 20 54.27 -62.23 -53.61
C ASN G 20 54.10 -62.53 -52.11
N ASN G 21 54.45 -63.75 -51.69
CA ASN G 21 54.59 -64.06 -50.24
C ASN G 21 53.23 -63.76 -49.59
N GLY G 22 52.11 -63.97 -50.32
CA GLY G 22 50.71 -63.70 -49.90
C GLY G 22 50.35 -62.21 -49.75
N LYS G 23 51.22 -61.31 -50.19
N LYS G 23 51.13 -61.33 -50.36
CA LYS G 23 51.03 -59.85 -50.12
CA LYS G 23 51.03 -59.87 -50.21
C LYS G 23 50.94 -59.30 -51.56
C LYS G 23 50.92 -59.28 -51.62
N HIS G 24 50.50 -58.04 -51.67
CA HIS G 24 50.17 -57.42 -52.95
C HIS G 24 50.63 -56.00 -52.96
N ALA G 25 50.90 -55.47 -54.15
CA ALA G 25 51.16 -54.02 -54.28
C ALA G 25 50.62 -53.56 -55.60
N LEU G 26 50.04 -52.38 -55.61
CA LEU G 26 49.76 -51.68 -56.88
C LEU G 26 50.97 -50.83 -57.18
N MET G 27 51.76 -51.20 -58.21
CA MET G 27 52.92 -50.42 -58.59
C MET G 27 52.46 -49.31 -59.52
N VAL G 28 52.84 -48.08 -59.17
CA VAL G 28 52.59 -46.88 -59.99
C VAL G 28 53.88 -46.12 -60.08
N ASP G 29 54.35 -45.94 -61.29
CA ASP G 29 55.63 -45.24 -61.51
C ASP G 29 56.79 -46.01 -60.85
N GLY G 30 56.70 -47.34 -60.80
CA GLY G 30 57.79 -48.28 -60.43
C GLY G 30 57.90 -48.47 -58.92
N ALA G 31 56.90 -48.01 -58.16
CA ALA G 31 56.88 -48.28 -56.70
C ALA G 31 55.45 -48.44 -56.17
N PRO G 32 55.26 -49.14 -55.04
CA PRO G 32 53.94 -49.34 -54.47
C PRO G 32 53.24 -48.00 -54.25
N TYR G 33 51.94 -48.07 -54.43
CA TYR G 33 51.07 -46.87 -54.41
C TYR G 33 49.78 -47.24 -53.70
N ILE G 34 49.23 -46.26 -52.92
CA ILE G 34 47.88 -46.41 -52.36
C ILE G 34 46.94 -45.44 -53.04
N ILE G 35 45.83 -45.98 -53.47
CA ILE G 35 44.75 -45.15 -53.98
C ILE G 35 44.00 -44.56 -52.74
N LEU G 36 44.13 -43.27 -52.57
CA LEU G 36 43.30 -42.52 -51.57
C LEU G 36 42.30 -41.82 -52.49
N GLY G 37 41.21 -42.49 -52.71
CA GLY G 37 40.38 -42.17 -53.87
C GLY G 37 39.19 -41.31 -53.58
N SER G 38 38.64 -40.69 -54.63
N SER G 38 38.64 -40.78 -54.65
CA SER G 38 37.26 -40.17 -54.65
CA SER G 38 37.32 -40.15 -54.71
C SER G 38 36.60 -40.78 -55.87
C SER G 38 36.60 -40.77 -55.91
N GLN G 39 35.31 -40.95 -55.85
CA GLN G 39 34.55 -41.52 -56.97
C GLN G 39 33.30 -40.71 -57.21
N THR G 40 33.08 -40.41 -58.45
CA THR G 40 31.97 -39.58 -58.88
C THR G 40 30.67 -40.35 -58.74
N ASN G 41 29.57 -39.54 -58.68
CA ASN G 41 28.24 -40.07 -58.99
C ASN G 41 28.16 -40.58 -60.44
N ASN G 42 27.12 -41.33 -60.72
CA ASN G 42 27.02 -42.08 -62.00
C ASN G 42 26.78 -41.22 -63.24
N SER G 43 26.44 -39.96 -63.10
CA SER G 43 26.07 -39.07 -64.23
C SER G 43 27.05 -37.89 -64.33
N SER G 44 28.28 -38.09 -63.88
CA SER G 44 29.29 -37.02 -63.82
C SER G 44 30.35 -37.22 -64.92
N ASN G 45 30.05 -38.16 -65.84
CA ASN G 45 31.03 -38.56 -66.88
C ASN G 45 30.92 -37.68 -68.13
N TYR G 46 30.82 -36.37 -67.97
CA TYR G 46 30.67 -35.42 -69.09
C TYR G 46 31.53 -34.22 -68.81
N PRO G 47 32.09 -33.57 -69.83
CA PRO G 47 32.94 -32.41 -69.59
C PRO G 47 32.32 -31.30 -68.71
N ASP G 48 31.04 -31.03 -68.90
CA ASP G 48 30.33 -29.97 -68.11
C ASP G 48 30.31 -30.32 -66.63
N ALA G 49 30.25 -31.58 -66.27
CA ALA G 49 30.08 -32.03 -64.89
C ALA G 49 31.43 -31.92 -64.14
N LEU G 50 32.58 -31.93 -64.80
CA LEU G 50 33.84 -32.08 -64.09
C LEU G 50 34.07 -30.89 -63.12
N LYS G 51 33.56 -29.71 -63.41
CA LYS G 51 33.68 -28.52 -62.49
C LYS G 51 33.02 -28.84 -61.16
N ASP G 52 32.07 -29.75 -61.13
CA ASP G 52 31.41 -30.20 -59.87
C ASP G 52 32.14 -31.37 -59.20
N VAL G 53 33.20 -31.86 -59.81
CA VAL G 53 33.96 -33.05 -59.33
C VAL G 53 35.26 -32.55 -58.69
N TRP G 54 36.03 -31.73 -59.38
CA TRP G 54 37.41 -31.39 -58.92
C TRP G 54 37.42 -30.73 -57.55
N PRO G 55 36.51 -29.78 -57.23
CA PRO G 55 36.64 -29.14 -55.92
C PRO G 55 36.61 -30.16 -54.77
N SER G 56 35.68 -31.10 -54.84
CA SER G 56 35.52 -32.14 -53.80
C SER G 56 36.82 -32.92 -53.67
N MET G 57 37.40 -33.28 -54.83
CA MET G 57 38.66 -34.06 -54.77
C MET G 57 39.75 -33.27 -54.06
N GLU G 58 39.89 -31.98 -54.32
CA GLU G 58 40.89 -31.13 -53.67
C GLU G 58 40.63 -31.05 -52.14
N LYS G 59 39.40 -30.79 -51.78
CA LYS G 59 38.99 -30.72 -50.37
C LYS G 59 39.27 -32.04 -49.65
N MET G 60 39.05 -33.16 -50.35
CA MET G 60 39.25 -34.49 -49.72
C MET G 60 40.73 -34.81 -49.59
N GLY G 61 41.59 -34.22 -50.42
CA GLY G 61 43.01 -34.65 -50.45
C GLY G 61 43.19 -35.99 -51.20
N ALA G 62 42.26 -36.38 -52.05
CA ALA G 62 42.34 -37.64 -52.81
C ALA G 62 43.48 -37.55 -53.85
N ASN G 63 44.07 -38.69 -54.10
CA ASN G 63 45.18 -38.73 -55.11
C ASN G 63 44.68 -39.39 -56.44
N THR G 64 43.51 -39.97 -56.45
CA THR G 64 43.01 -40.76 -57.61
C THR G 64 41.50 -40.61 -57.69
N LEU G 65 41.01 -40.28 -58.86
CA LEU G 65 39.59 -40.17 -59.17
C LEU G 65 39.10 -41.41 -59.92
N SER G 66 38.05 -42.04 -59.46
CA SER G 66 37.32 -43.12 -60.14
C SER G 66 36.15 -42.44 -60.82
N ILE G 67 35.98 -42.63 -62.11
CA ILE G 67 34.94 -41.93 -62.90
C ILE G 67 34.53 -42.84 -64.04
N PRO G 68 33.26 -42.87 -64.43
CA PRO G 68 32.89 -43.71 -65.56
C PRO G 68 33.35 -43.21 -66.92
N VAL G 69 33.57 -44.22 -67.80
CA VAL G 69 33.55 -44.00 -69.27
C VAL G 69 32.55 -44.98 -69.81
N ALA G 70 31.51 -44.44 -70.44
CA ALA G 70 30.32 -45.22 -70.82
C ALA G 70 30.46 -45.65 -72.29
N TRP G 71 30.10 -46.87 -72.53
CA TRP G 71 30.02 -47.36 -73.95
C TRP G 71 29.10 -46.45 -74.75
N GLU G 72 27.95 -46.04 -74.17
CA GLU G 72 27.03 -45.18 -74.93
C GLU G 72 27.71 -43.90 -75.40
N GLN G 73 28.64 -43.34 -74.63
CA GLN G 73 29.21 -42.04 -74.98
C GLN G 73 30.37 -42.24 -75.96
N ILE G 74 31.10 -43.35 -75.91
CA ILE G 74 32.28 -43.51 -76.83
C ILE G 74 31.87 -44.14 -78.14
N GLU G 75 30.75 -44.84 -78.19
CA GLU G 75 30.30 -45.42 -79.49
C GLU G 75 28.82 -45.18 -79.67
N PRO G 76 28.33 -43.91 -79.78
CA PRO G 76 26.89 -43.60 -79.75
C PRO G 76 26.20 -44.17 -80.97
N VAL G 77 26.97 -44.35 -82.06
CA VAL G 77 26.52 -44.99 -83.33
C VAL G 77 27.58 -46.05 -83.63
N GLU G 78 27.18 -47.22 -84.11
CA GLU G 78 28.16 -48.30 -84.19
C GLU G 78 29.29 -47.87 -85.13
N GLY G 79 30.52 -48.07 -84.69
CA GLY G 79 31.74 -47.76 -85.45
C GLY G 79 32.09 -46.30 -85.49
N GLN G 80 31.35 -45.45 -84.78
CA GLN G 80 31.63 -44.00 -84.80
C GLN G 80 32.08 -43.60 -83.40
N PHE G 81 33.37 -43.60 -83.16
CA PHE G 81 33.91 -43.45 -81.79
C PHE G 81 34.07 -41.99 -81.47
N ASP G 82 33.85 -41.70 -80.19
CA ASP G 82 33.94 -40.31 -79.64
C ASP G 82 34.67 -40.36 -78.31
N PHE G 83 35.92 -39.88 -78.26
CA PHE G 83 36.74 -39.84 -77.04
C PHE G 83 36.84 -38.42 -76.50
N SER G 84 35.96 -37.54 -76.93
CA SER G 84 36.00 -36.12 -76.48
C SER G 84 36.02 -36.03 -74.94
N PHE G 85 35.23 -36.84 -74.29
CA PHE G 85 35.19 -36.74 -72.81
C PHE G 85 36.53 -37.21 -72.23
N VAL G 86 37.09 -38.33 -72.77
CA VAL G 86 38.35 -38.86 -72.24
C VAL G 86 39.44 -37.83 -72.42
N ASP G 87 39.48 -37.15 -73.56
CA ASP G 87 40.46 -36.11 -73.80
C ASP G 87 40.41 -35.07 -72.67
N VAL G 88 39.23 -34.49 -72.41
CA VAL G 88 39.10 -33.39 -71.41
C VAL G 88 39.48 -33.93 -70.03
N LEU G 89 39.02 -35.14 -69.73
CA LEU G 89 39.23 -35.76 -68.41
C LEU G 89 40.74 -35.92 -68.19
N LEU G 90 41.48 -36.49 -69.15
CA LEU G 90 42.93 -36.69 -68.98
C LEU G 90 43.60 -35.34 -68.74
N LYS G 91 43.25 -34.35 -69.57
CA LYS G 91 43.85 -33.00 -69.52
C LYS G 91 43.62 -32.41 -68.13
N GLU G 92 42.40 -32.52 -67.67
CA GLU G 92 42.06 -31.84 -66.39
C GLU G 92 42.65 -32.58 -65.20
N ALA G 93 42.71 -33.88 -65.25
CA ALA G 93 43.34 -34.67 -64.16
C ALA G 93 44.83 -34.32 -64.05
N ARG G 94 45.46 -34.20 -65.18
CA ARG G 94 46.89 -33.89 -65.19
C ARG G 94 47.16 -32.49 -64.61
N GLN G 95 46.31 -31.53 -64.93
CA GLN G 95 46.42 -30.12 -64.49
C GLN G 95 46.41 -30.15 -62.96
N ARG G 96 45.62 -31.07 -62.38
CA ARG G 96 45.40 -31.15 -60.93
C ARG G 96 46.29 -32.18 -60.25
N LYS G 97 47.16 -32.81 -61.02
CA LYS G 97 48.22 -33.73 -60.58
C LYS G 97 47.53 -34.85 -59.76
N VAL G 98 46.49 -35.41 -60.36
CA VAL G 98 45.86 -36.62 -59.83
C VAL G 98 45.81 -37.73 -60.89
N ARG G 99 45.60 -38.93 -60.41
CA ARG G 99 45.53 -40.13 -61.28
C ARG G 99 44.10 -40.55 -61.44
N LEU G 100 43.80 -41.47 -62.34
CA LEU G 100 42.47 -41.88 -62.74
C LEU G 100 42.33 -43.39 -62.73
N VAL G 101 41.17 -43.83 -62.28
CA VAL G 101 40.66 -45.19 -62.47
C VAL G 101 39.41 -45.04 -63.32
N LEU G 102 39.43 -45.52 -64.58
CA LEU G 102 38.26 -45.37 -65.47
C LEU G 102 37.36 -46.56 -65.21
N LEU G 103 36.07 -46.34 -65.18
CA LEU G 103 35.08 -47.39 -64.93
C LEU G 103 34.29 -47.63 -66.21
N TRP G 104 34.58 -48.73 -66.87
CA TRP G 104 33.93 -49.10 -68.15
C TRP G 104 32.53 -49.58 -67.92
N PHE G 105 31.57 -48.65 -68.17
CA PHE G 105 30.13 -48.97 -68.02
C PHE G 105 29.61 -49.46 -69.38
N ALA G 106 29.36 -50.74 -69.47
CA ALA G 106 29.18 -51.38 -70.79
C ALA G 106 28.06 -52.41 -70.78
N THR G 107 28.39 -53.70 -70.93
CA THR G 107 27.42 -54.78 -70.92
C THR G 107 26.65 -54.77 -69.59
N TRP G 108 27.35 -54.66 -68.46
CA TRP G 108 26.67 -54.56 -67.15
C TRP G 108 27.06 -53.28 -66.41
N LYS G 109 26.04 -52.58 -65.96
CA LYS G 109 26.18 -51.51 -64.95
C LYS G 109 25.04 -51.84 -63.98
N ASN G 110 25.40 -52.34 -62.80
CA ASN G 110 24.41 -52.77 -61.80
C ASN G 110 23.39 -53.72 -62.43
N ASN G 111 23.92 -54.76 -63.09
CA ASN G 111 23.20 -55.90 -63.66
C ASN G 111 22.62 -55.52 -65.02
N ALA G 112 22.60 -54.27 -65.41
CA ALA G 112 21.77 -53.83 -66.55
C ALA G 112 22.60 -53.16 -67.66
N PRO G 113 21.99 -53.06 -68.86
CA PRO G 113 22.64 -52.48 -70.02
C PRO G 113 22.32 -51.03 -70.32
N HIS G 114 21.96 -50.24 -69.28
CA HIS G 114 21.56 -48.84 -69.51
C HIS G 114 22.66 -47.97 -70.10
N TYR G 115 23.93 -48.29 -69.87
CA TYR G 115 25.00 -47.46 -70.40
C TYR G 115 25.55 -48.07 -71.72
N ALA G 116 24.95 -49.14 -72.19
CA ALA G 116 25.28 -49.66 -73.54
C ALA G 116 24.61 -48.68 -74.48
N PRO G 117 25.11 -48.47 -75.72
CA PRO G 117 24.51 -47.58 -76.71
C PRO G 117 23.08 -48.01 -77.06
N ALA G 118 22.27 -47.08 -77.56
CA ALA G 118 20.87 -47.45 -77.94
C ALA G 118 20.83 -48.61 -78.94
N TRP G 119 21.79 -48.65 -79.87
CA TRP G 119 21.83 -49.70 -80.94
C TRP G 119 22.22 -51.05 -80.30
N VAL G 120 22.66 -51.07 -79.04
CA VAL G 120 22.84 -52.32 -78.28
C VAL G 120 21.59 -52.61 -77.45
N LYS G 121 21.28 -51.67 -76.55
CA LYS G 121 20.31 -52.03 -75.49
C LYS G 121 18.86 -52.13 -76.02
N LEU G 122 18.58 -51.54 -77.19
CA LEU G 122 17.23 -51.67 -77.81
C LEU G 122 17.18 -52.78 -78.87
N ASP G 123 18.26 -53.60 -79.04
CA ASP G 123 18.28 -54.74 -80.04
C ASP G 123 18.44 -56.07 -79.33
N ASN G 124 17.37 -56.58 -78.78
CA ASN G 124 17.43 -57.83 -77.99
C ASN G 124 17.78 -59.03 -78.89
N ALA G 125 17.29 -59.07 -80.11
CA ALA G 125 17.60 -60.22 -81.00
C ALA G 125 19.12 -60.34 -81.16
N ARG G 126 19.81 -59.24 -81.43
CA ARG G 126 21.27 -59.24 -81.62
C ARG G 126 22.03 -59.44 -80.31
N PHE G 127 21.54 -58.81 -79.24
CA PHE G 127 22.20 -58.68 -77.93
C PHE G 127 21.21 -59.14 -76.86
N PRO G 128 21.08 -60.46 -76.63
CA PRO G 128 19.97 -61.03 -75.87
C PRO G 128 20.10 -60.90 -74.36
N ARG G 129 18.94 -60.75 -73.74
CA ARG G 129 18.78 -60.68 -72.30
C ARG G 129 18.64 -62.05 -71.68
N VAL G 130 18.96 -62.10 -70.40
CA VAL G 130 18.60 -63.21 -69.52
C VAL G 130 17.11 -63.52 -69.62
N VAL G 131 16.79 -64.78 -69.76
CA VAL G 131 15.40 -65.32 -69.78
C VAL G 131 15.22 -66.09 -68.50
N LYS G 132 14.19 -65.76 -67.74
CA LYS G 132 13.92 -66.53 -66.51
C LYS G 132 13.38 -67.93 -66.84
N GLU G 133 13.37 -68.78 -65.83
CA GLU G 133 12.92 -70.18 -65.96
C GLU G 133 11.44 -70.18 -66.39
N ASP G 134 10.66 -69.15 -66.05
CA ASP G 134 9.22 -69.03 -66.44
C ASP G 134 9.07 -68.43 -67.85
N GLY G 135 10.16 -68.04 -68.50
CA GLY G 135 10.08 -67.54 -69.89
C GLY G 135 9.97 -66.03 -69.97
N ASP G 136 9.79 -65.33 -68.85
CA ASP G 136 9.81 -63.85 -68.92
C ASP G 136 11.27 -63.40 -69.01
N THR G 137 11.48 -62.18 -69.47
CA THR G 137 12.81 -61.61 -69.75
C THR G 137 13.18 -60.54 -68.72
N LEU G 138 14.44 -60.52 -68.32
CA LEU G 138 14.97 -59.52 -67.41
C LEU G 138 15.84 -58.55 -68.18
N ASN G 139 15.92 -57.31 -67.71
CA ASN G 139 16.80 -56.32 -68.36
C ASN G 139 18.22 -56.49 -67.83
N SER G 140 18.87 -57.59 -68.23
CA SER G 140 20.23 -57.97 -67.84
C SER G 140 20.75 -58.79 -69.03
N LEU G 141 21.82 -58.31 -69.65
CA LEU G 141 22.30 -58.99 -70.89
C LEU G 141 22.89 -60.35 -70.51
N SER G 142 22.56 -61.37 -71.31
CA SER G 142 23.13 -62.73 -71.10
C SER G 142 24.63 -62.72 -71.37
N PRO G 143 25.44 -63.35 -70.51
CA PRO G 143 26.87 -63.49 -70.80
C PRO G 143 27.16 -64.48 -71.92
N LEU G 144 26.14 -65.19 -72.34
CA LEU G 144 26.29 -66.16 -73.47
C LEU G 144 25.98 -65.47 -74.80
N GLY G 145 25.60 -64.20 -74.81
CA GLY G 145 25.41 -63.48 -76.07
C GLY G 145 26.72 -63.21 -76.79
N GLN G 146 27.02 -63.96 -77.86
CA GLN G 146 28.35 -63.81 -78.50
C GLN G 146 28.47 -62.48 -79.27
N ASN G 147 27.35 -61.92 -79.76
CA ASN G 147 27.48 -60.62 -80.46
C ASN G 147 27.75 -59.54 -79.40
N THR G 148 27.14 -59.67 -78.21
CA THR G 148 27.33 -58.66 -77.14
C THR G 148 28.79 -58.65 -76.73
N LEU G 149 29.38 -59.85 -76.51
CA LEU G 149 30.81 -59.93 -76.14
C LEU G 149 31.69 -59.29 -77.23
N ALA G 150 31.47 -59.63 -78.49
CA ALA G 150 32.30 -59.06 -79.58
C ALA G 150 32.17 -57.54 -79.66
N ALA G 151 30.96 -57.04 -79.41
CA ALA G 151 30.72 -55.58 -79.52
C ALA G 151 31.35 -54.81 -78.33
N ASP G 152 31.24 -55.39 -77.15
CA ASP G 152 31.82 -54.81 -75.88
C ASP G 152 33.36 -54.80 -75.99
N LYS G 153 33.90 -55.94 -76.38
CA LYS G 153 35.35 -56.09 -76.61
C LYS G 153 35.79 -55.03 -77.62
N LYS G 154 35.10 -54.87 -78.76
CA LYS G 154 35.57 -53.98 -79.83
C LYS G 154 35.68 -52.54 -79.27
N ALA G 155 34.63 -52.12 -78.52
CA ALA G 155 34.61 -50.74 -78.04
C ALA G 155 35.68 -50.59 -76.96
N PHE G 156 35.85 -51.59 -76.12
CA PHE G 156 36.84 -51.56 -75.01
C PHE G 156 38.24 -51.41 -75.62
N VAL G 157 38.48 -52.18 -76.69
CA VAL G 157 39.77 -52.08 -77.41
C VAL G 157 40.01 -50.67 -77.90
N GLU G 158 38.99 -50.02 -78.48
CA GLU G 158 39.15 -48.64 -78.98
C GLU G 158 39.47 -47.71 -77.79
N LEU G 159 38.82 -47.89 -76.65
CA LEU G 159 39.19 -47.06 -75.47
C LEU G 159 40.66 -47.28 -75.08
N MET G 160 41.10 -48.54 -75.03
CA MET G 160 42.51 -48.84 -74.67
C MET G 160 43.48 -48.31 -75.73
N LYS G 161 43.09 -48.34 -77.02
CA LYS G 161 43.95 -47.76 -78.07
C LYS G 161 44.07 -46.27 -77.83
N TYR G 162 42.98 -45.63 -77.39
CA TYR G 162 43.05 -44.18 -77.10
C TYR G 162 44.07 -43.96 -75.98
N LEU G 163 44.02 -44.79 -74.93
CA LEU G 163 44.96 -44.56 -73.80
C LEU G 163 46.39 -44.92 -74.25
N ALA G 164 46.52 -45.90 -75.15
CA ALA G 164 47.88 -46.29 -75.60
C ALA G 164 48.50 -45.09 -76.33
N LYS G 165 47.71 -44.36 -77.11
CA LYS G 165 48.27 -43.26 -77.92
C LYS G 165 48.29 -41.92 -77.19
N ARG G 166 47.39 -41.71 -76.19
CA ARG G 166 47.18 -40.39 -75.59
C ARG G 166 47.56 -40.32 -74.11
N ASP G 167 47.99 -41.42 -73.49
CA ASP G 167 48.23 -41.40 -72.03
C ASP G 167 49.54 -42.15 -71.76
N LYS G 168 50.60 -41.72 -72.41
CA LYS G 168 51.92 -42.38 -72.27
C LYS G 168 52.51 -42.30 -70.88
N ASP G 169 52.07 -41.36 -70.02
CA ASP G 169 52.62 -41.24 -68.63
C ASP G 169 51.61 -41.89 -67.69
N HIS G 170 50.59 -42.57 -68.19
CA HIS G 170 49.71 -43.45 -67.37
C HIS G 170 48.99 -42.61 -66.27
N THR G 171 48.43 -41.51 -66.69
CA THR G 171 47.47 -40.79 -65.88
C THR G 171 46.42 -41.79 -65.39
N VAL G 172 45.89 -42.65 -66.28
CA VAL G 172 45.02 -43.77 -65.95
C VAL G 172 45.89 -44.90 -65.45
N ILE G 173 45.70 -45.29 -64.21
CA ILE G 173 46.51 -46.36 -63.56
C ILE G 173 45.80 -47.69 -63.54
N MET G 174 44.49 -47.74 -63.68
CA MET G 174 43.74 -48.98 -63.55
C MET G 174 42.36 -48.76 -64.21
N VAL G 175 41.77 -49.82 -64.73
CA VAL G 175 40.46 -49.77 -65.37
C VAL G 175 39.60 -50.81 -64.72
N GLN G 176 38.39 -50.41 -64.34
CA GLN G 176 37.34 -51.34 -63.92
C GLN G 176 36.63 -51.82 -65.16
N VAL G 177 36.47 -53.14 -65.27
CA VAL G 177 35.78 -53.72 -66.45
C VAL G 177 34.37 -54.06 -66.00
N GLN G 178 33.39 -53.33 -66.57
CA GLN G 178 31.96 -53.37 -66.19
C GLN G 178 31.84 -52.74 -64.79
N ASN G 179 30.59 -52.75 -64.30
CA ASN G 179 30.28 -52.17 -62.99
C ASN G 179 29.19 -53.02 -62.35
N GLU G 180 29.52 -53.74 -61.25
CA GLU G 180 28.55 -54.58 -60.53
C GLU G 180 27.79 -55.45 -61.53
N VAL G 181 28.52 -56.42 -62.07
CA VAL G 181 27.90 -57.36 -63.01
C VAL G 181 26.95 -58.27 -62.24
N GLY G 182 26.15 -58.98 -62.99
CA GLY G 182 25.28 -60.02 -62.47
C GLY G 182 23.84 -59.83 -62.92
N THR G 183 22.91 -60.49 -62.24
CA THR G 183 21.49 -60.43 -62.59
C THR G 183 20.67 -60.38 -61.28
N TYR G 184 19.79 -59.40 -61.18
CA TYR G 184 18.75 -59.43 -60.15
C TYR G 184 17.51 -60.08 -60.75
N GLY G 185 16.84 -60.93 -60.00
CA GLY G 185 15.51 -61.47 -60.36
C GLY G 185 15.57 -62.87 -60.94
N ALA G 186 16.79 -63.41 -61.12
CA ALA G 186 17.01 -64.81 -61.58
C ALA G 186 18.44 -65.20 -61.25
N VAL G 187 18.71 -66.51 -61.19
CA VAL G 187 20.04 -66.98 -60.77
C VAL G 187 20.95 -66.97 -62.01
N ARG G 188 20.38 -67.29 -63.17
CA ARG G 188 21.15 -67.38 -64.43
C ARG G 188 20.26 -67.15 -65.65
N ASP G 189 20.85 -67.19 -66.85
CA ASP G 189 20.05 -67.23 -68.09
C ASP G 189 19.50 -68.64 -68.28
N TYR G 190 18.21 -68.76 -68.50
CA TYR G 190 17.50 -70.03 -68.77
C TYR G 190 16.97 -70.12 -70.19
N SER G 191 17.43 -69.24 -71.03
CA SER G 191 17.21 -69.29 -72.49
C SER G 191 17.70 -70.62 -73.07
N PRO G 192 17.10 -71.05 -74.16
CA PRO G 192 17.57 -72.25 -74.85
C PRO G 192 19.06 -72.22 -75.18
N MET G 193 19.57 -71.05 -75.61
CA MET G 193 21.02 -70.90 -75.90
C MET G 193 21.80 -71.20 -74.61
N ALA G 194 21.40 -70.65 -73.46
CA ALA G 194 22.14 -70.88 -72.19
C ALA G 194 21.94 -72.31 -71.72
N GLN G 195 20.74 -72.81 -71.83
CA GLN G 195 20.41 -74.16 -71.31
C GLN G 195 21.25 -75.20 -72.07
N ALA G 196 21.58 -74.95 -73.33
CA ALA G 196 22.39 -75.93 -74.09
C ALA G 196 23.82 -75.97 -73.51
N VAL G 197 24.28 -74.86 -72.95
CA VAL G 197 25.64 -74.75 -72.38
C VAL G 197 25.60 -75.37 -70.98
N PHE G 198 24.57 -75.06 -70.24
CA PHE G 198 24.35 -75.65 -68.91
C PHE G 198 24.33 -77.18 -68.94
N ASN G 199 23.66 -77.70 -69.94
CA ASN G 199 23.44 -79.15 -70.14
C ASN G 199 24.74 -79.82 -70.59
N ALA G 200 25.71 -79.04 -71.08
CA ALA G 200 26.98 -79.57 -71.59
C ALA G 200 27.97 -79.79 -70.44
N ALA G 201 29.08 -80.41 -70.79
CA ALA G 201 30.20 -80.62 -69.88
C ALA G 201 30.65 -79.29 -69.28
N VAL G 202 31.04 -79.29 -68.03
CA VAL G 202 31.81 -78.16 -67.45
C VAL G 202 33.17 -78.15 -68.15
N PRO G 203 33.64 -76.97 -68.60
CA PRO G 203 34.94 -76.84 -69.24
C PRO G 203 36.06 -77.48 -68.39
N ASP G 204 37.01 -78.19 -69.03
N ASP G 204 36.94 -78.19 -69.12
CA ASP G 204 37.97 -79.02 -68.26
CA ASP G 204 38.08 -78.97 -68.58
C ASP G 204 39.02 -78.12 -67.57
C ASP G 204 38.89 -78.09 -67.59
N ASP G 205 39.21 -76.84 -67.99
CA ASP G 205 40.14 -75.96 -67.24
C ASP G 205 39.53 -75.74 -65.83
N LEU G 206 38.24 -75.51 -65.72
CA LEU G 206 37.63 -75.25 -64.40
C LEU G 206 37.64 -76.52 -63.54
N ILE G 207 37.39 -77.68 -64.16
CA ILE G 207 37.37 -78.98 -63.42
C ILE G 207 38.75 -79.21 -62.84
N GLN G 208 39.80 -78.97 -63.62
CA GLN G 208 41.19 -79.24 -63.15
C GLN G 208 41.58 -78.26 -62.04
N LYS G 209 41.26 -76.96 -62.21
CA LYS G 209 41.72 -75.95 -61.24
C LYS G 209 41.07 -76.20 -59.88
N LEU G 210 39.85 -76.71 -59.90
CA LEU G 210 39.08 -76.98 -58.67
C LEU G 210 39.27 -78.41 -58.16
N GLN G 211 40.04 -79.24 -58.86
CA GLN G 211 40.28 -80.66 -58.50
C GLN G 211 38.91 -81.37 -58.39
N LEU G 212 38.08 -81.28 -59.41
CA LEU G 212 36.70 -81.88 -59.41
C LEU G 212 36.60 -83.10 -60.35
N LYS G 213 35.52 -83.91 -60.22
CA LYS G 213 35.17 -85.02 -61.16
C LYS G 213 34.47 -84.39 -62.36
N PRO G 214 34.89 -84.73 -63.60
CA PRO G 214 34.26 -84.20 -64.79
C PRO G 214 32.76 -84.49 -64.77
N GLY G 215 32.01 -83.65 -65.45
CA GLY G 215 30.56 -83.87 -65.63
C GLY G 215 29.88 -82.63 -66.18
N THR G 216 28.54 -82.66 -66.28
CA THR G 216 27.79 -81.45 -66.67
C THR G 216 27.65 -80.52 -65.45
N TRP G 217 27.23 -79.32 -65.70
CA TRP G 217 27.05 -78.35 -64.60
C TRP G 217 26.26 -78.95 -63.43
N SER G 218 25.13 -79.55 -63.70
CA SER G 218 24.29 -80.11 -62.61
C SER G 218 25.02 -81.25 -61.90
N GLN G 219 25.76 -82.09 -62.60
CA GLN G 219 26.41 -83.24 -61.95
C GLN G 219 27.53 -82.73 -61.02
N VAL G 220 28.31 -81.76 -61.48
CA VAL G 220 29.54 -81.31 -60.79
C VAL G 220 29.15 -80.44 -59.59
N PHE G 221 28.17 -79.57 -59.76
CA PHE G 221 27.92 -78.53 -58.75
C PHE G 221 26.59 -78.70 -58.04
N GLY G 222 25.69 -79.56 -58.46
CA GLY G 222 24.50 -79.84 -57.61
C GLY G 222 23.67 -78.58 -57.31
N ARG G 223 23.40 -78.32 -56.03
CA ARG G 223 22.54 -77.17 -55.63
C ARG G 223 23.17 -75.84 -56.07
N ASP G 224 24.46 -75.77 -56.37
CA ASP G 224 25.13 -74.50 -56.72
C ASP G 224 25.23 -74.36 -58.25
N ALA G 225 24.71 -75.32 -59.03
CA ALA G 225 24.96 -75.32 -60.49
C ALA G 225 24.46 -74.05 -61.14
N ASP G 226 23.25 -73.57 -60.82
CA ASP G 226 22.73 -72.40 -61.55
C ASP G 226 23.60 -71.16 -61.29
N GLU G 227 23.94 -70.91 -60.03
CA GLU G 227 24.68 -69.69 -59.66
C GLU G 227 26.13 -69.79 -60.11
N PHE G 228 26.73 -70.96 -59.96
CA PHE G 228 28.16 -71.08 -60.34
C PHE G 228 28.27 -70.93 -61.87
N PHE G 229 27.27 -71.46 -62.57
CA PHE G 229 27.22 -71.33 -64.05
C PHE G 229 27.17 -69.87 -64.46
N HIS G 230 26.27 -69.07 -63.83
CA HIS G 230 26.19 -67.63 -64.22
C HIS G 230 27.49 -66.94 -63.84
N ALA G 231 28.01 -67.25 -62.64
CA ALA G 231 29.31 -66.65 -62.27
C ALA G 231 30.40 -67.00 -63.28
N TYR G 232 30.46 -68.29 -63.70
CA TYR G 232 31.52 -68.71 -64.62
C TYR G 232 31.37 -67.97 -65.95
N GLN G 233 30.13 -67.88 -66.48
CA GLN G 233 29.88 -67.31 -67.81
C GLN G 233 30.25 -65.83 -67.76
N ILE G 234 29.84 -65.13 -66.68
CA ILE G 234 30.16 -63.68 -66.59
C ILE G 234 31.66 -63.49 -66.44
N ALA G 235 32.27 -64.30 -65.61
CA ALA G 235 33.74 -64.20 -65.40
C ALA G 235 34.51 -64.40 -66.72
N ARG G 236 34.07 -65.41 -67.50
CA ARG G 236 34.70 -65.65 -68.81
C ARG G 236 34.52 -64.40 -69.72
N TYR G 237 33.31 -63.85 -69.74
CA TYR G 237 33.01 -62.66 -70.59
C TYR G 237 33.94 -61.51 -70.20
N CYS G 238 33.99 -61.21 -68.88
CA CYS G 238 34.83 -60.13 -68.37
C CYS G 238 36.29 -60.41 -68.64
N ASP G 239 36.68 -61.71 -68.51
CA ASP G 239 38.12 -62.06 -68.73
C ASP G 239 38.46 -61.79 -70.21
N GLU G 240 37.55 -62.13 -71.13
CA GLU G 240 37.85 -61.93 -72.55
C GLU G 240 37.90 -60.45 -72.92
N VAL G 241 37.02 -59.62 -72.31
CA VAL G 241 37.13 -58.16 -72.55
C VAL G 241 38.50 -57.70 -72.04
N THR G 242 38.82 -58.14 -70.84
CA THR G 242 40.08 -57.73 -70.13
C THR G 242 41.28 -58.04 -71.05
N VAL G 243 41.36 -59.30 -71.46
CA VAL G 243 42.53 -59.77 -72.29
C VAL G 243 42.61 -58.91 -73.55
N ALA G 244 41.50 -58.62 -74.20
CA ALA G 244 41.52 -57.84 -75.45
C ALA G 244 42.07 -56.44 -75.16
N GLY G 245 41.61 -55.81 -74.07
CA GLY G 245 42.12 -54.47 -73.78
C GLY G 245 43.57 -54.48 -73.36
N LYS G 246 43.97 -55.46 -72.54
CA LYS G 246 45.36 -55.54 -72.06
C LYS G 246 46.33 -55.77 -73.23
N ALA G 247 45.85 -56.41 -74.29
CA ALA G 247 46.70 -56.66 -75.45
C ALA G 247 47.09 -55.33 -76.07
N ILE G 248 46.24 -54.30 -75.86
CA ILE G 248 46.52 -52.95 -76.39
C ILE G 248 47.43 -52.20 -75.40
N LYS G 249 46.96 -52.14 -74.15
CA LYS G 249 47.81 -51.55 -73.07
C LYS G 249 47.56 -52.39 -71.83
N ASN G 250 48.63 -52.89 -71.22
CA ASN G 250 48.48 -53.91 -70.17
C ASN G 250 48.36 -53.22 -68.79
N LEU G 251 47.34 -52.42 -68.61
CA LEU G 251 47.05 -51.78 -67.29
C LEU G 251 46.42 -52.84 -66.40
N PRO G 252 46.55 -52.67 -65.05
CA PRO G 252 45.73 -53.42 -64.15
C PRO G 252 44.25 -53.21 -64.44
N MET G 253 43.50 -54.26 -64.26
CA MET G 253 42.06 -54.24 -64.51
C MET G 253 41.36 -55.05 -63.44
N TYR G 254 40.16 -54.62 -63.02
CA TYR G 254 39.44 -55.33 -61.93
C TYR G 254 37.96 -55.28 -62.17
N VAL G 255 37.26 -56.04 -61.36
CA VAL G 255 35.77 -56.01 -61.29
C VAL G 255 35.37 -55.63 -59.84
N ASN G 256 34.21 -54.95 -59.75
CA ASN G 256 33.68 -54.49 -58.46
C ASN G 256 32.34 -55.18 -58.19
N VAL G 257 32.16 -55.62 -56.99
CA VAL G 257 31.08 -56.52 -56.58
C VAL G 257 29.96 -55.84 -55.81
N ALA G 258 28.77 -56.01 -56.34
CA ALA G 258 27.54 -55.79 -55.57
C ALA G 258 27.47 -56.90 -54.53
N LEU G 259 27.92 -56.61 -53.31
CA LEU G 259 28.12 -57.62 -52.28
C LEU G 259 26.78 -58.24 -51.88
N ARG G 260 26.80 -59.50 -51.54
CA ARG G 260 25.72 -60.08 -50.73
C ARG G 260 26.13 -59.92 -49.24
N ASN G 261 25.14 -59.90 -48.34
CA ASN G 261 25.45 -59.82 -46.90
C ASN G 261 26.18 -61.10 -46.55
N PRO G 262 27.38 -61.04 -45.95
CA PRO G 262 28.14 -62.28 -45.75
C PRO G 262 27.63 -63.18 -44.65
N PHE G 263 26.76 -62.64 -43.78
CA PHE G 263 26.17 -63.40 -42.67
C PHE G 263 24.79 -63.96 -43.03
N ASN G 264 23.98 -63.26 -43.82
CA ASN G 264 22.58 -63.63 -44.14
C ASN G 264 22.29 -63.18 -45.57
N PRO G 265 22.93 -63.82 -46.58
CA PRO G 265 22.91 -63.28 -47.93
C PRO G 265 21.60 -63.31 -48.67
N GLY G 266 20.67 -64.15 -48.20
CA GLY G 266 19.52 -64.44 -49.07
C GLY G 266 19.91 -65.31 -50.30
N LEU G 267 19.05 -65.34 -51.31
CA LEU G 267 19.19 -66.19 -52.50
C LEU G 267 19.82 -65.42 -53.62
N PRO G 268 20.64 -66.06 -54.47
CA PRO G 268 21.09 -65.39 -55.68
C PRO G 268 19.88 -64.98 -56.53
N GLY G 269 19.91 -63.73 -57.02
CA GLY G 269 18.75 -63.09 -57.67
C GLY G 269 18.11 -62.07 -56.76
N GLN G 270 18.14 -62.34 -55.46
CA GLN G 270 17.84 -61.29 -54.45
C GLN G 270 19.06 -60.35 -54.36
N TYR G 271 20.24 -60.95 -54.15
CA TYR G 271 21.51 -60.28 -54.46
C TYR G 271 21.83 -60.49 -55.93
N SER G 272 22.80 -59.77 -56.45
CA SER G 272 23.15 -59.81 -57.89
C SER G 272 23.89 -61.11 -58.19
N SER G 273 23.17 -62.08 -58.73
CA SER G 273 23.71 -63.44 -59.00
C SER G 273 24.78 -63.34 -60.08
N GLY G 274 25.93 -63.99 -59.81
CA GLY G 274 26.94 -64.13 -60.85
C GLY G 274 28.08 -63.18 -60.70
N GLY G 275 27.88 -62.09 -59.98
CA GLY G 275 29.03 -61.28 -59.60
C GLY G 275 29.94 -62.02 -58.63
N GLY G 276 31.03 -61.37 -58.31
CA GLY G 276 32.07 -61.90 -57.45
C GLY G 276 31.74 -61.94 -55.96
N THR G 277 30.60 -62.50 -55.64
CA THR G 277 30.18 -62.66 -54.24
C THR G 277 31.00 -63.72 -53.55
N ASP G 278 31.06 -63.70 -52.23
CA ASP G 278 32.10 -64.43 -51.47
C ASP G 278 32.03 -65.94 -51.74
N ASN G 279 30.86 -66.44 -52.10
CA ASN G 279 30.66 -67.90 -52.32
C ASN G 279 31.13 -68.33 -53.72
N VAL G 280 31.40 -67.38 -54.60
CA VAL G 280 31.84 -67.70 -56.00
C VAL G 280 33.22 -67.11 -56.29
N LEU G 281 33.98 -66.66 -55.31
CA LEU G 281 35.35 -66.13 -55.60
C LEU G 281 36.18 -67.23 -56.22
N HIS G 282 36.04 -68.46 -55.77
CA HIS G 282 36.85 -69.57 -56.35
C HIS G 282 36.50 -69.77 -57.82
N ILE G 283 35.23 -69.65 -58.20
CA ILE G 283 34.83 -69.78 -59.63
C ILE G 283 35.45 -68.62 -60.41
N TRP G 284 35.25 -67.36 -59.94
CA TRP G 284 35.84 -66.19 -60.63
C TRP G 284 37.36 -66.33 -60.76
N LYS G 285 38.07 -66.78 -59.72
CA LYS G 285 39.56 -66.87 -59.80
C LYS G 285 39.98 -67.90 -60.85
N ALA G 286 39.24 -69.00 -60.90
CA ALA G 286 39.58 -70.11 -61.81
C ALA G 286 39.24 -69.66 -63.23
N ALA G 287 38.13 -68.97 -63.40
CA ALA G 287 37.58 -68.62 -64.71
C ALA G 287 38.26 -67.42 -65.36
N ALA G 288 38.77 -66.46 -64.59
CA ALA G 288 39.20 -65.13 -65.09
C ALA G 288 40.61 -64.85 -64.60
N PRO G 289 41.61 -65.64 -65.06
CA PRO G 289 42.97 -65.45 -64.60
C PRO G 289 43.64 -64.14 -65.02
N ASN G 290 43.03 -63.43 -65.93
CA ASN G 290 43.62 -62.18 -66.43
C ASN G 290 43.03 -60.98 -65.67
N ILE G 291 41.98 -61.18 -64.90
CA ILE G 291 41.44 -60.04 -64.09
C ILE G 291 42.33 -59.93 -62.84
N ASP G 292 42.88 -58.74 -62.53
CA ASP G 292 43.91 -58.58 -61.49
C ASP G 292 43.31 -58.84 -60.09
N LEU G 293 42.10 -58.29 -59.80
CA LEU G 293 41.50 -58.48 -58.46
C LEU G 293 40.00 -58.30 -58.53
N ILE G 294 39.35 -58.80 -57.50
CA ILE G 294 37.90 -58.70 -57.34
C ILE G 294 37.67 -57.77 -56.11
N ALA G 295 37.00 -56.65 -56.34
CA ALA G 295 36.92 -55.54 -55.35
C ALA G 295 35.54 -55.43 -54.75
N PRO G 296 35.42 -55.35 -53.43
CA PRO G 296 34.10 -55.16 -52.81
C PRO G 296 33.59 -53.70 -52.84
N ASP G 297 32.29 -53.54 -53.08
CA ASP G 297 31.60 -52.25 -52.98
C ASP G 297 30.87 -52.27 -51.63
N ILE G 298 31.35 -51.49 -50.70
CA ILE G 298 30.90 -51.62 -49.28
C ILE G 298 29.88 -50.54 -48.91
N TYR G 299 28.67 -50.95 -48.63
CA TYR G 299 27.65 -49.98 -48.14
C TYR G 299 27.08 -50.45 -46.77
N PHE G 300 27.58 -51.53 -46.20
CA PHE G 300 27.25 -51.95 -44.83
C PHE G 300 27.94 -50.93 -43.91
N ARG G 301 27.22 -50.35 -42.95
N ARG G 301 27.22 -50.35 -42.95
CA ARG G 301 27.79 -49.30 -42.05
CA ARG G 301 27.82 -49.31 -42.07
C ARG G 301 28.42 -49.93 -40.81
C ARG G 301 28.45 -49.94 -40.83
N ASP G 302 28.00 -51.13 -40.46
CA ASP G 302 28.31 -51.71 -39.13
C ASP G 302 29.67 -52.42 -39.14
N TYR G 303 30.44 -52.18 -38.12
CA TYR G 303 31.82 -52.69 -38.03
C TYR G 303 31.87 -54.20 -38.25
N LYS G 304 31.00 -54.99 -37.65
CA LYS G 304 31.14 -56.46 -37.75
C LYS G 304 31.00 -56.92 -39.23
N THR G 305 30.08 -56.35 -39.95
CA THR G 305 29.79 -56.77 -41.32
C THR G 305 30.90 -56.23 -42.22
N VAL G 306 31.30 -54.99 -42.07
CA VAL G 306 32.41 -54.42 -42.85
C VAL G 306 33.67 -55.26 -42.58
N SER G 307 33.97 -55.62 -41.38
CA SER G 307 35.20 -56.35 -41.04
C SER G 307 35.15 -57.71 -41.71
N LYS G 308 34.00 -58.34 -41.74
CA LYS G 308 33.84 -59.67 -42.36
C LYS G 308 34.11 -59.53 -43.88
N VAL G 309 33.62 -58.49 -44.53
CA VAL G 309 33.85 -58.28 -45.99
C VAL G 309 35.33 -58.12 -46.21
N LEU G 310 35.99 -57.31 -45.43
CA LEU G 310 37.46 -57.08 -45.61
C LEU G 310 38.17 -58.42 -45.44
N GLU G 311 37.74 -59.24 -44.52
CA GLU G 311 38.38 -60.57 -44.27
C GLU G 311 38.16 -61.45 -45.51
N LEU G 312 36.96 -61.49 -46.01
CA LEU G 312 36.65 -62.38 -47.16
C LEU G 312 37.33 -61.91 -48.44
N TYR G 313 37.52 -60.64 -48.66
CA TYR G 313 38.09 -60.18 -49.95
C TYR G 313 39.61 -60.10 -49.93
N THR G 314 40.23 -60.19 -48.78
CA THR G 314 41.68 -60.11 -48.64
C THR G 314 42.19 -61.56 -48.65
N ARG G 315 42.84 -61.97 -49.74
CA ARG G 315 43.23 -63.37 -49.87
C ARG G 315 44.64 -63.37 -50.49
N PRO G 316 45.34 -64.56 -50.36
CA PRO G 316 46.62 -64.73 -51.05
C PRO G 316 46.49 -64.51 -52.56
N ASP G 317 45.32 -64.86 -53.12
CA ASP G 317 45.06 -64.68 -54.58
C ASP G 317 44.29 -63.40 -54.89
N ASN G 318 44.07 -62.51 -53.90
CA ASN G 318 43.25 -61.29 -54.14
C ASN G 318 43.70 -60.10 -53.31
N ALA G 319 44.32 -59.14 -53.96
CA ALA G 319 44.64 -57.85 -53.36
C ALA G 319 43.30 -57.23 -52.93
N LEU G 320 43.31 -56.52 -51.81
CA LEU G 320 42.13 -55.75 -51.31
C LEU G 320 42.11 -54.36 -51.88
N PHE G 321 41.06 -54.06 -52.63
CA PHE G 321 40.75 -52.69 -53.08
C PHE G 321 39.28 -52.41 -52.77
N VAL G 322 39.09 -51.43 -51.90
CA VAL G 322 37.70 -50.99 -51.58
C VAL G 322 37.24 -50.05 -52.67
N ALA G 323 36.71 -50.65 -53.74
CA ALA G 323 36.49 -49.91 -54.99
C ALA G 323 35.39 -48.89 -54.87
N GLU G 324 34.46 -49.17 -53.97
CA GLU G 324 33.45 -48.20 -53.55
C GLU G 324 33.24 -48.39 -52.09
N ILE G 325 32.93 -47.27 -51.40
CA ILE G 325 32.39 -47.40 -50.02
C ILE G 325 31.46 -46.19 -49.85
N GLY G 326 30.48 -46.37 -48.97
CA GLY G 326 29.59 -45.24 -48.67
C GLY G 326 30.34 -43.99 -48.28
N ASN G 327 29.71 -42.84 -48.50
CA ASN G 327 30.33 -41.55 -48.20
C ASN G 327 29.77 -40.92 -46.90
N ASP G 328 28.94 -41.63 -46.16
CA ASP G 328 28.52 -41.13 -44.86
C ASP G 328 29.68 -41.23 -43.85
N GLN G 329 29.56 -40.50 -42.75
CA GLN G 329 30.64 -40.33 -41.79
C GLN G 329 31.10 -41.67 -41.25
N PRO G 330 30.27 -42.72 -40.95
CA PRO G 330 30.78 -43.93 -40.30
C PRO G 330 31.82 -44.69 -41.15
N PHE G 331 31.78 -44.46 -42.44
CA PHE G 331 32.62 -45.27 -43.35
C PHE G 331 34.06 -44.83 -43.31
N ALA G 332 34.39 -43.60 -42.97
CA ALA G 332 35.76 -43.05 -43.13
C ALA G 332 36.71 -43.95 -42.36
N ARG G 333 36.38 -44.40 -41.17
CA ARG G 333 37.37 -45.11 -40.32
C ARG G 333 37.80 -46.43 -40.97
N TYR G 334 36.99 -46.98 -41.87
CA TYR G 334 37.35 -48.27 -42.50
C TYR G 334 38.57 -48.12 -43.38
N LEU G 335 39.07 -46.95 -43.59
CA LEU G 335 40.36 -46.80 -44.31
C LEU G 335 41.42 -47.55 -43.49
N PHE G 336 41.37 -47.45 -42.15
CA PHE G 336 42.45 -47.98 -41.30
C PHE G 336 42.57 -49.50 -41.44
N PRO G 337 41.51 -50.29 -41.25
CA PRO G 337 41.65 -51.74 -41.40
C PRO G 337 41.87 -52.12 -42.86
N THR G 338 41.38 -51.35 -43.80
CA THR G 338 41.67 -51.61 -45.24
C THR G 338 43.16 -51.54 -45.44
N LEU G 339 43.81 -50.51 -44.97
CA LEU G 339 45.28 -50.39 -45.16
C LEU G 339 45.99 -51.42 -44.31
N GLY G 340 45.49 -51.74 -43.14
CA GLY G 340 46.13 -52.72 -42.24
C GLY G 340 46.17 -54.13 -42.82
N LYS G 341 45.21 -54.43 -43.69
N LYS G 341 45.22 -54.43 -43.68
CA LYS G 341 45.08 -55.74 -44.36
CA LYS G 341 45.08 -55.73 -44.37
C LYS G 341 46.02 -55.77 -45.56
C LYS G 341 46.02 -55.77 -45.56
N GLY G 342 46.74 -54.69 -45.82
CA GLY G 342 47.60 -54.58 -47.01
C GLY G 342 46.83 -54.07 -48.21
N GLY G 343 45.67 -53.45 -48.00
CA GLY G 343 44.87 -52.94 -49.10
C GLY G 343 45.62 -51.92 -49.96
N ILE G 344 45.28 -51.88 -51.25
CA ILE G 344 45.94 -50.97 -52.18
C ILE G 344 45.11 -49.72 -52.39
N GLY G 345 43.93 -49.65 -51.81
CA GLY G 345 43.19 -48.40 -52.02
C GLY G 345 41.78 -48.46 -51.47
N PHE G 346 41.14 -47.31 -51.61
CA PHE G 346 39.88 -47.01 -50.88
C PHE G 346 39.23 -45.82 -51.60
N SER G 347 37.97 -46.01 -52.03
CA SER G 347 37.33 -45.03 -52.92
C SER G 347 35.89 -44.80 -52.52
N PRO G 348 35.66 -43.79 -51.64
CA PRO G 348 34.31 -43.36 -51.28
C PRO G 348 33.52 -42.90 -52.53
N PHE G 349 32.28 -43.36 -52.55
CA PHE G 349 31.38 -43.15 -53.68
C PHE G 349 30.54 -41.87 -53.54
N GLY G 350 30.39 -41.11 -54.59
CA GLY G 350 29.46 -39.96 -54.62
C GLY G 350 30.14 -38.69 -54.15
N MET G 351 31.43 -38.51 -54.34
CA MET G 351 32.18 -37.35 -53.93
C MET G 351 32.18 -36.29 -55.02
N ASP G 352 30.99 -35.74 -55.28
CA ASP G 352 30.83 -34.62 -56.23
C ASP G 352 29.61 -33.78 -55.85
N ASP G 353 29.54 -32.62 -56.44
CA ASP G 353 28.48 -31.62 -56.11
C ASP G 353 27.46 -31.53 -57.25
N THR G 354 27.13 -32.67 -57.81
CA THR G 354 26.20 -32.77 -59.01
C THR G 354 24.75 -32.92 -58.56
N ASP G 355 24.46 -32.59 -57.32
CA ASP G 355 23.07 -32.55 -56.79
C ASP G 355 22.48 -33.93 -56.76
N TYR G 356 23.23 -34.85 -56.12
CA TYR G 356 22.68 -36.19 -55.85
C TYR G 356 23.31 -36.79 -54.60
N THR G 357 22.48 -37.52 -53.87
CA THR G 357 23.00 -38.33 -52.79
C THR G 357 22.35 -39.68 -52.82
N ASN G 358 23.15 -40.73 -52.63
CA ASN G 358 22.59 -42.09 -52.63
C ASN G 358 22.11 -42.59 -51.25
N TYR G 359 22.02 -41.69 -50.28
CA TYR G 359 21.26 -41.98 -49.06
C TYR G 359 20.01 -42.76 -49.43
N PRO G 360 19.67 -43.87 -48.76
CA PRO G 360 20.26 -44.31 -47.48
C PRO G 360 21.64 -44.97 -47.51
N LEU G 361 22.19 -45.24 -48.70
CA LEU G 361 23.51 -45.89 -48.72
C LEU G 361 24.59 -44.96 -48.22
N GLY G 362 24.61 -43.74 -48.65
CA GLY G 362 25.60 -42.75 -48.32
C GLY G 362 25.03 -41.64 -47.44
N ALA G 363 25.71 -40.52 -47.46
CA ALA G 363 25.33 -39.36 -46.64
C ALA G 363 24.00 -38.76 -47.09
N LYS G 364 23.19 -38.38 -46.12
CA LYS G 364 21.90 -37.72 -46.42
C LYS G 364 22.12 -36.35 -47.05
N VAL G 365 23.11 -35.62 -46.54
CA VAL G 365 23.54 -34.32 -47.08
C VAL G 365 24.96 -34.42 -47.58
N TYR G 366 25.22 -33.84 -48.75
CA TYR G 366 26.59 -33.72 -49.28
C TYR G 366 27.06 -32.25 -49.15
N ASN G 367 28.01 -32.03 -48.28
CA ASN G 367 28.58 -30.68 -48.05
C ASN G 367 30.04 -30.81 -47.64
N ASP G 368 30.64 -29.69 -47.27
CA ASP G 368 32.06 -29.65 -46.92
C ASP G 368 32.30 -30.58 -45.75
N GLU G 369 31.39 -30.67 -44.80
CA GLU G 369 31.58 -31.56 -43.63
C GLU G 369 31.57 -33.04 -44.07
N THR G 370 30.76 -33.40 -45.05
CA THR G 370 30.75 -34.77 -45.57
C THR G 370 32.19 -35.09 -46.04
N ILE G 371 32.76 -34.17 -46.80
CA ILE G 371 34.13 -34.39 -47.38
C ILE G 371 35.16 -34.45 -46.27
N GLU G 372 35.03 -33.58 -45.27
CA GLU G 372 36.02 -33.42 -44.21
C GLU G 372 36.22 -34.73 -43.45
N GLN G 373 35.19 -35.55 -43.34
CA GLN G 373 35.33 -36.82 -42.59
C GLN G 373 36.45 -37.64 -43.22
N PHE G 374 36.43 -37.66 -44.53
CA PHE G 374 37.46 -38.45 -45.27
C PHE G 374 38.75 -37.66 -45.31
N ALA G 375 38.71 -36.35 -45.55
CA ALA G 375 39.94 -35.54 -45.60
C ALA G 375 40.80 -35.76 -44.34
N GLN G 376 40.15 -35.88 -43.21
CA GLN G 376 40.88 -35.98 -41.94
C GLN G 376 41.68 -37.30 -41.84
N VAL G 377 41.14 -38.36 -42.42
CA VAL G 377 41.84 -39.68 -42.34
C VAL G 377 42.85 -39.76 -43.52
N TYR G 378 42.55 -39.14 -44.64
CA TYR G 378 43.52 -39.11 -45.78
C TYR G 378 44.75 -38.34 -45.36
N ARG G 379 44.61 -37.33 -44.49
CA ARG G 379 45.72 -36.49 -44.09
C ARG G 379 46.70 -37.31 -43.23
N LEU G 380 46.32 -38.44 -42.68
CA LEU G 380 47.27 -39.28 -41.91
C LEU G 380 48.18 -40.07 -42.89
N VAL G 381 47.61 -40.39 -44.04
CA VAL G 381 48.30 -41.32 -45.00
C VAL G 381 49.04 -40.56 -46.06
N ASN G 382 48.53 -39.49 -46.58
CA ASN G 382 49.15 -38.74 -47.70
C ASN G 382 50.60 -38.44 -47.40
N PRO G 383 50.99 -37.99 -46.21
CA PRO G 383 52.38 -37.62 -46.00
C PRO G 383 53.36 -38.80 -45.99
N MET G 384 52.83 -40.01 -45.86
CA MET G 384 53.67 -41.21 -45.86
C MET G 384 53.27 -42.19 -46.94
N MET G 385 52.57 -41.72 -47.95
CA MET G 385 51.86 -42.68 -48.85
C MET G 385 52.82 -43.70 -49.47
N ARG G 386 53.92 -43.25 -50.02
CA ARG G 386 54.83 -44.20 -50.69
C ARG G 386 55.53 -45.06 -49.65
N GLU G 387 55.94 -44.48 -48.51
CA GLU G 387 56.59 -45.32 -47.48
C GLU G 387 55.65 -46.41 -47.02
N TRP G 388 54.41 -46.02 -46.67
CA TRP G 388 53.43 -46.99 -46.20
C TRP G 388 53.25 -48.07 -47.24
N ALA G 389 53.06 -47.65 -48.47
CA ALA G 389 52.76 -48.67 -49.54
C ALA G 389 53.91 -49.70 -49.62
N ARG G 390 55.13 -49.27 -49.49
N ARG G 390 55.14 -49.26 -49.51
CA ARG G 390 56.28 -50.20 -49.54
CA ARG G 390 56.31 -50.18 -49.53
C ARG G 390 56.27 -51.09 -48.30
C ARG G 390 56.28 -51.08 -48.30
N LEU G 391 56.06 -50.51 -47.12
CA LEU G 391 56.02 -51.31 -45.88
C LEU G 391 54.91 -52.35 -45.92
N SER G 392 53.75 -51.98 -46.46
N SER G 392 53.74 -52.00 -46.47
CA SER G 392 52.61 -52.91 -46.59
CA SER G 392 52.58 -52.96 -46.55
C SER G 392 52.95 -54.10 -47.50
C SER G 392 52.89 -54.08 -47.53
N TYR G 393 53.73 -53.81 -48.53
CA TYR G 393 54.07 -54.89 -49.49
C TYR G 393 55.22 -55.75 -48.96
N GLN G 394 56.25 -55.12 -48.38
CA GLN G 394 57.57 -55.73 -48.09
C GLN G 394 57.71 -56.05 -46.61
N GLY G 395 56.78 -55.67 -45.77
CA GLY G 395 56.96 -55.89 -44.32
C GLY G 395 55.66 -56.09 -43.59
N GLN G 396 55.65 -55.64 -42.36
CA GLN G 396 54.51 -55.96 -41.51
C GLN G 396 53.79 -54.64 -41.25
N VAL G 397 52.50 -54.64 -41.54
CA VAL G 397 51.63 -53.49 -41.17
C VAL G 397 50.39 -53.99 -40.49
N TRP G 398 49.79 -53.07 -39.73
CA TRP G 398 48.54 -53.30 -38.99
C TRP G 398 47.66 -52.05 -39.12
N GLY G 399 46.39 -52.26 -38.92
CA GLY G 399 45.41 -51.17 -38.94
C GLY G 399 44.13 -51.60 -38.29
N VAL G 400 43.53 -50.69 -37.48
CA VAL G 400 42.30 -51.03 -36.75
C VAL G 400 41.42 -49.78 -36.84
N ALA G 401 40.12 -50.05 -36.78
CA ALA G 401 39.06 -49.01 -36.63
C ALA G 401 38.38 -49.24 -35.28
N GLU G 402 37.75 -48.14 -34.82
CA GLU G 402 36.90 -48.18 -33.59
C GLU G 402 35.81 -49.21 -33.76
N PRO G 403 35.75 -50.25 -32.94
CA PRO G 403 34.95 -51.43 -33.26
C PRO G 403 33.51 -51.43 -32.74
N LEU G 404 33.10 -50.37 -31.99
CA LEU G 404 31.68 -50.24 -31.72
C LEU G 404 31.14 -49.16 -32.64
N ASP G 405 29.97 -49.39 -33.20
CA ASP G 405 29.27 -48.38 -33.96
C ASP G 405 28.65 -47.33 -33.00
N SER G 406 28.23 -46.21 -33.57
CA SER G 406 27.61 -45.13 -32.76
C SER G 406 26.41 -45.70 -32.03
N THR G 407 26.20 -45.24 -30.78
CA THR G 407 25.04 -45.66 -29.96
C THR G 407 23.73 -45.20 -30.65
N THR G 408 22.76 -46.11 -30.74
CA THR G 408 21.42 -45.85 -31.34
C THR G 408 20.46 -45.14 -30.36
N GLU G 409 19.47 -44.44 -30.91
CA GLU G 409 18.38 -43.91 -30.07
C GLU G 409 18.05 -45.07 -29.09
N THR G 410 17.60 -46.26 -29.71
CA THR G 410 17.18 -47.48 -28.96
C THR G 410 18.16 -47.81 -27.82
N GLN G 411 19.44 -48.06 -28.13
CA GLN G 411 20.46 -48.30 -27.08
C GLN G 411 20.39 -47.15 -26.05
N LYS G 412 20.19 -45.89 -26.50
CA LYS G 412 20.18 -44.70 -25.56
C LYS G 412 18.95 -44.80 -24.63
N ILE G 413 17.91 -45.51 -25.06
CA ILE G 413 16.68 -45.79 -24.29
C ILE G 413 17.05 -46.76 -23.15
N TRP G 414 17.86 -47.83 -23.45
CA TRP G 414 18.30 -48.77 -22.36
C TRP G 414 19.28 -48.05 -21.43
N ASN G 415 19.99 -47.05 -21.96
CA ASN G 415 20.99 -46.26 -21.21
C ASN G 415 20.32 -45.70 -19.95
N ALA G 416 19.39 -44.76 -20.12
CA ALA G 416 18.71 -44.05 -19.01
C ALA G 416 17.74 -44.98 -18.26
N GLU G 417 17.09 -45.95 -18.92
CA GLU G 417 16.08 -46.77 -18.22
C GLU G 417 16.76 -47.96 -17.54
N ALA G 418 18.08 -47.89 -17.33
CA ALA G 418 18.89 -48.97 -16.72
C ALA G 418 19.31 -48.56 -15.30
N THR G 419 19.48 -49.54 -14.41
CA THR G 419 19.88 -49.37 -12.98
C THR G 419 21.33 -48.90 -12.89
N PRO G 420 21.77 -48.31 -11.75
CA PRO G 420 23.16 -47.86 -11.57
C PRO G 420 24.18 -48.98 -11.73
N GLU G 421 23.83 -50.19 -11.24
CA GLU G 421 24.68 -51.41 -11.41
C GLU G 421 24.76 -51.80 -12.90
N GLU G 422 23.64 -51.70 -13.63
CA GLU G 422 23.57 -52.08 -15.08
C GLU G 422 24.44 -51.12 -15.88
N LYS G 423 24.27 -49.81 -15.63
CA LYS G 423 25.02 -48.73 -16.31
C LYS G 423 26.51 -48.93 -15.99
N GLU G 424 26.92 -49.29 -14.75
CA GLU G 424 28.35 -49.50 -14.40
C GLU G 424 28.89 -50.69 -15.24
N GLN G 425 28.15 -51.80 -15.28
CA GLN G 425 28.58 -53.00 -16.04
C GLN G 425 28.61 -52.74 -17.56
N HIS G 426 27.67 -51.93 -18.04
CA HIS G 426 27.63 -51.61 -19.50
C HIS G 426 28.89 -50.79 -19.85
N LYS G 427 29.28 -49.82 -19.00
CA LYS G 427 30.50 -49.01 -19.20
C LYS G 427 31.72 -49.94 -19.20
N LYS G 428 31.74 -50.97 -18.35
CA LYS G 428 32.91 -51.91 -18.31
C LYS G 428 32.91 -52.71 -19.61
N ASP G 429 31.76 -53.14 -20.08
CA ASP G 429 31.69 -54.02 -21.27
C ASP G 429 32.06 -53.20 -22.51
N ARG G 430 31.64 -51.95 -22.57
CA ARG G 430 31.98 -51.06 -23.72
C ARG G 430 33.48 -50.80 -23.64
N ALA G 431 34.04 -50.52 -22.46
CA ALA G 431 35.46 -50.24 -22.39
C ALA G 431 36.28 -51.44 -22.92
N SER G 432 35.94 -52.63 -22.49
N SER G 432 35.92 -52.66 -22.56
CA SER G 432 36.58 -53.86 -22.97
CA SER G 432 36.65 -53.88 -22.98
C SER G 432 36.50 -53.90 -24.50
C SER G 432 36.47 -54.06 -24.49
N ALA G 433 35.31 -53.68 -25.03
CA ALA G 433 35.10 -53.80 -26.50
C ALA G 433 35.92 -52.75 -27.25
N LEU G 434 36.19 -51.60 -26.65
CA LEU G 434 36.86 -50.46 -27.24
C LEU G 434 38.40 -50.50 -26.93
N THR G 435 38.91 -51.71 -26.59
CA THR G 435 40.32 -52.01 -26.34
C THR G 435 40.75 -53.14 -27.33
N GLN G 436 41.62 -52.83 -28.28
CA GLN G 436 42.12 -53.82 -29.25
C GLN G 436 43.58 -54.12 -28.97
N GLN G 437 43.96 -55.39 -29.14
CA GLN G 437 45.35 -55.79 -28.98
C GLN G 437 45.92 -56.10 -30.39
N LEU G 438 47.14 -55.67 -30.62
CA LEU G 438 47.94 -56.00 -31.85
C LEU G 438 49.27 -56.63 -31.39
N ASP G 439 49.60 -57.77 -32.00
CA ASP G 439 50.85 -58.52 -31.79
C ASP G 439 51.88 -58.06 -32.81
N LEU G 440 52.82 -57.22 -32.38
CA LEU G 440 53.81 -56.59 -33.29
C LEU G 440 55.16 -57.35 -33.25
N GLY G 441 55.20 -58.57 -32.77
CA GLY G 441 56.47 -59.33 -32.70
C GLY G 441 56.94 -59.31 -31.24
N LEU G 442 58.02 -58.60 -30.96
CA LEU G 442 58.57 -58.50 -29.57
C LEU G 442 57.76 -57.53 -28.73
N TRP G 443 56.94 -56.76 -29.37
CA TRP G 443 56.11 -55.70 -28.72
C TRP G 443 54.67 -55.87 -29.17
N ASP G 444 53.72 -55.49 -28.33
CA ASP G 444 52.28 -55.44 -28.64
C ASP G 444 51.83 -53.99 -28.50
N ALA G 445 50.81 -53.63 -29.23
CA ALA G 445 50.11 -52.35 -28.95
C ALA G 445 48.66 -52.61 -28.56
N GLU G 446 48.21 -51.76 -27.63
CA GLU G 446 46.82 -51.69 -27.18
C GLU G 446 46.25 -50.37 -27.71
N VAL G 447 45.18 -50.46 -28.45
CA VAL G 447 44.53 -49.28 -29.03
C VAL G 447 43.17 -49.12 -28.35
N THR G 448 42.94 -47.91 -27.84
CA THR G 448 41.69 -47.63 -27.11
C THR G 448 41.11 -46.36 -27.69
N TYR G 449 39.78 -46.24 -27.49
CA TYR G 449 39.05 -45.14 -28.18
C TYR G 449 38.19 -44.28 -27.23
N GLY G 450 38.37 -42.98 -27.23
CA GLY G 450 37.43 -42.06 -26.58
C GLY G 450 37.83 -41.93 -25.11
N ARG G 451 38.95 -41.28 -24.88
CA ARG G 451 39.45 -41.09 -23.54
C ARG G 451 40.29 -39.86 -23.47
N PRO G 452 40.51 -39.27 -22.30
CA PRO G 452 41.43 -38.16 -22.22
C PRO G 452 42.85 -38.50 -22.64
N MET G 453 43.66 -37.48 -22.72
CA MET G 453 45.06 -37.58 -23.20
C MET G 453 45.98 -37.78 -21.99
N PHE G 454 45.40 -37.84 -20.79
CA PHE G 454 46.14 -37.85 -19.52
C PHE G 454 45.39 -38.81 -18.59
N TRP G 455 46.12 -39.62 -17.85
CA TRP G 455 45.60 -40.58 -16.85
C TRP G 455 44.92 -41.74 -17.56
N VAL G 456 44.22 -42.57 -16.85
CA VAL G 456 43.78 -43.91 -17.34
C VAL G 456 42.30 -44.16 -17.14
N THR G 457 41.47 -43.12 -17.16
CA THR G 457 40.00 -43.31 -17.18
C THR G 457 39.70 -44.26 -18.33
N PRO G 458 38.88 -45.30 -18.15
CA PRO G 458 38.61 -46.21 -19.24
C PRO G 458 37.98 -45.55 -20.47
N PRO G 459 38.25 -46.15 -21.66
CA PRO G 459 37.65 -45.67 -22.88
C PRO G 459 36.11 -45.74 -22.87
N GLU G 460 35.51 -44.73 -23.53
CA GLU G 460 34.05 -44.60 -23.68
C GLU G 460 33.63 -44.45 -25.13
N GLY G 461 34.60 -44.41 -26.05
CA GLY G 461 34.22 -44.35 -27.47
C GLY G 461 34.08 -42.92 -27.93
N ASN G 462 34.30 -42.70 -29.20
CA ASN G 462 34.04 -41.37 -29.81
C ASN G 462 32.57 -41.31 -30.21
N THR G 463 32.01 -40.11 -30.22
N THR G 463 32.01 -40.10 -30.22
CA THR G 463 30.61 -39.88 -30.68
CA THR G 463 30.62 -39.85 -30.65
C THR G 463 30.65 -38.84 -31.79
C THR G 463 30.66 -38.83 -31.80
N PRO G 464 30.44 -39.23 -33.07
CA PRO G 464 30.17 -40.62 -33.46
C PRO G 464 31.44 -41.50 -33.50
N ALA G 465 31.27 -42.80 -33.67
CA ALA G 465 32.42 -43.72 -33.81
C ALA G 465 33.26 -43.26 -34.98
N ALA G 466 34.56 -43.18 -34.79
CA ALA G 466 35.41 -42.54 -35.82
C ALA G 466 36.87 -42.90 -35.76
N GLY G 467 37.34 -43.50 -34.67
CA GLY G 467 38.81 -43.59 -34.50
C GLY G 467 39.44 -44.76 -35.23
N GLY G 468 40.73 -44.70 -35.28
CA GLY G 468 41.51 -45.85 -35.79
C GLY G 468 42.98 -45.59 -35.65
N ALA G 469 43.82 -46.56 -36.10
CA ALA G 469 45.27 -46.50 -35.95
C ALA G 469 45.91 -47.33 -37.09
N LEU G 470 47.06 -46.86 -37.48
CA LEU G 470 47.97 -47.58 -38.40
C LEU G 470 49.31 -47.77 -37.70
N ILE G 471 49.89 -48.94 -37.90
CA ILE G 471 51.26 -49.20 -37.42
C ILE G 471 52.02 -49.97 -38.49
N ALA G 472 53.25 -49.60 -38.74
CA ALA G 472 54.14 -50.41 -39.61
C ALA G 472 55.40 -50.74 -38.84
N GLN G 473 55.91 -51.94 -39.04
CA GLN G 473 57.16 -52.34 -38.40
C GLN G 473 58.37 -51.89 -39.23
N LEU G 474 59.25 -51.11 -38.62
CA LEU G 474 60.52 -50.69 -39.25
C LEU G 474 61.65 -51.65 -38.91
N ASP G 475 61.67 -52.19 -37.72
CA ASP G 475 62.73 -53.09 -37.24
C ASP G 475 62.21 -53.79 -35.99
N ASP G 476 63.00 -54.68 -35.42
CA ASP G 476 62.53 -55.51 -34.30
C ASP G 476 61.86 -54.62 -33.20
N ASN G 477 62.44 -53.48 -32.91
CA ASN G 477 61.94 -52.63 -31.79
C ASN G 477 61.47 -51.28 -32.27
N GLU G 478 61.19 -51.08 -33.53
CA GLU G 478 60.86 -49.76 -34.06
C GLU G 478 59.67 -49.84 -34.98
N TYR G 479 58.74 -48.89 -34.81
CA TYR G 479 57.46 -48.84 -35.51
C TYR G 479 57.17 -47.42 -35.95
N LEU G 480 56.48 -47.32 -37.06
CA LEU G 480 55.83 -46.10 -37.56
C LEU G 480 54.38 -46.19 -37.08
N VAL G 481 53.90 -45.08 -36.50
CA VAL G 481 52.56 -45.05 -35.89
C VAL G 481 51.85 -43.74 -36.25
N THR G 482 50.60 -43.87 -36.70
CA THR G 482 49.76 -42.67 -36.78
C THR G 482 48.36 -43.13 -36.47
N ALA G 483 47.59 -42.29 -35.71
CA ALA G 483 46.25 -42.73 -35.29
C ALA G 483 45.33 -41.49 -35.22
N TYR G 484 44.11 -41.78 -34.87
CA TYR G 484 43.02 -40.80 -35.03
C TYR G 484 41.99 -41.07 -33.93
N LYS G 485 41.82 -40.05 -33.06
CA LYS G 485 40.82 -40.13 -31.97
C LYS G 485 40.96 -41.44 -31.21
N ALA G 486 42.17 -41.70 -30.78
CA ALA G 486 42.54 -42.97 -30.16
C ALA G 486 43.80 -42.82 -29.33
N ARG G 487 44.03 -43.79 -28.45
CA ARG G 487 45.29 -43.93 -27.72
C ARG G 487 45.94 -45.25 -28.15
N VAL G 488 47.24 -45.18 -28.36
CA VAL G 488 48.02 -46.41 -28.72
C VAL G 488 49.07 -46.58 -27.63
N GLU G 489 49.10 -47.72 -26.98
CA GLU G 489 50.05 -48.00 -25.91
C GLU G 489 50.88 -49.22 -26.28
N PHE G 490 52.18 -49.11 -26.20
CA PHE G 490 53.11 -50.25 -26.43
C PHE G 490 53.45 -50.96 -25.13
N LYS G 491 53.68 -52.28 -25.25
CA LYS G 491 54.11 -53.13 -24.16
C LYS G 491 54.90 -54.28 -24.72
N PRO G 492 55.65 -55.01 -23.88
CA PRO G 492 56.27 -56.23 -24.38
C PRO G 492 55.22 -57.29 -24.76
N SER G 493 55.57 -58.09 -25.79
CA SER G 493 54.70 -59.16 -26.36
C SER G 493 54.86 -60.46 -25.56
N GLN G 494 55.93 -60.59 -24.81
CA GLN G 494 56.29 -61.81 -24.06
C GLN G 494 57.02 -61.41 -22.77
N GLU G 495 57.07 -62.34 -21.83
CA GLU G 495 57.76 -62.16 -20.53
C GLU G 495 59.19 -61.77 -20.83
N LEU G 496 59.78 -60.89 -20.02
CA LEU G 496 61.12 -60.36 -20.37
C LEU G 496 62.17 -60.95 -19.46
N ALA G 497 61.87 -62.02 -18.74
CA ALA G 497 62.88 -62.87 -18.07
C ALA G 497 63.79 -62.01 -17.20
N GLY G 498 63.23 -61.09 -16.42
CA GLY G 498 64.08 -60.30 -15.51
C GLY G 498 64.17 -58.84 -15.92
N LYS G 499 64.26 -58.54 -17.18
CA LYS G 499 64.40 -57.17 -17.73
C LYS G 499 63.16 -56.32 -17.48
N LYS G 500 63.35 -55.01 -17.54
CA LYS G 500 62.22 -54.04 -17.61
C LYS G 500 62.12 -53.52 -19.02
N PHE G 501 61.14 -52.71 -19.32
CA PHE G 501 61.02 -52.09 -20.62
C PHE G 501 60.64 -50.63 -20.51
N MET G 502 60.90 -49.89 -21.56
CA MET G 502 60.50 -48.49 -21.67
C MET G 502 60.35 -48.19 -23.14
N ILE G 503 59.70 -47.07 -23.39
CA ILE G 503 59.89 -46.32 -24.66
C ILE G 503 61.33 -45.81 -24.65
N GLU G 504 62.12 -46.16 -25.65
CA GLU G 504 63.43 -45.51 -25.78
C GLU G 504 63.26 -44.08 -26.33
N ARG G 505 62.43 -43.96 -27.36
N ARG G 505 62.51 -43.93 -27.43
CA ARG G 505 62.26 -42.66 -28.05
CA ARG G 505 62.28 -42.61 -28.05
C ARG G 505 61.04 -42.67 -28.96
C ARG G 505 61.05 -42.65 -28.94
N VAL G 506 60.28 -41.60 -28.91
CA VAL G 506 59.18 -41.33 -29.87
C VAL G 506 59.51 -40.01 -30.55
N GLU G 507 59.62 -40.00 -31.87
CA GLU G 507 59.84 -38.82 -32.69
C GLU G 507 58.59 -38.60 -33.52
N GLU G 508 58.19 -37.36 -33.63
CA GLU G 508 57.19 -36.93 -34.61
C GLU G 508 57.95 -36.33 -35.75
N GLY G 509 57.52 -36.72 -36.97
CA GLY G 509 58.24 -36.12 -38.10
C GLY G 509 57.60 -36.42 -39.43
N ARG G 510 58.43 -36.46 -40.47
CA ARG G 510 57.88 -36.62 -41.83
C ARG G 510 58.97 -37.20 -42.71
N PHE G 511 58.56 -37.64 -43.87
CA PHE G 511 59.50 -38.12 -44.90
C PHE G 511 59.74 -37.02 -45.93
N GLU G 512 61.01 -36.72 -46.23
N GLU G 512 61.00 -36.70 -46.22
CA GLU G 512 61.40 -35.82 -47.33
CA GLU G 512 61.36 -35.80 -47.35
C GLU G 512 62.37 -36.60 -48.23
C GLU G 512 62.37 -36.53 -48.23
N LYS G 513 62.00 -36.78 -49.49
CA LYS G 513 62.89 -37.47 -50.50
C LYS G 513 63.24 -38.86 -49.89
N GLY G 514 62.18 -39.49 -49.33
CA GLY G 514 62.13 -40.76 -48.57
C GLY G 514 63.02 -40.83 -47.33
N LYS G 515 63.59 -39.70 -46.85
CA LYS G 515 64.42 -39.65 -45.63
C LYS G 515 63.57 -39.11 -44.47
N TRP G 516 63.65 -39.74 -43.32
CA TRP G 516 62.95 -39.29 -42.10
C TRP G 516 63.54 -37.97 -41.60
N VAL G 517 62.65 -37.01 -41.33
CA VAL G 517 63.06 -35.72 -40.78
C VAL G 517 62.35 -35.57 -39.45
N MET G 518 63.09 -35.52 -38.35
N MET G 518 63.08 -35.54 -38.36
CA MET G 518 62.49 -35.32 -37.02
CA MET G 518 62.45 -35.33 -37.04
C MET G 518 62.03 -33.87 -36.81
C MET G 518 61.99 -33.87 -36.88
N GLU G 519 60.78 -33.68 -36.34
CA GLU G 519 60.28 -32.36 -35.94
C GLU G 519 60.40 -32.17 -34.43
N ARG G 520 60.08 -33.19 -33.67
CA ARG G 520 60.22 -33.09 -32.20
C ARG G 520 60.18 -34.47 -31.59
N VAL G 521 60.57 -34.53 -30.33
CA VAL G 521 60.50 -35.75 -29.54
C VAL G 521 59.23 -35.71 -28.66
N TRP G 522 58.39 -36.69 -28.72
CA TRP G 522 57.29 -36.85 -27.74
C TRP G 522 57.89 -37.46 -26.49
N ASN G 523 57.61 -36.86 -25.33
CA ASN G 523 58.13 -37.40 -24.07
C ASN G 523 57.23 -36.88 -22.92
N GLY G 524 57.53 -37.26 -21.70
CA GLY G 524 56.76 -36.72 -20.58
C GLY G 524 55.32 -37.05 -20.71
N ASP G 525 54.43 -36.03 -20.50
CA ASP G 525 53.01 -36.25 -20.54
C ASP G 525 52.57 -36.90 -21.86
N GLN G 526 53.32 -36.57 -22.95
CA GLN G 526 52.87 -37.09 -24.26
C GLN G 526 53.17 -38.57 -24.40
N THR G 527 53.99 -39.17 -23.55
CA THR G 527 54.18 -40.63 -23.64
C THR G 527 53.81 -41.38 -22.35
N ASP G 528 53.54 -40.67 -21.25
CA ASP G 528 53.22 -41.35 -19.97
C ASP G 528 51.92 -42.16 -20.03
N TRP G 529 50.98 -41.73 -20.86
CA TRP G 529 49.62 -42.26 -20.89
C TRP G 529 49.28 -42.81 -22.25
N GLY G 530 50.24 -43.59 -22.81
CA GLY G 530 50.06 -43.95 -24.20
C GLY G 530 50.36 -42.78 -25.15
N LEU G 531 50.11 -43.03 -26.45
CA LEU G 531 50.29 -42.02 -27.49
C LEU G 531 48.87 -41.63 -27.93
N ASN G 532 48.53 -40.41 -27.56
CA ASN G 532 47.16 -39.92 -27.73
C ASN G 532 47.01 -39.03 -28.96
N PHE G 533 46.05 -39.43 -29.83
CA PHE G 533 45.78 -38.73 -31.07
C PHE G 533 44.38 -38.13 -31.04
N THR G 534 44.25 -36.95 -31.64
CA THR G 534 42.94 -36.33 -31.80
C THR G 534 42.58 -36.38 -33.28
N ASP G 535 42.10 -35.29 -33.86
CA ASP G 535 41.74 -35.27 -35.27
C ASP G 535 42.92 -34.80 -36.11
N ARG G 536 43.99 -34.33 -35.49
CA ARG G 536 45.12 -33.73 -36.20
C ARG G 536 46.13 -34.79 -36.58
N PRO G 537 46.79 -34.65 -37.72
CA PRO G 537 47.77 -35.65 -38.13
C PRO G 537 49.09 -35.56 -37.40
N HIS G 538 49.60 -36.69 -36.93
CA HIS G 538 50.97 -36.81 -36.39
C HIS G 538 51.51 -38.16 -36.83
N LEU G 539 52.69 -38.19 -37.49
CA LEU G 539 53.41 -39.46 -37.81
C LEU G 539 54.57 -39.62 -36.83
N LEU G 540 54.54 -40.74 -36.14
CA LEU G 540 55.53 -41.04 -35.12
C LEU G 540 56.40 -42.20 -35.49
N ARG G 541 57.63 -42.12 -35.05
CA ARG G 541 58.54 -43.28 -35.07
C ARG G 541 58.74 -43.65 -33.60
N VAL G 542 58.36 -44.84 -33.22
CA VAL G 542 58.44 -45.33 -31.83
C VAL G 542 59.52 -46.40 -31.69
N LYS G 543 60.50 -46.17 -30.81
CA LYS G 543 61.55 -47.15 -30.55
C LYS G 543 61.35 -47.63 -29.11
N MET G 544 61.16 -48.90 -28.93
CA MET G 544 61.02 -49.59 -27.64
C MET G 544 62.33 -50.19 -27.22
N ALA G 545 62.52 -50.40 -25.91
CA ALA G 545 63.71 -51.08 -25.41
C ALA G 545 63.44 -51.88 -24.18
N SER G 546 63.94 -53.09 -24.13
CA SER G 546 64.09 -53.91 -22.92
C SER G 546 65.45 -53.59 -22.34
N TYR G 547 65.57 -53.51 -21.03
CA TYR G 547 66.86 -53.17 -20.40
C TYR G 547 67.01 -53.96 -19.10
N SER G 548 68.25 -54.32 -18.82
N SER G 548 68.27 -54.23 -18.78
CA SER G 548 68.63 -55.11 -17.62
CA SER G 548 68.70 -55.03 -17.62
C SER G 548 68.55 -54.20 -16.40
C SER G 548 68.61 -54.18 -16.36
N VAL G 549 68.18 -54.80 -15.26
CA VAL G 549 68.26 -54.13 -13.92
C VAL G 549 69.00 -55.01 -12.92
N GLN G 550 69.51 -56.12 -13.38
CA GLN G 550 70.38 -57.06 -12.60
C GLN G 550 71.31 -56.33 -11.63
N ALA H 12 -41.63 33.02 -12.65
CA ALA H 12 -41.81 31.82 -11.76
C ALA H 12 -43.26 31.40 -11.83
N PRO H 13 -43.59 30.14 -12.16
CA PRO H 13 -45.01 29.81 -12.30
C PRO H 13 -45.70 29.86 -10.94
N LEU H 14 -47.00 30.16 -10.97
CA LEU H 14 -47.79 30.19 -9.72
C LEU H 14 -47.78 28.81 -9.10
N PRO H 15 -47.81 28.71 -7.77
CA PRO H 15 -48.12 27.46 -7.12
C PRO H 15 -49.51 27.00 -7.54
N GLU H 16 -49.73 25.69 -7.57
CA GLU H 16 -51.08 25.16 -7.97
C GLU H 16 -51.23 23.78 -7.35
N LEU H 17 -52.43 23.44 -7.00
CA LEU H 17 -52.74 22.08 -6.59
C LEU H 17 -53.23 21.26 -7.78
N LEU H 18 -52.50 20.18 -8.07
CA LEU H 18 -52.84 19.28 -9.20
C LEU H 18 -53.51 18.06 -8.62
N SER H 19 -54.44 17.46 -9.37
CA SER H 19 -55.20 16.26 -8.96
C SER H 19 -55.34 15.45 -10.22
N ASN H 20 -54.82 14.24 -10.26
CA ASN H 20 -54.82 13.39 -11.45
C ASN H 20 -54.77 11.96 -10.93
N ASN H 21 -55.60 11.06 -11.46
CA ASN H 21 -55.53 9.61 -11.18
C ASN H 21 -55.63 9.36 -9.68
N GLY H 22 -56.41 10.20 -8.97
CA GLY H 22 -56.70 9.98 -7.55
C GLY H 22 -55.53 10.40 -6.68
N LYS H 23 -54.52 11.06 -7.28
CA LYS H 23 -53.35 11.53 -6.53
C LYS H 23 -53.27 13.07 -6.69
N HIS H 24 -52.39 13.68 -5.92
CA HIS H 24 -52.35 15.12 -5.76
C HIS H 24 -50.93 15.58 -5.52
N ALA H 25 -50.67 16.80 -5.97
CA ALA H 25 -49.40 17.49 -5.77
C ALA H 25 -49.70 18.95 -5.54
N LEU H 26 -48.98 19.52 -4.57
CA LEU H 26 -48.87 20.97 -4.46
C LEU H 26 -47.68 21.35 -5.32
N MET H 27 -47.92 21.98 -6.45
CA MET H 27 -46.79 22.45 -7.28
C MET H 27 -46.31 23.80 -6.76
N VAL H 28 -45.02 23.89 -6.47
CA VAL H 28 -44.36 25.16 -6.13
C VAL H 28 -43.14 25.30 -7.03
N ASP H 29 -43.04 26.41 -7.74
CA ASP H 29 -41.89 26.72 -8.63
C ASP H 29 -41.81 25.65 -9.70
N GLY H 30 -42.95 25.09 -10.08
CA GLY H 30 -43.08 24.18 -11.24
C GLY H 30 -42.80 22.73 -10.92
N ALA H 31 -42.79 22.29 -9.66
CA ALA H 31 -42.47 20.89 -9.27
C ALA H 31 -43.21 20.57 -7.99
N PRO H 32 -43.58 19.33 -7.71
CA PRO H 32 -44.24 19.00 -6.44
C PRO H 32 -43.38 19.43 -5.25
N TYR H 33 -44.06 19.82 -4.17
CA TYR H 33 -43.47 20.34 -2.93
C TYR H 33 -44.23 19.76 -1.74
N ILE H 34 -43.49 19.54 -0.64
CA ILE H 34 -44.10 19.12 0.66
C ILE H 34 -43.92 20.28 1.60
N ILE H 35 -45.02 20.68 2.21
CA ILE H 35 -44.94 21.64 3.33
C ILE H 35 -44.51 20.86 4.57
N LEU H 36 -43.31 21.15 5.01
CA LEU H 36 -42.80 20.68 6.32
C LEU H 36 -42.90 21.93 7.20
N GLY H 37 -44.08 22.03 7.82
CA GLY H 37 -44.56 23.35 8.27
C GLY H 37 -44.24 23.63 9.70
N SER H 38 -44.29 24.92 10.04
N SER H 38 -44.31 24.93 9.99
CA SER H 38 -44.44 25.37 11.43
CA SER H 38 -44.40 25.47 11.35
C SER H 38 -45.51 26.46 11.42
C SER H 38 -45.59 26.42 11.35
N GLN H 39 -46.32 26.51 12.46
CA GLN H 39 -47.47 27.43 12.51
C GLN H 39 -47.43 28.19 13.84
N THR H 40 -47.66 29.49 13.73
CA THR H 40 -47.55 30.35 14.91
C THR H 40 -48.80 30.18 15.77
N ASN H 41 -48.62 30.61 17.04
CA ASN H 41 -49.77 30.83 17.92
C ASN H 41 -50.57 32.00 17.32
N ASN H 42 -51.77 32.19 17.86
CA ASN H 42 -52.79 33.08 17.23
C ASN H 42 -52.51 34.57 17.33
N SER H 43 -51.61 34.98 18.18
CA SER H 43 -51.28 36.40 18.44
C SER H 43 -49.85 36.76 18.06
N SER H 44 -49.32 36.06 17.05
CA SER H 44 -47.93 36.26 16.60
C SER H 44 -47.86 37.03 15.27
N ASN H 45 -48.98 37.55 14.80
CA ASN H 45 -49.16 38.16 13.47
C ASN H 45 -48.80 39.64 13.52
N TYR H 46 -47.70 40.00 14.17
CA TYR H 46 -47.29 41.42 14.24
C TYR H 46 -45.77 41.44 14.06
N PRO H 47 -45.22 42.55 13.55
CA PRO H 47 -43.78 42.67 13.33
C PRO H 47 -42.96 42.36 14.58
N ASP H 48 -43.43 42.82 15.72
CA ASP H 48 -42.63 42.67 16.96
C ASP H 48 -42.57 41.20 17.37
N ALA H 49 -43.56 40.40 16.99
CA ALA H 49 -43.63 38.99 17.43
C ALA H 49 -42.70 38.09 16.58
N LEU H 50 -42.27 38.55 15.41
CA LEU H 50 -41.61 37.64 14.44
C LEU H 50 -40.28 37.15 14.98
N LYS H 51 -39.62 37.91 15.85
CA LYS H 51 -38.33 37.52 16.46
C LYS H 51 -38.55 36.30 17.36
N ASP H 52 -39.78 36.07 17.83
CA ASP H 52 -40.13 34.91 18.64
C ASP H 52 -40.65 33.75 17.79
N VAL H 53 -40.67 33.93 16.47
CA VAL H 53 -41.16 32.88 15.53
C VAL H 53 -39.99 32.27 14.75
N TRP H 54 -39.09 33.10 14.21
CA TRP H 54 -38.02 32.58 13.33
C TRP H 54 -37.13 31.58 14.01
N PRO H 55 -36.65 31.80 15.24
CA PRO H 55 -35.70 30.84 15.82
C PRO H 55 -36.31 29.43 15.86
N SER H 56 -37.57 29.31 16.23
CA SER H 56 -38.23 27.98 16.34
C SER H 56 -38.25 27.34 14.94
N MET H 57 -38.62 28.13 13.94
CA MET H 57 -38.68 27.61 12.59
C MET H 57 -37.30 27.08 12.15
N GLU H 58 -36.24 27.77 12.44
CA GLU H 58 -34.85 27.34 12.12
C GLU H 58 -34.53 26.05 12.90
N LYS H 59 -34.86 25.98 14.19
CA LYS H 59 -34.60 24.76 14.99
C LYS H 59 -35.36 23.56 14.41
N MET H 60 -36.60 23.82 13.97
CA MET H 60 -37.50 22.75 13.53
C MET H 60 -37.04 22.25 12.15
N GLY H 61 -36.35 23.10 11.40
CA GLY H 61 -36.00 22.79 10.00
C GLY H 61 -37.18 22.88 9.06
N ALA H 62 -38.20 23.67 9.43
CA ALA H 62 -39.42 23.86 8.64
C ALA H 62 -39.09 24.63 7.37
N ASN H 63 -39.83 24.31 6.31
CA ASN H 63 -39.64 25.01 5.01
C ASN H 63 -40.73 26.03 4.76
N THR H 64 -41.78 26.00 5.56
CA THR H 64 -43.00 26.81 5.30
C THR H 64 -43.60 27.27 6.66
N LEU H 65 -43.93 28.57 6.78
CA LEU H 65 -44.55 29.12 7.99
C LEU H 65 -46.01 29.43 7.69
N SER H 66 -46.89 28.91 8.51
CA SER H 66 -48.32 29.25 8.52
C SER H 66 -48.49 30.34 9.59
N ILE H 67 -49.07 31.48 9.21
CA ILE H 67 -49.13 32.64 10.15
C ILE H 67 -50.36 33.42 9.76
N PRO H 68 -51.12 33.97 10.74
CA PRO H 68 -52.30 34.71 10.37
C PRO H 68 -52.01 36.07 9.77
N VAL H 69 -52.96 36.46 8.92
CA VAL H 69 -53.17 37.87 8.50
C VAL H 69 -54.63 38.16 8.82
N ALA H 70 -54.85 39.11 9.75
CA ALA H 70 -56.16 39.35 10.32
C ALA H 70 -56.84 40.52 9.59
N TRP H 71 -58.13 40.34 9.38
CA TRP H 71 -58.98 41.42 8.79
C TRP H 71 -58.85 42.68 9.68
N GLU H 72 -58.94 42.52 11.01
CA GLU H 72 -58.78 43.69 11.92
C GLU H 72 -57.48 44.46 11.67
N GLN H 73 -56.37 43.80 11.29
CA GLN H 73 -55.08 44.49 11.18
C GLN H 73 -54.95 45.11 9.78
N ILE H 74 -55.53 44.52 8.75
CA ILE H 74 -55.36 45.14 7.40
C ILE H 74 -56.39 46.21 7.11
N GLU H 75 -57.54 46.15 7.75
CA GLU H 75 -58.62 47.14 7.49
C GLU H 75 -59.14 47.63 8.85
N PRO H 76 -58.31 48.25 9.72
CA PRO H 76 -58.76 48.67 11.06
C PRO H 76 -59.91 49.69 11.08
N VAL H 77 -59.89 50.52 10.05
CA VAL H 77 -60.99 51.48 9.75
C VAL H 77 -61.47 51.16 8.33
N GLU H 78 -62.77 51.21 8.07
CA GLU H 78 -63.30 50.77 6.79
C GLU H 78 -62.64 51.59 5.67
N GLY H 79 -62.04 50.90 4.71
CA GLY H 79 -61.47 51.56 3.52
C GLY H 79 -60.04 52.01 3.73
N GLN H 80 -59.49 51.85 4.93
CA GLN H 80 -58.11 52.34 5.23
C GLN H 80 -57.21 51.14 5.44
N PHE H 81 -56.61 50.62 4.38
CA PHE H 81 -55.87 49.35 4.42
C PHE H 81 -54.47 49.58 4.99
N ASP H 82 -53.95 48.57 5.66
CA ASP H 82 -52.57 48.57 6.21
C ASP H 82 -51.88 47.22 6.00
N PHE H 83 -50.87 47.17 5.12
CA PHE H 83 -50.15 45.93 4.81
C PHE H 83 -48.76 45.96 5.44
N SER H 84 -48.51 46.83 6.42
CA SER H 84 -47.18 46.96 7.06
C SER H 84 -46.74 45.60 7.58
N PHE H 85 -47.66 44.81 8.15
CA PHE H 85 -47.24 43.51 8.74
C PHE H 85 -46.84 42.54 7.60
N VAL H 86 -47.65 42.50 6.56
CA VAL H 86 -47.35 41.62 5.40
C VAL H 86 -46.02 42.03 4.74
N ASP H 87 -45.74 43.31 4.57
CA ASP H 87 -44.46 43.79 4.05
C ASP H 87 -43.31 43.20 4.85
N VAL H 88 -43.35 43.34 6.17
CA VAL H 88 -42.22 42.89 7.03
C VAL H 88 -42.13 41.36 6.92
N LEU H 89 -43.25 40.69 6.98
CA LEU H 89 -43.29 39.20 6.99
C LEU H 89 -42.66 38.66 5.70
N LEU H 90 -43.02 39.24 4.58
CA LEU H 90 -42.50 38.80 3.26
C LEU H 90 -40.95 38.96 3.23
N LYS H 91 -40.44 40.12 3.64
CA LYS H 91 -38.97 40.36 3.64
C LYS H 91 -38.25 39.41 4.59
N GLU H 92 -38.81 39.17 5.76
CA GLU H 92 -38.05 38.36 6.74
C GLU H 92 -38.11 36.93 6.27
N ALA H 93 -39.26 36.47 5.75
CA ALA H 93 -39.35 35.08 5.19
C ALA H 93 -38.33 34.85 4.06
N ARG H 94 -38.17 35.80 3.18
CA ARG H 94 -37.17 35.72 2.08
C ARG H 94 -35.71 35.71 2.59
N GLN H 95 -35.42 36.45 3.67
CA GLN H 95 -34.03 36.50 4.21
C GLN H 95 -33.71 35.08 4.68
N ARG H 96 -34.73 34.35 5.17
CA ARG H 96 -34.51 33.00 5.71
C ARG H 96 -34.86 31.90 4.73
N LYS H 97 -35.15 32.28 3.48
CA LYS H 97 -35.42 31.34 2.35
C LYS H 97 -36.44 30.30 2.81
N VAL H 98 -37.56 30.78 3.33
CA VAL H 98 -38.69 29.92 3.67
C VAL H 98 -39.89 30.44 2.92
N ARG H 99 -40.93 29.63 2.86
CA ARG H 99 -42.20 30.02 2.22
C ARG H 99 -43.27 30.26 3.30
N LEU H 100 -44.39 30.80 2.83
CA LEU H 100 -45.48 31.24 3.71
C LEU H 100 -46.79 30.63 3.25
N VAL H 101 -47.60 30.29 4.25
CA VAL H 101 -49.05 30.07 4.11
C VAL H 101 -49.75 31.12 4.95
N LEU H 102 -50.46 32.06 4.32
CA LEU H 102 -51.18 33.08 5.12
C LEU H 102 -52.53 32.53 5.53
N LEU H 103 -52.92 32.81 6.77
CA LEU H 103 -54.22 32.34 7.29
C LEU H 103 -55.12 33.56 7.44
N TRP H 104 -56.13 33.65 6.62
CA TRP H 104 -57.04 34.84 6.57
C TRP H 104 -58.04 34.70 7.70
N PHE H 105 -57.82 35.43 8.80
CA PHE H 105 -58.70 35.40 9.97
C PHE H 105 -59.74 36.51 9.80
N ALA H 106 -60.98 36.17 9.50
CA ALA H 106 -61.91 37.21 9.02
C ALA H 106 -63.33 36.92 9.56
N THR H 107 -64.27 36.53 8.71
CA THR H 107 -65.66 36.30 9.15
C THR H 107 -65.67 35.24 10.26
N TRP H 108 -64.91 34.15 10.08
CA TRP H 108 -64.80 33.12 11.14
C TRP H 108 -63.38 32.88 11.54
N LYS H 109 -63.17 32.88 12.84
CA LYS H 109 -61.96 32.34 13.47
C LYS H 109 -62.49 31.50 14.61
N ASN H 110 -62.45 30.17 14.51
CA ASN H 110 -62.99 29.27 15.55
C ASN H 110 -64.44 29.66 15.84
N ASN H 111 -65.21 29.83 14.76
CA ASN H 111 -66.66 30.04 14.76
C ASN H 111 -66.99 31.52 14.95
N ALA H 112 -66.03 32.33 15.32
CA ALA H 112 -66.33 33.68 15.90
C ALA H 112 -65.71 34.80 15.09
N PRO H 113 -66.24 36.03 15.21
CA PRO H 113 -65.71 37.19 14.47
C PRO H 113 -64.66 38.02 15.22
N HIS H 114 -63.95 37.43 16.17
CA HIS H 114 -63.03 38.25 17.00
C HIS H 114 -61.92 38.96 16.21
N TYR H 115 -61.57 38.47 15.02
CA TYR H 115 -60.46 39.02 14.21
C TYR H 115 -61.04 39.91 13.12
N ALA H 116 -62.35 40.01 13.04
CA ALA H 116 -62.99 41.01 12.16
C ALA H 116 -62.80 42.37 12.82
N PRO H 117 -62.68 43.48 12.07
CA PRO H 117 -62.48 44.84 12.58
C PRO H 117 -63.62 45.18 13.54
N ALA H 118 -63.33 46.12 14.47
CA ALA H 118 -64.31 46.65 15.43
C ALA H 118 -65.59 47.09 14.68
N TRP H 119 -65.45 47.78 13.55
CA TRP H 119 -66.59 48.31 12.75
C TRP H 119 -67.39 47.16 12.07
N VAL H 120 -66.84 45.95 12.07
CA VAL H 120 -67.63 44.75 11.70
C VAL H 120 -68.24 44.07 12.94
N LYS H 121 -67.38 43.64 13.88
CA LYS H 121 -67.83 42.73 14.93
C LYS H 121 -68.71 43.44 15.97
N LEU H 122 -68.71 44.76 15.98
CA LEU H 122 -69.61 45.47 16.91
C LEU H 122 -70.88 45.97 16.23
N ASP H 123 -71.12 45.64 14.96
CA ASP H 123 -72.28 46.16 14.18
C ASP H 123 -73.17 44.98 13.75
N ASN H 124 -73.96 44.41 14.65
CA ASN H 124 -74.85 43.24 14.39
C ASN H 124 -75.90 43.59 13.33
N ALA H 125 -76.39 44.81 13.32
CA ALA H 125 -77.41 45.24 12.36
C ALA H 125 -76.90 45.05 10.91
N ARG H 126 -75.68 45.49 10.64
CA ARG H 126 -75.07 45.45 9.29
C ARG H 126 -74.52 44.02 9.05
N PHE H 127 -74.03 43.37 10.08
CA PHE H 127 -73.28 42.10 9.97
C PHE H 127 -73.84 41.10 10.96
N PRO H 128 -74.92 40.42 10.60
CA PRO H 128 -75.71 39.65 11.57
C PRO H 128 -75.17 38.32 12.05
N ARG H 129 -75.43 38.10 13.33
CA ARG H 129 -75.09 36.81 13.95
C ARG H 129 -76.16 35.75 13.73
N VAL H 130 -75.71 34.52 13.91
CA VAL H 130 -76.55 33.33 14.00
C VAL H 130 -77.57 33.52 15.13
N VAL H 131 -78.83 33.21 14.86
CA VAL H 131 -79.88 33.24 15.91
C VAL H 131 -80.35 31.82 16.12
N LYS H 132 -80.29 31.40 17.36
CA LYS H 132 -80.76 30.07 17.79
C LYS H 132 -82.27 29.89 17.52
N GLU H 133 -82.72 28.65 17.54
CA GLU H 133 -84.15 28.28 17.44
C GLU H 133 -84.92 29.03 18.52
N ASP H 134 -84.33 29.23 19.69
CA ASP H 134 -85.00 29.87 20.87
C ASP H 134 -84.92 31.41 20.83
N GLY H 135 -84.39 32.01 19.76
CA GLY H 135 -84.32 33.50 19.66
C GLY H 135 -83.06 34.09 20.28
N ASP H 136 -82.28 33.36 21.08
CA ASP H 136 -81.00 33.95 21.62
C ASP H 136 -79.98 34.02 20.47
N THR H 137 -78.99 34.91 20.63
CA THR H 137 -77.97 35.14 19.57
C THR H 137 -76.64 34.51 19.96
N LEU H 138 -75.93 33.87 19.03
CA LEU H 138 -74.56 33.41 19.31
C LEU H 138 -73.55 34.35 18.67
N ASN H 139 -72.34 34.38 19.20
CA ASN H 139 -71.29 35.24 18.63
C ASN H 139 -70.63 34.47 17.46
N SER H 140 -71.38 34.25 16.40
CA SER H 140 -70.91 33.54 15.17
C SER H 140 -71.66 34.24 14.01
N LEU H 141 -70.94 34.84 13.03
CA LEU H 141 -71.63 35.57 11.94
C LEU H 141 -72.42 34.60 11.08
N SER H 142 -73.64 34.96 10.72
CA SER H 142 -74.47 34.16 9.77
C SER H 142 -73.84 34.19 8.37
N PRO H 143 -73.67 33.02 7.68
CA PRO H 143 -73.19 32.90 6.28
C PRO H 143 -74.17 33.54 5.29
N LEU H 144 -75.36 33.86 5.81
CA LEU H 144 -76.44 34.50 4.99
C LEU H 144 -76.39 36.03 5.07
N GLY H 145 -75.44 36.57 5.81
CA GLY H 145 -75.21 38.04 5.86
C GLY H 145 -74.53 38.52 4.59
N GLN H 146 -75.28 39.20 3.69
CA GLN H 146 -74.75 39.60 2.37
C GLN H 146 -73.76 40.75 2.56
N ASN H 147 -73.95 41.63 3.55
CA ASN H 147 -73.00 42.74 3.74
C ASN H 147 -71.69 42.17 4.29
N THR H 148 -71.75 41.14 5.14
CA THR H 148 -70.53 40.55 5.74
C THR H 148 -69.71 39.94 4.59
N LEU H 149 -70.37 39.18 3.71
CA LEU H 149 -69.70 38.55 2.55
C LEU H 149 -69.02 39.64 1.72
N ALA H 150 -69.75 40.69 1.36
CA ALA H 150 -69.20 41.78 0.53
C ALA H 150 -68.00 42.39 1.21
N ALA H 151 -68.04 42.53 2.53
CA ALA H 151 -66.94 43.27 3.21
C ALA H 151 -65.71 42.36 3.38
N ASP H 152 -65.95 41.08 3.64
CA ASP H 152 -64.86 40.08 3.77
C ASP H 152 -64.14 40.01 2.40
N LYS H 153 -64.90 39.82 1.33
N LYS H 153 -64.91 39.80 1.34
CA LYS H 153 -64.40 39.76 -0.07
CA LYS H 153 -64.43 39.76 -0.06
C LYS H 153 -63.57 40.99 -0.39
C LYS H 153 -63.59 40.98 -0.40
N LYS H 154 -64.07 42.18 -0.08
CA LYS H 154 -63.38 43.43 -0.45
C LYS H 154 -62.02 43.46 0.24
N ALA H 155 -61.94 43.04 1.50
CA ALA H 155 -60.64 43.13 2.20
C ALA H 155 -59.70 42.04 1.66
N PHE H 156 -60.27 40.86 1.42
CA PHE H 156 -59.46 39.69 0.97
C PHE H 156 -58.89 40.02 -0.41
N VAL H 157 -59.67 40.72 -1.21
CA VAL H 157 -59.26 41.22 -2.55
C VAL H 157 -58.08 42.19 -2.42
N GLU H 158 -58.10 43.06 -1.40
CA GLU H 158 -56.96 43.97 -1.13
C GLU H 158 -55.72 43.18 -0.73
N LEU H 159 -55.85 42.14 0.12
CA LEU H 159 -54.69 41.33 0.50
C LEU H 159 -54.08 40.72 -0.78
N MET H 160 -54.92 40.14 -1.59
CA MET H 160 -54.41 39.44 -2.80
C MET H 160 -53.81 40.45 -3.79
N LYS H 161 -54.30 41.69 -3.83
CA LYS H 161 -53.63 42.73 -4.67
C LYS H 161 -52.23 43.04 -4.14
N TYR H 162 -52.08 43.04 -2.82
CA TYR H 162 -50.77 43.31 -2.19
C TYR H 162 -49.81 42.19 -2.65
N LEU H 163 -50.26 40.93 -2.62
CA LEU H 163 -49.35 39.81 -3.00
C LEU H 163 -49.02 39.92 -4.50
N ALA H 164 -50.01 40.25 -5.28
CA ALA H 164 -49.87 40.34 -6.76
C ALA H 164 -48.85 41.42 -7.09
N LYS H 165 -48.78 42.52 -6.31
CA LYS H 165 -47.85 43.64 -6.58
C LYS H 165 -46.49 43.46 -5.94
N ARG H 166 -46.43 42.81 -4.77
N ARG H 166 -46.41 42.82 -4.76
CA ARG H 166 -45.19 42.78 -3.93
CA ARG H 166 -45.16 42.80 -3.95
C ARG H 166 -44.63 41.38 -3.75
C ARG H 166 -44.67 41.37 -3.69
N ASP H 167 -45.22 40.34 -4.36
CA ASP H 167 -44.77 38.95 -4.11
C ASP H 167 -44.71 38.15 -5.42
N LYS H 168 -43.87 38.60 -6.35
CA LYS H 168 -43.79 38.13 -7.76
C LYS H 168 -43.26 36.70 -7.77
N ASP H 169 -42.39 36.36 -6.83
CA ASP H 169 -41.74 35.03 -6.74
C ASP H 169 -42.57 34.10 -5.85
N HIS H 170 -43.80 34.52 -5.43
CA HIS H 170 -44.71 33.67 -4.64
C HIS H 170 -43.98 33.12 -3.40
N THR H 171 -43.36 33.96 -2.62
CA THR H 171 -43.02 33.61 -1.21
C THR H 171 -44.24 33.01 -0.47
N VAL H 172 -45.42 33.61 -0.64
CA VAL H 172 -46.72 33.07 -0.18
C VAL H 172 -47.21 32.06 -1.24
N ILE H 173 -47.22 30.79 -0.87
CA ILE H 173 -47.53 29.69 -1.83
C ILE H 173 -48.99 29.28 -1.71
N MET H 174 -49.71 29.69 -0.65
CA MET H 174 -51.05 29.17 -0.37
C MET H 174 -51.73 30.05 0.69
N VAL H 175 -53.05 30.16 0.59
CA VAL H 175 -53.88 30.99 1.54
C VAL H 175 -54.97 30.13 2.15
N GLN H 176 -55.04 30.16 3.47
CA GLN H 176 -56.19 29.58 4.17
C GLN H 176 -57.28 30.62 4.23
N VAL H 177 -58.49 30.27 3.86
CA VAL H 177 -59.63 31.24 3.78
C VAL H 177 -60.48 31.00 5.02
N GLN H 178 -60.47 31.97 5.98
CA GLN H 178 -61.10 31.81 7.32
C GLN H 178 -60.30 30.83 8.13
N ASN H 179 -60.73 30.55 9.36
CA ASN H 179 -59.99 29.61 10.26
C ASN H 179 -61.00 28.82 11.09
N GLU H 180 -61.27 27.55 10.83
CA GLU H 180 -62.25 26.73 11.62
C GLU H 180 -63.60 27.45 11.61
N VAL H 181 -64.20 27.53 10.43
CA VAL H 181 -65.57 28.06 10.28
C VAL H 181 -66.56 27.18 11.00
N GLY H 182 -67.76 27.72 11.17
CA GLY H 182 -68.87 26.96 11.77
C GLY H 182 -69.51 27.72 12.91
N THR H 183 -70.32 26.99 13.68
CA THR H 183 -71.01 27.57 14.82
C THR H 183 -71.02 26.55 15.96
N TYR H 184 -70.56 26.99 17.13
CA TYR H 184 -70.83 26.27 18.38
C TYR H 184 -72.14 26.77 19.02
N GLY H 185 -72.88 25.84 19.59
CA GLY H 185 -74.08 26.08 20.41
C GLY H 185 -75.36 26.13 19.58
N ALA H 186 -75.30 25.89 18.26
CA ALA H 186 -76.48 25.70 17.38
C ALA H 186 -76.05 25.00 16.08
N VAL H 187 -77.00 24.46 15.34
CA VAL H 187 -76.67 23.67 14.13
C VAL H 187 -76.58 24.66 12.98
N ARG H 188 -77.40 25.71 12.99
CA ARG H 188 -77.50 26.67 11.86
C ARG H 188 -78.03 28.01 12.38
N ASP H 189 -78.12 28.97 11.47
CA ASP H 189 -78.92 30.20 11.66
C ASP H 189 -80.41 29.84 11.54
N TYR H 190 -81.19 30.29 12.53
CA TYR H 190 -82.67 30.12 12.55
C TYR H 190 -83.35 31.48 12.47
N SER H 191 -82.58 32.51 12.14
CA SER H 191 -83.11 33.88 11.90
C SER H 191 -84.18 33.83 10.80
N PRO H 192 -85.11 34.80 10.77
CA PRO H 192 -86.09 34.83 9.70
C PRO H 192 -85.42 34.82 8.33
N MET H 193 -84.30 35.52 8.23
CA MET H 193 -83.47 35.62 7.01
C MET H 193 -83.04 34.20 6.57
N ALA H 194 -82.50 33.42 7.50
CA ALA H 194 -82.00 32.05 7.21
C ALA H 194 -83.18 31.13 6.93
N GLN H 195 -84.23 31.24 7.70
CA GLN H 195 -85.42 30.37 7.52
C GLN H 195 -86.07 30.62 6.15
N ALA H 196 -86.00 31.81 5.57
CA ALA H 196 -86.64 32.04 4.26
C ALA H 196 -85.90 31.22 3.23
N VAL H 197 -84.59 31.05 3.43
CA VAL H 197 -83.75 30.28 2.46
C VAL H 197 -83.94 28.80 2.72
N PHE H 198 -83.94 28.45 4.00
CA PHE H 198 -84.15 27.04 4.42
C PHE H 198 -85.47 26.51 3.86
N ASN H 199 -86.51 27.34 3.79
CA ASN H 199 -87.83 26.81 3.41
C ASN H 199 -87.97 26.73 1.89
N ALA H 200 -87.04 27.34 1.16
CA ALA H 200 -87.02 27.37 -0.32
C ALA H 200 -86.40 26.08 -0.89
N ALA H 201 -86.42 25.99 -2.20
CA ALA H 201 -85.80 24.86 -2.92
C ALA H 201 -84.31 24.82 -2.54
N VAL H 202 -83.74 23.61 -2.46
CA VAL H 202 -82.27 23.45 -2.50
C VAL H 202 -81.87 23.95 -3.88
N PRO H 203 -80.78 24.78 -4.00
CA PRO H 203 -80.19 25.27 -5.27
C PRO H 203 -79.97 24.14 -6.29
N ASP H 204 -80.37 24.36 -7.55
CA ASP H 204 -80.26 23.37 -8.65
C ASP H 204 -78.82 22.83 -8.65
N ASP H 205 -77.81 23.71 -8.61
CA ASP H 205 -76.39 23.29 -8.73
C ASP H 205 -76.09 22.17 -7.71
N LEU H 206 -76.56 22.29 -6.48
CA LEU H 206 -76.20 21.31 -5.42
C LEU H 206 -76.89 20.00 -5.74
N ILE H 207 -78.18 20.11 -6.06
CA ILE H 207 -79.04 18.94 -6.44
C ILE H 207 -78.40 18.20 -7.61
N GLN H 208 -77.99 18.93 -8.66
CA GLN H 208 -77.41 18.30 -9.90
C GLN H 208 -76.04 17.69 -9.56
N LYS H 209 -75.20 18.36 -8.80
CA LYS H 209 -73.84 17.83 -8.41
C LYS H 209 -74.00 16.57 -7.54
N LEU H 210 -74.94 16.59 -6.59
CA LEU H 210 -75.15 15.46 -5.68
C LEU H 210 -76.01 14.38 -6.33
N GLN H 211 -76.58 14.62 -7.51
CA GLN H 211 -77.39 13.56 -8.18
C GLN H 211 -78.53 13.09 -7.22
N LEU H 212 -79.31 14.05 -6.65
CA LEU H 212 -80.52 13.81 -5.83
C LEU H 212 -81.77 14.36 -6.56
N LYS H 213 -82.93 14.00 -6.05
CA LYS H 213 -84.23 14.51 -6.53
C LYS H 213 -84.40 15.94 -5.99
N PRO H 214 -84.88 16.92 -6.82
CA PRO H 214 -85.15 18.31 -6.40
C PRO H 214 -86.10 18.27 -5.19
N GLY H 215 -85.99 19.28 -4.35
CA GLY H 215 -86.95 19.49 -3.22
C GLY H 215 -86.45 20.63 -2.35
N THR H 216 -87.11 20.86 -1.22
CA THR H 216 -86.63 21.86 -0.26
C THR H 216 -85.59 21.24 0.63
N TRP H 217 -84.96 22.02 1.51
CA TRP H 217 -83.89 21.46 2.39
C TRP H 217 -84.41 20.28 3.21
N SER H 218 -85.56 20.46 3.90
CA SER H 218 -86.33 19.46 4.69
C SER H 218 -86.60 18.19 3.85
N GLN H 219 -86.98 18.36 2.60
CA GLN H 219 -87.45 17.20 1.81
C GLN H 219 -86.22 16.47 1.28
N VAL H 220 -85.20 17.21 0.86
CA VAL H 220 -83.97 16.57 0.28
C VAL H 220 -83.15 15.86 1.37
N PHE H 221 -83.00 16.45 2.54
CA PHE H 221 -81.94 16.03 3.50
C PHE H 221 -82.49 15.54 4.85
N GLY H 222 -83.79 15.64 5.07
CA GLY H 222 -84.45 15.12 6.31
C GLY H 222 -83.72 15.49 7.58
N ARG H 223 -83.30 14.53 8.38
CA ARG H 223 -82.74 14.76 9.76
C ARG H 223 -81.47 15.63 9.59
N ASP H 224 -80.82 15.58 8.42
CA ASP H 224 -79.53 16.29 8.18
C ASP H 224 -79.73 17.71 7.62
N ALA H 225 -80.97 18.18 7.44
CA ALA H 225 -81.28 19.46 6.75
C ALA H 225 -80.61 20.66 7.44
N ASP H 226 -80.75 20.80 8.76
CA ASP H 226 -80.20 21.95 9.48
C ASP H 226 -78.69 22.00 9.25
N GLU H 227 -78.00 20.91 9.53
CA GLU H 227 -76.52 20.94 9.49
C GLU H 227 -76.06 21.06 8.05
N PHE H 228 -76.71 20.37 7.12
CA PHE H 228 -76.20 20.39 5.71
C PHE H 228 -76.44 21.80 5.15
N PHE H 229 -77.52 22.41 5.59
CA PHE H 229 -77.84 23.81 5.21
C PHE H 229 -76.73 24.78 5.67
N HIS H 230 -76.29 24.67 6.93
CA HIS H 230 -75.23 25.56 7.46
C HIS H 230 -73.94 25.29 6.71
N ALA H 231 -73.64 23.99 6.53
CA ALA H 231 -72.41 23.62 5.79
C ALA H 231 -72.49 24.24 4.40
N TYR H 232 -73.62 24.06 3.70
CA TYR H 232 -73.78 24.61 2.34
C TYR H 232 -73.56 26.12 2.34
N GLN H 233 -74.26 26.82 3.22
CA GLN H 233 -74.19 28.30 3.17
C GLN H 233 -72.77 28.79 3.51
N ILE H 234 -72.12 28.19 4.52
CA ILE H 234 -70.71 28.53 4.81
C ILE H 234 -69.83 28.22 3.61
N ALA H 235 -70.03 27.05 3.03
CA ALA H 235 -69.18 26.66 1.90
C ALA H 235 -69.33 27.71 0.77
N ARG H 236 -70.57 28.11 0.45
CA ARG H 236 -70.86 29.09 -0.64
C ARG H 236 -70.16 30.43 -0.31
N TYR H 237 -70.23 30.81 0.95
CA TYR H 237 -69.60 32.07 1.44
C TYR H 237 -68.10 31.98 1.22
N CYS H 238 -67.47 30.90 1.73
CA CYS H 238 -65.97 30.75 1.54
C CYS H 238 -65.59 30.65 0.05
N ASP H 239 -66.42 30.01 -0.75
CA ASP H 239 -66.15 29.81 -2.21
C ASP H 239 -66.17 31.17 -2.86
N GLU H 240 -67.14 31.96 -2.44
CA GLU H 240 -67.21 33.34 -2.98
C GLU H 240 -65.97 34.20 -2.60
N VAL H 241 -65.47 34.09 -1.41
CA VAL H 241 -64.30 34.89 -1.03
C VAL H 241 -63.11 34.36 -1.83
N THR H 242 -63.00 33.03 -1.93
CA THR H 242 -61.90 32.35 -2.63
C THR H 242 -61.88 32.85 -4.09
N VAL H 243 -63.02 32.81 -4.76
CA VAL H 243 -63.12 33.21 -6.21
C VAL H 243 -62.65 34.66 -6.38
N ALA H 244 -63.09 35.53 -5.47
CA ALA H 244 -62.80 36.99 -5.56
C ALA H 244 -61.30 37.22 -5.40
N GLY H 245 -60.66 36.50 -4.44
CA GLY H 245 -59.20 36.60 -4.28
C GLY H 245 -58.42 36.01 -5.44
N LYS H 246 -58.83 34.84 -5.90
N LYS H 246 -58.82 34.84 -5.92
CA LYS H 246 -58.12 34.08 -6.97
CA LYS H 246 -58.07 34.12 -6.98
C LYS H 246 -58.15 34.89 -8.27
C LYS H 246 -58.11 34.92 -8.27
N ALA H 247 -59.17 35.71 -8.49
CA ALA H 247 -59.29 36.57 -9.71
C ALA H 247 -58.15 37.58 -9.71
N ILE H 248 -57.65 37.98 -8.51
CA ILE H 248 -56.47 38.85 -8.39
C ILE H 248 -55.18 38.03 -8.57
N LYS H 249 -55.01 36.98 -7.78
CA LYS H 249 -53.80 36.12 -7.89
C LYS H 249 -54.29 34.72 -7.58
N ASN H 250 -54.12 33.81 -8.55
CA ASN H 250 -54.72 32.46 -8.51
C ASN H 250 -53.85 31.51 -7.67
N LEU H 251 -53.69 31.83 -6.39
CA LEU H 251 -52.92 30.94 -5.48
C LEU H 251 -53.87 29.85 -5.00
N PRO H 252 -53.35 28.64 -4.73
CA PRO H 252 -54.12 27.60 -4.07
C PRO H 252 -54.72 28.19 -2.78
N MET H 253 -55.96 27.80 -2.48
CA MET H 253 -56.60 28.20 -1.20
C MET H 253 -57.34 27.04 -0.56
N TYR H 254 -57.47 27.05 0.77
CA TYR H 254 -58.06 25.86 1.41
C TYR H 254 -58.76 26.32 2.67
N VAL H 255 -59.55 25.42 3.23
CA VAL H 255 -60.19 25.67 4.55
C VAL H 255 -59.71 24.59 5.48
N ASN H 256 -59.67 24.93 6.77
CA ASN H 256 -59.17 24.09 7.91
C ASN H 256 -60.31 23.78 8.86
N VAL H 257 -60.42 22.52 9.22
CA VAL H 257 -61.59 21.99 9.94
C VAL H 257 -61.35 21.77 11.42
N ALA H 258 -62.24 22.38 12.24
CA ALA H 258 -62.42 21.98 13.65
C ALA H 258 -63.11 20.62 13.65
N LEU H 259 -62.32 19.55 13.71
CA LEU H 259 -62.84 18.19 13.51
C LEU H 259 -63.84 17.76 14.56
N ARG H 260 -64.81 16.98 14.11
CA ARG H 260 -65.61 16.15 15.02
C ARG H 260 -64.86 14.83 15.20
N ASN H 261 -65.02 14.22 16.33
CA ASN H 261 -64.48 12.86 16.55
C ASN H 261 -65.19 11.95 15.57
N PRO H 262 -64.47 11.26 14.64
CA PRO H 262 -65.13 10.47 13.64
C PRO H 262 -65.88 9.27 14.21
N PHE H 263 -65.44 8.70 15.33
CA PHE H 263 -66.07 7.52 15.98
C PHE H 263 -67.23 7.88 16.95
N ASN H 264 -67.30 9.13 17.38
CA ASN H 264 -68.21 9.48 18.50
C ASN H 264 -68.34 10.98 18.45
N PRO H 265 -68.94 11.54 17.41
CA PRO H 265 -68.81 12.98 17.15
C PRO H 265 -69.52 13.91 18.13
N GLY H 266 -70.55 13.39 18.80
CA GLY H 266 -71.55 14.23 19.48
C GLY H 266 -72.44 14.91 18.44
N LEU H 267 -73.05 16.01 18.82
CA LEU H 267 -74.08 16.64 18.02
C LEU H 267 -73.51 17.90 17.39
N PRO H 268 -73.97 18.26 16.17
CA PRO H 268 -73.53 19.51 15.54
C PRO H 268 -73.93 20.64 16.49
N GLY H 269 -73.02 21.57 16.72
CA GLY H 269 -73.16 22.65 17.72
C GLY H 269 -72.33 22.31 18.98
N GLN H 270 -72.18 21.03 19.29
N GLN H 270 -72.18 21.03 19.29
CA GLN H 270 -71.20 20.55 20.30
CA GLN H 270 -71.20 20.59 20.32
C GLN H 270 -69.84 20.59 19.61
C GLN H 270 -69.83 20.60 19.61
N TYR H 271 -69.76 19.99 18.44
CA TYR H 271 -68.64 20.27 17.52
C TYR H 271 -69.06 21.50 16.69
N SER H 272 -68.15 22.07 15.95
CA SER H 272 -68.41 23.27 15.15
C SER H 272 -69.28 22.91 13.94
N SER H 273 -70.58 23.24 13.99
CA SER H 273 -71.53 22.91 12.91
C SER H 273 -71.20 23.70 11.66
N GLY H 274 -71.19 23.06 10.51
CA GLY H 274 -71.09 23.80 9.25
C GLY H 274 -69.69 23.78 8.65
N GLY H 275 -68.65 23.51 9.44
CA GLY H 275 -67.30 23.29 8.92
C GLY H 275 -67.31 21.98 8.15
N GLY H 276 -66.16 21.72 7.54
CA GLY H 276 -65.95 20.58 6.68
C GLY H 276 -65.75 19.28 7.44
N THR H 277 -66.61 18.96 8.40
CA THR H 277 -66.57 17.69 9.16
C THR H 277 -66.85 16.52 8.18
N ASP H 278 -66.54 15.32 8.62
CA ASP H 278 -66.44 14.16 7.72
C ASP H 278 -67.80 13.89 7.07
N ASN H 279 -68.89 14.25 7.74
CA ASN H 279 -70.27 13.94 7.29
C ASN H 279 -70.74 14.97 6.26
N VAL H 280 -70.01 16.10 6.11
CA VAL H 280 -70.48 17.16 5.17
C VAL H 280 -69.43 17.41 4.07
N LEU H 281 -68.43 16.53 3.91
CA LEU H 281 -67.43 16.83 2.88
C LEU H 281 -68.17 16.83 1.54
N HIS H 282 -69.16 15.98 1.33
CA HIS H 282 -69.82 15.90 0.00
C HIS H 282 -70.55 17.23 -0.26
N ILE H 283 -71.07 17.85 0.78
CA ILE H 283 -71.74 19.18 0.63
C ILE H 283 -70.66 20.21 0.27
N TRP H 284 -69.60 20.27 1.05
CA TRP H 284 -68.50 21.21 0.82
C TRP H 284 -67.93 21.04 -0.60
N LYS H 285 -67.72 19.80 -1.10
CA LYS H 285 -67.09 19.64 -2.43
C LYS H 285 -68.04 20.19 -3.53
N ALA H 286 -69.33 19.96 -3.36
CA ALA H 286 -70.40 20.36 -4.31
C ALA H 286 -70.60 21.87 -4.30
N ALA H 287 -70.50 22.48 -3.12
CA ALA H 287 -70.84 23.90 -2.88
C ALA H 287 -69.66 24.82 -3.19
N ALA H 288 -68.42 24.32 -3.09
CA ALA H 288 -67.20 25.14 -3.16
C ALA H 288 -66.13 24.55 -4.08
N PRO H 289 -66.44 24.53 -5.43
CA PRO H 289 -65.55 24.02 -6.51
C PRO H 289 -64.25 24.78 -6.60
N ASN H 290 -64.21 25.99 -6.06
CA ASN H 290 -63.01 26.83 -6.19
C ASN H 290 -62.09 26.67 -4.98
N ILE H 291 -62.53 26.01 -3.90
CA ILE H 291 -61.62 25.79 -2.73
C ILE H 291 -60.82 24.52 -3.04
N ASP H 292 -59.49 24.61 -3.03
CA ASP H 292 -58.58 23.54 -3.53
C ASP H 292 -58.72 22.29 -2.69
N LEU H 293 -58.71 22.43 -1.35
CA LEU H 293 -58.82 21.24 -0.48
C LEU H 293 -59.44 21.59 0.88
N ILE H 294 -59.92 20.56 1.57
CA ILE H 294 -60.46 20.67 2.94
C ILE H 294 -59.49 19.97 3.90
N ALA H 295 -58.87 20.71 4.80
CA ALA H 295 -57.72 20.28 5.60
C ALA H 295 -58.16 19.97 7.01
N PRO H 296 -57.82 18.84 7.64
CA PRO H 296 -58.10 18.57 9.05
C PRO H 296 -57.13 19.29 10.00
N ASP H 297 -57.67 19.75 11.14
CA ASP H 297 -56.86 20.25 12.27
C ASP H 297 -56.86 19.18 13.36
N ILE H 298 -55.75 18.46 13.52
CA ILE H 298 -55.73 17.21 14.33
C ILE H 298 -55.16 17.42 15.72
N TYR H 299 -56.03 17.24 16.73
CA TYR H 299 -55.61 17.31 18.14
C TYR H 299 -55.99 16.05 18.88
N PHE H 300 -56.47 15.02 18.19
CA PHE H 300 -56.67 13.71 18.83
C PHE H 300 -55.28 13.08 18.97
N ARG H 301 -54.93 12.58 20.12
CA ARG H 301 -53.54 12.08 20.32
C ARG H 301 -53.42 10.64 19.89
N ASP H 302 -54.53 9.90 20.03
CA ASP H 302 -54.49 8.42 19.86
C ASP H 302 -54.45 7.98 18.41
N TYR H 303 -53.63 6.97 18.20
CA TYR H 303 -53.34 6.44 16.85
C TYR H 303 -54.60 6.10 16.06
N LYS H 304 -55.53 5.37 16.67
N LYS H 304 -55.54 5.38 16.68
CA LYS H 304 -56.67 4.88 15.87
CA LYS H 304 -56.70 4.87 15.94
C LYS H 304 -57.52 6.06 15.40
C LYS H 304 -57.55 6.04 15.42
N THR H 305 -57.75 7.06 16.24
CA THR H 305 -58.56 8.24 15.83
C THR H 305 -57.80 9.08 14.79
N VAL H 306 -56.54 9.33 15.02
CA VAL H 306 -55.76 10.08 14.02
C VAL H 306 -55.80 9.36 12.67
N SER H 307 -55.53 8.07 12.70
CA SER H 307 -55.54 7.23 11.48
C SER H 307 -56.86 7.36 10.76
N LYS H 308 -57.96 7.33 11.52
CA LYS H 308 -59.28 7.43 10.85
C LYS H 308 -59.41 8.80 10.17
N VAL H 309 -59.02 9.88 10.88
CA VAL H 309 -59.11 11.21 10.29
C VAL H 309 -58.28 11.27 8.98
N LEU H 310 -57.08 10.72 9.02
CA LEU H 310 -56.22 10.75 7.79
C LEU H 310 -56.93 9.98 6.67
N GLU H 311 -57.60 8.85 7.00
CA GLU H 311 -58.33 8.05 5.99
C GLU H 311 -59.51 8.86 5.43
N LEU H 312 -60.28 9.54 6.29
CA LEU H 312 -61.48 10.27 5.81
C LEU H 312 -61.13 11.52 4.98
N TYR H 313 -60.00 12.16 5.23
CA TYR H 313 -59.65 13.40 4.52
C TYR H 313 -58.76 13.15 3.31
N THR H 314 -58.31 11.90 3.07
CA THR H 314 -57.57 11.59 1.85
C THR H 314 -58.51 10.93 0.84
N ARG H 315 -58.89 11.67 -0.18
CA ARG H 315 -59.96 11.24 -1.11
C ARG H 315 -59.48 11.56 -2.52
N PRO H 316 -60.03 10.88 -3.55
CA PRO H 316 -59.71 11.23 -4.92
C PRO H 316 -59.97 12.71 -5.17
N ASP H 317 -60.96 13.28 -4.50
CA ASP H 317 -61.33 14.71 -4.70
C ASP H 317 -60.71 15.63 -3.63
N ASN H 318 -59.76 15.16 -2.83
CA ASN H 318 -59.29 15.93 -1.65
C ASN H 318 -57.86 15.54 -1.29
N ALA H 319 -56.93 16.42 -1.68
CA ALA H 319 -55.54 16.30 -1.25
C ALA H 319 -55.52 16.37 0.29
N LEU H 320 -54.69 15.56 0.91
CA LEU H 320 -54.46 15.65 2.38
C LEU H 320 -53.43 16.71 2.69
N PHE H 321 -53.82 17.62 3.55
CA PHE H 321 -52.93 18.65 4.13
C PHE H 321 -53.26 18.73 5.63
N VAL H 322 -52.34 18.30 6.46
CA VAL H 322 -52.59 18.38 7.93
C VAL H 322 -52.30 19.81 8.32
N ALA H 323 -53.29 20.65 8.16
CA ALA H 323 -53.10 22.13 8.31
C ALA H 323 -52.70 22.59 9.71
N GLU H 324 -53.14 21.82 10.68
CA GLU H 324 -52.70 21.99 12.08
C GLU H 324 -52.60 20.59 12.65
N ILE H 325 -51.65 20.44 13.55
CA ILE H 325 -51.62 19.28 14.44
C ILE H 325 -51.01 19.76 15.78
N GLY H 326 -51.36 19.05 16.84
CA GLY H 326 -50.78 19.33 18.15
C GLY H 326 -49.28 19.34 18.12
N ASN H 327 -48.69 20.14 19.01
CA ASN H 327 -47.22 20.22 19.06
C ASN H 327 -46.63 19.37 20.18
N ASP H 328 -47.41 18.54 20.85
CA ASP H 328 -46.83 17.60 21.81
C ASP H 328 -46.13 16.43 21.09
N GLN H 329 -45.24 15.77 21.81
CA GLN H 329 -44.36 14.72 21.27
C GLN H 329 -45.14 13.66 20.52
N PRO H 330 -46.28 13.14 20.99
CA PRO H 330 -46.94 12.02 20.29
C PRO H 330 -47.29 12.36 18.83
N PHE H 331 -47.48 13.62 18.54
CA PHE H 331 -47.97 13.99 17.19
C PHE H 331 -46.90 13.87 16.10
N ALA H 332 -45.63 14.02 16.45
CA ALA H 332 -44.53 14.09 15.44
C ALA H 332 -44.65 12.88 14.50
N ARG H 333 -44.91 11.72 15.02
CA ARG H 333 -44.81 10.49 14.16
C ARG H 333 -45.93 10.46 13.15
N TYR H 334 -46.98 11.28 13.26
CA TYR H 334 -48.06 11.29 12.25
C TYR H 334 -47.57 11.88 10.93
N LEU H 335 -46.40 12.49 10.90
CA LEU H 335 -45.85 12.93 9.61
C LEU H 335 -45.74 11.71 8.64
N PHE H 336 -45.40 10.59 9.18
CA PHE H 336 -45.11 9.38 8.34
C PHE H 336 -46.36 8.93 7.61
N PRO H 337 -47.48 8.60 8.30
CA PRO H 337 -48.68 8.23 7.59
C PRO H 337 -49.24 9.37 6.74
N THR H 338 -49.05 10.61 7.17
CA THR H 338 -49.56 11.73 6.35
C THR H 338 -48.88 11.70 4.98
N LEU H 339 -47.56 11.62 4.97
CA LEU H 339 -46.84 11.56 3.68
C LEU H 339 -47.17 10.25 2.95
N GLY H 340 -47.28 9.15 3.65
CA GLY H 340 -47.59 7.88 3.02
C GLY H 340 -48.93 7.87 2.31
N LYS H 341 -49.90 8.66 2.73
CA LYS H 341 -51.21 8.83 2.09
C LYS H 341 -51.10 9.75 0.86
N GLY H 342 -49.92 10.28 0.56
CA GLY H 342 -49.66 11.28 -0.48
C GLY H 342 -49.99 12.68 -0.01
N GLY H 343 -49.96 12.88 1.30
CA GLY H 343 -50.11 14.22 1.87
C GLY H 343 -49.17 15.26 1.28
N ILE H 344 -49.65 16.51 1.14
CA ILE H 344 -48.86 17.60 0.57
C ILE H 344 -48.21 18.40 1.71
N GLY H 345 -48.56 18.12 2.96
CA GLY H 345 -47.93 18.92 4.02
C GLY H 345 -48.46 18.62 5.41
N PHE H 346 -47.82 19.26 6.38
CA PHE H 346 -47.95 18.90 7.81
C PHE H 346 -47.53 20.14 8.57
N SER H 347 -48.40 20.64 9.46
CA SER H 347 -48.09 21.95 10.07
C SER H 347 -48.37 21.94 11.59
N PRO H 348 -47.41 21.57 12.44
CA PRO H 348 -47.61 21.60 13.89
C PRO H 348 -47.93 23.03 14.37
N PHE H 349 -48.90 23.12 15.28
CA PHE H 349 -49.47 24.38 15.75
C PHE H 349 -48.76 24.87 17.04
N GLY H 350 -48.46 26.13 17.07
CA GLY H 350 -47.89 26.80 18.26
C GLY H 350 -46.39 26.70 18.35
N MET H 351 -45.72 26.75 17.21
CA MET H 351 -44.26 26.64 17.16
C MET H 351 -43.67 28.05 17.23
N ASP H 352 -43.87 28.70 18.39
CA ASP H 352 -43.20 29.99 18.65
C ASP H 352 -43.01 30.16 20.15
N ASP H 353 -42.14 31.13 20.47
CA ASP H 353 -41.76 31.39 21.85
C ASP H 353 -42.47 32.64 22.37
N THR H 354 -43.75 32.79 22.06
CA THR H 354 -44.56 33.97 22.51
C THR H 354 -45.26 33.75 23.82
N ASP H 355 -44.78 32.81 24.60
CA ASP H 355 -45.20 32.54 25.99
C ASP H 355 -46.65 32.11 25.96
N TYR H 356 -46.93 31.07 25.20
CA TYR H 356 -48.28 30.44 25.20
C TYR H 356 -48.12 29.00 24.80
N THR H 357 -48.91 28.16 25.48
N THR H 357 -48.82 28.12 25.50
CA THR H 357 -49.08 26.71 25.25
CA THR H 357 -49.07 26.75 25.04
C THR H 357 -50.58 26.44 25.15
C THR H 357 -50.56 26.48 25.10
N ASN H 358 -51.03 25.71 24.12
CA ASN H 358 -52.45 25.27 24.03
C ASN H 358 -52.69 23.94 24.71
N TYR H 359 -51.75 23.50 25.55
CA TYR H 359 -52.00 22.37 26.46
C TYR H 359 -53.34 22.57 27.15
N PRO H 360 -54.25 21.59 27.22
CA PRO H 360 -54.00 20.18 26.93
C PRO H 360 -53.98 19.74 25.47
N LEU H 361 -54.23 20.62 24.51
CA LEU H 361 -54.15 20.18 23.08
C LEU H 361 -52.72 19.90 22.68
N GLY H 362 -51.82 20.77 23.09
CA GLY H 362 -50.41 20.66 22.71
C GLY H 362 -49.52 20.41 23.90
N ALA H 363 -48.21 20.69 23.72
CA ALA H 363 -47.20 20.41 24.72
C ALA H 363 -47.47 21.26 25.95
N LYS H 364 -47.26 20.68 27.12
CA LYS H 364 -47.41 21.42 28.41
C LYS H 364 -46.32 22.49 28.48
N VAL H 365 -45.12 22.17 27.98
CA VAL H 365 -43.91 23.04 28.02
C VAL H 365 -43.42 23.24 26.60
N TYR H 366 -43.19 24.48 26.24
CA TYR H 366 -42.58 24.79 24.93
C TYR H 366 -41.12 25.12 25.14
N ASN H 367 -40.28 24.21 24.68
CA ASN H 367 -38.84 24.46 24.77
C ASN H 367 -38.12 23.78 23.61
N ASP H 368 -36.79 23.83 23.64
CA ASP H 368 -35.99 23.22 22.54
C ASP H 368 -36.38 21.77 22.35
N GLU H 369 -36.60 21.01 23.39
CA GLU H 369 -36.96 19.57 23.28
C GLU H 369 -38.29 19.45 22.52
N THR H 370 -39.28 20.33 22.78
CA THR H 370 -40.58 20.25 22.10
C THR H 370 -40.31 20.34 20.57
N ILE H 371 -39.50 21.28 20.18
CA ILE H 371 -39.18 21.52 18.75
C ILE H 371 -38.41 20.32 18.20
N GLU H 372 -37.49 19.76 18.98
CA GLU H 372 -36.58 18.71 18.49
C GLU H 372 -37.42 17.50 18.06
N GLN H 373 -38.58 17.22 18.69
CA GLN H 373 -39.36 15.99 18.36
C GLN H 373 -39.75 16.09 16.89
N PHE H 374 -40.07 17.29 16.42
CA PHE H 374 -40.46 17.50 15.01
C PHE H 374 -39.20 17.63 14.18
N ALA H 375 -38.16 18.33 14.65
CA ALA H 375 -36.92 18.50 13.87
C ALA H 375 -36.40 17.13 13.50
N GLN H 376 -36.45 16.16 14.39
CA GLN H 376 -35.88 14.82 14.07
C GLN H 376 -36.60 14.17 12.90
N VAL H 377 -37.90 14.31 12.78
CA VAL H 377 -38.66 13.65 11.69
C VAL H 377 -38.58 14.51 10.43
N TYR H 378 -38.46 15.81 10.54
CA TYR H 378 -38.32 16.67 9.34
C TYR H 378 -36.95 16.39 8.70
N ARG H 379 -35.95 16.01 9.49
CA ARG H 379 -34.59 15.73 8.94
C ARG H 379 -34.63 14.48 8.03
N LEU H 380 -35.62 13.63 8.16
CA LEU H 380 -35.71 12.46 7.27
C LEU H 380 -36.20 12.87 5.90
N VAL H 381 -36.98 13.92 5.81
CA VAL H 381 -37.73 14.30 4.59
C VAL H 381 -37.02 15.46 3.87
N ASN H 382 -36.62 16.52 4.61
CA ASN H 382 -35.91 17.69 4.02
C ASN H 382 -34.94 17.21 2.92
N PRO H 383 -33.96 16.29 3.19
CA PRO H 383 -32.89 16.04 2.19
C PRO H 383 -33.42 15.43 0.88
N MET H 384 -34.63 14.90 0.87
CA MET H 384 -35.28 14.34 -0.34
C MET H 384 -36.62 15.01 -0.67
N MET H 385 -36.85 16.24 -0.22
CA MET H 385 -38.23 16.76 -0.26
C MET H 385 -38.78 16.78 -1.68
N ARG H 386 -38.00 17.26 -2.65
CA ARG H 386 -38.52 17.35 -4.02
C ARG H 386 -38.66 15.95 -4.60
N GLU H 387 -37.72 15.05 -4.33
CA GLU H 387 -37.82 13.68 -4.93
C GLU H 387 -39.00 12.94 -4.33
N TRP H 388 -39.16 13.04 -2.99
CA TRP H 388 -40.33 12.42 -2.34
C TRP H 388 -41.59 13.00 -2.97
N ALA H 389 -41.67 14.33 -3.08
CA ALA H 389 -42.94 14.96 -3.55
C ALA H 389 -43.33 14.43 -4.93
N ARG H 390 -42.32 14.28 -5.81
N ARG H 390 -42.33 14.33 -5.82
CA ARG H 390 -42.55 13.79 -7.22
CA ARG H 390 -42.50 13.76 -7.20
C ARG H 390 -43.01 12.32 -7.13
C ARG H 390 -43.04 12.34 -7.08
N LEU H 391 -42.35 11.50 -6.30
CA LEU H 391 -42.72 10.07 -6.15
C LEU H 391 -44.13 9.92 -5.62
N SER H 392 -44.51 10.77 -4.66
N SER H 392 -44.56 10.75 -4.64
CA SER H 392 -45.85 10.64 -4.04
CA SER H 392 -45.91 10.58 -4.04
C SER H 392 -46.96 10.87 -5.07
C SER H 392 -47.00 10.87 -5.08
N TYR H 393 -46.72 11.84 -5.96
CA TYR H 393 -47.69 12.26 -6.99
C TYR H 393 -47.71 11.27 -8.17
N GLN H 394 -46.52 10.86 -8.61
CA GLN H 394 -46.38 10.15 -9.90
C GLN H 394 -46.28 8.65 -9.65
N GLY H 395 -46.05 8.22 -8.44
CA GLY H 395 -45.76 6.79 -8.16
C GLY H 395 -46.44 6.26 -6.93
N GLN H 396 -45.82 5.26 -6.31
CA GLN H 396 -46.33 4.58 -5.11
C GLN H 396 -45.41 4.90 -3.95
N VAL H 397 -46.08 5.38 -2.91
CA VAL H 397 -45.47 5.67 -1.60
C VAL H 397 -46.30 4.98 -0.51
N TRP H 398 -45.64 4.85 0.62
CA TRP H 398 -46.21 4.26 1.83
C TRP H 398 -45.61 4.95 3.04
N GLY H 399 -46.37 4.92 4.12
CA GLY H 399 -45.87 5.53 5.35
C GLY H 399 -46.64 5.00 6.53
N VAL H 400 -45.91 4.72 7.63
CA VAL H 400 -46.54 4.16 8.83
C VAL H 400 -45.95 4.86 10.04
N ALA H 401 -46.79 4.98 11.08
CA ALA H 401 -46.37 5.35 12.45
C ALA H 401 -46.58 4.19 13.42
N GLU H 402 -45.81 4.24 14.49
CA GLU H 402 -45.91 3.28 15.61
C GLU H 402 -47.34 3.27 16.13
N PRO H 403 -48.02 2.12 16.05
CA PRO H 403 -49.46 2.08 16.19
C PRO H 403 -50.00 1.89 17.61
N LEU H 404 -49.11 1.81 18.60
CA LEU H 404 -49.54 1.77 20.00
C LEU H 404 -49.13 3.09 20.61
N ASP H 405 -50.08 3.74 21.26
CA ASP H 405 -49.76 4.98 22.03
C ASP H 405 -48.91 4.55 23.22
N SER H 406 -48.23 5.49 23.84
CA SER H 406 -47.42 5.28 25.05
C SER H 406 -48.30 4.64 26.10
N THR H 407 -47.76 3.68 26.81
CA THR H 407 -48.45 2.94 27.88
C THR H 407 -48.94 3.93 28.95
N THR H 408 -50.22 3.82 29.38
CA THR H 408 -50.84 4.72 30.39
C THR H 408 -50.48 4.30 31.83
N GLU H 409 -50.82 5.15 32.81
CA GLU H 409 -50.70 4.77 34.25
C GLU H 409 -51.55 3.51 34.50
N THR H 410 -52.79 3.46 33.99
CA THR H 410 -53.66 2.26 34.14
C THR H 410 -52.87 1.02 33.68
N GLN H 411 -52.33 1.07 32.46
CA GLN H 411 -51.62 -0.09 31.87
C GLN H 411 -50.43 -0.47 32.78
N LYS H 412 -49.65 0.52 33.28
CA LYS H 412 -48.51 0.28 34.20
C LYS H 412 -49.03 -0.44 35.46
N ILE H 413 -50.14 0.05 36.05
CA ILE H 413 -50.99 -0.71 37.02
C ILE H 413 -51.64 -1.88 36.26
N THR H 419 -50.05 -11.81 36.30
CA THR H 419 -49.58 -13.23 36.33
C THR H 419 -48.30 -13.30 35.53
N PRO H 420 -47.37 -14.23 35.83
CA PRO H 420 -46.19 -14.41 34.99
C PRO H 420 -46.63 -15.04 33.65
N GLU H 421 -47.88 -15.58 33.60
CA GLU H 421 -48.60 -16.09 32.38
C GLU H 421 -49.20 -14.94 31.54
N GLU H 422 -49.85 -13.98 32.24
CA GLU H 422 -50.63 -12.83 31.69
C GLU H 422 -49.67 -11.75 31.14
N LYS H 423 -48.49 -11.61 31.77
CA LYS H 423 -47.38 -10.74 31.29
C LYS H 423 -46.86 -11.28 29.95
N GLU H 424 -46.52 -12.57 29.84
CA GLU H 424 -45.89 -13.10 28.60
C GLU H 424 -46.91 -13.01 27.46
N GLN H 425 -48.20 -13.19 27.78
CA GLN H 425 -49.34 -13.00 26.82
C GLN H 425 -49.40 -11.52 26.40
N HIS H 426 -49.37 -10.56 27.35
CA HIS H 426 -49.43 -9.12 27.03
C HIS H 426 -48.24 -8.73 26.15
N LYS H 427 -47.01 -9.19 26.44
CA LYS H 427 -45.81 -8.92 25.59
C LYS H 427 -46.05 -9.48 24.18
N LYS H 428 -46.66 -10.67 24.05
CA LYS H 428 -46.93 -11.27 22.70
C LYS H 428 -47.95 -10.38 21.94
N ASP H 429 -48.99 -9.94 22.63
CA ASP H 429 -50.04 -9.11 21.99
C ASP H 429 -49.42 -7.78 21.53
N ARG H 430 -48.60 -7.16 22.36
CA ARG H 430 -47.97 -5.86 22.06
C ARG H 430 -47.03 -6.12 20.88
N ALA H 431 -46.31 -7.22 20.85
CA ALA H 431 -45.35 -7.46 19.73
C ALA H 431 -46.11 -7.51 18.39
N SER H 432 -47.19 -8.28 18.36
N SER H 432 -47.21 -8.25 18.27
CA SER H 432 -48.13 -8.41 17.22
CA SER H 432 -48.04 -8.32 17.03
C SER H 432 -48.62 -7.04 16.73
C SER H 432 -48.60 -6.93 16.67
N ALA H 433 -49.11 -6.20 17.65
CA ALA H 433 -49.68 -4.85 17.39
C ALA H 433 -48.61 -3.90 16.85
N LEU H 434 -47.34 -4.09 17.23
CA LEU H 434 -46.13 -3.29 16.85
C LEU H 434 -45.41 -3.87 15.64
N THR H 435 -46.13 -4.72 14.89
CA THR H 435 -45.63 -5.28 13.62
C THR H 435 -46.63 -4.91 12.52
N GLN H 436 -46.21 -4.09 11.57
CA GLN H 436 -47.04 -3.65 10.39
C GLN H 436 -46.54 -4.29 9.08
N GLN H 437 -47.45 -4.76 8.23
CA GLN H 437 -47.15 -5.30 6.91
C GLN H 437 -47.52 -4.23 5.89
N LEU H 438 -46.68 -4.07 4.89
CA LEU H 438 -46.94 -3.17 3.72
C LEU H 438 -46.73 -4.02 2.45
N ASP H 439 -47.71 -4.01 1.57
CA ASP H 439 -47.66 -4.75 0.29
C ASP H 439 -47.05 -3.81 -0.76
N LEU H 440 -45.83 -4.09 -1.18
CA LEU H 440 -45.10 -3.17 -2.08
C LEU H 440 -45.05 -3.76 -3.50
N GLY H 441 -45.99 -4.67 -3.81
CA GLY H 441 -46.04 -5.28 -5.15
C GLY H 441 -45.41 -6.66 -5.15
N LEU H 442 -44.19 -6.78 -5.66
CA LEU H 442 -43.48 -8.09 -5.69
C LEU H 442 -42.82 -8.35 -4.33
N TRP H 443 -42.72 -7.31 -3.51
CA TRP H 443 -42.02 -7.35 -2.21
C TRP H 443 -42.96 -6.74 -1.16
N ASP H 444 -42.85 -7.25 0.04
CA ASP H 444 -43.56 -6.72 1.23
C ASP H 444 -42.51 -6.12 2.16
N ALA H 445 -42.92 -5.17 3.02
CA ALA H 445 -42.08 -4.72 4.11
C ALA H 445 -42.81 -5.02 5.43
N GLU H 446 -42.05 -5.42 6.42
CA GLU H 446 -42.52 -5.58 7.80
C GLU H 446 -41.85 -4.47 8.60
N VAL H 447 -42.66 -3.63 9.24
CA VAL H 447 -42.11 -2.55 10.09
C VAL H 447 -42.42 -2.91 11.55
N THR H 448 -41.40 -2.84 12.39
CA THR H 448 -41.52 -3.18 13.83
C THR H 448 -40.86 -2.05 14.63
N TYR H 449 -41.26 -1.92 15.90
CA TYR H 449 -40.85 -0.74 16.69
C TYR H 449 -40.31 -1.16 18.07
N GLY H 450 -39.14 -0.64 18.42
CA GLY H 450 -38.59 -0.78 19.78
C GLY H 450 -37.92 -2.12 19.96
N ARG H 451 -36.79 -2.31 19.29
CA ARG H 451 -36.02 -3.52 19.44
C ARG H 451 -34.58 -3.22 19.09
N PRO H 452 -33.66 -4.12 19.50
CA PRO H 452 -32.26 -3.89 19.19
C PRO H 452 -32.01 -3.88 17.68
N MET H 453 -30.78 -3.52 17.30
CA MET H 453 -30.41 -3.42 15.87
C MET H 453 -29.77 -4.72 15.44
N PHE H 454 -29.79 -5.73 16.29
CA PHE H 454 -29.11 -7.04 16.06
C PHE H 454 -29.98 -8.12 16.67
N TRP H 455 -30.14 -9.27 16.02
CA TRP H 455 -30.93 -10.41 16.51
C TRP H 455 -32.43 -10.12 16.36
N VAL H 456 -33.29 -10.99 16.87
CA VAL H 456 -34.76 -10.96 16.53
C VAL H 456 -35.62 -10.96 17.80
N THR H 457 -35.12 -10.40 18.89
CA THR H 457 -35.96 -10.19 20.09
C THR H 457 -37.24 -9.50 19.62
N PRO H 458 -38.43 -9.94 20.03
CA PRO H 458 -39.66 -9.29 19.58
C PRO H 458 -39.72 -7.80 19.99
N PRO H 459 -40.41 -6.97 19.20
CA PRO H 459 -40.55 -5.54 19.49
C PRO H 459 -41.41 -5.27 20.74
N GLU H 460 -40.99 -4.26 21.52
CA GLU H 460 -41.64 -3.83 22.77
C GLU H 460 -42.07 -2.38 22.66
N GLY H 461 -41.83 -1.70 21.55
CA GLY H 461 -42.26 -0.30 21.37
C GLY H 461 -41.19 0.66 21.86
N ASN H 462 -41.27 1.87 21.38
CA ASN H 462 -40.46 2.99 21.87
C ASN H 462 -41.18 3.65 23.05
N THR H 463 -40.41 4.20 24.00
N THR H 463 -40.43 4.20 24.00
CA THR H 463 -40.98 4.93 25.16
CA THR H 463 -40.99 4.93 25.16
C THR H 463 -40.43 6.33 25.15
C THR H 463 -40.43 6.33 25.14
N PRO H 464 -41.20 7.37 24.74
CA PRO H 464 -42.60 7.21 24.34
C PRO H 464 -42.78 6.69 22.91
N ALA H 465 -43.98 6.33 22.56
CA ALA H 465 -44.27 5.94 21.15
C ALA H 465 -43.82 7.04 20.19
N ALA H 466 -43.08 6.69 19.13
CA ALA H 466 -42.41 7.73 18.31
C ALA H 466 -42.03 7.26 16.91
N GLY H 467 -42.06 5.96 16.65
CA GLY H 467 -41.39 5.50 15.42
C GLY H 467 -42.24 5.64 14.18
N GLY H 468 -41.61 5.49 13.04
CA GLY H 468 -42.32 5.46 11.77
C GLY H 468 -41.39 5.15 10.60
N ALA H 469 -41.99 5.03 9.40
CA ALA H 469 -41.20 4.70 8.21
C ALA H 469 -41.84 5.29 6.97
N LEU H 470 -41.00 5.62 5.99
CA LEU H 470 -41.47 5.99 4.64
C LEU H 470 -40.84 5.05 3.61
N ILE H 471 -41.65 4.68 2.61
CA ILE H 471 -41.09 3.87 1.50
C ILE H 471 -41.65 4.42 0.20
N ALA H 472 -40.79 4.64 -0.80
CA ALA H 472 -41.25 4.98 -2.17
C ALA H 472 -40.79 3.87 -3.11
N GLN H 473 -41.62 3.53 -4.09
CA GLN H 473 -41.17 2.55 -5.10
C GLN H 473 -40.45 3.29 -6.22
N LEU H 474 -39.24 2.82 -6.52
CA LEU H 474 -38.40 3.34 -7.63
C LEU H 474 -38.56 2.47 -8.89
N ASP H 475 -38.71 1.19 -8.70
CA ASP H 475 -38.89 0.18 -9.82
C ASP H 475 -39.49 -1.09 -9.20
N ASP H 476 -39.78 -2.12 -10.00
CA ASP H 476 -40.46 -3.35 -9.48
C ASP H 476 -39.69 -3.88 -8.26
N ASN H 477 -38.37 -3.81 -8.28
CA ASN H 477 -37.56 -4.44 -7.21
C ASN H 477 -36.76 -3.44 -6.40
N GLU H 478 -37.00 -2.17 -6.55
CA GLU H 478 -36.14 -1.15 -5.91
C GLU H 478 -37.01 -0.11 -5.16
N TYR H 479 -36.61 0.22 -3.95
CA TYR H 479 -37.38 1.11 -3.06
C TYR H 479 -36.45 2.11 -2.43
N LEU H 480 -36.99 3.30 -2.15
CA LEU H 480 -36.36 4.33 -1.31
C LEU H 480 -37.00 4.20 0.08
N VAL H 481 -36.17 4.13 1.11
CA VAL H 481 -36.59 3.81 2.48
C VAL H 481 -35.91 4.81 3.42
N THR H 482 -36.70 5.37 4.34
CA THR H 482 -36.11 6.07 5.50
C THR H 482 -37.08 5.83 6.66
N ALA H 483 -36.54 5.58 7.84
CA ALA H 483 -37.42 5.32 8.99
C ALA H 483 -36.76 5.84 10.26
N TYR H 484 -37.47 5.64 11.35
CA TYR H 484 -37.17 6.39 12.57
C TYR H 484 -37.58 5.48 13.73
N LYS H 485 -36.62 5.12 14.57
CA LYS H 485 -36.88 4.31 15.78
C LYS H 485 -37.68 3.08 15.38
N ALA H 486 -37.16 2.32 14.38
CA ALA H 486 -37.94 1.24 13.78
C ALA H 486 -37.00 0.32 13.04
N ARG H 487 -37.51 -0.87 12.80
CA ARG H 487 -36.86 -1.83 11.90
C ARG H 487 -37.80 -1.98 10.69
N VAL H 488 -37.18 -2.03 9.52
CA VAL H 488 -37.87 -2.32 8.23
C VAL H 488 -37.24 -3.59 7.60
N GLU H 489 -38.02 -4.62 7.38
CA GLU H 489 -37.55 -5.92 6.84
C GLU H 489 -38.31 -6.13 5.53
N PHE H 490 -37.61 -6.49 4.45
CA PHE H 490 -38.22 -6.86 3.14
C PHE H 490 -38.35 -8.39 3.02
N LYS H 491 -39.38 -8.81 2.27
CA LYS H 491 -39.64 -10.23 1.97
C LYS H 491 -40.42 -10.29 0.68
N PRO H 492 -40.43 -11.45 0.02
CA PRO H 492 -41.23 -11.62 -1.18
C PRO H 492 -42.70 -11.46 -0.81
N SER H 493 -43.49 -10.88 -1.71
CA SER H 493 -44.95 -10.65 -1.48
C SER H 493 -45.73 -11.94 -1.75
N GLN H 494 -45.18 -12.77 -2.63
CA GLN H 494 -45.88 -13.95 -3.24
C GLN H 494 -44.91 -15.14 -3.11
N GLU H 495 -45.43 -16.36 -2.89
CA GLU H 495 -44.59 -17.60 -2.83
C GLU H 495 -43.74 -17.60 -4.11
N LEU H 496 -42.44 -17.84 -3.97
CA LEU H 496 -41.48 -17.98 -5.10
C LEU H 496 -41.52 -19.45 -5.50
N ALA H 497 -41.57 -19.78 -6.77
CA ALA H 497 -41.79 -21.18 -7.21
C ALA H 497 -40.41 -21.85 -7.33
N GLY H 498 -39.89 -22.30 -6.18
CA GLY H 498 -38.54 -22.92 -6.05
C GLY H 498 -37.41 -21.90 -5.96
N LYS H 499 -37.63 -20.61 -6.27
CA LYS H 499 -36.60 -19.52 -6.19
C LYS H 499 -36.35 -19.13 -4.72
N LYS H 500 -35.20 -18.53 -4.44
CA LYS H 500 -34.89 -17.92 -3.13
C LYS H 500 -34.84 -16.41 -3.35
N PHE H 501 -34.69 -15.66 -2.27
CA PHE H 501 -34.59 -14.18 -2.38
C PHE H 501 -33.51 -13.68 -1.41
N MET H 502 -32.93 -12.54 -1.80
CA MET H 502 -32.06 -11.74 -0.92
C MET H 502 -32.25 -10.26 -1.24
N ILE H 503 -31.65 -9.50 -0.37
CA ILE H 503 -31.27 -8.12 -0.67
C ILE H 503 -30.14 -8.18 -1.68
N GLU H 504 -30.36 -7.57 -2.81
CA GLU H 504 -29.24 -7.43 -3.77
C GLU H 504 -28.27 -6.38 -3.28
N ARG H 505 -28.78 -5.19 -2.97
CA ARG H 505 -27.92 -4.09 -2.50
C ARG H 505 -28.76 -3.04 -1.76
N VAL H 506 -28.15 -2.53 -0.72
CA VAL H 506 -28.68 -1.37 0.03
C VAL H 506 -27.59 -0.29 -0.02
N GLU H 507 -27.93 0.87 -0.56
CA GLU H 507 -27.07 2.07 -0.56
C GLU H 507 -27.68 3.11 0.36
N GLU H 508 -26.82 3.70 1.19
CA GLU H 508 -27.20 4.96 1.87
C GLU H 508 -26.67 6.10 1.03
N GLY H 509 -27.44 7.18 0.85
CA GLY H 509 -26.92 8.33 0.10
C GLY H 509 -27.88 9.49 0.13
N ARG H 510 -27.82 10.31 -0.91
CA ARG H 510 -28.63 11.55 -1.00
C ARG H 510 -28.92 11.89 -2.43
N PHE H 511 -29.77 12.85 -2.61
CA PHE H 511 -30.04 13.47 -3.92
C PHE H 511 -29.30 14.78 -4.03
N GLU H 512 -28.57 14.97 -5.13
CA GLU H 512 -27.91 16.27 -5.50
C GLU H 512 -28.37 16.66 -6.90
N LYS H 513 -28.91 17.87 -7.08
CA LYS H 513 -29.43 18.30 -8.40
C LYS H 513 -30.18 17.11 -9.00
N GLY H 514 -31.12 16.52 -8.24
CA GLY H 514 -31.93 15.34 -8.63
C GLY H 514 -31.18 14.03 -8.89
N LYS H 515 -29.83 13.97 -8.90
CA LYS H 515 -29.04 12.70 -9.08
C LYS H 515 -28.79 12.00 -7.71
N TRP H 516 -29.02 10.68 -7.63
CA TRP H 516 -28.57 9.85 -6.48
C TRP H 516 -27.03 9.82 -6.37
N VAL H 517 -26.57 10.00 -5.15
CA VAL H 517 -25.14 10.01 -4.80
C VAL H 517 -24.99 9.03 -3.66
N MET H 518 -24.25 7.98 -3.92
N MET H 518 -24.24 7.98 -3.88
CA MET H 518 -24.04 6.91 -2.91
CA MET H 518 -24.05 6.89 -2.91
C MET H 518 -22.98 7.38 -1.91
C MET H 518 -22.97 7.34 -1.93
N GLU H 519 -23.25 7.17 -0.63
CA GLU H 519 -22.27 7.43 0.44
C GLU H 519 -21.67 6.10 0.86
N ARG H 520 -22.48 5.06 1.03
CA ARG H 520 -21.93 3.75 1.49
C ARG H 520 -22.94 2.66 1.18
N VAL H 521 -22.48 1.44 1.23
CA VAL H 521 -23.37 0.27 1.13
C VAL H 521 -23.66 -0.31 2.51
N TRP H 522 -24.91 -0.46 2.83
CA TRP H 522 -25.29 -1.21 4.08
C TRP H 522 -25.21 -2.68 3.77
N ASN H 523 -24.50 -3.41 4.58
CA ASN H 523 -24.40 -4.89 4.37
C ASN H 523 -24.10 -5.55 5.72
N GLY H 524 -23.91 -6.85 5.75
CA GLY H 524 -23.52 -7.56 6.98
C GLY H 524 -24.51 -7.30 8.10
N ASP H 525 -23.99 -6.93 9.27
CA ASP H 525 -24.83 -6.71 10.45
C ASP H 525 -25.92 -5.71 10.09
N GLN H 526 -25.62 -4.71 9.22
CA GLN H 526 -26.57 -3.62 8.89
C GLN H 526 -27.73 -4.16 8.09
N THR H 527 -27.65 -5.35 7.51
CA THR H 527 -28.81 -5.88 6.75
C THR H 527 -29.27 -7.26 7.20
N ASP H 528 -28.51 -7.92 8.07
CA ASP H 528 -28.87 -9.28 8.50
C ASP H 528 -30.20 -9.28 9.27
N TRP H 529 -30.49 -8.17 9.96
CA TRP H 529 -31.58 -8.15 10.98
C TRP H 529 -32.53 -7.05 10.61
N GLY H 530 -32.88 -7.00 9.35
CA GLY H 530 -33.69 -5.89 8.83
C GLY H 530 -32.87 -4.61 8.73
N LEU H 531 -33.51 -3.50 8.40
CA LEU H 531 -32.89 -2.20 8.29
C LEU H 531 -33.26 -1.38 9.55
N ASN H 532 -32.29 -1.22 10.43
CA ASN H 532 -32.57 -0.63 11.77
C ASN H 532 -32.23 0.86 11.82
N PHE H 533 -33.21 1.67 12.22
CA PHE H 533 -33.08 3.11 12.28
C PHE H 533 -33.25 3.58 13.72
N THR H 534 -32.50 4.60 14.08
CA THR H 534 -32.59 5.21 15.40
C THR H 534 -33.26 6.56 15.24
N ASP H 535 -32.66 7.59 15.83
CA ASP H 535 -33.20 8.96 15.67
CA ASP H 535 -33.16 8.98 15.73
C ASP H 535 -32.43 9.72 14.61
N ARG H 536 -31.40 9.09 13.99
CA ARG H 536 -30.58 9.81 13.01
C ARG H 536 -31.11 9.59 11.60
N PRO H 537 -30.94 10.55 10.67
CA PRO H 537 -31.47 10.37 9.32
C PRO H 537 -30.52 9.49 8.49
N HIS H 538 -31.14 8.53 7.81
CA HIS H 538 -30.49 7.75 6.74
C HIS H 538 -31.49 7.48 5.65
N LEU H 539 -31.12 7.83 4.43
CA LEU H 539 -31.96 7.60 3.23
C LEU H 539 -31.35 6.45 2.40
N LEU H 540 -32.07 5.38 2.28
CA LEU H 540 -31.57 4.13 1.62
C LEU H 540 -32.27 3.88 0.29
N ARG H 541 -31.48 3.34 -0.69
CA ARG H 541 -32.09 2.70 -1.85
C ARG H 541 -31.91 1.20 -1.66
N VAL H 542 -32.99 0.48 -1.62
CA VAL H 542 -33.03 -0.97 -1.36
C VAL H 542 -33.42 -1.66 -2.66
N LYS H 543 -32.56 -2.54 -3.13
CA LYS H 543 -32.83 -3.42 -4.28
C LYS H 543 -32.91 -4.86 -3.81
N MET H 544 -34.00 -5.50 -4.20
CA MET H 544 -34.36 -6.88 -3.82
C MET H 544 -34.20 -7.75 -5.06
N ALA H 545 -33.76 -8.98 -4.87
CA ALA H 545 -33.73 -9.92 -6.00
C ALA H 545 -34.26 -11.30 -5.59
N SER H 546 -35.00 -11.93 -6.50
CA SER H 546 -35.16 -13.39 -6.40
C SER H 546 -34.16 -14.07 -7.36
N TYR H 547 -33.79 -15.28 -7.02
CA TYR H 547 -32.76 -15.99 -7.81
C TYR H 547 -33.00 -17.48 -7.75
N SER H 548 -32.60 -18.14 -8.85
CA SER H 548 -32.83 -19.57 -9.07
C SER H 548 -31.76 -20.36 -8.29
N VAL H 549 -32.15 -21.48 -7.68
CA VAL H 549 -31.18 -22.47 -7.08
C VAL H 549 -31.32 -23.82 -7.78
N GLN H 550 -31.99 -23.87 -8.92
CA GLN H 550 -32.28 -25.09 -9.71
C GLN H 550 -30.95 -25.60 -10.24
C4 N0K I . 1.55 7.45 58.74
C5 N0K I . 0.99 7.50 57.29
O4 N0K I . -6.32 5.89 64.03
C6 N0K I . 2.23 7.51 56.40
C7 N0K I . -7.07 3.99 65.59
C8 N0K I . -0.13 6.59 56.95
C15 N0K I . 0.17 5.98 60.13
S1 N0K I . -6.42 4.50 64.20
O2 N0K I . -7.29 4.07 63.05
N21 N0K I . -4.93 3.91 64.24
C20 N0K I . -4.21 4.23 63.00
C19 N0K I . -2.79 4.53 63.37
C18 N0K I . -1.78 3.72 62.49
C17 N0K I . -1.36 4.57 61.39
C16 N0K I . 0.10 4.69 60.93
N7 N0K I . 1.48 6.14 59.41
C3 N0K I . 3.05 7.78 58.55
O9 N0K I . -0.63 6.91 55.64
O10 N0K I . 2.75 6.19 56.41
C2 N0K I . 3.16 8.38 57.18
O11 N0K I . 4.48 8.43 56.67
C ACT J . 5.29 34.76 56.45
O ACT J . 4.82 35.74 57.07
OXT ACT J . 6.49 34.38 56.58
CH3 ACT J . 4.36 33.92 55.57
NA NA K . -13.43 34.28 84.51
NA NA L . -16.41 33.01 85.71
NA NA M . -13.51 40.39 55.99
NA NA N . 2.16 28.93 70.71
C4 N0K O . -36.52 43.76 61.50
C5 N0K O . -35.38 42.93 60.85
O4 N0K O . -43.78 37.36 61.77
C6 N0K O . -34.16 43.79 61.09
C7 N0K O . -42.60 35.49 62.93
C8 N0K O . -35.25 41.50 61.27
C15 N0K O . -37.96 42.32 62.84
S1 N0K O . -43.63 36.77 63.06
O2 N0K O . -44.92 36.32 63.54
N21 N0K O . -43.10 37.92 64.07
C20 N0K O . -41.90 38.56 63.47
C19 N0K O . -41.13 39.45 64.47
C18 N0K O . -40.04 40.25 63.71
C17 N0K O . -39.60 41.43 64.47
C16 N0K O . -38.21 41.87 64.25
N7 N0K O . -36.90 43.29 62.90
C3 N0K O . -35.99 45.15 61.61
O9 N0K O . -34.22 40.85 60.45
O10 N0K O . -33.75 43.71 62.45
C2 N0K O . -34.72 45.18 60.80
O11 N0K O . -33.77 46.23 61.06
NA NA P . -69.89 47.43 39.21
NA NA Q . -44.18 43.06 25.94
C4 N0K R . -19.42 -11.09 14.13
C5 N0K R . -19.94 -9.64 14.21
O4 N0K R . -21.41 -15.20 22.45
C6 N0K R . -19.90 -9.05 12.84
C7 N0K R . -23.64 -14.46 23.19
C8 N0K R . -21.28 -9.48 14.92
C15 N0K R . -20.76 -12.70 15.44
S1 N0K R . -22.76 -15.66 22.49
O2 N0K R . -22.99 -16.81 23.32
N21 N0K R . -23.28 -16.03 21.05
C20 N0K R . -22.56 -15.47 19.88
C19 N0K R . -23.61 -15.00 18.86
C18 N0K R . -23.29 -15.00 17.36
C17 N0K R . -21.99 -14.36 17.04
C16 N0K R . -21.74 -13.85 15.51
N7 N0K R . -20.46 -12.13 14.11
C3 N0K R . -18.62 -11.05 12.77
O9 N0K R . -21.55 -8.07 15.19
O10 N0K R . -20.94 -9.63 12.07
C2 N0K R . -18.54 -9.57 12.42
O11 N0K R . -18.25 -9.30 11.02
NA NA S . 8.39 -20.83 41.39
NA NA T . 4.17 7.34 34.98
NA NA U . 3.91 -13.19 21.90
NA NA V . 6.91 -21.97 44.22
C4 N0K W . 20.58 9.44 -10.48
C5 N0K W . 21.59 8.46 -11.18
O4 N0K W . 12.66 4.29 -9.54
C6 N0K W . 22.92 9.14 -11.06
C7 N0K W . 13.41 2.15 -8.51
C8 N0K W . 21.49 7.03 -10.74
C15 N0K W . 18.95 8.37 -9.00
S1 N0K W . 12.73 3.59 -8.34
O2 N0K W . 11.37 3.31 -7.74
N21 N0K W . 13.49 4.59 -7.31
C20 N0K W . 14.62 5.24 -7.94
C19 N0K W . 15.71 5.77 -6.99
C18 N0K W . 16.81 6.53 -7.80
C17 N0K W . 17.94 6.95 -7.03
C16 N0K W . 18.56 8.23 -7.51
N7 N0K W . 20.22 9.08 -9.03
C3 N0K W . 21.33 10.79 -10.45
O9 N0K W . 22.40 6.27 -11.60
O10 N0K W . 23.40 9.11 -9.70
C2 N0K W . 22.54 10.59 -11.37
O11 N0K W . 23.59 11.53 -11.22
C ACT X . 19.97 22.14 -35.04
O ACT X . 20.57 23.05 -34.40
OXT ACT X . 18.94 22.36 -35.75
CH3 ACT X . 20.54 20.73 -34.87
NA NA Y . -16.16 18.52 -45.47
NA NA Z . -15.20 14.51 -29.90
NA NA AA . -13.16 16.94 -30.75
NA NA BA . 10.50 8.51 -45.53
NA NA CA . 7.06 22.73 -26.23
C4 N0K DA . 53.09 -31.97 -13.89
C5 N0K DA . 52.40 -31.87 -15.28
O4 N0K DA . 44.53 -33.89 -6.60
C6 N0K DA . 53.57 -32.08 -16.23
C7 N0K DA . 43.93 -33.71 -8.96
C8 N0K DA . 51.21 -32.66 -15.53
C15 N0K DA . 51.62 -33.24 -12.27
S1 N0K DA . 45.10 -33.52 -7.86
O2 N0K DA . 45.61 -32.23 -8.05
N21 N0K DA . 46.41 -34.53 -7.88
C20 N0K DA . 47.58 -34.20 -8.73
C19 N0K DA . 48.07 -35.42 -9.51
C18 N0K DA . 49.59 -35.51 -9.82
C17 N0K DA . 50.19 -34.28 -10.51
C16 N0K DA . 51.45 -34.52 -11.48
N7 N0K DA . 52.85 -33.25 -13.14
C3 N0K DA . 54.62 -31.80 -14.15
O9 N0K DA . 50.65 -32.28 -16.85
O10 N0K DA . 53.91 -33.50 -16.24
C2 N0K DA . 54.65 -31.26 -15.54
O11 N0K DA . 55.95 -31.42 -16.20
NA NA EA . 41.51 12.52 9.55
NA NA FA . 43.74 -2.30 11.52
NA NA GA . 40.87 -3.20 12.85
NA NA HA . 42.56 2.72 -17.19
C4 N0K IA . -5.72 -7.42 -53.07
C5 N0K IA . -4.42 -7.02 -52.26
O4 N0K IA . -8.09 -15.82 -49.26
C6 N0K IA . -4.18 -5.60 -52.66
C7 N0K IA . -8.02 -15.29 -46.83
C8 N0K IA . -4.44 -7.37 -50.81
C15 N0K IA . -7.34 -8.72 -51.80
S1 N0K IA . -8.99 -15.53 -48.19
O2 N0K IA . -10.08 -16.42 -47.94
N21 N0K IA . -9.78 -14.18 -48.66
C20 N0K IA . -8.87 -13.12 -49.07
C19 N0K IA . -9.67 -11.92 -49.58
C18 N0K IA . -8.75 -11.05 -50.49
C17 N0K IA . -8.94 -9.63 -50.10
C16 N0K IA . -8.78 -8.70 -51.25
N7 N0K IA . -7.02 -7.40 -52.33
C3 N0K IA . -5.78 -6.37 -54.19
O9 N0K IA . -3.17 -7.05 -50.24
O10 N0K IA . -5.21 -4.77 -52.04
C2 N0K IA . -4.46 -5.65 -54.12
O11 N0K IA . -4.42 -4.38 -54.78
C ACT JA . 4.40 -46.34 -80.79
O ACT JA . 5.58 -46.53 -80.57
OXT ACT JA . 3.45 -47.05 -80.35
CH3 ACT JA . 4.06 -45.22 -81.81
NA NA KA . 8.99 -49.37 -79.50
NA NA LA . -3.37 -44.94 -70.52
NA NA MA . -2.53 -42.56 -72.52
NA NA NA . 21.70 -27.70 -65.99
NA NA OA . -0.72 -21.07 -72.97
C ACT PA . 26.85 -45.82 -24.92
O ACT PA . 27.01 -46.27 -23.78
OXT ACT PA . 27.36 -44.75 -25.36
CH3 ACT PA . 25.96 -46.64 -25.82
C4 N0K QA . 26.66 -49.01 -56.30
C5 N0K QA . 26.35 -47.49 -56.26
O4 N0K QA . 22.98 -53.77 -46.73
C6 N0K QA . 26.33 -47.02 -57.68
C7 N0K QA . 22.17 -51.49 -47.27
C8 N0K QA . 25.01 -47.16 -55.50
C15 N0K QA . 25.28 -50.42 -54.84
S1 N0K QA . 23.23 -52.72 -47.66
O2 N0K QA . 24.55 -52.23 -47.58
N21 N0K QA . 23.08 -53.44 -49.12
C20 N0K QA . 23.28 -52.51 -50.27
C19 N0K QA . 22.67 -53.16 -51.52
C18 N0K QA . 22.66 -52.34 -52.81
C17 N0K QA . 24.04 -51.92 -53.25
C16 N0K QA . 24.20 -51.46 -54.75
N7 N0K QA . 25.48 -49.97 -56.27
C3 N0K QA . 27.30 -49.15 -57.70
O9 N0K QA . 24.94 -45.72 -55.32
O10 N0K QA . 25.18 -47.51 -58.36
C2 N0K QA . 27.58 -47.73 -58.15
O11 N0K QA . 27.80 -47.52 -59.58
NA NA RA . 67.00 -55.12 -24.89
NA NA SA . 54.64 -61.57 -30.43
NA NA TA . 53.86 -33.36 -37.79
NA NA UA . 53.18 -62.40 -27.58
C4 N0K VA . -57.39 25.38 16.79
C5 N0K VA . -56.26 25.88 17.68
O4 N0K VA . -60.70 15.47 21.27
C6 N0K VA . -56.18 27.35 17.38
C7 N0K VA . -58.88 16.81 22.42
C8 N0K VA . -56.28 25.48 19.12
C15 N0K VA . -58.85 23.81 18.01
S1 N0K VA . -59.81 16.61 21.13
O2 N0K VA . -58.93 16.47 20.03
N21 N0K VA . -60.78 17.78 20.69
C20 N0K VA . -60.16 19.10 20.52
C19 N0K VA . -61.29 20.11 20.20
C18 N0K VA . -60.71 21.52 20.11
C17 N0K VA . -60.45 21.95 18.70
C16 N0K VA . -60.25 23.49 18.50
N7 N0K VA . -58.69 25.17 17.43
C3 N0K VA . -57.50 26.39 15.71
O9 N0K VA . -55.13 25.99 19.85
O10 N0K VA . -57.34 28.03 17.96
C2 N0K VA . -56.32 27.32 15.89
O11 N0K VA . -56.39 28.61 15.26
NA NA WA . -26.57 9.82 5.06
NA NA XA . -48.09 -8.04 -3.58
NA NA YA . -49.11 13.53 -3.23
NA NA ZA . -48.76 -10.56 -1.61
#